data_9B8P
#
_entry.id   9B8P
#
_cell.length_a   1.00
_cell.length_b   1.00
_cell.length_c   1.00
_cell.angle_alpha   90.00
_cell.angle_beta   90.00
_cell.angle_gamma   90.00
#
_symmetry.space_group_name_H-M   'P 1'
#
loop_
_entity.id
_entity.type
_entity.pdbx_description
1 polymer 'H(+)-transporting two-sector ATPase'
2 polymer 'V-type proton ATPase subunit B, brain isoform'
3 polymer 'ATPase H+-transporting V1 subunit D'
4 polymer 'V-type proton ATPase subunit E 1'
5 polymer 'V-type proton ATPase subunit F'
6 polymer 'V-type proton ATPase subunit G'
7 polymer SidK
8 non-polymer "ADENOSINE-5'-DIPHOSPHATE"
#
loop_
_entity_poly.entity_id
_entity_poly.type
_entity_poly.pdbx_seq_one_letter_code
_entity_poly.pdbx_strand_id
1 'polypeptide(L)'
;MCFKFKSDRASGSGLGTDSALRARAGKFSTMDFSKLPKIRDEDKESTFGYVHGVSGPVVTACDMAGAAMYELVRVGHSEL
VGEIIRLEGDMATIQVYEETSGVSVGDPVLRTGKPLSVELGPGIMGAIFDGIQRPLSDISSQTQSIYIPRGVNVSALSRD
IKWEFIPSKNLRVGSHITGGDIYGIVNENSLIKHKIMLPPRSRGSVTYIAPPGNYDASDVVLELEFEGVKEKLSMVQVWP
VRQVRPVTEKLPANHPLLTGQRVLDALFPCVQGGTTAIPGAFGCGKTVISQSLSKYSNSDVIIYVGCGERGNEMSEVLRD
FPELTMEVDGKVESIMKRTALVANTSNMPVAAREASIYTGITLSEYFRDMGYHVSMMADSTSRWAEALREISGRLAEMPA
DSGYPAYLGARLASFYERAGRVKCLGNPEREGSVSIVGAVSPPGGDFSDPVTSATLGIVQVFWGLDKKLAQRKHFPSVNW
LISYSKYMRALDEYYDKHFTEFVPLRTKAKEILQEEEDLAEIVQLVGKASLAETDKITLEVAKLIKDDFLQQNGYTPYDR
FCPFYKTVGMLSNMISFYDMARRAVETTAQSDNKITWSIIREHMGEILYKLSSMKFKDPVKDGEAKIKADYAQLLEDMQN
AFRSLED
;
A,B,C
2 'polypeptide(L)'
;MALRAMRGIVNGAAPELPVPTGGPMAGAREQALAVSRNYLSQPRLTYKTVSGVNGPLVILDHVKFPRYAEIVHLTLPDGT
KRSGQVLEVSGSKAVVQVFEGTSGIDAKKTSCEFTGDILRTPVSEDMLGRVFNGSGKPIDRGPVVLAEDFLDIMGQPINP
QCRIYPEEMIQTGISAIDGMNSIARGQKIPIFSAAGLPHNEIAAQICRQAGLVKKSKDVVDYSEENFAIVFAAMGVNMET
ARFFKSDFEENGSMDNVCLFLNLANDPTIERIITPRLALTTAEFLAYQCEKHVLVILTDMSSYAEALREVSAAREEVPGR
RGFPGYMYTDLATIYERAGRVEGRNGSITQIPILTMPNDDITHPIPDLTGYITEGQIYVDRQLHNRQIYPPINVLPSLSR
LMKSAIGEGMTRKDHADVSNQLYACYAIGKDVQAMKAVVGEEALTSDDLLYLEFLQKFEKNFITQGPYENRTVYETLDIG
WQLLRIFPKEMLKRIPQSTLSEFYPRDSAKH
;
D,E,F
3 'polypeptide(L)'
;MSGKDRIEIFPSRMAQTIMKARLKGAQTGRNLLKKKSDALTLRFRQILKKIIETKMLMGEVMREAAFSLAEAKFTAGDFS
TTVIQNVNKAQVKIRAKKDNVAGVTLPVFEHYHEGTDSYELTGLARGGEQLAKLKRNYAKAVELLVELASLQTSFVTLDE
AIKITNRRVNAIEHVIIPRIERTLAYIITELDEREREEFYRLKKIQEKKKIIKEKSEKDLERRRAAGEVMEPANLLAEEK
DEDLLFE
;
H
4 'polypeptide(L)'
;MALSDADVQKQIKHMMAFIEQEANEKAEEIDAKAEEEFNIEKGRLVQTQRLKIMEYYEKKEKQIEQQKKIQMSNLMNQAR
LKVLRARDDLITDLLNEAKQRLSKVVKDTTRYQVLLDGLVLQGLYQLLEPRMIVRCRKQDFPLVKAAVQKAIPMYKIATK
KDVDVQIDLEAYLPEDIAGGVEIYNGDRKIKVSNTLESRLDLIAQQMMPEVRGALFGANANRKFLD
;
I,J,K
5 'polypeptide(L)'
;MAGRGKLIAVIGDEDTVTGFLLGGIGELNKNRHPNFLVVEKDTTINEIEDTFRQFLNRDDIGIILINQYIAEMVRHALDA
HQRSIPAVLEIPSKEHPYDAAKDSILRRAKGMFTAEDLR
;
L
6 'polypeptide(L)'
;MASQSQGIQQLLQAEKRAAEKVADARKRKARRLKQAKEEAQMEVEQYRREREQEFQSKQQAAMGSQGNLSAEVEQATRRQ
VQGMQSSQQRNRERVLTQLLGMVCDVRPQVHPNYRITV
;
M,N,O
7 'polypeptide(L)'
;MSFIKVGIKMGGLTSEQYHSQVVGKIGYIARCMQTIDPENNLKKIREDYQDVLIWAEKNYRFEEILEASKSGKCPNDLDA
LSRRSLILQELLRLVSSISPFKMKLDLIESQYEKMKQHVNLWKSDYHVKLNQLNQLTDYLKNAAPTPKNNFLRAMTSVLQ
MQIAQYGITEDNEGINQLFKLGLHLLAMANEKIDEQYHLFKGYVKDQPEESPFEGILPAEDQKILVKTMIDYAMPKLSSK
VLQDKLSALSSSDVLTKTLLDSIDRIVKENEKLNALSKVKLGKFGLDIREIEVIYSQALKISPQDALQYTAQQCDAQLLS
MAFPDSQNYIIESISNKKVKTIAELIHSKEFIYQIIKTEVFKQVDPNEKIRLQAATELYQLLGRIMDKQINLFTKMNLEQ
INEYIQTKTKAILDKIPERVELLTFMGFEIPTFKGIETLMTDISHSQDNETLAIAQEFYTNIKNAKNQLLGDKLIEDITP
QDVEKFFNQCSQYGSEAAEKLADNRPVLTKIADILTAIARWAISLIGFNTPPQFLAPTRTCVDQVSDEITKIKLKLEDTL
GSLQKVQEESLSL
;
Q,R,S
#
loop_
_chem_comp.id
_chem_comp.type
_chem_comp.name
_chem_comp.formula
ADP non-polymer ADENOSINE-5'-DIPHOSPHATE 'C10 H15 N5 O10 P2'
#
# COMPACT_ATOMS: atom_id res chain seq x y z
N THR A 47 44.73 -19.35 -6.20
CA THR A 47 44.39 -20.05 -7.42
C THR A 47 43.01 -20.69 -7.30
N PHE A 48 42.80 -21.41 -6.19
CA PHE A 48 41.53 -22.06 -5.91
C PHE A 48 40.93 -21.45 -4.64
N GLY A 49 39.69 -20.99 -4.73
CA GLY A 49 38.86 -20.82 -3.55
C GLY A 49 38.08 -22.09 -3.29
N TYR A 50 37.30 -22.08 -2.22
CA TYR A 50 36.48 -23.23 -1.86
C TYR A 50 35.06 -22.78 -1.57
N VAL A 51 34.09 -23.45 -2.16
CA VAL A 51 32.70 -23.11 -1.88
C VAL A 51 32.46 -23.17 -0.39
N HIS A 52 31.73 -22.20 0.13
CA HIS A 52 31.40 -22.10 1.55
C HIS A 52 29.92 -22.21 1.83
N GLY A 53 29.08 -21.62 0.97
CA GLY A 53 27.64 -21.72 1.14
C GLY A 53 26.96 -21.55 -0.19
N VAL A 54 25.70 -21.94 -0.24
CA VAL A 54 24.90 -21.87 -1.46
C VAL A 54 23.47 -21.55 -1.06
N SER A 55 22.96 -20.40 -1.51
CA SER A 55 21.61 -19.97 -1.19
C SER A 55 20.71 -19.91 -2.41
N GLY A 56 21.12 -20.50 -3.52
CA GLY A 56 20.36 -20.46 -4.74
C GLY A 56 21.28 -20.17 -5.92
N PRO A 57 21.00 -19.11 -6.68
CA PRO A 57 21.97 -18.67 -7.70
C PRO A 57 23.22 -18.05 -7.11
N VAL A 58 23.22 -17.74 -5.82
CA VAL A 58 24.32 -17.03 -5.17
C VAL A 58 25.11 -18.02 -4.32
N VAL A 59 26.38 -18.17 -4.65
CA VAL A 59 27.31 -19.00 -3.91
C VAL A 59 28.21 -18.09 -3.10
N THR A 60 28.81 -18.62 -2.04
CA THR A 60 29.86 -17.94 -1.29
C THR A 60 31.11 -18.80 -1.38
N ALA A 61 32.28 -18.17 -1.25
CA ALA A 61 33.52 -18.89 -1.43
C ALA A 61 34.62 -18.32 -0.55
N CYS A 62 35.25 -19.19 0.24
CA CYS A 62 36.37 -18.85 1.08
C CYS A 62 37.68 -18.95 0.29
N ASP A 63 38.74 -18.36 0.85
CA ASP A 63 40.09 -18.43 0.32
C ASP A 63 40.29 -17.54 -0.90
N MET A 64 39.33 -16.68 -1.23
CA MET A 64 39.45 -15.76 -2.36
C MET A 64 39.87 -14.40 -1.82
N ALA A 65 41.14 -14.32 -1.43
CA ALA A 65 41.65 -13.07 -0.87
C ALA A 65 41.77 -11.99 -1.95
N GLY A 66 42.40 -12.32 -3.07
CA GLY A 66 42.68 -11.33 -4.10
C GLY A 66 41.74 -11.36 -5.27
N ALA A 67 40.58 -11.99 -5.11
CA ALA A 67 39.61 -12.10 -6.20
C ALA A 67 38.95 -10.74 -6.40
N ALA A 68 38.98 -10.25 -7.64
CA ALA A 68 38.44 -8.93 -7.95
C ALA A 68 36.93 -8.98 -8.07
N MET A 69 36.31 -7.82 -7.88
CA MET A 69 34.87 -7.71 -8.06
C MET A 69 34.52 -7.90 -9.53
N TYR A 70 33.43 -8.62 -9.78
CA TYR A 70 32.98 -8.93 -11.13
C TYR A 70 34.03 -9.72 -11.91
N GLU A 71 34.91 -10.42 -11.20
CA GLU A 71 35.76 -11.41 -11.81
C GLU A 71 34.96 -12.68 -12.09
N LEU A 72 35.44 -13.47 -13.04
CA LEU A 72 34.76 -14.69 -13.46
C LEU A 72 35.46 -15.89 -12.84
N VAL A 73 34.68 -16.73 -12.16
CA VAL A 73 35.20 -17.91 -11.48
C VAL A 73 34.39 -19.12 -11.94
N ARG A 74 34.94 -20.30 -11.68
CA ARG A 74 34.29 -21.57 -11.98
C ARG A 74 34.00 -22.30 -10.68
N VAL A 75 32.73 -22.35 -10.31
CA VAL A 75 32.28 -22.87 -9.03
C VAL A 75 31.89 -24.34 -9.21
N GLY A 76 32.38 -25.20 -8.33
CA GLY A 76 32.00 -26.60 -8.34
C GLY A 76 32.92 -27.46 -9.17
N HIS A 77 32.66 -28.76 -9.11
CA HIS A 77 33.45 -29.71 -9.90
C HIS A 77 33.08 -29.67 -11.37
N SER A 78 31.80 -29.41 -11.68
CA SER A 78 31.38 -29.22 -13.06
C SER A 78 31.81 -27.88 -13.63
N GLU A 79 32.36 -27.00 -12.79
CA GLU A 79 32.91 -25.71 -13.24
C GLU A 79 31.81 -24.81 -13.79
N LEU A 80 30.76 -24.63 -13.00
CA LEU A 80 29.70 -23.70 -13.36
C LEU A 80 30.25 -22.28 -13.36
N VAL A 81 30.00 -21.54 -14.43
CA VAL A 81 30.53 -20.18 -14.52
C VAL A 81 29.80 -19.29 -13.53
N GLY A 82 30.52 -18.32 -12.96
CA GLY A 82 29.91 -17.39 -12.04
C GLY A 82 30.73 -16.12 -11.97
N GLU A 83 30.11 -15.07 -11.45
CA GLU A 83 30.74 -13.76 -11.39
C GLU A 83 30.65 -13.21 -9.97
N ILE A 84 31.78 -12.72 -9.46
CA ILE A 84 31.80 -12.16 -8.11
C ILE A 84 31.03 -10.84 -8.10
N ILE A 85 30.18 -10.65 -7.08
CA ILE A 85 29.34 -9.46 -7.02
C ILE A 85 29.55 -8.71 -5.71
N ARG A 86 30.00 -9.41 -4.67
CA ARG A 86 30.47 -8.77 -3.45
C ARG A 86 31.64 -9.55 -2.90
N LEU A 87 32.41 -8.89 -2.03
CA LEU A 87 33.69 -9.41 -1.58
C LEU A 87 33.93 -8.89 -0.16
N GLU A 88 33.68 -9.75 0.82
CA GLU A 88 33.79 -9.39 2.23
C GLU A 88 34.91 -10.17 2.87
N GLY A 89 35.84 -9.47 3.53
CA GLY A 89 36.99 -10.15 4.08
C GLY A 89 37.76 -10.85 2.99
N ASP A 90 38.09 -12.12 3.24
CA ASP A 90 38.73 -12.97 2.23
C ASP A 90 37.73 -13.90 1.55
N MET A 91 36.44 -13.66 1.74
CA MET A 91 35.39 -14.45 1.10
C MET A 91 34.73 -13.63 0.02
N ALA A 92 34.33 -14.28 -1.06
CA ALA A 92 33.62 -13.65 -2.16
C ALA A 92 32.24 -14.27 -2.29
N THR A 93 31.33 -13.57 -2.96
CA THR A 93 30.03 -14.11 -3.28
C THR A 93 29.78 -13.97 -4.77
N ILE A 94 29.24 -15.02 -5.36
CA ILE A 94 29.29 -15.26 -6.79
C ILE A 94 27.87 -15.52 -7.28
N GLN A 95 27.41 -14.72 -8.24
CA GLN A 95 26.17 -15.05 -8.94
C GLN A 95 26.50 -16.06 -10.03
N VAL A 96 26.04 -17.30 -9.84
CA VAL A 96 26.41 -18.41 -10.71
C VAL A 96 25.46 -18.42 -11.89
N TYR A 97 26.01 -18.43 -13.11
CA TYR A 97 25.22 -18.40 -14.32
C TYR A 97 24.67 -19.77 -14.71
N GLU A 98 24.77 -20.74 -13.80
CA GLU A 98 24.21 -22.07 -14.04
C GLU A 98 23.60 -22.56 -12.74
N GLU A 99 22.69 -23.53 -12.84
CA GLU A 99 21.98 -23.99 -11.66
C GLU A 99 22.95 -24.60 -10.66
N THR A 100 22.84 -24.18 -9.41
CA THR A 100 23.78 -24.57 -8.36
C THR A 100 23.34 -25.81 -7.60
N SER A 101 22.23 -26.43 -7.97
CA SER A 101 21.78 -27.63 -7.29
C SER A 101 22.86 -28.70 -7.34
N GLY A 102 23.11 -29.35 -6.20
CA GLY A 102 24.14 -30.36 -6.10
C GLY A 102 25.51 -29.84 -5.74
N VAL A 103 25.69 -28.52 -5.62
CA VAL A 103 26.98 -27.97 -5.24
C VAL A 103 27.14 -28.09 -3.73
N SER A 104 28.27 -28.66 -3.30
CA SER A 104 28.53 -28.93 -1.90
C SER A 104 29.61 -28.00 -1.36
N VAL A 105 29.48 -27.65 -0.09
CA VAL A 105 30.52 -26.86 0.58
C VAL A 105 31.85 -27.59 0.44
N GLY A 106 32.91 -26.81 0.23
CA GLY A 106 34.22 -27.36 -0.03
C GLY A 106 34.54 -27.59 -1.48
N ASP A 107 33.57 -27.45 -2.37
CA ASP A 107 33.82 -27.65 -3.79
C ASP A 107 34.80 -26.58 -4.28
N PRO A 108 35.72 -26.92 -5.18
CA PRO A 108 36.66 -25.93 -5.67
C PRO A 108 35.96 -24.80 -6.41
N VAL A 109 36.54 -23.61 -6.34
CA VAL A 109 36.09 -22.44 -7.10
C VAL A 109 37.33 -21.88 -7.77
N LEU A 110 37.52 -22.20 -9.05
CA LEU A 110 38.69 -21.73 -9.77
C LEU A 110 38.58 -20.24 -10.04
N ARG A 111 39.70 -19.53 -9.87
CA ARG A 111 39.75 -18.08 -10.05
C ARG A 111 40.37 -17.81 -11.41
N THR A 112 39.53 -17.46 -12.39
CA THR A 112 39.99 -17.02 -13.69
C THR A 112 40.13 -15.50 -13.63
N GLY A 113 41.36 -15.01 -13.72
CA GLY A 113 41.61 -13.59 -13.52
C GLY A 113 41.14 -12.73 -14.67
N LYS A 114 39.89 -12.91 -15.10
CA LYS A 114 39.32 -12.18 -16.22
C LYS A 114 37.87 -11.85 -15.91
N PRO A 115 37.33 -10.79 -16.49
CA PRO A 115 35.90 -10.50 -16.33
C PRO A 115 35.08 -11.26 -17.36
N LEU A 116 33.76 -11.29 -17.11
CA LEU A 116 32.84 -11.91 -18.06
C LEU A 116 33.02 -11.26 -19.43
N SER A 117 33.50 -12.03 -20.39
CA SER A 117 33.85 -11.49 -21.70
C SER A 117 33.30 -12.38 -22.80
N VAL A 118 33.20 -11.80 -23.99
CA VAL A 118 32.68 -12.47 -25.17
C VAL A 118 33.78 -12.56 -26.21
N GLU A 119 33.84 -13.69 -26.91
CA GLU A 119 34.70 -13.83 -28.07
C GLU A 119 34.01 -13.22 -29.27
N LEU A 120 34.67 -12.27 -29.92
CA LEU A 120 34.12 -11.54 -31.04
C LEU A 120 34.96 -11.84 -32.28
N GLY A 121 34.32 -12.36 -33.32
CA GLY A 121 34.99 -12.72 -34.53
C GLY A 121 34.08 -13.44 -35.49
N PRO A 122 34.62 -13.91 -36.61
CA PRO A 122 33.78 -14.59 -37.59
C PRO A 122 33.16 -15.85 -37.00
N GLY A 123 31.89 -16.07 -37.33
CA GLY A 123 31.14 -17.19 -36.81
C GLY A 123 29.99 -16.81 -35.91
N ILE A 124 29.73 -15.53 -35.70
CA ILE A 124 28.63 -15.11 -34.85
C ILE A 124 27.31 -15.13 -35.63
N MET A 125 27.32 -14.64 -36.86
CA MET A 125 26.08 -14.47 -37.61
C MET A 125 25.46 -15.82 -37.93
N GLY A 126 24.17 -15.94 -37.70
CA GLY A 126 23.46 -17.18 -37.91
C GLY A 126 23.52 -18.15 -36.76
N ALA A 127 24.24 -17.81 -35.70
CA ALA A 127 24.40 -18.70 -34.55
C ALA A 127 23.45 -18.30 -33.43
N ILE A 128 23.05 -19.28 -32.63
CA ILE A 128 22.22 -19.05 -31.45
C ILE A 128 23.10 -19.41 -30.26
N PHE A 129 23.36 -18.44 -29.40
CA PHE A 129 24.15 -18.64 -28.19
C PHE A 129 23.25 -18.62 -26.97
N ASP A 130 23.83 -19.00 -25.84
CA ASP A 130 23.14 -18.90 -24.56
C ASP A 130 23.58 -17.61 -23.87
N GLY A 131 23.19 -17.43 -22.61
CA GLY A 131 23.47 -16.19 -21.93
C GLY A 131 24.94 -15.84 -21.84
N ILE A 132 25.82 -16.86 -21.81
CA ILE A 132 27.25 -16.61 -21.64
C ILE A 132 27.99 -17.04 -22.89
N GLN A 133 27.33 -16.90 -24.05
CA GLN A 133 27.94 -17.11 -25.36
C GLN A 133 28.59 -18.49 -25.48
N ARG A 134 27.75 -19.52 -25.40
CA ARG A 134 28.12 -20.85 -25.82
C ARG A 134 27.22 -21.24 -27.00
N PRO A 135 27.78 -21.68 -28.13
CA PRO A 135 26.91 -21.94 -29.27
C PRO A 135 26.01 -23.13 -29.02
N LEU A 136 24.71 -22.88 -28.90
CA LEU A 136 23.79 -23.96 -28.55
C LEU A 136 23.78 -25.04 -29.61
N SER A 137 23.93 -24.66 -30.88
CA SER A 137 24.03 -25.66 -31.94
C SER A 137 25.26 -26.53 -31.75
N ASP A 138 26.39 -25.92 -31.41
CA ASP A 138 27.60 -26.70 -31.16
C ASP A 138 27.46 -27.58 -29.94
N ILE A 139 26.77 -27.09 -28.90
CA ILE A 139 26.51 -27.93 -27.73
C ILE A 139 25.69 -29.14 -28.13
N SER A 140 24.63 -28.93 -28.93
CA SER A 140 23.79 -30.04 -29.33
C SER A 140 24.56 -31.04 -30.18
N SER A 141 25.42 -30.54 -31.08
CA SER A 141 26.20 -31.45 -31.91
C SER A 141 27.24 -32.21 -31.09
N GLN A 142 27.83 -31.56 -30.09
CA GLN A 142 28.89 -32.18 -29.30
C GLN A 142 28.33 -33.22 -28.33
N THR A 143 27.20 -32.90 -27.70
CA THR A 143 26.64 -33.77 -26.67
C THR A 143 25.59 -34.73 -27.21
N GLN A 144 24.98 -34.43 -28.35
CA GLN A 144 23.94 -35.27 -28.93
C GLN A 144 22.80 -35.48 -27.93
N SER A 145 22.50 -34.44 -27.17
CA SER A 145 21.42 -34.49 -26.19
C SER A 145 20.60 -33.20 -26.30
N ILE A 146 19.33 -33.30 -25.93
CA ILE A 146 18.39 -32.20 -26.11
C ILE A 146 18.48 -31.17 -24.99
N TYR A 147 19.38 -31.35 -24.04
CA TYR A 147 19.55 -30.44 -22.91
C TYR A 147 20.86 -29.68 -23.04
N ILE A 148 21.08 -28.76 -22.12
CA ILE A 148 22.32 -27.98 -22.03
C ILE A 148 23.06 -28.45 -20.78
N PRO A 149 24.10 -29.28 -20.90
CA PRO A 149 24.78 -29.76 -19.70
C PRO A 149 25.32 -28.61 -18.87
N ARG A 150 25.29 -28.78 -17.55
CA ARG A 150 25.79 -27.77 -16.64
C ARG A 150 27.31 -27.77 -16.65
N GLY A 151 27.91 -26.63 -16.94
CA GLY A 151 29.35 -26.51 -16.99
C GLY A 151 29.99 -26.90 -18.29
N VAL A 152 29.21 -27.09 -19.36
CA VAL A 152 29.79 -27.40 -20.66
C VAL A 152 30.68 -26.24 -21.10
N ASN A 153 31.87 -26.56 -21.58
CA ASN A 153 32.88 -25.54 -21.85
C ASN A 153 33.28 -25.52 -23.32
N VAL A 154 32.29 -25.53 -24.22
CA VAL A 154 32.58 -25.48 -25.64
C VAL A 154 32.94 -24.05 -26.05
N SER A 155 33.77 -23.93 -27.08
CA SER A 155 34.25 -22.62 -27.52
C SER A 155 33.10 -21.80 -28.09
N ALA A 156 33.15 -20.48 -27.85
CA ALA A 156 32.14 -19.59 -28.36
C ALA A 156 32.17 -19.51 -29.88
N LEU A 157 33.35 -19.47 -30.48
CA LEU A 157 33.53 -19.46 -31.92
C LEU A 157 34.33 -20.67 -32.34
N SER A 158 33.82 -21.42 -33.31
CA SER A 158 34.50 -22.62 -33.77
C SER A 158 35.87 -22.28 -34.31
N ARG A 159 36.88 -23.04 -33.88
CA ARG A 159 38.24 -22.85 -34.34
C ARG A 159 38.59 -23.73 -35.54
N ASP A 160 37.67 -24.57 -35.99
CA ASP A 160 37.95 -25.50 -37.06
C ASP A 160 37.63 -24.94 -38.44
N ILE A 161 36.69 -24.01 -38.54
CA ILE A 161 36.27 -23.49 -39.83
C ILE A 161 37.39 -22.66 -40.44
N LYS A 162 37.61 -22.83 -41.73
CA LYS A 162 38.59 -22.04 -42.48
C LYS A 162 37.88 -20.86 -43.13
N TRP A 163 38.15 -19.66 -42.63
CA TRP A 163 37.53 -18.45 -43.11
C TRP A 163 38.37 -17.83 -44.22
N GLU A 164 37.70 -17.26 -45.21
CA GLU A 164 38.37 -16.58 -46.32
C GLU A 164 38.72 -15.17 -45.89
N PHE A 165 40.02 -14.93 -45.69
CA PHE A 165 40.54 -13.69 -45.13
C PHE A 165 41.35 -12.96 -46.19
N ILE A 166 41.00 -11.71 -46.43
CA ILE A 166 41.71 -10.84 -47.37
C ILE A 166 42.22 -9.63 -46.59
N PRO A 167 43.52 -9.42 -46.50
CA PRO A 167 44.02 -8.29 -45.70
C PRO A 167 43.71 -6.96 -46.37
N SER A 168 43.74 -5.90 -45.55
CA SER A 168 43.68 -4.56 -46.09
C SER A 168 44.88 -4.32 -46.99
N LYS A 169 44.63 -3.84 -48.21
CA LYS A 169 45.69 -3.77 -49.21
C LYS A 169 46.81 -2.82 -48.77
N ASN A 170 46.44 -1.68 -48.16
CA ASN A 170 47.44 -0.66 -47.85
C ASN A 170 48.40 -1.11 -46.75
N LEU A 171 47.94 -1.94 -45.81
CA LEU A 171 48.75 -2.28 -44.66
C LEU A 171 50.03 -2.99 -45.08
N ARG A 172 51.10 -2.71 -44.35
CA ARG A 172 52.40 -3.30 -44.63
C ARG A 172 53.13 -3.52 -43.31
N VAL A 173 54.27 -4.19 -43.39
CA VAL A 173 55.18 -4.27 -42.26
C VAL A 173 55.71 -2.87 -41.95
N GLY A 174 55.66 -2.48 -40.69
CA GLY A 174 56.11 -1.17 -40.30
C GLY A 174 55.10 -0.07 -40.52
N SER A 175 53.80 -0.38 -40.50
CA SER A 175 52.75 0.60 -40.65
C SER A 175 52.00 0.74 -39.33
N HIS A 176 51.81 1.98 -38.90
CA HIS A 176 51.23 2.27 -37.60
C HIS A 176 49.74 1.99 -37.64
N ILE A 177 49.27 1.12 -36.75
CA ILE A 177 47.87 0.70 -36.69
C ILE A 177 47.42 0.79 -35.24
N THR A 178 46.11 1.01 -35.05
CA THR A 178 45.59 1.32 -33.73
C THR A 178 44.22 0.65 -33.57
N GLY A 179 43.67 0.78 -32.36
CA GLY A 179 42.42 0.13 -32.01
C GLY A 179 41.29 0.50 -32.95
N GLY A 180 40.55 -0.50 -33.41
CA GLY A 180 39.45 -0.29 -34.32
C GLY A 180 39.83 -0.26 -35.79
N ASP A 181 41.12 -0.28 -36.11
CA ASP A 181 41.54 -0.31 -37.51
C ASP A 181 41.15 -1.64 -38.13
N ILE A 182 40.59 -1.58 -39.34
CA ILE A 182 40.23 -2.78 -40.09
C ILE A 182 41.48 -3.23 -40.84
N TYR A 183 42.08 -4.33 -40.39
CA TYR A 183 43.26 -4.88 -41.02
C TYR A 183 42.96 -6.13 -41.84
N GLY A 184 41.69 -6.38 -42.14
CA GLY A 184 41.32 -7.52 -42.97
C GLY A 184 39.82 -7.65 -43.04
N ILE A 185 39.37 -8.39 -44.06
CA ILE A 185 37.96 -8.67 -44.25
C ILE A 185 37.80 -10.18 -44.41
N VAL A 186 36.85 -10.74 -43.67
CA VAL A 186 36.56 -12.18 -43.71
C VAL A 186 35.20 -12.37 -44.35
N ASN A 187 35.17 -13.15 -45.43
CA ASN A 187 33.92 -13.38 -46.16
C ASN A 187 33.06 -14.37 -45.38
N GLU A 188 32.42 -13.85 -44.33
CA GLU A 188 31.64 -14.71 -43.45
C GLU A 188 30.47 -15.35 -44.20
N ASN A 189 29.72 -14.56 -44.95
CA ASN A 189 28.63 -15.09 -45.76
C ASN A 189 28.28 -14.02 -46.80
N SER A 190 27.22 -14.27 -47.56
CA SER A 190 26.85 -13.36 -48.64
C SER A 190 26.39 -12.00 -48.11
N LEU A 191 25.77 -11.98 -46.93
CA LEU A 191 25.24 -10.74 -46.38
C LEU A 191 26.26 -9.92 -45.60
N ILE A 192 27.14 -10.58 -44.86
CA ILE A 192 28.02 -9.90 -43.90
C ILE A 192 29.45 -10.08 -44.35
N LYS A 193 30.12 -8.98 -44.69
CA LYS A 193 31.57 -8.95 -44.86
C LYS A 193 32.16 -8.62 -43.50
N HIS A 194 32.55 -9.65 -42.77
CA HIS A 194 32.99 -9.49 -41.38
C HIS A 194 34.32 -8.76 -41.37
N LYS A 195 34.29 -7.47 -41.06
CA LYS A 195 35.52 -6.69 -40.99
C LYS A 195 36.32 -7.13 -39.77
N ILE A 196 37.60 -7.39 -39.98
CA ILE A 196 38.49 -7.84 -38.92
C ILE A 196 39.26 -6.62 -38.43
N MET A 197 39.04 -6.25 -37.18
CA MET A 197 39.52 -4.99 -36.62
C MET A 197 40.43 -5.26 -35.44
N LEU A 198 41.40 -4.36 -35.24
CA LEU A 198 42.25 -4.44 -34.07
C LEU A 198 41.37 -4.31 -32.82
N PRO A 199 41.68 -5.05 -31.76
CA PRO A 199 40.95 -4.87 -30.51
C PRO A 199 41.11 -3.45 -30.00
N PRO A 200 40.08 -2.86 -29.43
CA PRO A 200 40.28 -1.57 -28.75
C PRO A 200 41.29 -1.74 -27.63
N ARG A 201 42.08 -0.70 -27.40
CA ARG A 201 43.19 -0.73 -26.46
C ARG A 201 44.36 -1.54 -26.99
N SER A 202 44.43 -1.74 -28.30
CA SER A 202 45.56 -2.37 -28.95
C SER A 202 46.09 -1.44 -30.03
N ARG A 203 47.42 -1.42 -30.20
CA ARG A 203 48.05 -0.49 -31.12
C ARG A 203 49.50 -0.90 -31.31
N GLY A 204 50.11 -0.37 -32.36
CA GLY A 204 51.53 -0.54 -32.55
C GLY A 204 51.87 -0.55 -34.03
N SER A 205 53.12 -0.92 -34.30
CA SER A 205 53.63 -1.05 -35.66
C SER A 205 53.47 -2.49 -36.12
N VAL A 206 52.96 -2.66 -37.34
CA VAL A 206 52.74 -4.01 -37.87
C VAL A 206 54.08 -4.65 -38.20
N THR A 207 54.29 -5.87 -37.69
CA THR A 207 55.47 -6.65 -38.00
C THR A 207 55.17 -7.82 -38.92
N TYR A 208 53.91 -8.23 -39.04
CA TYR A 208 53.52 -9.30 -39.95
C TYR A 208 52.03 -9.22 -40.17
N ILE A 209 51.61 -9.09 -41.42
CA ILE A 209 50.21 -9.14 -41.82
C ILE A 209 50.04 -10.34 -42.74
N ALA A 210 49.11 -11.23 -42.39
CA ALA A 210 48.99 -12.49 -43.10
C ALA A 210 48.57 -12.26 -44.54
N PRO A 211 49.06 -13.05 -45.50
CA PRO A 211 48.59 -12.93 -46.88
C PRO A 211 47.17 -13.44 -47.02
N PRO A 212 46.46 -13.04 -48.07
CA PRO A 212 45.09 -13.53 -48.25
C PRO A 212 45.05 -15.04 -48.40
N GLY A 213 44.02 -15.66 -47.83
CA GLY A 213 43.89 -17.09 -47.89
C GLY A 213 42.87 -17.60 -46.89
N ASN A 214 42.95 -18.89 -46.63
CA ASN A 214 42.04 -19.55 -45.69
C ASN A 214 42.73 -19.69 -44.34
N TYR A 215 42.19 -19.01 -43.33
CA TYR A 215 42.74 -19.03 -41.99
C TYR A 215 41.64 -19.38 -41.00
N ASP A 216 41.98 -20.15 -39.98
CA ASP A 216 41.03 -20.46 -38.93
C ASP A 216 41.12 -19.43 -37.80
N ALA A 217 40.16 -19.49 -36.89
CA ALA A 217 40.05 -18.48 -35.84
C ALA A 217 41.21 -18.54 -34.85
N SER A 218 42.02 -19.59 -34.89
CA SER A 218 43.15 -19.71 -33.98
C SER A 218 44.48 -19.32 -34.62
N ASP A 219 44.56 -19.32 -35.95
CA ASP A 219 45.80 -18.98 -36.62
C ASP A 219 46.12 -17.50 -36.44
N VAL A 220 47.40 -17.20 -36.23
CA VAL A 220 47.83 -15.81 -36.08
C VAL A 220 47.67 -15.10 -37.42
N VAL A 221 47.05 -13.93 -37.40
CA VAL A 221 46.72 -13.21 -38.62
C VAL A 221 47.46 -11.89 -38.67
N LEU A 222 47.76 -11.31 -37.51
CA LEU A 222 48.45 -10.02 -37.47
C LEU A 222 49.30 -9.94 -36.22
N GLU A 223 50.59 -9.67 -36.40
CA GLU A 223 51.51 -9.41 -35.30
C GLU A 223 51.92 -7.95 -35.36
N LEU A 224 51.91 -7.29 -34.21
CA LEU A 224 52.40 -5.91 -34.14
C LEU A 224 53.19 -5.76 -32.85
N GLU A 225 53.88 -4.63 -32.73
CA GLU A 225 54.73 -4.37 -31.58
C GLU A 225 54.57 -2.93 -31.13
N PHE A 226 54.64 -2.73 -29.81
CA PHE A 226 54.53 -1.41 -29.23
C PHE A 226 55.40 -1.37 -27.98
N GLU A 227 56.22 -0.33 -27.87
CA GLU A 227 57.17 -0.21 -26.76
C GLU A 227 58.00 -1.48 -26.62
N GLY A 228 58.24 -2.16 -27.74
CA GLY A 228 59.00 -3.38 -27.76
C GLY A 228 58.18 -4.64 -27.54
N VAL A 229 57.13 -4.56 -26.73
CA VAL A 229 56.32 -5.75 -26.45
C VAL A 229 55.53 -6.10 -27.70
N LYS A 230 55.50 -7.39 -28.04
CA LYS A 230 54.89 -7.88 -29.27
C LYS A 230 53.57 -8.55 -28.95
N GLU A 231 52.53 -8.21 -29.72
CA GLU A 231 51.20 -8.75 -29.57
C GLU A 231 50.82 -9.48 -30.85
N LYS A 232 50.33 -10.71 -30.70
CA LYS A 232 49.86 -11.53 -31.81
C LYS A 232 48.34 -11.59 -31.76
N LEU A 233 47.71 -11.54 -32.92
CA LEU A 233 46.26 -11.42 -33.01
C LEU A 233 45.73 -12.38 -34.07
N SER A 234 44.79 -13.22 -33.68
CA SER A 234 44.01 -14.01 -34.62
C SER A 234 42.77 -13.21 -34.99
N MET A 235 41.82 -13.87 -35.65
CA MET A 235 40.58 -13.19 -36.05
C MET A 235 39.65 -12.92 -34.89
N VAL A 236 39.90 -13.50 -33.73
CA VAL A 236 39.00 -13.42 -32.58
C VAL A 236 39.60 -12.49 -31.55
N GLN A 237 38.77 -11.61 -30.98
CA GLN A 237 39.17 -10.73 -29.90
C GLN A 237 38.21 -10.92 -28.74
N VAL A 238 38.75 -10.96 -27.52
CA VAL A 238 37.93 -11.14 -26.32
C VAL A 238 37.67 -9.76 -25.72
N TRP A 239 36.40 -9.46 -25.48
CA TRP A 239 36.02 -8.16 -24.93
C TRP A 239 35.15 -8.34 -23.69
N PRO A 240 35.47 -7.68 -22.57
CA PRO A 240 34.57 -7.72 -21.41
C PRO A 240 33.20 -7.15 -21.76
N VAL A 241 32.15 -7.87 -21.37
CA VAL A 241 30.81 -7.49 -21.79
C VAL A 241 30.30 -6.25 -21.06
N ARG A 242 30.85 -5.94 -19.90
CA ARG A 242 30.36 -4.83 -19.10
C ARG A 242 31.07 -3.51 -19.38
N GLN A 243 32.04 -3.50 -20.29
CA GLN A 243 32.75 -2.30 -20.68
C GLN A 243 32.28 -1.85 -22.06
N VAL A 244 31.94 -0.57 -22.17
CA VAL A 244 31.45 -0.03 -23.44
C VAL A 244 32.59 0.00 -24.44
N ARG A 245 32.33 -0.52 -25.63
CA ARG A 245 33.33 -0.51 -26.69
C ARG A 245 33.50 0.92 -27.19
N PRO A 246 34.72 1.49 -27.17
CA PRO A 246 34.85 2.92 -27.47
C PRO A 246 34.52 3.24 -28.91
N VAL A 247 34.13 4.50 -29.13
CA VAL A 247 33.88 5.02 -30.47
C VAL A 247 34.44 6.44 -30.55
N THR A 248 34.81 6.86 -31.76
CA THR A 248 35.37 8.19 -31.92
C THR A 248 34.35 9.27 -31.54
N GLU A 249 33.10 9.09 -31.95
CA GLU A 249 32.07 10.07 -31.67
C GLU A 249 30.71 9.38 -31.74
N LYS A 250 29.74 9.96 -31.06
CA LYS A 250 28.35 9.47 -31.09
C LYS A 250 27.53 10.51 -31.83
N LEU A 251 27.41 10.34 -33.14
CA LEU A 251 26.71 11.29 -33.98
C LEU A 251 25.21 11.24 -33.68
N PRO A 252 24.49 12.33 -33.94
CA PRO A 252 23.05 12.32 -33.72
C PRO A 252 22.35 11.35 -34.65
N ALA A 253 21.27 10.77 -34.14
CA ALA A 253 20.45 9.85 -34.94
C ALA A 253 19.62 10.64 -35.93
N ASN A 254 19.67 10.24 -37.20
CA ASN A 254 19.05 11.03 -38.26
C ASN A 254 18.37 10.22 -39.36
N HIS A 255 18.23 8.90 -39.19
CA HIS A 255 17.64 8.06 -40.22
C HIS A 255 16.66 7.10 -39.58
N PRO A 256 15.48 6.89 -40.18
CA PRO A 256 14.49 6.02 -39.55
C PRO A 256 14.93 4.57 -39.51
N LEU A 257 14.49 3.87 -38.47
CA LEU A 257 14.60 2.42 -38.39
C LEU A 257 13.25 1.88 -38.86
N LEU A 258 13.14 1.68 -40.18
CA LEU A 258 11.86 1.34 -40.79
C LEU A 258 11.46 -0.06 -40.35
N THR A 259 10.53 -0.13 -39.40
CA THR A 259 9.90 -1.41 -39.08
C THR A 259 8.87 -1.74 -40.16
N GLY A 260 8.27 -2.91 -40.06
CA GLY A 260 7.23 -3.28 -40.99
C GLY A 260 5.84 -2.79 -40.61
N GLN A 261 5.72 -2.05 -39.51
CA GLN A 261 4.43 -1.71 -38.93
C GLN A 261 4.09 -0.27 -39.26
N ARG A 262 2.84 -0.03 -39.66
CA ARG A 262 2.41 1.31 -40.05
C ARG A 262 2.38 2.26 -38.86
N VAL A 263 1.80 1.81 -37.74
CA VAL A 263 1.65 2.70 -36.60
C VAL A 263 3.02 3.10 -36.06
N LEU A 264 4.00 2.21 -36.13
CA LEU A 264 5.33 2.53 -35.63
C LEU A 264 6.11 3.41 -36.60
N ASP A 265 6.00 3.12 -37.90
CA ASP A 265 6.74 3.91 -38.89
C ASP A 265 6.19 5.32 -39.00
N ALA A 266 4.88 5.48 -38.93
CA ALA A 266 4.26 6.77 -39.22
C ALA A 266 4.11 7.63 -37.97
N LEU A 267 3.35 7.15 -36.99
CA LEU A 267 3.02 7.98 -35.84
C LEU A 267 4.19 8.09 -34.87
N PHE A 268 4.94 7.02 -34.65
CA PHE A 268 5.98 6.97 -33.63
C PHE A 268 7.27 6.43 -34.25
N PRO A 269 7.92 7.22 -35.10
CA PRO A 269 9.12 6.72 -35.77
C PRO A 269 10.24 6.45 -34.79
N CYS A 270 11.05 5.45 -35.12
CA CYS A 270 12.32 5.21 -34.46
C CYS A 270 13.45 5.49 -35.44
N VAL A 271 14.64 5.75 -34.91
CA VAL A 271 15.78 6.12 -35.72
C VAL A 271 16.85 5.04 -35.56
N GLN A 272 17.76 5.01 -36.53
CA GLN A 272 18.92 4.13 -36.46
C GLN A 272 19.88 4.65 -35.40
N GLY A 273 19.92 3.98 -34.25
CA GLY A 273 20.67 4.44 -33.11
C GLY A 273 19.82 4.89 -31.94
N GLY A 274 18.51 4.85 -32.06
CA GLY A 274 17.65 5.27 -30.97
C GLY A 274 17.43 4.16 -29.97
N THR A 275 16.82 4.53 -28.85
CA THR A 275 16.46 3.60 -27.79
C THR A 275 14.95 3.55 -27.67
N THR A 276 14.40 2.34 -27.67
CA THR A 276 12.95 2.15 -27.70
C THR A 276 12.54 1.24 -26.56
N ALA A 277 11.29 1.37 -26.13
CA ALA A 277 10.68 0.48 -25.15
C ALA A 277 9.30 0.08 -25.66
N ILE A 278 8.88 -1.14 -25.29
CA ILE A 278 7.58 -1.65 -25.70
C ILE A 278 6.84 -2.21 -24.49
N PRO A 279 6.45 -1.39 -23.52
CA PRO A 279 5.70 -1.92 -22.38
C PRO A 279 4.36 -2.50 -22.83
N GLY A 280 3.93 -3.55 -22.14
CA GLY A 280 2.64 -4.14 -22.43
C GLY A 280 2.38 -5.42 -21.68
N ALA A 281 1.13 -5.65 -21.30
CA ALA A 281 0.75 -6.86 -20.58
C ALA A 281 1.02 -8.08 -21.46
N PHE A 282 0.80 -9.26 -20.89
CA PHE A 282 1.01 -10.48 -21.64
C PHE A 282 -0.01 -10.60 -22.76
N GLY A 283 0.45 -10.97 -23.95
CA GLY A 283 -0.43 -11.12 -25.09
C GLY A 283 -0.66 -9.87 -25.89
N CYS A 284 -0.07 -8.74 -25.51
CA CYS A 284 -0.26 -7.49 -26.23
C CYS A 284 0.43 -7.47 -27.59
N GLY A 285 1.58 -8.10 -27.72
CA GLY A 285 2.27 -8.22 -28.97
C GLY A 285 3.63 -7.54 -29.06
N LYS A 286 4.35 -7.41 -27.94
CA LYS A 286 5.67 -6.80 -27.99
C LYS A 286 6.71 -7.76 -28.56
N THR A 287 6.58 -9.05 -28.27
CA THR A 287 7.46 -10.03 -28.89
C THR A 287 7.25 -10.10 -30.39
N VAL A 288 6.00 -10.01 -30.84
CA VAL A 288 5.74 -10.03 -32.28
C VAL A 288 6.27 -8.77 -32.94
N ILE A 289 6.17 -7.63 -32.26
CA ILE A 289 6.77 -6.41 -32.80
C ILE A 289 8.28 -6.57 -32.92
N SER A 290 8.91 -7.15 -31.89
CA SER A 290 10.35 -7.35 -31.93
C SER A 290 10.73 -8.26 -33.08
N GLN A 291 9.99 -9.35 -33.29
CA GLN A 291 10.32 -10.28 -34.35
C GLN A 291 10.04 -9.69 -35.73
N SER A 292 8.97 -8.90 -35.88
CA SER A 292 8.70 -8.27 -37.16
C SER A 292 9.77 -7.23 -37.48
N LEU A 293 10.27 -6.53 -36.47
CA LEU A 293 11.40 -5.63 -36.68
C LEU A 293 12.66 -6.42 -37.02
N SER A 294 12.80 -7.61 -36.45
CA SER A 294 13.95 -8.45 -36.74
C SER A 294 13.91 -8.97 -38.18
N LYS A 295 12.71 -9.21 -38.71
CA LYS A 295 12.59 -9.77 -40.04
C LYS A 295 12.71 -8.69 -41.11
N TYR A 296 11.88 -7.65 -41.01
CA TYR A 296 11.74 -6.63 -42.04
C TYR A 296 12.18 -5.30 -41.45
N SER A 297 13.45 -4.95 -41.64
CA SER A 297 13.95 -3.66 -41.22
C SER A 297 15.24 -3.38 -41.97
N ASN A 298 15.66 -2.11 -41.96
CA ASN A 298 16.81 -1.67 -42.72
C ASN A 298 18.11 -1.75 -41.92
N SER A 299 18.18 -2.66 -40.96
CA SER A 299 19.39 -2.85 -40.18
C SER A 299 20.24 -3.96 -40.79
N ASP A 300 21.52 -3.66 -41.03
CA ASP A 300 22.41 -4.63 -41.67
C ASP A 300 22.64 -5.87 -40.80
N VAL A 301 22.41 -5.76 -39.49
CA VAL A 301 22.58 -6.88 -38.58
C VAL A 301 21.53 -6.76 -37.50
N ILE A 302 21.09 -7.90 -36.97
CA ILE A 302 20.08 -7.90 -35.91
C ILE A 302 20.47 -8.94 -34.87
N ILE A 303 20.52 -8.53 -33.61
CA ILE A 303 20.87 -9.38 -32.49
C ILE A 303 19.64 -9.54 -31.62
N TYR A 304 19.10 -10.75 -31.57
CA TYR A 304 17.93 -11.06 -30.76
C TYR A 304 18.39 -11.70 -29.46
N VAL A 305 17.90 -11.18 -28.33
CA VAL A 305 18.50 -11.48 -27.03
C VAL A 305 17.63 -12.36 -26.15
N GLY A 306 16.35 -12.55 -26.48
CA GLY A 306 15.53 -13.53 -25.78
C GLY A 306 15.81 -13.64 -24.28
N CYS A 307 15.98 -12.51 -23.61
CA CYS A 307 16.43 -12.48 -22.22
C CYS A 307 15.26 -12.85 -21.31
N GLY A 308 15.14 -14.13 -21.00
CA GLY A 308 14.18 -14.57 -20.00
C GLY A 308 12.78 -14.81 -20.49
N GLU A 309 12.59 -15.02 -21.79
CA GLU A 309 11.28 -15.26 -22.36
C GLU A 309 11.21 -16.69 -22.90
N ARG A 310 10.05 -17.05 -23.44
CA ARG A 310 9.79 -18.41 -23.88
C ARG A 310 10.92 -18.93 -24.76
N GLY A 311 11.08 -20.25 -24.76
CA GLY A 311 12.04 -20.91 -25.61
C GLY A 311 11.43 -21.27 -26.95
N ASN A 312 10.11 -21.47 -26.94
CA ASN A 312 9.40 -21.71 -28.20
C ASN A 312 9.50 -20.49 -29.11
N GLU A 313 9.64 -19.29 -28.55
CA GLU A 313 9.85 -18.12 -29.38
C GLU A 313 11.20 -18.16 -30.08
N MET A 314 12.25 -18.58 -29.37
CA MET A 314 13.55 -18.73 -30.02
C MET A 314 13.51 -19.82 -31.08
N SER A 315 12.81 -20.92 -30.79
CA SER A 315 12.66 -21.98 -31.80
C SER A 315 11.90 -21.46 -33.02
N GLU A 316 10.87 -20.65 -32.80
CA GLU A 316 10.13 -20.06 -33.90
C GLU A 316 11.01 -19.12 -34.73
N VAL A 317 11.86 -18.35 -34.06
CA VAL A 317 12.80 -17.49 -34.79
C VAL A 317 13.71 -18.34 -35.65
N LEU A 318 14.27 -19.41 -35.08
CA LEU A 318 15.16 -20.28 -35.84
C LEU A 318 14.43 -20.95 -37.00
N ARG A 319 13.14 -21.26 -36.82
CA ARG A 319 12.38 -21.93 -37.86
C ARG A 319 12.01 -20.98 -39.00
N ASP A 320 11.66 -19.73 -38.67
CA ASP A 320 11.17 -18.78 -39.66
C ASP A 320 12.30 -18.09 -40.40
N PHE A 321 13.30 -17.57 -39.68
CA PHE A 321 14.31 -16.73 -40.33
C PHE A 321 15.02 -17.42 -41.47
N PRO A 322 15.45 -18.68 -41.37
CA PRO A 322 16.13 -19.31 -42.51
C PRO A 322 15.28 -19.30 -43.78
N GLU A 323 13.97 -19.41 -43.65
CA GLU A 323 13.10 -19.37 -44.82
C GLU A 323 12.98 -17.94 -45.37
N LEU A 324 12.86 -16.96 -44.48
CA LEU A 324 12.76 -15.57 -44.91
C LEU A 324 14.02 -15.19 -45.67
N THR A 325 13.86 -14.34 -46.68
CA THR A 325 14.98 -13.92 -47.52
C THR A 325 14.84 -12.44 -47.84
N MET A 326 15.98 -11.82 -48.14
CA MET A 326 16.05 -10.45 -48.64
C MET A 326 16.92 -10.45 -49.89
N GLU A 327 16.62 -9.54 -50.80
CA GLU A 327 17.33 -9.48 -52.08
C GLU A 327 18.54 -8.56 -51.96
N VAL A 328 19.72 -9.09 -52.21
CA VAL A 328 20.95 -8.32 -52.29
C VAL A 328 21.51 -8.50 -53.70
N ASP A 329 21.65 -7.38 -54.42
CA ASP A 329 22.16 -7.40 -55.79
C ASP A 329 21.38 -8.37 -56.66
N GLY A 330 20.08 -8.46 -56.43
CA GLY A 330 19.21 -9.31 -57.22
C GLY A 330 19.19 -10.77 -56.83
N LYS A 331 20.00 -11.17 -55.85
CA LYS A 331 20.06 -12.55 -55.38
C LYS A 331 19.40 -12.65 -54.02
N VAL A 332 18.52 -13.63 -53.86
CA VAL A 332 17.85 -13.83 -52.57
C VAL A 332 18.81 -14.50 -51.60
N GLU A 333 18.94 -13.91 -50.42
CA GLU A 333 19.80 -14.45 -49.37
C GLU A 333 19.04 -14.44 -48.06
N SER A 334 19.21 -15.49 -47.26
CA SER A 334 18.43 -15.63 -46.05
C SER A 334 18.76 -14.53 -45.05
N ILE A 335 17.77 -14.14 -44.25
CA ILE A 335 18.00 -13.12 -43.24
C ILE A 335 18.65 -13.71 -42.00
N MET A 336 18.70 -15.03 -41.88
CA MET A 336 19.46 -15.63 -40.79
C MET A 336 20.96 -15.46 -40.98
N LYS A 337 21.40 -15.13 -42.20
CA LYS A 337 22.81 -14.88 -42.44
C LYS A 337 23.28 -13.58 -41.79
N ARG A 338 22.36 -12.75 -41.30
CA ARG A 338 22.71 -11.54 -40.58
C ARG A 338 22.14 -11.47 -39.18
N THR A 339 21.34 -12.45 -38.77
CA THR A 339 20.74 -12.46 -37.44
C THR A 339 21.55 -13.34 -36.51
N ALA A 340 21.80 -12.83 -35.31
CA ALA A 340 22.47 -13.59 -34.26
C ALA A 340 21.57 -13.61 -33.04
N LEU A 341 21.29 -14.81 -32.52
CA LEU A 341 20.41 -14.97 -31.38
C LEU A 341 21.22 -15.25 -30.12
N VAL A 342 20.83 -14.62 -29.02
CA VAL A 342 21.42 -14.87 -27.72
C VAL A 342 20.27 -15.29 -26.82
N ALA A 343 20.03 -16.60 -26.72
CA ALA A 343 18.82 -17.13 -26.10
C ALA A 343 19.10 -17.53 -24.66
N ASN A 344 18.25 -17.06 -23.75
CA ASN A 344 18.26 -17.51 -22.35
C ASN A 344 16.81 -17.54 -21.90
N THR A 345 16.18 -18.70 -22.05
CA THR A 345 14.75 -18.79 -21.85
C THR A 345 14.40 -18.65 -20.37
N SER A 346 13.10 -18.64 -20.08
CA SER A 346 12.65 -18.30 -18.74
C SER A 346 13.13 -19.30 -17.70
N ASN A 347 13.19 -20.59 -18.04
CA ASN A 347 13.59 -21.61 -17.08
C ASN A 347 15.09 -21.85 -17.02
N MET A 348 15.86 -21.26 -17.91
CA MET A 348 17.31 -21.33 -17.83
C MET A 348 17.79 -20.46 -16.66
N PRO A 349 19.00 -20.72 -16.15
CA PRO A 349 19.44 -20.07 -14.91
C PRO A 349 19.13 -18.58 -14.89
N VAL A 350 18.58 -18.12 -13.77
CA VAL A 350 18.17 -16.72 -13.64
C VAL A 350 19.39 -15.81 -13.75
N ALA A 351 20.47 -16.14 -13.05
CA ALA A 351 21.63 -15.26 -13.03
C ALA A 351 22.19 -15.02 -14.42
N ALA A 352 21.94 -15.94 -15.36
CA ALA A 352 22.42 -15.77 -16.72
C ALA A 352 21.71 -14.67 -17.48
N ARG A 353 20.46 -14.36 -17.12
CA ARG A 353 19.71 -13.36 -17.88
C ARG A 353 20.50 -12.08 -18.01
N GLU A 354 21.02 -11.55 -16.90
CA GLU A 354 21.84 -10.34 -16.99
C GLU A 354 22.93 -10.52 -18.03
N ALA A 355 23.73 -11.57 -17.89
CA ALA A 355 24.79 -11.81 -18.86
C ALA A 355 24.23 -11.78 -20.28
N SER A 356 23.11 -12.47 -20.51
CA SER A 356 22.48 -12.44 -21.82
C SER A 356 22.43 -11.03 -22.35
N ILE A 357 21.71 -10.14 -21.66
CA ILE A 357 21.60 -8.76 -22.12
C ILE A 357 22.97 -8.22 -22.49
N TYR A 358 23.90 -8.26 -21.54
CA TYR A 358 25.22 -7.71 -21.81
C TYR A 358 25.84 -8.34 -23.04
N THR A 359 25.88 -9.68 -23.08
CA THR A 359 26.43 -10.32 -24.27
C THR A 359 25.76 -9.77 -25.51
N GLY A 360 24.43 -9.75 -25.53
CA GLY A 360 23.73 -9.18 -26.66
C GLY A 360 24.33 -7.86 -27.07
N ILE A 361 24.30 -6.87 -26.18
CA ILE A 361 24.71 -5.54 -26.58
C ILE A 361 26.16 -5.55 -27.06
N THR A 362 27.02 -6.32 -26.40
CA THR A 362 28.41 -6.35 -26.83
C THR A 362 28.49 -6.83 -28.27
N LEU A 363 27.80 -7.93 -28.59
CA LEU A 363 27.78 -8.37 -29.98
C LEU A 363 27.33 -7.25 -30.88
N SER A 364 26.23 -6.58 -30.53
CA SER A 364 25.77 -5.45 -31.33
C SER A 364 26.89 -4.44 -31.50
N GLU A 365 27.54 -4.05 -30.39
CA GLU A 365 28.60 -3.07 -30.51
C GLU A 365 29.69 -3.56 -31.44
N TYR A 366 30.01 -4.85 -31.39
CA TYR A 366 31.05 -5.37 -32.27
C TYR A 366 30.69 -5.12 -33.72
N PHE A 367 29.43 -5.37 -34.09
CA PHE A 367 29.02 -5.18 -35.46
C PHE A 367 28.71 -3.73 -35.77
N ARG A 368 28.59 -2.90 -34.73
CA ARG A 368 28.48 -1.47 -34.97
C ARG A 368 29.83 -0.90 -35.38
N ASP A 369 30.92 -1.41 -34.79
CA ASP A 369 32.24 -0.89 -35.10
C ASP A 369 32.70 -1.23 -36.52
N MET A 370 32.06 -2.18 -37.19
CA MET A 370 32.40 -2.47 -38.57
C MET A 370 31.79 -1.50 -39.55
N GLY A 371 30.77 -0.75 -39.13
CA GLY A 371 30.00 0.08 -40.02
C GLY A 371 28.61 -0.44 -40.34
N TYR A 372 28.11 -1.41 -39.57
CA TYR A 372 26.79 -1.97 -39.79
C TYR A 372 25.81 -1.36 -38.80
N HIS A 373 24.57 -1.22 -39.24
CA HIS A 373 23.52 -0.61 -38.42
C HIS A 373 22.78 -1.70 -37.65
N VAL A 374 23.42 -2.17 -36.58
CA VAL A 374 22.88 -3.26 -35.80
C VAL A 374 21.60 -2.84 -35.09
N SER A 375 20.75 -3.82 -34.80
CA SER A 375 19.53 -3.62 -34.04
C SER A 375 19.42 -4.72 -33.00
N MET A 376 19.41 -4.34 -31.73
CA MET A 376 19.38 -5.29 -30.63
C MET A 376 17.99 -5.34 -30.04
N MET A 377 17.34 -6.50 -30.13
CA MET A 377 16.01 -6.70 -29.56
C MET A 377 16.16 -7.36 -28.20
N ALA A 378 15.96 -6.57 -27.14
CA ALA A 378 15.97 -7.13 -25.79
C ALA A 378 14.57 -7.67 -25.50
N ASP A 379 14.41 -8.98 -25.63
CA ASP A 379 13.07 -9.56 -25.68
C ASP A 379 12.26 -9.20 -24.45
N SER A 380 12.91 -9.11 -23.29
CA SER A 380 12.20 -8.62 -22.10
C SER A 380 13.25 -8.18 -21.09
N THR A 381 13.37 -6.86 -20.90
CA THR A 381 14.24 -6.34 -19.86
C THR A 381 13.60 -6.47 -18.48
N SER A 382 12.28 -6.69 -18.42
CA SER A 382 11.64 -6.95 -17.15
C SER A 382 12.18 -8.22 -16.51
N ARG A 383 12.51 -9.21 -17.35
CA ARG A 383 13.08 -10.45 -16.82
C ARG A 383 14.49 -10.23 -16.29
N TRP A 384 15.26 -9.37 -16.95
CA TRP A 384 16.57 -9.00 -16.41
C TRP A 384 16.43 -8.28 -15.07
N ALA A 385 15.47 -7.36 -14.97
CA ALA A 385 15.25 -6.69 -13.70
C ALA A 385 14.83 -7.67 -12.62
N GLU A 386 14.00 -8.65 -12.97
CA GLU A 386 13.60 -9.66 -12.00
C GLU A 386 14.78 -10.51 -11.57
N ALA A 387 15.67 -10.85 -12.49
CA ALA A 387 16.88 -11.59 -12.12
C ALA A 387 17.74 -10.78 -11.16
N LEU A 388 17.90 -9.49 -11.44
CA LEU A 388 18.61 -8.63 -10.50
C LEU A 388 17.95 -8.63 -9.14
N ARG A 389 16.61 -8.59 -9.12
CA ARG A 389 15.89 -8.60 -7.84
C ARG A 389 16.13 -9.91 -7.08
N GLU A 390 16.11 -11.04 -7.78
CA GLU A 390 16.39 -12.31 -7.10
C GLU A 390 17.79 -12.33 -6.52
N ILE A 391 18.79 -11.94 -7.31
CA ILE A 391 20.17 -11.96 -6.82
C ILE A 391 20.32 -11.01 -5.64
N SER A 392 19.65 -9.85 -5.69
CA SER A 392 19.66 -8.93 -4.56
C SER A 392 19.04 -9.56 -3.33
N GLY A 393 17.89 -10.22 -3.50
CA GLY A 393 17.26 -10.88 -2.37
C GLY A 393 18.15 -11.91 -1.73
N ARG A 394 18.86 -12.69 -2.54
CA ARG A 394 19.80 -13.66 -1.99
C ARG A 394 20.94 -12.96 -1.25
N LEU A 395 21.33 -11.76 -1.71
CA LEU A 395 22.35 -10.99 -1.03
C LEU A 395 21.82 -10.22 0.17
N ALA A 396 20.51 -10.26 0.42
CA ALA A 396 19.91 -9.56 1.54
C ALA A 396 20.17 -8.05 1.46
N GLU A 397 20.14 -7.54 0.24
CA GLU A 397 20.28 -6.11 0.02
C GLU A 397 18.97 -5.40 0.33
N MET A 398 19.07 -4.11 0.61
CA MET A 398 17.90 -3.30 0.87
C MET A 398 17.21 -2.95 -0.44
N PRO A 399 15.92 -3.24 -0.60
CA PRO A 399 15.27 -3.05 -1.89
C PRO A 399 14.86 -1.61 -2.14
N ALA A 400 14.67 -1.31 -3.42
CA ALA A 400 14.02 -0.09 -3.88
C ALA A 400 12.53 -0.39 -4.06
N ASP A 401 11.84 0.43 -4.82
CA ASP A 401 10.43 0.22 -5.11
C ASP A 401 10.15 -1.21 -5.53
N SER A 402 9.16 -1.83 -4.87
CA SER A 402 8.65 -3.15 -5.26
C SER A 402 9.75 -4.21 -5.27
N GLY A 403 10.72 -4.09 -4.36
CA GLY A 403 11.70 -5.13 -4.16
C GLY A 403 12.91 -5.04 -5.05
N TYR A 404 12.87 -4.25 -6.12
CA TYR A 404 14.00 -4.18 -7.02
C TYR A 404 15.20 -3.53 -6.33
N PRO A 405 16.42 -3.83 -6.75
CA PRO A 405 17.59 -3.22 -6.12
C PRO A 405 17.64 -1.74 -6.37
N ALA A 406 18.40 -1.05 -5.51
CA ALA A 406 18.52 0.40 -5.63
C ALA A 406 19.28 0.84 -6.85
N TYR A 407 19.95 -0.07 -7.55
CA TYR A 407 20.75 0.25 -8.72
C TYR A 407 20.10 -0.20 -10.02
N LEU A 408 18.79 -0.51 -10.00
CA LEU A 408 18.13 -0.95 -11.22
C LEU A 408 18.12 0.16 -12.26
N GLY A 409 17.74 1.38 -11.87
CA GLY A 409 17.71 2.47 -12.81
C GLY A 409 19.07 2.76 -13.41
N ALA A 410 20.12 2.71 -12.59
CA ALA A 410 21.46 2.93 -13.09
C ALA A 410 21.85 1.85 -14.10
N ARG A 411 21.54 0.60 -13.80
CA ARG A 411 21.87 -0.49 -14.73
C ARG A 411 21.15 -0.32 -16.05
N LEU A 412 19.85 -0.01 -15.99
CA LEU A 412 19.09 0.17 -17.22
C LEU A 412 19.61 1.35 -18.03
N ALA A 413 19.93 2.46 -17.37
CA ALA A 413 20.45 3.62 -18.08
C ALA A 413 21.78 3.32 -18.72
N SER A 414 22.67 2.64 -18.00
CA SER A 414 23.97 2.30 -18.57
C SER A 414 23.85 1.34 -19.73
N PHE A 415 22.84 0.46 -19.70
CA PHE A 415 22.66 -0.48 -20.81
C PHE A 415 22.07 0.23 -22.02
N TYR A 416 21.11 1.13 -21.81
CA TYR A 416 20.49 1.83 -22.92
C TYR A 416 21.42 2.87 -23.53
N GLU A 417 22.37 3.38 -22.76
CA GLU A 417 23.26 4.43 -23.26
C GLU A 417 24.21 3.93 -24.32
N ARG A 418 24.24 2.63 -24.60
CA ARG A 418 25.17 2.04 -25.55
C ARG A 418 24.60 1.99 -26.97
N ALA A 419 23.50 2.69 -27.23
CA ALA A 419 22.73 2.51 -28.45
C ALA A 419 23.05 3.51 -29.55
N GLY A 420 23.39 4.75 -29.21
CA GLY A 420 23.47 5.81 -30.20
C GLY A 420 24.21 5.47 -31.47
N ARG A 421 23.87 6.17 -32.56
CA ARG A 421 24.68 6.12 -33.77
C ARG A 421 26.05 6.70 -33.50
N VAL A 422 27.08 6.06 -34.05
CA VAL A 422 28.46 6.41 -33.70
C VAL A 422 29.29 6.56 -34.96
N LYS A 423 30.39 7.29 -34.81
CA LYS A 423 31.47 7.32 -35.79
C LYS A 423 32.51 6.32 -35.29
N CYS A 424 32.47 5.12 -35.84
CA CYS A 424 33.21 4.00 -35.27
C CYS A 424 34.69 4.36 -35.08
N LEU A 425 35.33 3.62 -34.18
CA LEU A 425 36.75 3.79 -33.92
C LEU A 425 37.55 3.47 -35.18
N GLY A 426 38.87 3.60 -35.07
CA GLY A 426 39.75 3.07 -36.09
C GLY A 426 40.01 4.05 -37.21
N ASN A 427 40.90 3.63 -38.09
CA ASN A 427 41.42 4.51 -39.12
C ASN A 427 40.40 4.71 -40.24
N PRO A 428 39.88 3.63 -40.86
CA PRO A 428 38.85 3.84 -41.88
C PRO A 428 37.63 4.53 -41.31
N GLU A 429 37.25 5.68 -41.85
CA GLU A 429 36.09 6.38 -41.32
C GLU A 429 34.82 5.62 -41.69
N ARG A 430 34.03 5.29 -40.66
CA ARG A 430 32.82 4.50 -40.83
C ARG A 430 31.70 5.16 -40.04
N GLU A 431 30.57 4.46 -39.97
CA GLU A 431 29.43 4.96 -39.21
C GLU A 431 28.54 3.76 -38.92
N GLY A 432 28.45 3.37 -37.65
CA GLY A 432 27.60 2.29 -37.22
C GLY A 432 26.45 2.79 -36.37
N SER A 433 25.65 1.85 -35.90
CA SER A 433 24.54 2.16 -35.03
C SER A 433 24.15 0.91 -34.27
N VAL A 434 23.53 1.10 -33.11
CA VAL A 434 22.94 -0.01 -32.37
C VAL A 434 21.57 0.44 -31.87
N SER A 435 20.52 0.11 -32.61
CA SER A 435 19.17 0.49 -32.21
C SER A 435 18.68 -0.51 -31.17
N ILE A 436 18.56 -0.09 -29.92
CA ILE A 436 18.11 -0.97 -28.86
C ILE A 436 16.60 -0.87 -28.77
N VAL A 437 15.92 -1.96 -29.07
CA VAL A 437 14.47 -2.07 -28.92
C VAL A 437 14.25 -3.02 -27.75
N GLY A 438 13.92 -2.46 -26.59
CA GLY A 438 13.81 -3.27 -25.39
C GLY A 438 12.40 -3.44 -24.90
N ALA A 439 11.83 -4.63 -25.06
CA ALA A 439 10.48 -4.87 -24.58
C ALA A 439 10.46 -4.92 -23.07
N VAL A 440 9.39 -4.36 -22.51
CA VAL A 440 9.17 -4.37 -21.06
C VAL A 440 7.88 -5.12 -20.78
N SER A 441 7.83 -5.78 -19.63
CA SER A 441 6.71 -6.65 -19.26
C SER A 441 6.21 -6.24 -17.88
N PRO A 442 5.48 -5.13 -17.78
CA PRO A 442 5.00 -4.67 -16.48
C PRO A 442 4.09 -5.70 -15.85
N PRO A 443 4.32 -6.07 -14.59
CA PRO A 443 3.44 -7.05 -13.95
C PRO A 443 2.06 -6.45 -13.72
N GLY A 444 1.04 -7.21 -14.13
CA GLY A 444 -0.32 -6.72 -14.04
C GLY A 444 -0.68 -5.68 -15.07
N GLY A 445 0.16 -5.49 -16.08
CA GLY A 445 -0.10 -4.47 -17.08
C GLY A 445 -0.05 -3.06 -16.57
N ASP A 446 0.47 -2.84 -15.35
CA ASP A 446 0.55 -1.52 -14.76
C ASP A 446 1.86 -0.88 -15.17
N PHE A 447 1.78 0.24 -15.88
CA PHE A 447 2.98 0.93 -16.35
C PHE A 447 3.68 1.70 -15.22
N SER A 448 3.09 1.74 -14.03
CA SER A 448 3.79 2.29 -12.88
C SER A 448 4.92 1.38 -12.39
N ASP A 449 5.01 0.16 -12.92
CA ASP A 449 6.06 -0.80 -12.61
C ASP A 449 7.41 -0.09 -12.51
N PRO A 450 8.22 -0.38 -11.49
CA PRO A 450 9.55 0.26 -11.44
C PRO A 450 10.38 0.04 -12.68
N VAL A 451 10.33 -1.15 -13.29
CA VAL A 451 11.10 -1.39 -14.50
C VAL A 451 10.59 -0.51 -15.64
N THR A 452 9.27 -0.46 -15.81
CA THR A 452 8.71 0.37 -16.87
C THR A 452 8.98 1.85 -16.62
N SER A 453 8.81 2.30 -15.38
CA SER A 453 9.05 3.71 -15.06
C SER A 453 10.51 4.08 -15.30
N ALA A 454 11.43 3.20 -14.90
CA ALA A 454 12.85 3.46 -15.12
C ALA A 454 13.19 3.42 -16.61
N THR A 455 12.52 2.57 -17.36
CA THR A 455 12.78 2.47 -18.79
C THR A 455 12.30 3.71 -19.54
N LEU A 456 11.11 4.20 -19.18
CA LEU A 456 10.57 5.37 -19.87
C LEU A 456 11.40 6.62 -19.60
N GLY A 457 12.17 6.64 -18.53
CA GLY A 457 13.06 7.75 -18.27
C GLY A 457 14.37 7.68 -19.04
N ILE A 458 14.56 6.65 -19.86
CA ILE A 458 15.80 6.47 -20.61
C ILE A 458 15.46 6.40 -22.10
N VAL A 459 14.53 5.52 -22.47
CA VAL A 459 14.20 5.31 -23.86
C VAL A 459 13.58 6.57 -24.45
N GLN A 460 13.96 6.88 -25.68
CA GLN A 460 13.44 8.06 -26.37
C GLN A 460 12.15 7.78 -27.12
N VAL A 461 11.86 6.52 -27.41
CA VAL A 461 10.63 6.11 -28.08
C VAL A 461 9.87 5.17 -27.15
N PHE A 462 8.55 5.34 -27.09
CA PHE A 462 7.72 4.59 -26.15
C PHE A 462 6.55 4.01 -26.93
N TRP A 463 6.61 2.73 -27.25
CA TRP A 463 5.55 2.04 -27.98
C TRP A 463 4.68 1.27 -26.99
N GLY A 464 4.03 2.01 -26.11
CA GLY A 464 3.14 1.41 -25.13
C GLY A 464 2.02 0.63 -25.78
N LEU A 465 1.84 -0.62 -25.36
CA LEU A 465 0.82 -1.49 -25.89
C LEU A 465 -0.36 -1.59 -24.94
N ASP A 466 -1.55 -1.72 -25.49
CA ASP A 466 -2.79 -1.74 -24.73
C ASP A 466 -3.36 -3.15 -24.71
N LYS A 467 -3.74 -3.61 -23.52
CA LYS A 467 -4.33 -4.95 -23.40
C LYS A 467 -5.71 -5.01 -24.03
N LYS A 468 -6.49 -3.94 -23.90
CA LYS A 468 -7.84 -3.93 -24.48
C LYS A 468 -7.78 -4.04 -25.99
N LEU A 469 -6.87 -3.31 -26.64
CA LEU A 469 -6.75 -3.40 -28.09
C LEU A 469 -6.31 -4.80 -28.51
N ALA A 470 -5.43 -5.42 -27.74
CA ALA A 470 -5.02 -6.79 -28.05
C ALA A 470 -6.20 -7.74 -27.94
N GLN A 471 -7.02 -7.58 -26.90
CA GLN A 471 -8.17 -8.48 -26.74
C GLN A 471 -9.13 -8.36 -27.92
N ARG A 472 -9.30 -7.15 -28.45
CA ARG A 472 -10.06 -6.97 -29.67
C ARG A 472 -9.32 -7.46 -30.91
N LYS A 473 -8.12 -8.01 -30.75
CA LYS A 473 -7.26 -8.38 -31.87
C LYS A 473 -6.94 -7.16 -32.74
N HIS A 474 -6.63 -6.05 -32.09
CA HIS A 474 -6.22 -4.82 -32.79
C HIS A 474 -4.71 -4.73 -32.80
N PHE A 475 -4.08 -5.66 -33.51
CA PHE A 475 -2.64 -5.74 -33.53
C PHE A 475 -2.06 -4.99 -34.72
N PRO A 476 -0.94 -4.25 -34.56
CA PRO A 476 -0.17 -4.06 -33.33
C PRO A 476 -0.98 -3.27 -32.32
N SER A 477 -0.88 -3.63 -31.04
CA SER A 477 -1.75 -3.10 -30.00
C SER A 477 -1.28 -1.75 -29.48
N VAL A 478 -0.42 -1.06 -30.23
CA VAL A 478 0.15 0.19 -29.75
C VAL A 478 -0.97 1.16 -29.39
N ASN A 479 -0.85 1.76 -28.21
CA ASN A 479 -1.81 2.76 -27.75
C ASN A 479 -1.36 4.10 -28.31
N TRP A 480 -2.05 4.57 -29.35
CA TRP A 480 -1.60 5.76 -30.06
C TRP A 480 -1.66 7.02 -29.20
N LEU A 481 -2.35 6.97 -28.07
CA LEU A 481 -2.49 8.17 -27.23
C LEU A 481 -1.27 8.36 -26.34
N ILE A 482 -0.90 7.33 -25.58
CA ILE A 482 0.19 7.48 -24.63
C ILE A 482 1.54 7.33 -25.31
N SER A 483 1.65 6.47 -26.32
CA SER A 483 2.93 6.27 -27.00
C SER A 483 3.44 7.60 -27.54
N TYR A 484 4.76 7.67 -27.68
CA TYR A 484 5.40 8.87 -28.21
C TYR A 484 6.75 8.46 -28.80
N SER A 485 7.29 9.33 -29.66
CA SER A 485 8.62 9.15 -30.20
C SER A 485 9.29 10.52 -30.23
N LYS A 486 10.44 10.62 -29.56
CA LYS A 486 11.16 11.88 -29.47
C LYS A 486 12.14 12.07 -30.62
N TYR A 487 11.93 11.38 -31.74
CA TYR A 487 12.79 11.51 -32.90
C TYR A 487 12.08 12.12 -34.10
N MET A 488 10.85 12.60 -33.93
CA MET A 488 10.10 13.13 -35.06
C MET A 488 10.73 14.42 -35.59
N ARG A 489 11.16 15.30 -34.69
CA ARG A 489 11.80 16.53 -35.13
C ARG A 489 13.15 16.26 -35.78
N ALA A 490 13.84 15.21 -35.35
CA ALA A 490 15.11 14.82 -35.98
C ALA A 490 14.90 14.08 -37.29
N LEU A 491 13.68 13.62 -37.58
CA LEU A 491 13.38 12.89 -38.79
C LEU A 491 12.59 13.70 -39.81
N ASP A 492 12.08 14.87 -39.44
CA ASP A 492 11.41 15.71 -40.43
C ASP A 492 12.38 16.12 -41.53
N GLU A 493 13.66 16.28 -41.20
CA GLU A 493 14.65 16.62 -42.20
C GLU A 493 14.68 15.57 -43.31
N TYR A 494 14.60 14.30 -42.96
CA TYR A 494 14.58 13.19 -43.91
C TYR A 494 13.23 13.02 -44.59
N TYR A 495 12.14 13.19 -43.84
CA TYR A 495 10.81 13.06 -44.43
C TYR A 495 10.57 14.12 -45.50
N ASP A 496 10.95 15.36 -45.22
CA ASP A 496 10.67 16.45 -46.16
C ASP A 496 11.38 16.27 -47.49
N LYS A 497 12.45 15.47 -47.54
CA LYS A 497 13.19 15.26 -48.77
C LYS A 497 12.89 13.92 -49.43
N HIS A 498 12.42 12.92 -48.68
CA HIS A 498 12.07 11.63 -49.26
C HIS A 498 10.58 11.38 -49.36
N PHE A 499 9.80 11.88 -48.40
CA PHE A 499 8.35 11.70 -48.35
C PHE A 499 7.69 13.04 -48.05
N THR A 500 8.07 14.07 -48.81
CA THR A 500 7.73 15.46 -48.54
C THR A 500 6.28 15.65 -48.11
N GLU A 501 5.37 14.79 -48.57
CA GLU A 501 3.96 14.95 -48.30
C GLU A 501 3.51 14.24 -47.03
N PHE A 502 4.43 13.67 -46.26
CA PHE A 502 4.05 12.80 -45.16
C PHE A 502 3.88 13.52 -43.83
N VAL A 503 4.72 14.51 -43.52
CA VAL A 503 4.66 15.15 -42.21
C VAL A 503 3.29 15.79 -41.95
N PRO A 504 2.72 16.57 -42.87
CA PRO A 504 1.36 17.08 -42.63
C PRO A 504 0.32 15.98 -42.49
N LEU A 505 0.47 14.88 -43.23
CA LEU A 505 -0.46 13.76 -43.07
C LEU A 505 -0.37 13.18 -41.67
N ARG A 506 0.84 13.00 -41.15
CA ARG A 506 1.01 12.50 -39.80
C ARG A 506 0.38 13.44 -38.79
N THR A 507 0.62 14.75 -38.95
CA THR A 507 0.07 15.71 -38.00
C THR A 507 -1.46 15.68 -38.03
N LYS A 508 -2.04 15.64 -39.22
CA LYS A 508 -3.50 15.60 -39.32
C LYS A 508 -4.06 14.30 -38.75
N ALA A 509 -3.37 13.18 -38.96
CA ALA A 509 -3.84 11.91 -38.42
C ALA A 509 -3.84 11.94 -36.90
N LYS A 510 -2.78 12.46 -36.29
CA LYS A 510 -2.76 12.57 -34.84
C LYS A 510 -3.84 13.53 -34.34
N GLU A 511 -4.06 14.63 -35.04
CA GLU A 511 -5.15 15.52 -34.66
C GLU A 511 -6.49 14.81 -34.71
N ILE A 512 -6.73 14.04 -35.78
CA ILE A 512 -7.98 13.30 -35.91
C ILE A 512 -8.15 12.33 -34.75
N LEU A 513 -7.09 11.60 -34.41
CA LEU A 513 -7.19 10.63 -33.34
C LEU A 513 -7.46 11.29 -31.99
N GLN A 514 -6.80 12.42 -31.71
CA GLN A 514 -7.05 13.12 -30.45
C GLN A 514 -8.48 13.65 -30.40
N GLU A 515 -8.96 14.23 -31.50
CA GLU A 515 -10.33 14.73 -31.53
C GLU A 515 -11.32 13.59 -31.33
N GLU A 516 -11.05 12.43 -31.95
CA GLU A 516 -11.92 11.28 -31.76
C GLU A 516 -11.90 10.81 -30.32
N GLU A 517 -10.74 10.88 -29.66
CA GLU A 517 -10.68 10.50 -28.25
C GLU A 517 -11.57 11.41 -27.41
N ASP A 518 -11.49 12.73 -27.65
CA ASP A 518 -12.35 13.65 -26.91
C ASP A 518 -13.81 13.39 -27.19
N LEU A 519 -14.17 13.21 -28.46
CA LEU A 519 -15.57 12.98 -28.81
C LEU A 519 -16.06 11.65 -28.28
N ALA A 520 -15.18 10.65 -28.14
CA ALA A 520 -15.60 9.37 -27.55
C ALA A 520 -15.82 9.52 -26.06
N GLU A 521 -14.96 10.28 -25.38
CA GLU A 521 -15.21 10.58 -23.97
C GLU A 521 -16.58 11.24 -23.80
N ILE A 522 -16.93 12.14 -24.71
CA ILE A 522 -18.24 12.79 -24.63
C ILE A 522 -19.37 11.81 -24.93
N VAL A 523 -19.20 11.01 -25.99
CA VAL A 523 -20.27 10.15 -26.48
C VAL A 523 -20.58 9.05 -25.48
N GLN A 524 -19.56 8.54 -24.77
CA GLN A 524 -19.80 7.47 -23.83
C GLN A 524 -20.85 7.85 -22.80
N LEU A 525 -20.96 9.14 -22.48
CA LEU A 525 -21.92 9.61 -21.48
C LEU A 525 -23.13 10.29 -22.09
N VAL A 526 -23.01 10.90 -23.26
CA VAL A 526 -24.10 11.68 -23.84
C VAL A 526 -24.70 11.02 -25.08
N GLY A 527 -23.95 10.19 -25.78
CA GLY A 527 -24.43 9.59 -27.01
C GLY A 527 -24.14 10.45 -28.23
N LYS A 528 -24.42 9.88 -29.40
CA LYS A 528 -24.11 10.54 -30.66
C LYS A 528 -25.24 11.43 -31.15
N ALA A 529 -26.34 11.55 -30.40
CA ALA A 529 -27.47 12.34 -30.87
C ALA A 529 -27.09 13.81 -31.06
N SER A 530 -26.33 14.37 -30.12
CA SER A 530 -26.01 15.79 -30.13
C SER A 530 -24.72 16.11 -30.86
N LEU A 531 -24.04 15.11 -31.43
CA LEU A 531 -22.77 15.36 -32.10
C LEU A 531 -22.97 16.26 -33.30
N ALA A 532 -22.06 17.22 -33.46
CA ALA A 532 -22.01 17.99 -34.70
C ALA A 532 -21.62 17.08 -35.84
N GLU A 533 -22.05 17.45 -37.05
CA GLU A 533 -21.80 16.57 -38.20
C GLU A 533 -20.31 16.42 -38.46
N THR A 534 -19.54 17.50 -38.35
CA THR A 534 -18.10 17.37 -38.49
C THR A 534 -17.51 16.48 -37.41
N ASP A 535 -18.10 16.48 -36.21
CA ASP A 535 -17.67 15.55 -35.19
C ASP A 535 -17.96 14.11 -35.60
N LYS A 536 -19.11 13.87 -36.24
CA LYS A 536 -19.39 12.53 -36.75
C LYS A 536 -18.37 12.11 -37.80
N ILE A 537 -17.99 13.04 -38.67
CA ILE A 537 -16.99 12.73 -39.69
C ILE A 537 -15.65 12.44 -39.05
N THR A 538 -15.28 13.21 -38.03
CA THR A 538 -14.05 12.95 -37.30
C THR A 538 -14.08 11.56 -36.68
N LEU A 539 -15.19 11.21 -36.03
CA LEU A 539 -15.31 9.89 -35.41
C LEU A 539 -15.17 8.79 -36.45
N GLU A 540 -15.83 8.95 -37.61
CA GLU A 540 -15.86 7.87 -38.58
C GLU A 540 -14.53 7.73 -39.31
N VAL A 541 -13.87 8.85 -39.63
CA VAL A 541 -12.55 8.75 -40.23
C VAL A 541 -11.54 8.23 -39.23
N ALA A 542 -11.71 8.55 -37.94
CA ALA A 542 -10.83 7.99 -36.92
C ALA A 542 -11.03 6.49 -36.81
N LYS A 543 -12.28 6.02 -36.88
CA LYS A 543 -12.53 4.59 -36.91
C LYS A 543 -11.88 3.96 -38.13
N LEU A 544 -11.97 4.62 -39.27
CA LEU A 544 -11.32 4.13 -40.49
C LEU A 544 -9.81 4.01 -40.28
N ILE A 545 -9.20 5.04 -39.71
CA ILE A 545 -7.76 5.02 -39.49
C ILE A 545 -7.37 3.91 -38.53
N LYS A 546 -8.09 3.80 -37.42
CA LYS A 546 -7.82 2.73 -36.46
C LYS A 546 -7.91 1.36 -37.12
N ASP A 547 -9.10 1.02 -37.61
CA ASP A 547 -9.36 -0.35 -38.05
C ASP A 547 -8.59 -0.70 -39.31
N ASP A 548 -8.27 0.27 -40.15
CA ASP A 548 -7.78 -0.03 -41.49
C ASP A 548 -6.43 0.62 -41.82
N PHE A 549 -5.87 1.43 -40.94
CA PHE A 549 -4.51 1.93 -41.11
C PHE A 549 -3.59 1.50 -39.98
N LEU A 550 -3.95 1.81 -38.73
CA LEU A 550 -3.07 1.51 -37.61
C LEU A 550 -2.90 0.00 -37.44
N GLN A 551 -4.01 -0.71 -37.25
CA GLN A 551 -3.92 -2.15 -37.02
C GLN A 551 -3.45 -2.85 -38.29
N GLN A 552 -2.57 -3.83 -38.12
CA GLN A 552 -1.88 -4.46 -39.25
C GLN A 552 -1.61 -5.91 -38.86
N ASN A 553 -2.36 -6.83 -39.46
CA ASN A 553 -2.19 -8.25 -39.19
C ASN A 553 -0.82 -8.70 -39.68
N GLY A 554 0.09 -8.95 -38.75
CA GLY A 554 1.46 -9.28 -39.11
C GLY A 554 1.69 -10.68 -39.58
N TYR A 555 0.66 -11.51 -39.62
CA TYR A 555 0.77 -12.90 -40.05
C TYR A 555 -0.03 -13.15 -41.33
N THR A 556 0.08 -12.22 -42.27
CA THR A 556 -0.57 -12.32 -43.57
C THR A 556 0.41 -11.92 -44.65
N PRO A 557 0.25 -12.44 -45.87
CA PRO A 557 1.21 -12.13 -46.93
C PRO A 557 1.25 -10.66 -47.31
N TYR A 558 0.19 -9.89 -47.02
CA TYR A 558 0.12 -8.50 -47.43
C TYR A 558 0.49 -7.52 -46.32
N ASP A 559 0.23 -7.87 -45.06
CA ASP A 559 0.45 -6.97 -43.95
C ASP A 559 1.63 -7.37 -43.07
N ARG A 560 2.37 -8.41 -43.43
CA ARG A 560 3.58 -8.73 -42.67
C ARG A 560 4.58 -7.58 -42.77
N PHE A 561 4.77 -7.04 -43.96
CA PHE A 561 5.61 -5.87 -44.18
C PHE A 561 4.80 -4.83 -44.93
N CYS A 562 4.83 -3.60 -44.44
CA CYS A 562 4.13 -2.48 -45.08
C CYS A 562 5.17 -1.43 -45.46
N PRO A 563 5.67 -1.44 -46.69
CA PRO A 563 6.71 -0.46 -47.07
C PRO A 563 6.26 0.96 -46.76
N PHE A 564 7.18 1.92 -46.72
CA PHE A 564 6.78 3.26 -46.32
C PHE A 564 5.98 3.94 -47.43
N TYR A 565 6.15 3.55 -48.68
CA TYR A 565 5.29 4.10 -49.72
C TYR A 565 3.84 3.71 -49.47
N LYS A 566 3.60 2.49 -49.01
CA LYS A 566 2.25 2.12 -48.60
C LYS A 566 1.83 2.87 -47.35
N THR A 567 2.70 2.89 -46.33
CA THR A 567 2.35 3.56 -45.08
C THR A 567 1.94 5.01 -45.32
N VAL A 568 2.52 5.65 -46.32
CA VAL A 568 2.19 7.04 -46.60
C VAL A 568 1.04 7.16 -47.59
N GLY A 569 0.92 6.25 -48.56
CA GLY A 569 -0.19 6.32 -49.49
C GLY A 569 -1.53 6.08 -48.84
N MET A 570 -1.62 5.06 -47.97
CA MET A 570 -2.87 4.81 -47.27
C MET A 570 -3.28 6.01 -46.43
N LEU A 571 -2.33 6.54 -45.66
CA LEU A 571 -2.64 7.70 -44.83
C LEU A 571 -3.03 8.89 -45.70
N SER A 572 -2.38 9.07 -46.83
CA SER A 572 -2.72 10.17 -47.72
C SER A 572 -4.16 10.04 -48.20
N ASN A 573 -4.57 8.83 -48.59
CA ASN A 573 -5.93 8.63 -49.06
C ASN A 573 -6.95 8.87 -47.95
N MET A 574 -6.69 8.34 -46.75
CA MET A 574 -7.67 8.53 -45.67
C MET A 574 -7.76 10.00 -45.28
N ILE A 575 -6.63 10.70 -45.18
CA ILE A 575 -6.66 12.10 -44.82
C ILE A 575 -7.31 12.93 -45.92
N SER A 576 -7.10 12.55 -47.18
CA SER A 576 -7.79 13.24 -48.27
C SER A 576 -9.29 13.04 -48.16
N PHE A 577 -9.74 11.83 -47.83
CA PHE A 577 -11.17 11.62 -47.64
C PHE A 577 -11.69 12.46 -46.51
N TYR A 578 -10.94 12.54 -45.41
CA TYR A 578 -11.33 13.40 -44.30
C TYR A 578 -11.47 14.85 -44.75
N ASP A 579 -10.47 15.34 -45.49
CA ASP A 579 -10.50 16.72 -45.96
C ASP A 579 -11.72 16.98 -46.84
N MET A 580 -12.00 16.07 -47.77
CA MET A 580 -13.12 16.28 -48.69
C MET A 580 -14.46 16.22 -47.97
N ALA A 581 -14.63 15.25 -47.07
CA ALA A 581 -15.88 15.15 -46.33
C ALA A 581 -16.09 16.40 -45.47
N ARG A 582 -15.04 16.85 -44.77
CA ARG A 582 -15.17 18.04 -43.96
C ARG A 582 -15.47 19.26 -44.82
N ARG A 583 -14.81 19.38 -45.97
CA ARG A 583 -15.08 20.52 -46.84
C ARG A 583 -16.54 20.53 -47.27
N ALA A 584 -17.04 19.39 -47.74
CA ALA A 584 -18.42 19.32 -48.17
C ALA A 584 -19.36 19.73 -47.04
N VAL A 585 -19.17 19.13 -45.86
CA VAL A 585 -20.11 19.36 -44.78
C VAL A 585 -20.07 20.82 -44.34
N GLU A 586 -18.87 21.37 -44.16
CA GLU A 586 -18.76 22.76 -43.72
C GLU A 586 -19.34 23.72 -44.75
N THR A 587 -19.04 23.52 -46.04
CA THR A 587 -19.47 24.48 -47.05
C THR A 587 -20.93 24.33 -47.43
N THR A 588 -21.58 23.22 -47.09
CA THR A 588 -23.01 23.06 -47.34
C THR A 588 -23.83 23.14 -46.06
N ALA A 589 -23.24 23.56 -44.93
CA ALA A 589 -24.03 23.74 -43.71
C ALA A 589 -25.04 24.86 -43.87
N GLN A 590 -24.65 25.95 -44.54
CA GLN A 590 -25.55 27.09 -44.73
C GLN A 590 -26.62 26.82 -45.78
N SER A 591 -26.33 25.97 -46.76
CA SER A 591 -27.26 25.72 -47.85
C SER A 591 -28.41 24.82 -47.40
N ASP A 592 -29.42 24.72 -48.26
CA ASP A 592 -30.57 23.86 -47.96
C ASP A 592 -30.21 22.39 -48.15
N ASN A 593 -29.40 22.08 -49.17
CA ASN A 593 -28.96 20.70 -49.42
C ASN A 593 -27.82 20.35 -48.46
N LYS A 594 -28.19 20.23 -47.20
CA LYS A 594 -27.22 19.95 -46.14
C LYS A 594 -26.66 18.54 -46.32
N ILE A 595 -25.38 18.45 -46.67
CA ILE A 595 -24.70 17.17 -46.72
C ILE A 595 -24.26 16.79 -45.33
N THR A 596 -24.57 15.57 -44.93
CA THR A 596 -24.23 15.05 -43.61
C THR A 596 -23.37 13.80 -43.80
N TRP A 597 -23.00 13.17 -42.69
CA TRP A 597 -22.22 11.95 -42.79
C TRP A 597 -23.03 10.83 -43.44
N SER A 598 -24.33 10.74 -43.13
CA SER A 598 -25.13 9.65 -43.65
C SER A 598 -25.21 9.71 -45.17
N ILE A 599 -25.38 10.92 -45.73
CA ILE A 599 -25.44 11.06 -47.18
C ILE A 599 -24.13 10.58 -47.80
N ILE A 600 -23.00 10.96 -47.22
CA ILE A 600 -21.71 10.53 -47.74
C ILE A 600 -21.59 9.02 -47.68
N ARG A 601 -21.95 8.43 -46.55
CA ARG A 601 -21.82 6.99 -46.37
C ARG A 601 -22.68 6.23 -47.36
N GLU A 602 -23.92 6.67 -47.55
CA GLU A 602 -24.79 6.02 -48.52
C GLU A 602 -24.26 6.18 -49.94
N HIS A 603 -23.80 7.38 -50.29
CA HIS A 603 -23.26 7.62 -51.61
C HIS A 603 -21.91 6.94 -51.80
N MET A 604 -21.07 6.92 -50.76
CA MET A 604 -19.69 6.46 -50.88
C MET A 604 -19.45 5.16 -50.13
N GLY A 605 -20.38 4.21 -50.18
CA GLY A 605 -20.13 2.92 -49.58
C GLY A 605 -19.01 2.17 -50.27
N GLU A 606 -19.00 2.19 -51.61
CA GLU A 606 -17.95 1.50 -52.36
C GLU A 606 -16.59 2.13 -52.08
N ILE A 607 -16.53 3.46 -52.06
CA ILE A 607 -15.25 4.13 -51.83
C ILE A 607 -14.77 3.90 -50.42
N LEU A 608 -15.68 3.90 -49.44
CA LEU A 608 -15.28 3.62 -48.07
C LEU A 608 -14.76 2.19 -47.95
N TYR A 609 -15.40 1.23 -48.62
CA TYR A 609 -14.88 -0.13 -48.59
C TYR A 609 -13.53 -0.23 -49.28
N LYS A 610 -13.32 0.52 -50.34
CA LYS A 610 -12.01 0.54 -50.99
C LYS A 610 -10.95 1.09 -50.06
N LEU A 611 -11.27 2.16 -49.32
CA LEU A 611 -10.32 2.69 -48.34
C LEU A 611 -10.03 1.65 -47.26
N SER A 612 -11.07 0.94 -46.81
CA SER A 612 -10.86 -0.08 -45.79
C SER A 612 -9.97 -1.21 -46.32
N SER A 613 -10.14 -1.59 -47.58
CA SER A 613 -9.39 -2.68 -48.19
C SER A 613 -8.06 -2.24 -48.77
N MET A 614 -7.73 -0.95 -48.70
CA MET A 614 -6.41 -0.49 -49.13
C MET A 614 -5.30 -1.29 -48.47
N LYS A 615 -5.50 -1.72 -47.23
CA LYS A 615 -4.47 -2.46 -46.52
C LYS A 615 -4.14 -3.78 -47.20
N PHE A 616 -5.08 -4.37 -47.93
CA PHE A 616 -4.92 -5.70 -48.50
C PHE A 616 -3.96 -5.73 -49.69
N LYS A 617 -3.51 -4.58 -50.18
CA LYS A 617 -2.57 -4.58 -51.29
C LYS A 617 -1.29 -5.29 -50.89
N ASP A 618 -0.78 -6.13 -51.80
CA ASP A 618 0.35 -6.98 -51.50
C ASP A 618 1.62 -6.34 -52.02
N PRO A 619 2.58 -5.95 -51.17
CA PRO A 619 3.80 -5.31 -51.68
C PRO A 619 4.58 -6.17 -52.66
N VAL A 620 4.54 -7.48 -52.53
CA VAL A 620 5.32 -8.37 -53.39
C VAL A 620 4.49 -8.91 -54.55
N LYS A 621 3.31 -9.45 -54.27
CA LYS A 621 2.46 -9.95 -55.35
C LYS A 621 2.06 -8.80 -56.28
N ASP A 622 1.74 -7.64 -55.71
CA ASP A 622 1.48 -6.43 -56.46
C ASP A 622 2.65 -5.48 -56.29
N GLY A 623 3.20 -5.00 -57.39
CA GLY A 623 4.39 -4.18 -57.32
C GLY A 623 4.11 -2.85 -56.65
N GLU A 624 5.19 -2.13 -56.36
CA GLU A 624 5.06 -0.78 -55.81
C GLU A 624 4.31 0.12 -56.80
N ALA A 625 4.66 0.02 -58.08
CA ALA A 625 3.99 0.86 -59.08
C ALA A 625 2.50 0.56 -59.14
N LYS A 626 2.13 -0.72 -59.09
CA LYS A 626 0.71 -1.07 -59.12
C LYS A 626 -0.01 -0.54 -57.90
N ILE A 627 0.60 -0.65 -56.71
CA ILE A 627 -0.06 -0.18 -55.50
C ILE A 627 -0.24 1.34 -55.55
N LYS A 628 0.80 2.06 -55.97
CA LYS A 628 0.69 3.50 -56.06
C LYS A 628 -0.36 3.91 -57.09
N ALA A 629 -0.41 3.23 -58.23
CA ALA A 629 -1.41 3.55 -59.24
C ALA A 629 -2.81 3.27 -58.72
N ASP A 630 -3.00 2.16 -57.99
CA ASP A 630 -4.32 1.85 -57.45
C ASP A 630 -4.75 2.86 -56.41
N TYR A 631 -3.81 3.32 -55.57
CA TYR A 631 -4.16 4.36 -54.60
C TYR A 631 -4.50 5.66 -55.30
N ALA A 632 -3.77 6.00 -56.35
CA ALA A 632 -4.11 7.20 -57.12
C ALA A 632 -5.49 7.07 -57.76
N GLN A 633 -5.82 5.88 -58.27
CA GLN A 633 -7.14 5.65 -58.84
C GLN A 633 -8.22 5.77 -57.78
N LEU A 634 -7.96 5.27 -56.57
CA LEU A 634 -8.94 5.43 -55.49
C LEU A 634 -9.11 6.89 -55.13
N LEU A 635 -8.02 7.66 -55.15
CA LEU A 635 -8.12 9.10 -54.92
C LEU A 635 -8.98 9.76 -56.00
N GLU A 636 -8.77 9.37 -57.25
CA GLU A 636 -9.58 9.91 -58.34
C GLU A 636 -11.05 9.54 -58.16
N ASP A 637 -11.33 8.29 -57.77
CA ASP A 637 -12.70 7.88 -57.52
C ASP A 637 -13.32 8.72 -56.41
N MET A 638 -12.56 8.96 -55.34
CA MET A 638 -13.04 9.80 -54.25
C MET A 638 -13.37 11.21 -54.74
N GLN A 639 -12.46 11.79 -55.51
CA GLN A 639 -12.68 13.14 -56.02
C GLN A 639 -13.93 13.20 -56.89
N ASN A 640 -14.05 12.26 -57.82
CA ASN A 640 -15.19 12.26 -58.74
C ASN A 640 -16.50 12.03 -57.99
N ALA A 641 -16.50 11.12 -57.02
CA ALA A 641 -17.71 10.84 -56.27
C ALA A 641 -18.13 12.05 -55.43
N PHE A 642 -17.16 12.73 -54.82
CA PHE A 642 -17.50 13.93 -54.05
C PHE A 642 -18.02 15.04 -54.94
N ARG A 643 -17.40 15.22 -56.12
CA ARG A 643 -17.91 16.22 -57.05
C ARG A 643 -19.32 15.89 -57.50
N SER A 644 -19.58 14.63 -57.86
CA SER A 644 -20.92 14.22 -58.24
C SER A 644 -21.89 14.31 -57.09
N LEU A 645 -21.40 14.31 -55.85
CA LEU A 645 -22.26 14.43 -54.69
C LEU A 645 -22.60 15.89 -54.41
N GLU A 646 -21.64 16.78 -54.57
CA GLU A 646 -21.84 18.20 -54.30
C GLU A 646 -22.31 18.93 -55.57
N THR B 47 35.88 13.29 32.72
CA THR B 47 36.01 14.72 32.42
C THR B 47 35.70 14.98 30.95
N PHE B 48 36.38 14.26 30.07
CA PHE B 48 36.16 14.41 28.63
C PHE B 48 36.46 13.08 27.96
N GLY B 49 35.57 12.67 27.06
CA GLY B 49 35.72 11.42 26.34
C GLY B 49 36.43 11.62 25.00
N TYR B 50 36.34 10.58 24.18
CA TYR B 50 36.94 10.62 22.86
C TYR B 50 35.92 10.16 21.82
N VAL B 51 36.05 10.67 20.60
CA VAL B 51 35.20 10.24 19.51
C VAL B 51 35.61 8.83 19.08
N HIS B 52 34.63 7.93 19.00
CA HIS B 52 34.89 6.59 18.51
C HIS B 52 34.46 6.39 17.07
N GLY B 53 33.37 7.04 16.65
CA GLY B 53 32.92 6.91 15.28
C GLY B 53 32.07 8.12 14.91
N VAL B 54 31.89 8.30 13.60
CA VAL B 54 31.10 9.40 13.08
C VAL B 54 30.26 8.87 11.92
N SER B 55 29.01 9.31 11.86
CA SER B 55 28.11 8.96 10.76
C SER B 55 27.11 10.10 10.63
N GLY B 56 27.34 10.98 9.67
CA GLY B 56 26.52 12.17 9.54
C GLY B 56 26.56 12.97 10.83
N PRO B 57 25.39 13.41 11.31
CA PRO B 57 25.35 14.16 12.58
C PRO B 57 25.48 13.28 13.80
N VAL B 58 25.51 11.96 13.65
CA VAL B 58 25.50 11.03 14.78
C VAL B 58 26.94 10.61 15.04
N VAL B 59 27.53 11.18 16.08
CA VAL B 59 28.83 10.75 16.55
C VAL B 59 28.62 9.69 17.62
N THR B 60 29.65 8.90 17.88
CA THR B 60 29.65 7.92 18.96
C THR B 60 30.96 8.09 19.70
N ALA B 61 30.89 8.55 20.95
CA ALA B 61 32.06 8.91 21.73
C ALA B 61 32.29 7.89 22.83
N CYS B 62 33.53 7.42 22.95
CA CYS B 62 33.89 6.44 23.96
C CYS B 62 34.39 7.15 25.21
N ASP B 63 34.62 6.36 26.26
CA ASP B 63 35.11 6.89 27.53
C ASP B 63 34.15 7.92 28.11
N MET B 64 32.84 7.64 27.99
CA MET B 64 31.81 8.54 28.48
C MET B 64 31.02 7.85 29.59
N ALA B 65 31.74 7.24 30.54
CA ALA B 65 31.09 6.36 31.50
C ALA B 65 29.93 7.03 32.22
N GLY B 66 30.18 8.20 32.80
CA GLY B 66 29.20 8.88 33.63
C GLY B 66 28.30 9.87 32.92
N ALA B 67 28.39 9.99 31.61
CA ALA B 67 27.62 11.00 30.90
C ALA B 67 26.12 10.73 31.04
N ALA B 68 25.34 11.82 31.08
CA ALA B 68 23.91 11.74 31.27
C ALA B 68 23.18 11.94 29.95
N MET B 69 22.01 11.33 29.85
CA MET B 69 21.22 11.42 28.62
C MET B 69 20.84 12.88 28.36
N TYR B 70 20.83 13.24 27.08
CA TYR B 70 20.47 14.58 26.63
C TYR B 70 21.38 15.65 27.21
N GLU B 71 22.53 15.24 27.74
CA GLU B 71 23.54 16.18 28.18
C GLU B 71 24.24 16.80 26.97
N LEU B 72 24.81 17.99 27.17
CA LEU B 72 25.53 18.67 26.11
C LEU B 72 27.00 18.29 26.15
N VAL B 73 27.60 18.14 24.96
CA VAL B 73 29.01 17.84 24.83
C VAL B 73 29.56 18.69 23.68
N ARG B 74 30.88 18.82 23.65
CA ARG B 74 31.59 19.55 22.60
C ARG B 74 32.49 18.56 21.87
N VAL B 75 32.13 18.25 20.63
CA VAL B 75 32.79 17.19 19.85
C VAL B 75 33.80 17.83 18.91
N GLY B 76 35.00 17.29 18.88
CA GLY B 76 36.02 17.73 17.96
C GLY B 76 36.91 18.83 18.54
N HIS B 77 37.94 19.17 17.78
CA HIS B 77 38.84 20.26 18.16
C HIS B 77 38.20 21.62 17.97
N SER B 78 37.16 21.71 17.14
CA SER B 78 36.38 22.94 17.00
C SER B 78 35.25 23.04 18.00
N GLU B 79 35.03 22.00 18.80
CA GLU B 79 34.02 22.01 19.85
C GLU B 79 32.62 22.26 19.28
N LEU B 80 32.21 21.38 18.37
CA LEU B 80 30.84 21.42 17.85
C LEU B 80 29.87 20.98 18.93
N VAL B 81 28.75 21.70 19.03
CA VAL B 81 27.74 21.37 20.02
C VAL B 81 27.09 20.03 19.66
N GLY B 82 26.91 19.20 20.67
CA GLY B 82 26.22 17.93 20.48
C GLY B 82 25.46 17.57 21.72
N GLU B 83 24.48 16.68 21.56
CA GLU B 83 23.60 16.28 22.64
C GLU B 83 23.55 14.77 22.71
N ILE B 84 23.79 14.22 23.90
CA ILE B 84 23.83 12.77 24.09
C ILE B 84 22.40 12.25 24.02
N ILE B 85 22.14 11.35 23.06
CA ILE B 85 20.80 10.83 22.82
C ILE B 85 20.69 9.35 23.16
N ARG B 86 21.78 8.70 23.56
CA ARG B 86 21.75 7.28 23.83
C ARG B 86 23.05 6.87 24.49
N LEU B 87 22.97 5.92 25.41
CA LEU B 87 24.13 5.42 26.15
C LEU B 87 24.20 3.91 26.00
N GLU B 88 25.42 3.40 25.82
CA GLU B 88 25.64 1.96 25.70
C GLU B 88 26.91 1.63 26.45
N GLY B 89 26.77 1.26 27.73
CA GLY B 89 27.94 1.00 28.53
C GLY B 89 28.71 2.28 28.78
N ASP B 90 29.92 2.38 28.21
CA ASP B 90 30.74 3.58 28.33
C ASP B 90 30.83 4.36 27.03
N MET B 91 29.91 4.14 26.09
CA MET B 91 29.88 4.88 24.84
C MET B 91 28.56 5.61 24.73
N ALA B 92 28.61 6.85 24.26
CA ALA B 92 27.44 7.70 24.14
C ALA B 92 27.26 8.13 22.70
N THR B 93 26.06 7.94 22.18
CA THR B 93 25.71 8.46 20.85
C THR B 93 25.29 9.92 20.99
N ILE B 94 25.79 10.76 20.08
CA ILE B 94 25.68 12.21 20.19
C ILE B 94 25.10 12.73 18.90
N GLN B 95 23.96 13.41 18.98
CA GLN B 95 23.43 14.14 17.83
C GLN B 95 24.10 15.51 17.81
N VAL B 96 24.89 15.76 16.76
CA VAL B 96 25.70 16.98 16.69
C VAL B 96 24.88 18.08 16.04
N TYR B 97 25.02 19.30 16.55
CA TYR B 97 24.27 20.44 16.08
C TYR B 97 25.01 21.24 15.02
N GLU B 98 26.08 20.69 14.45
CA GLU B 98 26.83 21.36 13.40
C GLU B 98 27.34 20.30 12.42
N GLU B 99 27.86 20.77 11.29
CA GLU B 99 28.38 19.86 10.28
C GLU B 99 29.54 19.06 10.84
N THR B 100 29.47 17.74 10.72
CA THR B 100 30.48 16.84 11.28
C THR B 100 31.60 16.51 10.31
N SER B 101 31.60 17.08 9.12
CA SER B 101 32.69 16.83 8.17
C SER B 101 34.02 17.22 8.80
N GLY B 102 35.00 16.33 8.69
CA GLY B 102 36.31 16.58 9.24
C GLY B 102 36.50 16.09 10.66
N VAL B 103 35.45 15.63 11.33
CA VAL B 103 35.61 15.10 12.69
C VAL B 103 36.17 13.69 12.60
N SER B 104 37.35 13.50 13.19
CA SER B 104 38.10 12.26 13.08
C SER B 104 38.02 11.48 14.39
N VAL B 105 38.14 10.16 14.29
CA VAL B 105 38.13 9.31 15.47
C VAL B 105 39.29 9.69 16.37
N GLY B 106 39.06 9.62 17.68
CA GLY B 106 40.02 10.07 18.66
C GLY B 106 39.91 11.53 19.03
N ASP B 107 39.05 12.28 18.35
CA ASP B 107 38.87 13.68 18.68
C ASP B 107 38.33 13.82 20.11
N PRO B 108 38.77 14.81 20.87
CA PRO B 108 38.23 14.98 22.22
C PRO B 108 36.76 15.32 22.18
N VAL B 109 36.05 14.93 23.24
CA VAL B 109 34.63 15.23 23.42
C VAL B 109 34.48 15.77 24.83
N LEU B 110 34.47 17.09 24.96
CA LEU B 110 34.30 17.72 26.26
C LEU B 110 32.90 17.45 26.79
N ARG B 111 32.81 17.03 28.05
CA ARG B 111 31.57 16.61 28.68
C ARG B 111 31.06 17.74 29.58
N THR B 112 30.31 18.67 28.99
CA THR B 112 29.65 19.70 29.77
C THR B 112 28.48 19.09 30.54
N GLY B 113 28.25 19.59 31.75
CA GLY B 113 27.30 18.99 32.65
C GLY B 113 25.85 19.37 32.47
N LYS B 114 25.53 20.25 31.52
CA LYS B 114 24.18 20.79 31.39
C LYS B 114 23.52 20.30 30.11
N PRO B 115 22.19 20.26 30.07
CA PRO B 115 21.49 19.92 28.83
C PRO B 115 21.37 21.15 27.93
N LEU B 116 20.72 20.97 26.79
CA LEU B 116 20.49 22.09 25.88
C LEU B 116 19.64 23.14 26.58
N SER B 117 20.23 24.29 26.87
CA SER B 117 19.56 25.32 27.63
C SER B 117 19.78 26.68 26.98
N VAL B 118 18.87 27.60 27.28
CA VAL B 118 18.84 28.93 26.71
C VAL B 118 19.16 29.94 27.80
N GLU B 119 19.84 31.02 27.42
CA GLU B 119 20.10 32.13 28.32
C GLU B 119 18.95 33.12 28.26
N LEU B 120 18.16 33.20 29.32
CA LEU B 120 16.99 34.07 29.40
C LEU B 120 17.38 35.29 30.22
N GLY B 121 17.26 36.47 29.62
CA GLY B 121 17.60 37.69 30.28
C GLY B 121 17.51 38.86 29.34
N PRO B 122 17.94 40.04 29.78
CA PRO B 122 17.92 41.21 28.91
C PRO B 122 18.72 40.96 27.64
N GLY B 123 18.16 41.39 26.51
CA GLY B 123 18.78 41.21 25.21
C GLY B 123 18.04 40.26 24.29
N ILE B 124 16.98 39.61 24.76
CA ILE B 124 16.22 38.73 23.88
C ILE B 124 15.43 39.56 22.87
N MET B 125 14.79 40.64 23.33
CA MET B 125 13.92 41.41 22.45
C MET B 125 14.72 42.02 21.31
N GLY B 126 14.20 41.88 20.09
CA GLY B 126 14.90 42.37 18.93
C GLY B 126 16.08 41.53 18.51
N ALA B 127 16.26 40.36 19.10
CA ALA B 127 17.39 39.50 18.79
C ALA B 127 16.97 38.42 17.80
N ILE B 128 17.84 38.16 16.83
CA ILE B 128 17.65 37.11 15.85
C ILE B 128 18.56 35.96 16.23
N PHE B 129 17.98 34.79 16.49
CA PHE B 129 18.68 33.66 17.06
C PHE B 129 18.71 32.48 16.09
N ASP B 130 19.78 31.71 16.13
CA ASP B 130 19.81 30.43 15.45
C ASP B 130 18.89 29.47 16.19
N GLY B 131 18.74 28.26 15.64
CA GLY B 131 17.87 27.28 16.26
C GLY B 131 18.26 26.93 17.68
N ILE B 132 19.52 27.17 18.07
CA ILE B 132 19.99 26.80 19.40
C ILE B 132 20.51 28.01 20.14
N GLN B 133 19.84 29.15 19.97
CA GLN B 133 20.07 30.39 20.73
C GLN B 133 21.28 31.17 20.23
N ARG B 134 22.03 30.67 19.26
CA ARG B 134 23.18 31.42 18.76
C ARG B 134 22.70 32.72 18.13
N PRO B 135 23.28 33.87 18.49
CA PRO B 135 22.81 35.15 17.94
C PRO B 135 23.42 35.41 16.57
N LEU B 136 22.57 35.40 15.53
CA LEU B 136 23.09 35.58 14.18
C LEU B 136 23.69 36.98 14.00
N SER B 137 23.02 38.01 14.52
CA SER B 137 23.53 39.37 14.35
C SER B 137 24.87 39.54 15.06
N ASP B 138 25.00 39.00 16.27
CA ASP B 138 26.27 39.11 16.98
C ASP B 138 27.36 38.31 16.28
N ILE B 139 27.01 37.15 15.71
CA ILE B 139 27.99 36.39 14.95
C ILE B 139 28.50 37.22 13.77
N SER B 140 27.57 37.85 13.05
CA SER B 140 27.96 38.67 11.90
C SER B 140 28.85 39.82 12.33
N SER B 141 28.48 40.51 13.41
CA SER B 141 29.27 41.65 13.86
C SER B 141 30.65 41.21 14.34
N GLN B 142 30.75 40.09 15.06
CA GLN B 142 32.01 39.66 15.62
C GLN B 142 32.95 39.09 14.56
N THR B 143 32.42 38.30 13.63
CA THR B 143 33.24 37.68 12.60
C THR B 143 33.50 38.59 11.42
N GLN B 144 32.65 39.58 11.17
CA GLN B 144 32.79 40.47 10.02
C GLN B 144 32.76 39.70 8.71
N SER B 145 31.99 38.61 8.67
CA SER B 145 31.88 37.79 7.47
C SER B 145 30.46 37.24 7.40
N ILE B 146 30.06 36.83 6.19
CA ILE B 146 28.69 36.38 5.97
C ILE B 146 28.48 34.92 6.33
N TYR B 147 29.46 34.26 6.92
CA TYR B 147 29.41 32.83 7.20
C TYR B 147 29.31 32.61 8.70
N ILE B 148 28.59 31.55 9.08
CA ILE B 148 28.51 31.13 10.47
C ILE B 148 29.67 30.18 10.74
N PRO B 149 30.73 30.62 11.41
CA PRO B 149 31.87 29.72 11.62
C PRO B 149 31.45 28.48 12.39
N ARG B 150 32.01 27.33 12.02
CA ARG B 150 31.70 26.10 12.73
C ARG B 150 32.27 26.18 14.14
N GLY B 151 31.44 25.80 15.12
CA GLY B 151 31.87 25.86 16.50
C GLY B 151 31.97 27.24 17.07
N VAL B 152 31.28 28.22 16.49
CA VAL B 152 31.29 29.57 17.03
C VAL B 152 30.64 29.56 18.40
N ASN B 153 31.24 30.28 19.34
CA ASN B 153 30.82 30.27 20.74
C ASN B 153 30.62 31.67 21.26
N VAL B 154 29.89 32.49 20.50
CA VAL B 154 29.53 33.83 20.97
C VAL B 154 28.38 33.70 21.95
N SER B 155 28.42 34.52 23.01
CA SER B 155 27.38 34.46 24.03
C SER B 155 26.03 34.81 23.43
N ALA B 156 25.00 34.07 23.85
CA ALA B 156 23.65 34.33 23.35
C ALA B 156 23.19 35.73 23.72
N LEU B 157 23.46 36.15 24.95
CA LEU B 157 23.12 37.48 25.43
C LEU B 157 24.40 38.26 25.67
N SER B 158 24.50 39.42 25.04
CA SER B 158 25.71 40.23 25.14
C SER B 158 26.00 40.58 26.60
N ARG B 159 27.25 40.45 26.99
CA ARG B 159 27.70 40.82 28.33
C ARG B 159 28.37 42.19 28.38
N ASP B 160 28.30 42.96 27.29
CA ASP B 160 28.91 44.29 27.25
C ASP B 160 27.89 45.41 27.29
N ILE B 161 26.61 45.12 27.08
CA ILE B 161 25.58 46.15 27.07
C ILE B 161 25.21 46.50 28.51
N LYS B 162 25.29 47.78 28.83
CA LYS B 162 24.90 48.26 30.16
C LYS B 162 23.38 48.37 30.24
N TRP B 163 22.78 47.69 31.20
CA TRP B 163 21.34 47.65 31.37
C TRP B 163 20.94 48.47 32.58
N GLU B 164 19.87 49.27 32.42
CA GLU B 164 19.33 50.10 33.49
C GLU B 164 18.52 49.21 34.42
N PHE B 165 19.09 48.87 35.57
CA PHE B 165 18.47 47.94 36.51
C PHE B 165 17.96 48.72 37.72
N ILE B 166 16.70 48.49 38.08
CA ILE B 166 16.06 49.13 39.23
C ILE B 166 15.49 48.02 40.11
N PRO B 167 15.99 47.81 41.33
CA PRO B 167 15.46 46.74 42.18
C PRO B 167 14.04 47.06 42.65
N SER B 168 13.30 45.99 42.95
CA SER B 168 12.03 46.15 43.63
C SER B 168 12.26 46.82 44.98
N LYS B 169 11.74 48.03 45.15
CA LYS B 169 12.09 48.84 46.31
C LYS B 169 11.75 48.14 47.61
N ASN B 170 10.67 47.36 47.64
CA ASN B 170 10.23 46.76 48.90
C ASN B 170 11.14 45.63 49.36
N LEU B 171 12.05 45.16 48.51
CA LEU B 171 12.98 44.12 48.94
C LEU B 171 14.06 44.72 49.86
N ARG B 172 14.71 43.84 50.60
CA ARG B 172 15.74 44.25 51.54
C ARG B 172 16.62 43.05 51.87
N VAL B 173 17.70 43.31 52.60
CA VAL B 173 18.58 42.23 53.03
C VAL B 173 17.84 41.38 54.05
N GLY B 174 17.80 40.07 53.81
CA GLY B 174 17.16 39.14 54.70
C GLY B 174 15.73 38.78 54.32
N SER B 175 15.12 39.50 53.40
CA SER B 175 13.76 39.18 52.98
C SER B 175 13.74 37.85 52.24
N HIS B 176 12.67 37.10 52.43
CA HIS B 176 12.53 35.78 51.82
C HIS B 176 11.98 35.91 50.41
N ILE B 177 12.64 35.25 49.45
CA ILE B 177 12.18 35.23 48.06
C ILE B 177 12.29 33.80 47.55
N THR B 178 11.53 33.52 46.49
CA THR B 178 11.42 32.20 45.91
C THR B 178 11.50 32.31 44.40
N GLY B 179 11.43 31.16 43.73
CA GLY B 179 11.50 31.13 42.28
C GLY B 179 10.38 31.93 41.64
N GLY B 180 10.73 32.76 40.65
CA GLY B 180 9.75 33.57 39.96
C GLY B 180 9.54 34.94 40.56
N ASP B 181 10.15 35.25 41.68
CA ASP B 181 10.00 36.56 42.30
C ASP B 181 10.70 37.61 41.46
N ILE B 182 9.97 38.66 41.09
CA ILE B 182 10.53 39.78 40.33
C ILE B 182 11.32 40.64 41.30
N TYR B 183 12.64 40.46 41.34
CA TYR B 183 13.46 41.21 42.27
C TYR B 183 14.10 42.44 41.63
N GLY B 184 13.76 42.74 40.39
CA GLY B 184 14.27 43.94 39.74
C GLY B 184 13.70 44.04 38.34
N ILE B 185 13.74 45.25 37.81
CA ILE B 185 13.23 45.53 36.48
C ILE B 185 14.32 46.23 35.67
N VAL B 186 14.52 45.75 34.45
CA VAL B 186 15.51 46.30 33.53
C VAL B 186 14.78 47.00 32.40
N ASN B 187 15.07 48.29 32.21
CA ASN B 187 14.48 49.06 31.13
C ASN B 187 15.11 48.63 29.81
N GLU B 188 14.65 47.48 29.33
CA GLU B 188 15.22 46.90 28.12
C GLU B 188 15.04 47.84 26.92
N ASN B 189 13.85 48.40 26.76
CA ASN B 189 13.58 49.37 25.72
C ASN B 189 12.31 50.12 26.10
N SER B 190 11.83 50.97 25.18
CA SER B 190 10.69 51.81 25.49
C SER B 190 9.42 51.03 25.75
N LEU B 191 9.34 49.78 25.29
CA LEU B 191 8.10 49.02 25.37
C LEU B 191 8.14 47.93 26.43
N ILE B 192 9.13 47.06 26.38
CA ILE B 192 9.19 45.90 27.28
C ILE B 192 10.03 46.28 28.49
N LYS B 193 9.42 46.23 29.67
CA LYS B 193 10.13 46.37 30.93
C LYS B 193 10.53 44.96 31.37
N HIS B 194 11.81 44.63 31.24
CA HIS B 194 12.28 43.27 31.48
C HIS B 194 12.32 43.05 32.99
N LYS B 195 11.39 42.25 33.49
CA LYS B 195 11.30 41.97 34.91
C LYS B 195 12.26 40.84 35.25
N ILE B 196 13.23 41.13 36.11
CA ILE B 196 14.26 40.15 36.45
C ILE B 196 13.70 39.24 37.53
N MET B 197 13.33 38.02 37.15
CA MET B 197 12.71 37.06 38.04
C MET B 197 13.75 36.08 38.58
N LEU B 198 13.63 35.76 39.85
CA LEU B 198 14.49 34.75 40.44
C LEU B 198 14.25 33.42 39.72
N PRO B 199 15.30 32.67 39.38
CA PRO B 199 15.10 31.43 38.62
C PRO B 199 14.18 30.48 39.36
N PRO B 200 13.32 29.75 38.65
CA PRO B 200 12.53 28.72 39.33
C PRO B 200 13.44 27.68 39.96
N ARG B 201 12.99 27.10 41.06
CA ARG B 201 13.79 26.16 41.83
C ARG B 201 14.94 26.85 42.54
N SER B 202 14.84 28.17 42.70
CA SER B 202 15.73 28.95 43.53
C SER B 202 14.92 29.63 44.62
N ARG B 203 15.57 29.89 45.75
CA ARG B 203 14.86 30.39 46.92
C ARG B 203 15.87 30.73 47.99
N GLY B 204 15.48 31.61 48.91
CA GLY B 204 16.29 31.88 50.07
C GLY B 204 16.10 33.31 50.55
N SER B 205 17.01 33.70 51.44
CA SER B 205 17.01 35.04 52.03
C SER B 205 18.01 35.92 51.30
N VAL B 206 17.56 37.10 50.88
CA VAL B 206 18.39 38.02 50.11
C VAL B 206 19.49 38.54 51.04
N THR B 207 20.73 38.09 50.83
CA THR B 207 21.84 38.62 51.59
C THR B 207 22.47 39.83 50.93
N TYR B 208 22.08 40.15 49.70
CA TYR B 208 22.53 41.36 49.01
C TYR B 208 21.68 41.62 47.77
N ILE B 209 21.14 42.82 47.65
CA ILE B 209 20.44 43.26 46.45
C ILE B 209 21.13 44.54 45.97
N ALA B 210 21.50 44.56 44.69
CA ALA B 210 22.26 45.68 44.17
C ALA B 210 21.39 46.93 44.13
N PRO B 211 21.99 48.11 44.33
CA PRO B 211 21.22 49.35 44.27
C PRO B 211 20.88 49.70 42.83
N PRO B 212 19.93 50.61 42.62
CA PRO B 212 19.60 51.00 41.24
C PRO B 212 20.82 51.54 40.52
N GLY B 213 20.93 51.19 39.24
CA GLY B 213 22.07 51.67 38.47
C GLY B 213 22.12 51.03 37.10
N ASN B 214 23.34 50.86 36.60
CA ASN B 214 23.59 50.23 35.31
C ASN B 214 24.51 49.03 35.53
N TYR B 215 24.08 47.87 35.04
CA TYR B 215 24.80 46.63 35.27
C TYR B 215 24.89 45.84 33.97
N ASP B 216 25.98 45.09 33.83
CA ASP B 216 26.14 44.17 32.72
C ASP B 216 25.21 42.97 32.92
N ALA B 217 25.10 42.16 31.86
CA ALA B 217 24.42 40.89 31.99
C ALA B 217 25.23 39.87 32.78
N SER B 218 26.48 40.19 33.09
CA SER B 218 27.34 39.30 33.88
C SER B 218 27.53 39.78 35.31
N ASP B 219 27.24 41.05 35.60
CA ASP B 219 27.41 41.56 36.95
C ASP B 219 26.48 40.83 37.91
N VAL B 220 26.98 40.59 39.13
CA VAL B 220 26.15 39.98 40.17
C VAL B 220 25.19 41.05 40.69
N VAL B 221 23.91 40.86 40.42
CA VAL B 221 22.90 41.84 40.78
C VAL B 221 22.14 41.45 42.05
N LEU B 222 21.94 40.17 42.30
CA LEU B 222 21.32 39.70 43.53
C LEU B 222 22.14 38.54 44.07
N GLU B 223 22.02 38.30 45.36
CA GLU B 223 22.80 37.24 45.99
C GLU B 223 22.03 36.79 47.24
N LEU B 224 21.66 35.51 47.27
CA LEU B 224 20.76 35.02 48.30
C LEU B 224 21.31 33.73 48.90
N GLU B 225 21.02 33.53 50.18
CA GLU B 225 21.53 32.40 50.94
C GLU B 225 20.37 31.46 51.28
N PHE B 226 20.62 30.16 51.15
CA PHE B 226 19.65 29.16 51.55
C PHE B 226 20.39 27.96 52.11
N GLU B 227 19.99 27.52 53.30
CA GLU B 227 20.66 26.42 53.99
C GLU B 227 22.16 26.69 54.10
N GLY B 228 22.51 27.94 54.35
CA GLY B 228 23.90 28.33 54.48
C GLY B 228 24.66 28.46 53.18
N VAL B 229 24.15 27.92 52.09
CA VAL B 229 24.83 28.01 50.80
C VAL B 229 24.41 29.29 50.10
N LYS B 230 25.39 30.05 49.64
CA LYS B 230 25.15 31.35 49.02
C LYS B 230 25.18 31.21 47.50
N GLU B 231 24.10 31.64 46.85
CA GLU B 231 23.97 31.57 45.41
C GLU B 231 23.89 32.99 44.87
N LYS B 232 24.76 33.30 43.91
CA LYS B 232 24.87 34.63 43.33
C LYS B 232 24.23 34.62 41.95
N LEU B 233 23.28 35.54 41.73
CA LEU B 233 22.50 35.58 40.51
C LEU B 233 22.73 36.91 39.81
N SER B 234 23.09 36.84 38.54
CA SER B 234 23.13 38.00 37.65
C SER B 234 21.75 38.13 36.99
N MET B 235 21.65 38.94 35.95
CA MET B 235 20.37 39.19 35.31
C MET B 235 19.99 38.14 34.27
N VAL B 236 20.88 37.20 33.96
CA VAL B 236 20.63 36.16 32.96
C VAL B 236 20.59 34.82 33.66
N GLN B 237 19.55 34.04 33.36
CA GLN B 237 19.36 32.72 33.95
C GLN B 237 19.35 31.68 32.83
N VAL B 238 20.02 30.56 33.06
CA VAL B 238 20.08 29.50 32.07
C VAL B 238 19.00 28.49 32.38
N TRP B 239 18.18 28.16 31.38
CA TRP B 239 17.07 27.23 31.58
C TRP B 239 17.06 26.17 30.48
N PRO B 240 16.94 24.89 30.81
CA PRO B 240 16.86 23.86 29.76
C PRO B 240 15.67 24.09 28.84
N VAL B 241 15.87 23.86 27.55
CA VAL B 241 14.82 24.14 26.59
C VAL B 241 13.72 23.09 26.62
N ARG B 242 14.03 21.87 27.05
CA ARG B 242 13.08 20.76 27.00
C ARG B 242 12.31 20.59 28.31
N GLN B 243 12.51 21.47 29.28
CA GLN B 243 11.83 21.40 30.57
C GLN B 243 10.77 22.50 30.64
N VAL B 244 9.56 22.13 31.04
CA VAL B 244 8.47 23.09 31.14
C VAL B 244 8.73 24.02 32.32
N ARG B 245 8.66 25.32 32.08
CA ARG B 245 8.86 26.30 33.14
C ARG B 245 7.69 26.26 34.10
N PRO B 246 7.91 26.10 35.41
CA PRO B 246 6.78 25.92 36.32
C PRO B 246 5.95 27.18 36.47
N VAL B 247 4.67 26.98 36.76
CA VAL B 247 3.74 28.06 37.05
C VAL B 247 2.88 27.65 38.25
N THR B 248 2.31 28.65 38.91
CA THR B 248 1.48 28.37 40.08
C THR B 248 0.23 27.58 39.68
N GLU B 249 -0.40 27.95 38.56
CA GLU B 249 -1.64 27.31 38.16
C GLU B 249 -1.97 27.66 36.71
N LYS B 250 -2.28 26.65 35.90
CA LYS B 250 -2.71 26.89 34.53
C LYS B 250 -4.21 27.18 34.53
N LEU B 251 -4.56 28.44 34.30
CA LEU B 251 -5.93 28.89 34.32
C LEU B 251 -6.60 28.68 32.98
N PRO B 252 -7.93 28.63 32.93
CA PRO B 252 -8.61 28.52 31.64
C PRO B 252 -8.39 29.77 30.80
N ALA B 253 -8.39 29.58 29.48
CA ALA B 253 -8.27 30.69 28.54
C ALA B 253 -9.65 31.28 28.29
N ASN B 254 -9.82 32.56 28.60
CA ASN B 254 -11.13 33.19 28.49
C ASN B 254 -11.07 34.59 27.87
N HIS B 255 -10.12 34.85 26.99
CA HIS B 255 -10.03 36.15 26.33
C HIS B 255 -9.56 35.93 24.90
N PRO B 256 -10.25 36.47 23.91
CA PRO B 256 -9.87 36.19 22.52
C PRO B 256 -8.52 36.78 22.17
N LEU B 257 -7.80 36.07 21.30
CA LEU B 257 -6.57 36.56 20.71
C LEU B 257 -6.92 36.99 19.29
N LEU B 258 -7.05 38.30 19.09
CA LEU B 258 -7.61 38.81 17.84
C LEU B 258 -6.56 38.79 16.75
N THR B 259 -6.73 37.91 15.77
CA THR B 259 -6.04 38.06 14.51
C THR B 259 -6.72 39.17 13.70
N GLY B 260 -6.16 39.49 12.55
CA GLY B 260 -6.75 40.53 11.73
C GLY B 260 -7.91 40.11 10.88
N GLN B 261 -8.18 38.81 10.79
CA GLN B 261 -9.13 38.28 9.82
C GLN B 261 -10.50 38.13 10.45
N ARG B 262 -11.54 38.55 9.73
CA ARG B 262 -12.89 38.40 10.22
C ARG B 262 -13.27 36.93 10.33
N VAL B 263 -12.88 36.11 9.36
CA VAL B 263 -13.23 34.69 9.38
C VAL B 263 -12.66 34.02 10.63
N LEU B 264 -11.41 34.31 10.96
CA LEU B 264 -10.78 33.68 12.11
C LEU B 264 -11.30 34.26 13.42
N ASP B 265 -11.53 35.57 13.48
CA ASP B 265 -11.98 36.19 14.71
C ASP B 265 -13.40 35.79 15.06
N ALA B 266 -14.27 35.68 14.06
CA ALA B 266 -15.68 35.43 14.31
C ALA B 266 -16.04 33.96 14.26
N LEU B 267 -15.78 33.31 13.12
CA LEU B 267 -16.24 31.94 12.93
C LEU B 267 -15.44 30.96 13.78
N PHE B 268 -14.14 31.15 13.87
CA PHE B 268 -13.23 30.20 14.52
C PHE B 268 -12.30 30.95 15.45
N PRO B 269 -12.80 31.42 16.58
CA PRO B 269 -11.99 32.28 17.45
C PRO B 269 -10.79 31.55 18.03
N CYS B 270 -9.75 32.34 18.29
CA CYS B 270 -8.59 31.92 19.08
C CYS B 270 -8.57 32.73 20.37
N VAL B 271 -7.87 32.20 21.38
CA VAL B 271 -7.83 32.83 22.69
C VAL B 271 -6.39 32.97 23.14
N GLN B 272 -6.18 33.87 24.09
CA GLN B 272 -4.88 34.01 24.72
C GLN B 272 -4.56 32.76 25.52
N GLY B 273 -3.37 32.20 25.31
CA GLY B 273 -3.10 30.88 25.82
C GLY B 273 -3.69 29.78 24.99
N GLY B 274 -4.12 30.08 23.78
CA GLY B 274 -4.68 29.06 22.91
C GLY B 274 -3.61 28.22 22.26
N THR B 275 -4.05 27.18 21.58
CA THR B 275 -3.18 26.23 20.90
C THR B 275 -3.78 25.98 19.53
N THR B 276 -3.25 26.67 18.51
CA THR B 276 -3.85 26.69 17.18
C THR B 276 -2.95 25.98 16.19
N ALA B 277 -3.56 25.37 15.18
CA ALA B 277 -2.85 24.79 14.05
C ALA B 277 -3.32 25.48 12.77
N ILE B 278 -2.38 25.91 11.95
CA ILE B 278 -2.70 26.67 10.74
C ILE B 278 -1.93 26.08 9.57
N PRO B 279 -2.54 25.91 8.40
CA PRO B 279 -1.78 25.41 7.25
C PRO B 279 -0.76 26.44 6.78
N GLY B 280 0.32 25.96 6.19
CA GLY B 280 1.37 26.83 5.70
C GLY B 280 1.25 27.13 4.23
N ALA B 281 0.02 27.14 3.70
CA ALA B 281 -0.19 27.35 2.28
C ALA B 281 0.19 28.76 1.87
N PHE B 282 0.58 28.90 0.61
CA PHE B 282 0.93 30.21 0.08
C PHE B 282 -0.30 31.09 -0.08
N GLY B 283 -0.06 32.39 -0.13
CA GLY B 283 -1.11 33.40 -0.18
C GLY B 283 -1.62 33.74 1.20
N CYS B 284 -1.81 32.73 2.05
CA CYS B 284 -2.19 32.91 3.45
C CYS B 284 -1.01 32.52 4.34
N GLY B 285 -1.21 32.67 5.64
CA GLY B 285 -0.18 32.33 6.60
C GLY B 285 0.86 33.42 6.78
N LYS B 286 2.09 33.14 6.35
CA LYS B 286 3.16 34.11 6.52
C LYS B 286 2.86 35.42 5.80
N THR B 287 1.98 35.39 4.81
CA THR B 287 1.68 36.59 4.04
C THR B 287 1.08 37.68 4.91
N VAL B 288 0.05 37.34 5.68
CA VAL B 288 -0.73 38.33 6.41
C VAL B 288 -0.79 37.98 7.90
N ILE B 289 -1.20 36.75 8.20
CA ILE B 289 -1.63 36.42 9.56
C ILE B 289 -0.49 36.67 10.55
N SER B 290 0.71 36.21 10.24
CA SER B 290 1.83 36.37 11.16
C SER B 290 2.13 37.85 11.40
N GLN B 291 2.30 38.61 10.31
CA GLN B 291 2.60 40.03 10.46
C GLN B 291 1.42 40.79 11.03
N SER B 292 0.19 40.34 10.78
CA SER B 292 -0.96 41.00 11.35
C SER B 292 -1.02 40.80 12.87
N LEU B 293 -0.74 39.58 13.32
CA LEU B 293 -0.58 39.34 14.76
C LEU B 293 0.53 40.22 15.32
N SER B 294 1.62 40.36 14.56
CA SER B 294 2.73 41.18 15.04
C SER B 294 2.32 42.64 15.22
N LYS B 295 1.74 43.23 14.18
CA LYS B 295 1.48 44.66 14.19
C LYS B 295 0.49 45.05 15.28
N TYR B 296 -0.60 44.30 15.44
CA TYR B 296 -1.57 44.61 16.48
C TYR B 296 -2.30 43.33 16.88
N SER B 297 -2.47 43.15 18.19
CA SER B 297 -3.20 42.03 18.76
C SER B 297 -3.19 42.23 20.27
N ASN B 298 -3.92 41.37 20.97
CA ASN B 298 -3.93 41.44 22.44
C ASN B 298 -2.59 41.08 23.04
N SER B 299 -1.69 40.45 22.28
CA SER B 299 -0.43 39.97 22.84
C SER B 299 0.54 41.11 23.10
N ASP B 300 1.40 40.91 24.09
CA ASP B 300 2.40 41.90 24.48
C ASP B 300 3.80 41.56 23.99
N VAL B 301 4.03 40.34 23.50
CA VAL B 301 5.32 39.91 22.98
C VAL B 301 5.07 38.89 21.88
N ILE B 302 5.96 38.86 20.90
CA ILE B 302 5.89 37.91 19.79
C ILE B 302 7.21 37.14 19.73
N ILE B 303 7.12 35.82 19.70
CA ILE B 303 8.28 34.96 19.52
C ILE B 303 8.01 34.13 18.27
N TYR B 304 8.88 34.25 17.27
CA TYR B 304 8.62 33.70 15.95
C TYR B 304 9.77 32.78 15.56
N VAL B 305 9.48 31.49 15.45
CA VAL B 305 10.51 30.48 15.25
C VAL B 305 10.35 29.90 13.84
N GLY B 306 11.37 30.09 13.01
CA GLY B 306 11.41 29.52 11.68
C GLY B 306 11.98 28.12 11.65
N CYS B 307 11.18 27.13 12.04
CA CYS B 307 11.71 25.78 12.22
C CYS B 307 12.43 25.26 10.98
N GLY B 308 11.75 25.30 9.83
CA GLY B 308 12.33 24.80 8.60
C GLY B 308 12.21 25.79 7.45
N GLU B 309 12.34 27.07 7.76
CA GLU B 309 12.07 28.10 6.77
C GLU B 309 13.01 27.98 5.58
N ARG B 310 12.48 28.28 4.39
CA ARG B 310 13.32 28.37 3.21
C ARG B 310 14.27 29.56 3.34
N GLY B 311 15.35 29.52 2.58
CA GLY B 311 16.35 30.57 2.67
C GLY B 311 15.80 31.95 2.45
N ASN B 312 15.27 32.20 1.25
CA ASN B 312 14.81 33.54 0.91
C ASN B 312 13.55 33.94 1.65
N GLU B 313 12.72 32.98 2.06
CA GLU B 313 11.56 33.32 2.89
C GLU B 313 11.99 33.73 4.30
N MET B 314 12.99 33.06 4.85
CA MET B 314 13.56 33.51 6.11
C MET B 314 14.18 34.89 5.95
N SER B 315 14.83 35.15 4.81
CA SER B 315 15.35 36.49 4.56
C SER B 315 14.22 37.51 4.49
N GLU B 316 13.10 37.13 3.88
CA GLU B 316 11.94 38.02 3.84
C GLU B 316 11.47 38.35 5.24
N VAL B 317 11.38 37.35 6.10
CA VAL B 317 10.93 37.59 7.48
C VAL B 317 11.90 38.52 8.20
N LEU B 318 13.20 38.22 8.10
CA LEU B 318 14.20 39.02 8.79
C LEU B 318 14.31 40.43 8.23
N ARG B 319 13.86 40.66 7.00
CA ARG B 319 13.86 42.01 6.44
C ARG B 319 12.59 42.76 6.78
N ASP B 320 11.44 42.10 6.72
CA ASP B 320 10.17 42.77 6.99
C ASP B 320 10.04 43.11 8.46
N PHE B 321 10.30 42.16 9.35
CA PHE B 321 10.00 42.37 10.76
C PHE B 321 10.70 43.59 11.35
N PRO B 322 11.99 43.81 11.14
CA PRO B 322 12.63 45.00 11.72
C PRO B 322 12.10 46.31 11.16
N GLU B 323 11.24 46.26 10.14
CA GLU B 323 10.71 47.47 9.51
C GLU B 323 9.23 47.70 9.79
N LEU B 324 8.52 46.73 10.36
CA LEU B 324 7.14 46.95 10.75
C LEU B 324 7.08 47.85 11.97
N THR B 325 6.02 48.63 12.07
CA THR B 325 5.82 49.56 13.18
C THR B 325 4.39 49.45 13.67
N MET B 326 4.18 49.92 14.90
CA MET B 326 2.88 49.84 15.56
C MET B 326 2.66 51.10 16.38
N GLU B 327 1.39 51.45 16.56
CA GLU B 327 1.02 52.63 17.35
C GLU B 327 0.82 52.22 18.80
N VAL B 328 1.71 52.69 19.67
CA VAL B 328 1.63 52.44 21.10
C VAL B 328 1.72 53.79 21.80
N ASP B 329 0.72 54.09 22.64
CA ASP B 329 0.68 55.35 23.39
C ASP B 329 0.94 56.54 22.48
N GLY B 330 0.33 56.52 21.30
CA GLY B 330 0.44 57.64 20.39
C GLY B 330 1.78 57.81 19.72
N LYS B 331 2.61 56.77 19.66
CA LYS B 331 3.89 56.83 18.99
C LYS B 331 4.07 55.58 18.14
N VAL B 332 4.70 55.73 16.98
CA VAL B 332 5.01 54.59 16.13
C VAL B 332 6.34 54.00 16.58
N GLU B 333 6.31 52.74 17.01
CA GLU B 333 7.48 52.06 17.53
C GLU B 333 7.72 50.79 16.73
N SER B 334 8.98 50.42 16.60
CA SER B 334 9.34 49.24 15.81
C SER B 334 8.78 47.99 16.45
N ILE B 335 8.41 47.02 15.60
CA ILE B 335 7.92 45.75 16.09
C ILE B 335 9.03 44.94 16.74
N MET B 336 10.29 45.21 16.37
CA MET B 336 11.41 44.49 16.98
C MET B 336 11.53 44.76 18.46
N LYS B 337 10.93 45.83 18.97
CA LYS B 337 11.03 46.14 20.38
C LYS B 337 10.26 45.16 21.26
N ARG B 338 9.30 44.41 20.70
CA ARG B 338 8.66 43.37 21.47
C ARG B 338 8.59 42.05 20.70
N THR B 339 9.51 41.82 19.76
CA THR B 339 9.54 40.59 18.97
C THR B 339 10.94 39.98 19.03
N ALA B 340 10.98 38.65 19.02
CA ALA B 340 12.21 37.89 18.90
C ALA B 340 12.03 36.81 17.84
N LEU B 341 13.10 36.53 17.09
CA LEU B 341 13.07 35.59 15.99
C LEU B 341 14.11 34.50 16.22
N VAL B 342 13.70 33.25 16.03
CA VAL B 342 14.58 32.09 16.10
C VAL B 342 14.65 31.54 14.68
N ALA B 343 15.63 32.03 13.92
CA ALA B 343 15.76 31.69 12.51
C ALA B 343 16.47 30.35 12.34
N ASN B 344 15.85 29.44 11.62
CA ASN B 344 16.45 28.12 11.34
C ASN B 344 16.09 27.74 9.91
N THR B 345 17.05 27.89 9.00
CA THR B 345 16.84 27.56 7.61
C THR B 345 16.85 26.04 7.41
N SER B 346 16.36 25.61 6.25
CA SER B 346 16.19 24.19 5.99
C SER B 346 17.52 23.46 5.85
N ASN B 347 18.59 24.16 5.48
CA ASN B 347 19.89 23.52 5.30
C ASN B 347 20.71 23.47 6.57
N MET B 348 20.23 24.07 7.66
CA MET B 348 20.95 24.01 8.93
C MET B 348 20.84 22.60 9.51
N PRO B 349 21.72 22.25 10.44
CA PRO B 349 21.74 20.86 10.93
C PRO B 349 20.39 20.45 11.49
N VAL B 350 20.03 19.19 11.27
CA VAL B 350 18.70 18.71 11.62
C VAL B 350 18.48 18.77 13.12
N ALA B 351 19.53 18.57 13.92
CA ALA B 351 19.37 18.66 15.36
C ALA B 351 18.96 20.06 15.79
N ALA B 352 19.56 21.09 15.17
CA ALA B 352 19.14 22.46 15.43
C ALA B 352 17.69 22.66 15.01
N ARG B 353 17.29 22.06 13.89
CA ARG B 353 15.90 22.18 13.45
C ARG B 353 14.96 21.53 14.46
N GLU B 354 15.44 20.50 15.15
CA GLU B 354 14.62 19.85 16.17
C GLU B 354 14.53 20.69 17.44
N ALA B 355 15.63 21.35 17.81
CA ALA B 355 15.65 22.15 19.03
C ALA B 355 15.12 23.57 18.84
N SER B 356 14.87 24.00 17.60
CA SER B 356 14.40 25.35 17.36
C SER B 356 13.05 25.60 18.02
N ILE B 357 12.11 24.66 17.87
CA ILE B 357 10.79 24.82 18.47
C ILE B 357 10.91 24.93 19.98
N TYR B 358 11.77 24.10 20.58
CA TYR B 358 11.91 24.13 22.03
C TYR B 358 12.52 25.44 22.51
N THR B 359 13.52 25.96 21.79
CA THR B 359 14.07 27.26 22.16
C THR B 359 13.01 28.34 22.07
N GLY B 360 12.21 28.33 21.00
CA GLY B 360 11.17 29.33 20.86
C GLY B 360 10.15 29.27 21.98
N ILE B 361 9.67 28.08 22.29
CA ILE B 361 8.65 27.95 23.33
C ILE B 361 9.25 28.26 24.70
N THR B 362 10.54 27.99 24.91
CA THR B 362 11.15 28.37 26.18
C THR B 362 11.25 29.88 26.34
N LEU B 363 11.62 30.59 25.28
CA LEU B 363 11.62 32.05 25.37
C LEU B 363 10.20 32.58 25.60
N SER B 364 9.22 31.99 24.91
CA SER B 364 7.85 32.39 25.11
C SER B 364 7.39 32.15 26.54
N GLU B 365 7.78 31.01 27.13
CA GLU B 365 7.46 30.75 28.52
C GLU B 365 8.14 31.74 29.45
N TYR B 366 9.40 32.08 29.17
CA TYR B 366 10.11 33.05 30.00
C TYR B 366 9.35 34.37 30.02
N PHE B 367 8.93 34.85 28.86
CA PHE B 367 8.21 36.12 28.83
C PHE B 367 6.79 35.99 29.35
N ARG B 368 6.22 34.79 29.32
CA ARG B 368 4.94 34.56 29.99
C ARG B 368 5.09 34.71 31.50
N ASP B 369 6.17 34.16 32.06
CA ASP B 369 6.37 34.26 33.51
C ASP B 369 6.51 35.70 33.96
N MET B 370 6.88 36.61 33.05
CA MET B 370 6.99 38.02 33.41
C MET B 370 5.62 38.64 33.63
N GLY B 371 4.56 38.00 33.20
CA GLY B 371 3.24 38.59 33.20
C GLY B 371 2.78 39.07 31.84
N TYR B 372 3.51 38.77 30.78
CA TYR B 372 3.16 39.20 29.43
C TYR B 372 2.35 38.12 28.73
N HIS B 373 1.71 38.51 27.64
CA HIS B 373 0.99 37.60 26.77
C HIS B 373 1.81 37.42 25.50
N VAL B 374 2.49 36.29 25.40
CA VAL B 374 3.45 36.03 24.33
C VAL B 374 2.74 35.22 23.26
N SER B 375 2.70 35.75 22.05
CA SER B 375 2.16 35.02 20.91
C SER B 375 3.29 34.38 20.14
N MET B 376 3.34 33.05 20.13
CA MET B 376 4.40 32.30 19.48
C MET B 376 3.89 31.72 18.17
N MET B 377 4.73 31.76 17.15
CA MET B 377 4.41 31.24 15.82
C MET B 377 5.48 30.23 15.44
N ALA B 378 5.09 28.98 15.27
CA ALA B 378 6.01 27.93 14.82
C ALA B 378 5.84 27.80 13.30
N ASP B 379 6.85 28.25 12.56
CA ASP B 379 6.68 28.36 11.11
C ASP B 379 6.34 27.03 10.47
N SER B 380 6.83 25.92 11.03
CA SER B 380 6.45 24.61 10.50
C SER B 380 6.74 23.57 11.58
N THR B 381 5.66 22.98 12.11
CA THR B 381 5.82 21.74 12.88
C THR B 381 5.97 20.54 11.97
N SER B 382 5.65 20.69 10.68
CA SER B 382 5.88 19.61 9.72
C SER B 382 7.37 19.43 9.46
N ARG B 383 8.12 20.52 9.33
CA ARG B 383 9.57 20.39 9.20
C ARG B 383 10.20 19.89 10.49
N TRP B 384 9.62 20.26 11.63
CA TRP B 384 10.06 19.68 12.90
C TRP B 384 9.84 18.18 12.91
N ALA B 385 8.68 17.72 12.43
CA ALA B 385 8.41 16.29 12.36
C ALA B 385 9.35 15.60 11.37
N GLU B 386 9.70 16.28 10.28
CA GLU B 386 10.69 15.71 9.36
C GLU B 386 12.04 15.56 10.04
N ALA B 387 12.44 16.55 10.85
CA ALA B 387 13.68 16.42 11.61
C ALA B 387 13.62 15.25 12.57
N LEU B 388 12.49 15.09 13.26
CA LEU B 388 12.33 13.95 14.17
C LEU B 388 12.43 12.64 13.40
N ARG B 389 11.79 12.56 12.23
CA ARG B 389 11.82 11.35 11.43
C ARG B 389 13.24 11.03 11.00
N GLU B 390 13.99 12.05 10.56
CA GLU B 390 15.36 11.81 10.11
C GLU B 390 16.24 11.34 11.27
N ILE B 391 16.08 11.97 12.44
CA ILE B 391 16.90 11.58 13.58
C ILE B 391 16.52 10.18 14.06
N SER B 392 15.23 9.85 14.01
CA SER B 392 14.80 8.49 14.36
C SER B 392 15.40 7.47 13.41
N GLY B 393 15.38 7.76 12.11
CA GLY B 393 15.99 6.86 11.16
C GLY B 393 17.49 6.70 11.40
N ARG B 394 18.17 7.81 11.70
CA ARG B 394 19.59 7.74 12.01
C ARG B 394 19.84 6.93 13.26
N LEU B 395 18.89 6.93 14.20
CA LEU B 395 19.02 6.14 15.42
C LEU B 395 18.59 4.69 15.23
N ALA B 396 18.00 4.36 14.09
CA ALA B 396 17.57 2.99 13.79
C ALA B 396 16.41 2.56 14.69
N GLU B 397 15.46 3.46 14.91
CA GLU B 397 14.26 3.15 15.65
C GLU B 397 13.16 2.66 14.71
N MET B 398 12.22 1.91 15.26
CA MET B 398 11.09 1.43 14.48
C MET B 398 10.08 2.55 14.29
N PRO B 399 9.75 2.93 13.06
CA PRO B 399 8.81 4.03 12.86
C PRO B 399 7.37 3.61 13.05
N ALA B 400 6.52 4.62 13.21
CA ALA B 400 5.07 4.46 13.15
C ALA B 400 4.64 4.64 11.69
N ASP B 401 3.35 4.86 11.47
CA ASP B 401 2.84 5.02 10.11
C ASP B 401 3.61 6.11 9.36
N SER B 402 3.93 5.83 8.11
CA SER B 402 4.55 6.80 7.21
C SER B 402 5.92 7.25 7.73
N GLY B 403 6.60 6.36 8.44
CA GLY B 403 8.00 6.56 8.75
C GLY B 403 8.30 7.47 9.92
N TYR B 404 7.32 8.17 10.45
CA TYR B 404 7.57 9.03 11.59
C TYR B 404 7.81 8.18 12.83
N PRO B 405 8.53 8.72 13.82
CA PRO B 405 8.70 7.97 15.07
C PRO B 405 7.36 7.82 15.76
N ALA B 406 7.21 6.72 16.49
CA ALA B 406 5.95 6.47 17.17
C ALA B 406 5.69 7.44 18.30
N TYR B 407 6.70 8.22 18.70
CA TYR B 407 6.55 9.24 19.73
C TYR B 407 6.34 10.63 19.16
N LEU B 408 5.97 10.73 17.88
CA LEU B 408 5.71 12.04 17.31
C LEU B 408 4.57 12.75 18.03
N GLY B 409 3.49 12.03 18.29
CA GLY B 409 2.38 12.62 19.02
C GLY B 409 2.79 13.11 20.39
N ALA B 410 3.63 12.34 21.09
CA ALA B 410 4.08 12.75 22.41
C ALA B 410 4.89 14.03 22.34
N ARG B 411 5.77 14.15 21.36
CA ARG B 411 6.58 15.35 21.23
C ARG B 411 5.72 16.56 20.87
N LEU B 412 4.77 16.37 19.95
CA LEU B 412 3.88 17.47 19.59
C LEU B 412 3.05 17.91 20.80
N ALA B 413 2.59 16.97 21.61
CA ALA B 413 1.86 17.33 22.82
C ALA B 413 2.75 18.07 23.79
N SER B 414 3.97 17.58 24.02
CA SER B 414 4.88 18.25 24.93
C SER B 414 5.17 19.66 24.48
N PHE B 415 5.15 19.91 23.16
CA PHE B 415 5.37 21.27 22.68
C PHE B 415 4.12 22.13 22.82
N TYR B 416 2.99 21.67 22.27
CA TYR B 416 1.79 22.48 22.23
C TYR B 416 1.26 22.77 23.64
N GLU B 417 1.24 21.77 24.50
CA GLU B 417 0.60 21.90 25.81
C GLU B 417 1.36 22.87 26.71
N ARG B 418 2.56 23.27 26.30
CA ARG B 418 3.26 24.32 27.02
C ARG B 418 2.60 25.67 26.86
N ALA B 419 1.66 25.80 25.93
CA ALA B 419 0.89 27.01 25.78
C ALA B 419 -0.07 27.16 26.97
N GLY B 420 -0.91 28.18 26.91
CA GLY B 420 -1.92 28.37 27.92
C GLY B 420 -1.75 29.65 28.70
N ARG B 421 -2.80 30.02 29.43
CA ARG B 421 -2.79 31.14 30.35
C ARG B 421 -2.48 30.61 31.74
N VAL B 422 -1.58 31.29 32.45
CA VAL B 422 -1.04 30.79 33.71
C VAL B 422 -0.94 31.92 34.71
N LYS B 423 -1.21 31.59 35.98
CA LYS B 423 -0.85 32.45 37.09
C LYS B 423 0.63 32.22 37.37
N CYS B 424 1.48 33.11 36.85
CA CYS B 424 2.90 32.85 36.83
C CYS B 424 3.45 32.65 38.23
N LEU B 425 4.53 31.86 38.31
CA LEU B 425 5.23 31.70 39.57
C LEU B 425 5.69 33.05 40.10
N GLY B 426 6.15 33.05 41.34
CA GLY B 426 6.65 34.27 41.95
C GLY B 426 5.57 34.96 42.76
N ASN B 427 6.03 35.70 43.76
CA ASN B 427 5.12 36.30 44.72
C ASN B 427 4.30 37.42 44.11
N PRO B 428 4.91 38.38 43.39
CA PRO B 428 4.09 39.46 42.82
C PRO B 428 3.07 38.89 41.85
N GLU B 429 1.79 38.96 42.21
CA GLU B 429 0.77 38.28 41.42
C GLU B 429 0.74 38.81 40.00
N ARG B 430 0.64 37.89 39.05
CA ARG B 430 0.54 38.25 37.65
C ARG B 430 -0.01 37.05 36.89
N GLU B 431 -0.59 37.31 35.73
CA GLU B 431 -1.14 36.27 34.87
C GLU B 431 -0.61 36.48 33.46
N GLY B 432 0.20 35.53 32.99
CA GLY B 432 0.72 35.55 31.65
C GLY B 432 0.02 34.51 30.78
N SER B 433 0.48 34.42 29.53
CA SER B 433 -0.04 33.40 28.64
C SER B 433 0.92 33.22 27.48
N VAL B 434 0.91 32.02 26.91
CA VAL B 434 1.64 31.72 25.69
C VAL B 434 0.66 31.12 24.69
N SER B 435 0.46 31.80 23.57
CA SER B 435 -0.47 31.37 22.54
C SER B 435 0.32 30.80 21.38
N ILE B 436 0.35 29.48 21.27
CA ILE B 436 1.11 28.81 20.21
C ILE B 436 0.25 28.72 18.97
N VAL B 437 0.81 29.12 17.83
CA VAL B 437 0.20 28.92 16.53
C VAL B 437 1.19 28.11 15.71
N GLY B 438 0.94 26.81 15.59
CA GLY B 438 1.83 25.91 14.88
C GLY B 438 1.37 25.74 13.44
N ALA B 439 2.30 25.94 12.52
CA ALA B 439 2.00 25.81 11.11
C ALA B 439 2.30 24.39 10.64
N VAL B 440 1.36 23.82 9.91
CA VAL B 440 1.48 22.48 9.36
C VAL B 440 1.38 22.57 7.84
N SER B 441 2.03 21.63 7.15
CA SER B 441 2.07 21.62 5.69
C SER B 441 2.25 20.19 5.23
N PRO B 442 1.18 19.41 5.19
CA PRO B 442 1.30 17.99 4.85
C PRO B 442 1.68 17.81 3.39
N PRO B 443 2.11 16.60 3.00
CA PRO B 443 2.45 16.36 1.59
C PRO B 443 1.21 16.39 0.72
N GLY B 444 1.17 17.34 -0.20
CA GLY B 444 0.04 17.45 -1.11
C GLY B 444 -1.28 17.72 -0.41
N GLY B 445 -1.25 18.52 0.66
CA GLY B 445 -2.47 18.83 1.38
C GLY B 445 -3.16 17.62 1.96
N ASP B 446 -2.40 16.63 2.42
CA ASP B 446 -2.99 15.42 2.98
C ASP B 446 -3.55 15.70 4.37
N PHE B 447 -4.80 15.29 4.60
CA PHE B 447 -5.42 15.48 5.90
C PHE B 447 -5.13 14.32 6.85
N SER B 448 -4.61 13.20 6.34
CA SER B 448 -4.24 12.06 7.15
C SER B 448 -2.76 12.05 7.48
N ASP B 449 -2.04 13.11 7.16
CA ASP B 449 -0.61 13.16 7.41
C ASP B 449 -0.37 12.92 8.89
N PRO B 450 0.55 12.02 9.27
CA PRO B 450 0.73 11.73 10.70
C PRO B 450 0.99 12.96 11.55
N VAL B 451 1.75 13.93 11.05
CA VAL B 451 1.98 15.14 11.84
C VAL B 451 0.67 15.91 12.01
N THR B 452 -0.14 16.02 10.95
CA THR B 452 -1.41 16.72 11.07
C THR B 452 -2.37 15.95 11.98
N SER B 453 -2.41 14.63 11.85
CA SER B 453 -3.28 13.83 12.70
C SER B 453 -2.89 13.96 14.17
N ALA B 454 -1.58 13.96 14.45
CA ALA B 454 -1.13 14.16 15.82
C ALA B 454 -1.43 15.57 16.30
N THR B 455 -1.38 16.55 15.40
CA THR B 455 -1.69 17.92 15.77
C THR B 455 -3.16 18.08 16.16
N LEU B 456 -4.06 17.52 15.34
CA LEU B 456 -5.49 17.72 15.57
C LEU B 456 -5.95 17.15 16.89
N GLY B 457 -5.24 16.17 17.45
CA GLY B 457 -5.60 15.62 18.74
C GLY B 457 -5.12 16.44 19.92
N ILE B 458 -4.46 17.56 19.67
CA ILE B 458 -3.85 18.37 20.72
C ILE B 458 -4.36 19.79 20.62
N VAL B 459 -4.22 20.41 19.45
CA VAL B 459 -4.62 21.79 19.28
C VAL B 459 -6.12 21.92 19.47
N GLN B 460 -6.53 23.05 20.03
CA GLN B 460 -7.95 23.35 20.22
C GLN B 460 -8.54 24.13 19.06
N VAL B 461 -7.71 24.77 18.24
CA VAL B 461 -8.15 25.49 17.06
C VAL B 461 -7.43 24.90 15.85
N PHE B 462 -8.11 24.89 14.71
CA PHE B 462 -7.55 24.34 13.48
C PHE B 462 -8.16 25.10 12.31
N TRP B 463 -7.35 25.93 11.65
CA TRP B 463 -7.83 26.76 10.54
C TRP B 463 -7.51 26.09 9.22
N GLY B 464 -8.26 25.02 8.93
CA GLY B 464 -8.01 24.21 7.76
C GLY B 464 -7.93 24.99 6.46
N LEU B 465 -7.43 24.36 5.41
CA LEU B 465 -7.17 25.02 4.14
C LEU B 465 -8.14 24.50 3.08
N ASP B 466 -8.76 25.43 2.36
CA ASP B 466 -9.59 25.11 1.20
C ASP B 466 -8.73 25.29 -0.04
N LYS B 467 -8.33 24.17 -0.67
CA LYS B 467 -7.57 24.30 -1.90
C LYS B 467 -8.39 24.95 -3.00
N LYS B 468 -9.71 24.73 -3.01
CA LYS B 468 -10.55 25.38 -4.00
C LYS B 468 -10.56 26.88 -3.81
N LEU B 469 -10.69 27.35 -2.58
CA LEU B 469 -10.67 28.79 -2.33
C LEU B 469 -9.33 29.39 -2.68
N ALA B 470 -8.24 28.68 -2.37
CA ALA B 470 -6.91 29.16 -2.72
C ALA B 470 -6.74 29.27 -4.22
N GLN B 471 -7.23 28.27 -4.97
CA GLN B 471 -7.15 28.34 -6.42
C GLN B 471 -7.99 29.48 -6.96
N ARG B 472 -9.18 29.69 -6.40
CA ARG B 472 -10.01 30.83 -6.79
C ARG B 472 -9.44 32.16 -6.33
N LYS B 473 -8.41 32.14 -5.48
CA LYS B 473 -7.83 33.35 -4.92
C LYS B 473 -8.79 34.02 -3.93
N HIS B 474 -9.42 33.21 -3.10
CA HIS B 474 -10.29 33.68 -2.02
C HIS B 474 -9.49 33.65 -0.73
N PHE B 475 -9.02 34.81 -0.29
CA PHE B 475 -8.13 34.91 0.86
C PHE B 475 -8.82 35.68 1.98
N PRO B 476 -8.77 35.18 3.23
CA PRO B 476 -8.12 33.95 3.71
C PRO B 476 -8.77 32.70 3.15
N SER B 477 -7.99 31.64 2.90
CA SER B 477 -8.48 30.43 2.28
C SER B 477 -9.00 29.42 3.28
N VAL B 478 -9.40 29.87 4.46
CA VAL B 478 -9.90 28.96 5.49
C VAL B 478 -11.13 28.23 4.95
N ASN B 479 -11.15 26.92 5.10
CA ASN B 479 -12.30 26.11 4.71
C ASN B 479 -13.20 25.96 5.93
N TRP B 480 -14.27 26.74 5.97
CA TRP B 480 -15.09 26.88 7.18
C TRP B 480 -15.93 25.64 7.49
N LEU B 481 -15.77 24.55 6.75
CA LEU B 481 -16.59 23.37 7.00
C LEU B 481 -15.91 22.32 7.88
N ILE B 482 -14.58 22.21 7.82
CA ILE B 482 -13.84 21.31 8.69
C ILE B 482 -12.97 22.05 9.69
N SER B 483 -12.65 23.31 9.44
CA SER B 483 -11.95 24.09 10.44
C SER B 483 -12.84 24.30 11.66
N TYR B 484 -12.22 24.32 12.83
CA TYR B 484 -12.98 24.35 14.07
C TYR B 484 -12.22 25.15 15.11
N SER B 485 -12.93 25.57 16.15
CA SER B 485 -12.33 26.20 17.31
C SER B 485 -13.12 25.77 18.53
N LYS B 486 -12.43 25.18 19.50
CA LYS B 486 -13.08 24.68 20.70
C LYS B 486 -13.15 25.73 21.82
N TYR B 487 -12.75 26.97 21.54
CA TYR B 487 -12.76 28.04 22.53
C TYR B 487 -14.04 28.87 22.50
N MET B 488 -15.02 28.51 21.67
CA MET B 488 -16.26 29.28 21.63
C MET B 488 -16.98 29.23 22.97
N ARG B 489 -17.04 28.06 23.59
CA ARG B 489 -17.72 27.93 24.88
C ARG B 489 -17.04 28.79 25.93
N ALA B 490 -15.71 28.77 25.98
CA ALA B 490 -14.99 29.61 26.92
C ALA B 490 -15.16 31.09 26.62
N LEU B 491 -15.31 31.44 25.35
CA LEU B 491 -15.46 32.83 24.94
C LEU B 491 -16.90 33.33 25.04
N ASP B 492 -17.85 32.44 25.36
CA ASP B 492 -19.22 32.89 25.56
C ASP B 492 -19.29 33.95 26.67
N GLU B 493 -18.52 33.75 27.74
CA GLU B 493 -18.55 34.72 28.84
C GLU B 493 -18.06 36.09 28.37
N TYR B 494 -16.99 36.12 27.59
CA TYR B 494 -16.47 37.39 27.08
C TYR B 494 -17.48 38.05 26.14
N TYR B 495 -18.07 37.25 25.24
CA TYR B 495 -18.97 37.83 24.25
C TYR B 495 -20.26 38.34 24.88
N ASP B 496 -20.85 37.58 25.79
CA ASP B 496 -22.10 37.99 26.43
C ASP B 496 -21.92 39.17 27.36
N LYS B 497 -20.70 39.69 27.51
CA LYS B 497 -20.47 40.89 28.30
C LYS B 497 -19.94 42.05 27.47
N HIS B 498 -19.19 41.79 26.41
CA HIS B 498 -18.63 42.85 25.57
C HIS B 498 -19.32 42.99 24.22
N PHE B 499 -19.75 41.87 23.63
CA PHE B 499 -20.36 41.84 22.31
C PHE B 499 -21.63 41.00 22.36
N THR B 500 -22.49 41.32 23.33
CA THR B 500 -23.65 40.49 23.69
C THR B 500 -24.37 39.91 22.48
N GLU B 501 -24.47 40.66 21.39
CA GLU B 501 -25.26 40.26 20.25
C GLU B 501 -24.48 39.40 19.25
N PHE B 502 -23.20 39.13 19.50
CA PHE B 502 -22.39 38.47 18.48
C PHE B 502 -22.67 36.98 18.37
N VAL B 503 -22.95 36.30 19.48
CA VAL B 503 -23.07 34.84 19.45
C VAL B 503 -24.20 34.39 18.52
N PRO B 504 -25.41 34.92 18.62
CA PRO B 504 -26.45 34.53 17.64
C PRO B 504 -26.08 34.87 16.21
N LEU B 505 -25.36 35.96 15.99
CA LEU B 505 -24.90 36.28 14.64
C LEU B 505 -23.96 35.20 14.11
N ARG B 506 -23.02 34.75 14.94
CA ARG B 506 -22.11 33.69 14.52
C ARG B 506 -22.88 32.40 14.26
N THR B 507 -23.85 32.08 15.12
CA THR B 507 -24.64 30.88 14.92
C THR B 507 -25.38 30.92 13.59
N LYS B 508 -26.03 32.06 13.29
CA LYS B 508 -26.77 32.17 12.05
C LYS B 508 -25.85 32.17 10.84
N ALA B 509 -24.67 32.78 10.97
CA ALA B 509 -23.72 32.76 9.86
C ALA B 509 -23.27 31.34 9.55
N LYS B 510 -22.95 30.56 10.60
CA LYS B 510 -22.56 29.18 10.37
C LYS B 510 -23.69 28.37 9.76
N GLU B 511 -24.92 28.58 10.25
CA GLU B 511 -26.06 27.88 9.68
C GLU B 511 -26.23 28.24 8.20
N ILE B 512 -26.10 29.52 7.86
CA ILE B 512 -26.28 29.95 6.48
C ILE B 512 -25.22 29.34 5.59
N LEU B 513 -23.97 29.32 6.05
CA LEU B 513 -22.90 28.74 5.24
C LEU B 513 -23.14 27.25 5.02
N GLN B 514 -23.58 26.53 6.06
CA GLN B 514 -23.85 25.11 5.89
C GLN B 514 -25.02 24.89 4.94
N GLU B 515 -26.06 25.73 5.03
CA GLU B 515 -27.18 25.61 4.10
C GLU B 515 -26.74 25.85 2.67
N GLU B 516 -25.87 26.84 2.46
CA GLU B 516 -25.35 27.07 1.11
C GLU B 516 -24.54 25.87 0.63
N GLU B 517 -23.76 25.27 1.52
CA GLU B 517 -22.99 24.08 1.15
C GLU B 517 -23.93 22.95 0.73
N ASP B 518 -25.05 22.80 1.44
CA ASP B 518 -26.02 21.75 1.09
C ASP B 518 -26.76 22.08 -0.20
N LEU B 519 -26.99 23.36 -0.46
CA LEU B 519 -27.78 23.76 -1.64
C LEU B 519 -26.95 23.80 -2.91
N ALA B 520 -25.65 24.07 -2.82
CA ALA B 520 -24.83 24.17 -4.02
C ALA B 520 -24.68 22.82 -4.70
N GLU B 521 -24.53 21.74 -3.93
CA GLU B 521 -24.49 20.41 -4.51
C GLU B 521 -25.71 20.19 -5.41
N ILE B 522 -26.89 20.58 -4.93
CA ILE B 522 -28.12 20.35 -5.68
C ILE B 522 -28.23 21.32 -6.85
N VAL B 523 -27.81 22.57 -6.65
CA VAL B 523 -27.89 23.55 -7.72
C VAL B 523 -27.02 23.11 -8.91
N GLN B 524 -25.87 22.51 -8.62
CA GLN B 524 -24.98 22.08 -9.69
C GLN B 524 -25.34 20.70 -10.24
N LEU B 525 -25.90 19.82 -9.41
CA LEU B 525 -26.23 18.48 -9.88
C LEU B 525 -27.45 18.48 -10.79
N VAL B 526 -28.51 19.21 -10.41
CA VAL B 526 -29.79 19.15 -11.09
C VAL B 526 -30.12 20.48 -11.76
N GLY B 527 -30.29 21.55 -10.98
CA GLY B 527 -30.64 22.83 -11.55
C GLY B 527 -31.07 23.86 -10.53
N LYS B 528 -31.14 25.12 -10.96
CA LYS B 528 -31.45 26.24 -10.09
C LYS B 528 -32.91 26.65 -10.13
N ALA B 529 -33.72 26.01 -10.97
CA ALA B 529 -35.10 26.45 -11.18
C ALA B 529 -36.01 26.03 -10.03
N SER B 530 -35.73 24.91 -9.36
CA SER B 530 -36.60 24.36 -8.35
C SER B 530 -36.42 24.98 -6.97
N LEU B 531 -35.49 25.92 -6.83
CA LEU B 531 -35.21 26.49 -5.52
C LEU B 531 -36.39 27.33 -5.03
N ALA B 532 -36.69 27.19 -3.74
CA ALA B 532 -37.67 28.04 -3.10
C ALA B 532 -37.09 29.44 -2.88
N GLU B 533 -37.97 30.37 -2.50
CA GLU B 533 -37.49 31.73 -2.25
C GLU B 533 -36.53 31.77 -1.07
N THR B 534 -36.83 31.04 0.00
CA THR B 534 -35.95 31.03 1.16
C THR B 534 -34.58 30.45 0.79
N ASP B 535 -34.57 29.43 -0.07
CA ASP B 535 -33.29 28.90 -0.53
C ASP B 535 -32.51 29.94 -1.31
N LYS B 536 -33.20 30.75 -2.11
CA LYS B 536 -32.52 31.82 -2.84
C LYS B 536 -31.95 32.86 -1.88
N ILE B 537 -32.71 33.22 -0.85
CA ILE B 537 -32.18 34.13 0.17
C ILE B 537 -30.94 33.54 0.79
N THR B 538 -30.99 32.25 1.15
CA THR B 538 -29.83 31.62 1.76
C THR B 538 -28.62 31.66 0.84
N LEU B 539 -28.81 31.29 -0.42
CA LEU B 539 -27.68 31.25 -1.35
C LEU B 539 -27.08 32.63 -1.55
N GLU B 540 -27.91 33.65 -1.74
CA GLU B 540 -27.38 34.97 -2.06
C GLU B 540 -26.78 35.64 -0.83
N VAL B 541 -27.37 35.42 0.35
CA VAL B 541 -26.77 35.92 1.57
C VAL B 541 -25.46 35.18 1.86
N ALA B 542 -25.39 33.89 1.54
CA ALA B 542 -24.13 33.16 1.71
C ALA B 542 -23.07 33.72 0.78
N LYS B 543 -23.44 34.04 -0.46
CA LYS B 543 -22.49 34.70 -1.36
C LYS B 543 -22.04 36.03 -0.79
N LEU B 544 -22.97 36.82 -0.27
CA LEU B 544 -22.62 38.10 0.34
C LEU B 544 -21.62 37.92 1.48
N ILE B 545 -21.93 37.00 2.40
CA ILE B 545 -21.06 36.79 3.56
C ILE B 545 -19.69 36.28 3.10
N LYS B 546 -19.67 35.32 2.18
CA LYS B 546 -18.42 34.72 1.76
C LYS B 546 -17.53 35.72 1.04
N ASP B 547 -18.11 36.53 0.16
CA ASP B 547 -17.32 37.43 -0.66
C ASP B 547 -16.96 38.73 0.04
N ASP B 548 -17.76 39.17 1.02
CA ASP B 548 -17.56 40.48 1.62
C ASP B 548 -17.53 40.46 3.14
N PHE B 549 -17.55 39.32 3.78
CA PHE B 549 -17.29 39.21 5.20
C PHE B 549 -16.22 38.18 5.53
N LEU B 550 -16.21 37.06 4.82
CA LEU B 550 -15.18 36.03 4.98
C LEU B 550 -14.03 36.21 4.01
N GLN B 551 -14.08 37.21 3.14
CA GLN B 551 -13.01 37.51 2.20
C GLN B 551 -12.35 38.81 2.63
N GLN B 552 -11.08 38.73 3.01
CA GLN B 552 -10.36 39.89 3.52
C GLN B 552 -8.98 39.94 2.90
N ASN B 553 -8.73 40.97 2.10
CA ASN B 553 -7.43 41.20 1.49
C ASN B 553 -6.57 41.95 2.51
N GLY B 554 -5.51 41.30 2.98
CA GLY B 554 -4.69 41.85 4.03
C GLY B 554 -3.63 42.83 3.60
N TYR B 555 -3.55 43.15 2.31
CA TYR B 555 -2.57 44.10 1.80
C TYR B 555 -3.11 45.52 1.70
N THR B 556 -4.41 45.72 1.89
CA THR B 556 -5.01 47.03 1.73
C THR B 556 -4.90 47.84 3.01
N PRO B 557 -4.88 49.17 2.91
CA PRO B 557 -4.87 49.99 4.13
C PRO B 557 -6.09 49.78 5.01
N TYR B 558 -7.23 49.42 4.43
CA TYR B 558 -8.47 49.32 5.18
C TYR B 558 -8.73 47.93 5.76
N ASP B 559 -8.14 46.89 5.17
CA ASP B 559 -8.42 45.52 5.57
C ASP B 559 -7.19 44.79 6.12
N ARG B 560 -6.11 45.52 6.42
CA ARG B 560 -4.94 44.87 7.00
C ARG B 560 -5.29 44.24 8.34
N PHE B 561 -6.05 44.95 9.17
CA PHE B 561 -6.52 44.44 10.44
C PHE B 561 -7.94 44.93 10.65
N CYS B 562 -8.86 44.00 10.89
CA CYS B 562 -10.28 44.33 11.05
C CYS B 562 -10.64 44.27 12.52
N PRO B 563 -10.87 45.41 13.19
CA PRO B 563 -11.25 45.35 14.60
C PRO B 563 -12.52 44.53 14.80
N PHE B 564 -12.63 43.93 15.99
CA PHE B 564 -13.76 43.05 16.23
C PHE B 564 -15.08 43.82 16.28
N TYR B 565 -15.06 45.10 16.61
CA TYR B 565 -16.28 45.89 16.49
C TYR B 565 -16.71 45.97 15.03
N LYS B 566 -15.74 46.13 14.13
CA LYS B 566 -16.05 46.12 12.70
C LYS B 566 -16.61 44.76 12.28
N THR B 567 -15.98 43.68 12.73
CA THR B 567 -16.44 42.34 12.38
C THR B 567 -17.87 42.11 12.86
N VAL B 568 -18.14 42.40 14.13
CA VAL B 568 -19.45 42.12 14.67
C VAL B 568 -20.51 43.04 14.07
N GLY B 569 -20.16 44.31 13.79
CA GLY B 569 -21.11 45.18 13.13
C GLY B 569 -21.45 44.71 11.74
N MET B 570 -20.44 44.32 10.95
CA MET B 570 -20.70 43.81 9.62
C MET B 570 -21.59 42.57 9.68
N LEU B 571 -21.23 41.61 10.54
CA LEU B 571 -22.02 40.39 10.63
C LEU B 571 -23.44 40.68 11.10
N SER B 572 -23.59 41.65 12.00
CA SER B 572 -24.92 42.03 12.45
C SER B 572 -25.75 42.56 11.29
N ASN B 573 -25.15 43.40 10.45
CA ASN B 573 -25.89 43.92 9.29
C ASN B 573 -26.27 42.80 8.34
N MET B 574 -25.34 41.90 8.03
CA MET B 574 -25.64 40.83 7.08
C MET B 574 -26.74 39.92 7.61
N ILE B 575 -26.64 39.54 8.89
CA ILE B 575 -27.64 38.63 9.47
C ILE B 575 -28.98 39.33 9.64
N SER B 576 -28.96 40.63 9.95
CA SER B 576 -30.22 41.37 10.01
C SER B 576 -30.90 41.37 8.65
N PHE B 577 -30.12 41.61 7.58
CA PHE B 577 -30.68 41.54 6.24
C PHE B 577 -31.22 40.14 5.95
N TYR B 578 -30.47 39.11 6.33
CA TYR B 578 -30.94 37.74 6.12
C TYR B 578 -32.28 37.51 6.79
N ASP B 579 -32.36 37.81 8.09
CA ASP B 579 -33.57 37.55 8.85
C ASP B 579 -34.74 38.33 8.27
N MET B 580 -34.53 39.60 7.93
CA MET B 580 -35.64 40.43 7.49
C MET B 580 -36.10 40.01 6.08
N ALA B 581 -35.18 39.68 5.19
CA ALA B 581 -35.57 39.20 3.87
C ALA B 581 -36.32 37.88 3.96
N ARG B 582 -35.86 36.96 4.81
CA ARG B 582 -36.58 35.72 5.00
C ARG B 582 -37.96 35.97 5.58
N ARG B 583 -38.07 36.91 6.51
CA ARG B 583 -39.37 37.29 7.04
C ARG B 583 -40.28 37.78 5.93
N ALA B 584 -39.77 38.64 5.05
CA ALA B 584 -40.58 39.15 3.96
C ALA B 584 -41.08 38.02 3.07
N VAL B 585 -40.16 37.17 2.60
CA VAL B 585 -40.54 36.14 1.64
C VAL B 585 -41.49 35.13 2.28
N GLU B 586 -41.27 34.79 3.55
CA GLU B 586 -42.14 33.82 4.21
C GLU B 586 -43.52 34.41 4.50
N THR B 587 -43.57 35.64 5.02
CA THR B 587 -44.85 36.25 5.34
C THR B 587 -45.69 36.45 4.09
N THR B 588 -45.08 36.93 3.01
CA THR B 588 -45.83 37.14 1.78
C THR B 588 -46.13 35.85 1.03
N ALA B 589 -45.55 34.72 1.46
CA ALA B 589 -45.94 33.43 0.91
C ALA B 589 -47.37 33.12 1.32
N GLN B 590 -48.09 32.41 0.45
CA GLN B 590 -49.51 32.13 0.65
C GLN B 590 -50.32 33.41 0.69
N SER B 591 -49.86 34.44 -0.01
CA SER B 591 -50.54 35.73 -0.06
C SER B 591 -50.49 36.28 -1.48
N ASP B 592 -51.44 37.16 -1.77
CA ASP B 592 -51.54 37.71 -3.13
C ASP B 592 -50.31 38.49 -3.52
N ASN B 593 -49.86 39.40 -2.64
CA ASN B 593 -48.69 40.23 -2.93
C ASN B 593 -47.43 39.48 -2.50
N LYS B 594 -47.14 38.42 -3.25
CA LYS B 594 -45.98 37.59 -2.96
C LYS B 594 -44.69 38.35 -3.21
N ILE B 595 -43.70 38.12 -2.34
CA ILE B 595 -42.39 38.71 -2.48
C ILE B 595 -41.38 37.60 -2.77
N THR B 596 -40.49 37.86 -3.72
CA THR B 596 -39.49 36.90 -4.15
C THR B 596 -38.12 37.56 -4.05
N TRP B 597 -37.08 36.73 -4.08
CA TRP B 597 -35.72 37.26 -3.98
C TRP B 597 -35.44 38.25 -5.11
N SER B 598 -35.96 37.97 -6.30
CA SER B 598 -35.73 38.87 -7.43
C SER B 598 -36.30 40.26 -7.14
N ILE B 599 -37.49 40.31 -6.54
CA ILE B 599 -38.09 41.60 -6.21
C ILE B 599 -37.21 42.36 -5.25
N ILE B 600 -36.70 41.68 -4.21
CA ILE B 600 -35.87 42.35 -3.23
C ILE B 600 -34.59 42.87 -3.88
N ARG B 601 -33.93 42.02 -4.66
CA ARG B 601 -32.67 42.42 -5.29
C ARG B 601 -32.88 43.61 -6.21
N GLU B 602 -33.94 43.58 -7.03
CA GLU B 602 -34.19 44.69 -7.96
C GLU B 602 -34.53 45.96 -7.22
N HIS B 603 -35.33 45.86 -6.15
CA HIS B 603 -35.72 47.06 -5.41
C HIS B 603 -34.51 47.76 -4.80
N MET B 604 -33.66 47.01 -4.08
CA MET B 604 -32.62 47.62 -3.27
C MET B 604 -31.22 47.17 -3.66
N GLY B 605 -30.90 47.24 -4.95
CA GLY B 605 -29.51 47.00 -5.35
C GLY B 605 -28.55 47.91 -4.62
N GLU B 606 -29.02 49.11 -4.23
CA GLU B 606 -28.19 50.01 -3.44
C GLU B 606 -27.89 49.44 -2.06
N ILE B 607 -28.88 48.82 -1.42
CA ILE B 607 -28.65 48.23 -0.10
C ILE B 607 -27.63 47.09 -0.21
N LEU B 608 -27.78 46.24 -1.22
CA LEU B 608 -26.81 45.16 -1.40
C LEU B 608 -25.42 45.72 -1.69
N TYR B 609 -25.33 46.77 -2.50
CA TYR B 609 -24.02 47.37 -2.77
C TYR B 609 -23.41 47.94 -1.51
N LYS B 610 -24.21 48.58 -0.67
CA LYS B 610 -23.68 49.15 0.57
C LYS B 610 -23.23 48.05 1.53
N LEU B 611 -24.00 46.97 1.64
CA LEU B 611 -23.57 45.83 2.44
C LEU B 611 -22.26 45.27 1.89
N SER B 612 -22.10 45.27 0.56
CA SER B 612 -20.87 44.78 -0.03
C SER B 612 -19.69 45.71 0.28
N SER B 613 -19.92 47.01 0.26
CA SER B 613 -18.87 47.99 0.52
C SER B 613 -18.61 48.19 2.00
N MET B 614 -19.41 47.59 2.87
CA MET B 614 -19.15 47.70 4.31
C MET B 614 -17.73 47.29 4.66
N LYS B 615 -17.16 46.33 3.92
CA LYS B 615 -15.81 45.87 4.21
C LYS B 615 -14.75 46.94 3.96
N PHE B 616 -15.09 48.01 3.24
CA PHE B 616 -14.11 49.02 2.87
C PHE B 616 -13.86 50.05 3.96
N LYS B 617 -14.65 50.06 5.03
CA LYS B 617 -14.43 51.01 6.11
C LYS B 617 -13.04 50.86 6.66
N ASP B 618 -12.33 51.98 6.82
CA ASP B 618 -10.95 51.97 7.28
C ASP B 618 -10.88 52.45 8.72
N PRO B 619 -10.57 51.59 9.69
CA PRO B 619 -10.55 52.05 11.09
C PRO B 619 -9.59 53.18 11.35
N VAL B 620 -8.50 53.28 10.58
CA VAL B 620 -7.48 54.29 10.85
C VAL B 620 -8.08 55.69 10.74
N LYS B 621 -8.80 55.96 9.65
CA LYS B 621 -9.42 57.26 9.45
C LYS B 621 -10.91 57.27 9.77
N ASP B 622 -11.63 56.20 9.45
CA ASP B 622 -13.03 56.06 9.84
C ASP B 622 -13.03 55.48 11.26
N GLY B 623 -13.06 56.36 12.24
CA GLY B 623 -12.99 55.93 13.63
C GLY B 623 -14.06 54.93 13.98
N GLU B 624 -13.94 54.37 15.19
CA GLU B 624 -14.90 53.39 15.64
C GLU B 624 -16.32 53.97 15.67
N ALA B 625 -16.45 55.19 16.20
CA ALA B 625 -17.75 55.84 16.23
C ALA B 625 -18.29 56.04 14.83
N LYS B 626 -17.45 56.48 13.89
CA LYS B 626 -17.91 56.69 12.52
C LYS B 626 -18.37 55.39 11.88
N ILE B 627 -17.59 54.32 12.05
CA ILE B 627 -17.96 53.04 11.44
C ILE B 627 -19.25 52.51 12.04
N LYS B 628 -19.38 52.61 13.36
CA LYS B 628 -20.61 52.14 14.01
C LYS B 628 -21.81 52.96 13.54
N ALA B 629 -21.66 54.27 13.41
CA ALA B 629 -22.75 55.10 12.92
C ALA B 629 -23.11 54.76 11.49
N ASP B 630 -22.11 54.51 10.64
CA ASP B 630 -22.38 54.15 9.25
C ASP B 630 -23.13 52.83 9.17
N TYR B 631 -22.74 51.85 9.98
CA TYR B 631 -23.44 50.57 9.97
C TYR B 631 -24.85 50.70 10.52
N ALA B 632 -25.04 51.54 11.53
CA ALA B 632 -26.39 51.80 12.01
C ALA B 632 -27.24 52.46 10.94
N GLN B 633 -26.64 53.37 10.17
CA GLN B 633 -27.36 54.00 9.06
C GLN B 633 -27.72 52.98 8.00
N LEU B 634 -26.81 52.03 7.72
CA LEU B 634 -27.14 50.97 6.78
C LEU B 634 -28.29 50.13 7.28
N LEU B 635 -28.30 49.80 8.56
CA LEU B 635 -29.42 49.05 9.14
C LEU B 635 -30.71 49.84 9.02
N GLU B 636 -30.65 51.15 9.28
CA GLU B 636 -31.84 51.98 9.15
C GLU B 636 -32.35 51.99 7.72
N ASP B 637 -31.45 52.10 6.74
CA ASP B 637 -31.86 52.07 5.34
C ASP B 637 -32.48 50.73 4.98
N MET B 638 -31.89 49.63 5.46
CA MET B 638 -32.47 48.31 5.22
C MET B 638 -33.88 48.24 5.76
N GLN B 639 -34.07 48.68 7.01
CA GLN B 639 -35.38 48.62 7.63
C GLN B 639 -36.38 49.48 6.87
N ASN B 640 -35.97 50.68 6.45
CA ASN B 640 -36.88 51.56 5.71
C ASN B 640 -37.27 50.94 4.38
N ALA B 641 -36.29 50.37 3.66
CA ALA B 641 -36.58 49.81 2.35
C ALA B 641 -37.50 48.59 2.46
N PHE B 642 -37.26 47.73 3.45
CA PHE B 642 -38.18 46.62 3.69
C PHE B 642 -39.55 47.09 4.17
N ARG B 643 -39.63 48.16 4.95
CA ARG B 643 -40.93 48.70 5.32
C ARG B 643 -41.69 49.19 4.10
N SER B 644 -40.99 49.84 3.18
CA SER B 644 -41.63 50.25 1.93
C SER B 644 -42.08 49.03 1.12
N LEU B 645 -41.23 48.01 1.06
CA LEU B 645 -41.62 46.78 0.36
C LEU B 645 -42.84 46.14 1.00
N GLU B 646 -42.88 46.09 2.32
CA GLU B 646 -43.99 45.48 3.04
C GLU B 646 -45.21 46.40 3.03
N THR C 47 12.20 -32.71 31.57
CA THR C 47 10.95 -32.50 32.29
C THR C 47 10.67 -31.02 32.47
N PHE C 48 11.57 -30.32 33.15
CA PHE C 48 11.41 -28.92 33.50
C PHE C 48 12.41 -28.08 32.74
N GLY C 49 11.94 -27.04 32.07
CA GLY C 49 12.78 -25.98 31.58
C GLY C 49 12.69 -24.77 32.52
N TYR C 50 13.38 -23.70 32.13
CA TYR C 50 13.36 -22.47 32.90
C TYR C 50 13.16 -21.28 31.97
N VAL C 51 12.49 -20.26 32.49
CA VAL C 51 12.27 -19.04 31.72
C VAL C 51 13.57 -18.26 31.68
N HIS C 52 14.08 -18.02 30.47
CA HIS C 52 15.29 -17.23 30.29
C HIS C 52 15.00 -15.77 29.92
N GLY C 53 13.84 -15.50 29.35
CA GLY C 53 13.49 -14.14 29.01
C GLY C 53 12.01 -14.03 28.73
N VAL C 54 11.49 -12.81 28.87
CA VAL C 54 10.07 -12.55 28.65
C VAL C 54 9.92 -11.19 27.99
N SER C 55 9.18 -11.14 26.89
CA SER C 55 8.84 -9.88 26.22
C SER C 55 7.47 -10.07 25.60
N GLY C 56 6.49 -9.31 26.08
CA GLY C 56 5.13 -9.52 25.67
C GLY C 56 4.70 -10.95 25.96
N PRO C 57 3.98 -11.58 25.02
CA PRO C 57 3.63 -12.99 25.20
C PRO C 57 4.76 -13.95 24.89
N VAL C 58 5.89 -13.46 24.39
CA VAL C 58 6.97 -14.34 23.96
C VAL C 58 7.89 -14.62 25.13
N VAL C 59 7.96 -15.89 25.54
CA VAL C 59 8.81 -16.34 26.64
C VAL C 59 9.87 -17.25 26.05
N THR C 60 11.13 -16.91 26.25
CA THR C 60 12.25 -17.73 25.82
C THR C 60 12.70 -18.56 27.01
N ALA C 61 12.70 -19.87 26.86
CA ALA C 61 12.96 -20.80 27.95
C ALA C 61 14.21 -21.61 27.67
N CYS C 62 15.07 -21.72 28.68
CA CYS C 62 16.31 -22.47 28.56
C CYS C 62 16.12 -23.88 29.11
N ASP C 63 17.12 -24.73 28.87
CA ASP C 63 17.12 -26.10 29.37
C ASP C 63 15.97 -26.91 28.78
N MET C 64 15.52 -26.55 27.58
CA MET C 64 14.43 -27.21 26.89
C MET C 64 14.94 -28.04 25.71
N ALA C 65 16.06 -28.75 25.89
CA ALA C 65 16.69 -29.45 24.78
C ALA C 65 15.70 -30.39 24.08
N GLY C 66 14.98 -31.21 24.85
CA GLY C 66 14.11 -32.20 24.27
C GLY C 66 12.76 -31.71 23.81
N ALA C 67 12.48 -30.42 23.93
CA ALA C 67 11.17 -29.90 23.57
C ALA C 67 10.92 -30.07 22.08
N ALA C 68 9.64 -30.18 21.73
CA ALA C 68 9.22 -30.41 20.36
C ALA C 68 8.49 -29.19 19.82
N MET C 69 8.61 -28.96 18.52
CA MET C 69 8.00 -27.80 17.90
C MET C 69 6.48 -27.84 18.06
N TYR C 70 5.89 -26.67 18.26
CA TYR C 70 4.45 -26.51 18.42
C TYR C 70 3.90 -27.32 19.60
N GLU C 71 4.77 -27.76 20.50
CA GLU C 71 4.37 -28.43 21.72
C GLU C 71 3.78 -27.41 22.69
N LEU C 72 3.01 -27.91 23.65
CA LEU C 72 2.40 -27.07 24.67
C LEU C 72 3.21 -27.17 25.96
N VAL C 73 3.36 -26.03 26.64
CA VAL C 73 4.12 -25.94 27.88
C VAL C 73 3.33 -25.10 28.88
N ARG C 74 3.67 -25.28 30.15
CA ARG C 74 3.08 -24.51 31.24
C ARG C 74 4.18 -23.63 31.84
N VAL C 75 4.15 -22.35 31.52
CA VAL C 75 5.16 -21.38 31.95
C VAL C 75 4.79 -20.84 33.31
N GLY C 76 5.79 -20.33 34.03
CA GLY C 76 5.52 -19.63 35.27
C GLY C 76 5.08 -20.55 36.38
N HIS C 77 4.91 -19.96 37.57
CA HIS C 77 4.38 -20.71 38.71
C HIS C 77 2.87 -20.83 38.68
N SER C 78 2.18 -20.01 37.90
CA SER C 78 0.75 -20.13 37.70
C SER C 78 0.40 -21.06 36.54
N GLU C 79 1.40 -21.51 35.79
CA GLU C 79 1.22 -22.49 34.71
C GLU C 79 0.37 -21.90 33.57
N LEU C 80 0.84 -20.78 33.04
CA LEU C 80 0.24 -20.19 31.84
C LEU C 80 0.50 -21.08 30.65
N VAL C 81 -0.53 -21.30 29.83
CA VAL C 81 -0.37 -22.14 28.65
C VAL C 81 0.48 -21.40 27.62
N GLY C 82 1.33 -22.16 26.93
CA GLY C 82 2.15 -21.58 25.88
C GLY C 82 2.46 -22.61 24.82
N GLU C 83 2.76 -22.13 23.62
CA GLU C 83 3.01 -22.99 22.46
C GLU C 83 4.41 -22.73 21.94
N ILE C 84 5.21 -23.78 21.82
CA ILE C 84 6.57 -23.63 21.32
C ILE C 84 6.52 -23.32 19.83
N ILE C 85 6.96 -22.12 19.47
CA ILE C 85 6.92 -21.65 18.09
C ILE C 85 8.32 -21.56 17.48
N ARG C 86 9.34 -22.05 18.17
CA ARG C 86 10.71 -21.96 17.67
C ARG C 86 11.61 -22.78 18.57
N LEU C 87 12.78 -23.10 18.05
CA LEU C 87 13.80 -23.82 18.81
C LEU C 87 15.17 -23.36 18.34
N GLU C 88 16.11 -23.23 19.29
CA GLU C 88 17.47 -22.83 18.96
C GLU C 88 18.37 -23.40 20.04
N GLY C 89 19.04 -24.50 19.71
CA GLY C 89 19.79 -25.20 20.75
C GLY C 89 18.84 -25.69 21.81
N ASP C 90 19.10 -25.31 23.06
CA ASP C 90 18.19 -25.58 24.15
C ASP C 90 17.17 -24.49 24.37
N MET C 91 17.29 -23.37 23.66
CA MET C 91 16.45 -22.20 23.89
C MET C 91 15.18 -22.34 23.05
N ALA C 92 14.07 -22.66 23.71
CA ALA C 92 12.79 -22.78 23.04
C ALA C 92 12.00 -21.50 23.21
N THR C 93 11.50 -20.95 22.11
CA THR C 93 10.66 -19.76 22.15
C THR C 93 9.20 -20.18 22.22
N ILE C 94 8.45 -19.56 23.14
CA ILE C 94 7.10 -19.96 23.47
C ILE C 94 6.19 -18.75 23.32
N GLN C 95 5.15 -18.89 22.52
CA GLN C 95 4.08 -17.89 22.47
C GLN C 95 3.11 -18.22 23.59
N VAL C 96 3.11 -17.42 24.64
CA VAL C 96 2.29 -17.67 25.82
C VAL C 96 0.88 -17.19 25.54
N TYR C 97 -0.10 -18.07 25.75
CA TYR C 97 -1.49 -17.72 25.44
C TYR C 97 -2.00 -16.65 26.39
N GLU C 98 -1.75 -16.81 27.68
CA GLU C 98 -2.29 -15.92 28.70
C GLU C 98 -1.32 -14.77 28.96
N GLU C 99 -1.81 -13.79 29.72
CA GLU C 99 -0.99 -12.63 30.04
C GLU C 99 0.24 -13.05 30.81
N THR C 100 1.41 -12.55 30.38
CA THR C 100 2.68 -12.96 30.95
C THR C 100 3.17 -12.04 32.06
N SER C 101 2.39 -11.02 32.44
CA SER C 101 2.79 -10.16 33.54
C SER C 101 3.05 -10.97 34.79
N GLY C 102 4.17 -10.72 35.43
CA GLY C 102 4.56 -11.40 36.64
C GLY C 102 5.45 -12.60 36.43
N VAL C 103 5.57 -13.08 35.19
CA VAL C 103 6.46 -14.21 34.92
C VAL C 103 7.90 -13.71 34.96
N SER C 104 8.72 -14.35 35.78
CA SER C 104 10.07 -13.90 36.07
C SER C 104 11.08 -14.94 35.63
N VAL C 105 12.28 -14.47 35.30
CA VAL C 105 13.35 -15.38 34.89
C VAL C 105 13.60 -16.41 35.97
N GLY C 106 13.85 -17.65 35.55
CA GLY C 106 14.00 -18.75 36.46
C GLY C 106 12.72 -19.51 36.75
N ASP C 107 11.58 -18.98 36.34
CA ASP C 107 10.32 -19.66 36.61
C ASP C 107 10.28 -21.00 35.89
N PRO C 108 9.80 -22.05 36.54
CA PRO C 108 9.77 -23.36 35.87
C PRO C 108 8.84 -23.35 34.68
N VAL C 109 9.20 -24.12 33.67
CA VAL C 109 8.39 -24.35 32.49
C VAL C 109 8.16 -25.85 32.41
N LEU C 110 6.98 -26.29 32.83
CA LEU C 110 6.62 -27.69 32.69
C LEU C 110 6.37 -27.98 31.22
N ARG C 111 6.77 -29.17 30.78
CA ARG C 111 6.80 -29.53 29.37
C ARG C 111 5.75 -30.59 29.10
N THR C 112 4.55 -30.15 28.71
CA THR C 112 3.52 -31.09 28.28
C THR C 112 3.99 -31.80 27.02
N GLY C 113 3.83 -33.13 27.00
CA GLY C 113 4.38 -33.91 25.92
C GLY C 113 3.47 -34.01 24.70
N LYS C 114 2.62 -33.01 24.49
CA LYS C 114 1.64 -33.06 23.41
C LYS C 114 1.49 -31.67 22.81
N PRO C 115 1.17 -31.55 21.53
CA PRO C 115 0.77 -30.26 20.99
C PRO C 115 -0.62 -29.89 21.48
N LEU C 116 -1.23 -28.85 20.94
CA LEU C 116 -2.56 -28.46 21.38
C LEU C 116 -3.52 -29.58 21.00
N SER C 117 -3.91 -30.38 21.98
CA SER C 117 -4.69 -31.58 21.74
C SER C 117 -5.98 -31.54 22.56
N VAL C 118 -7.10 -31.78 21.88
CA VAL C 118 -8.38 -31.86 22.57
C VAL C 118 -8.45 -33.19 23.30
N GLU C 119 -9.20 -33.20 24.40
CA GLU C 119 -9.32 -34.36 25.28
C GLU C 119 -10.72 -34.95 25.09
N LEU C 120 -10.78 -36.11 24.44
CA LEU C 120 -12.01 -36.71 23.99
C LEU C 120 -12.44 -37.83 24.92
N GLY C 121 -13.74 -37.90 25.20
CA GLY C 121 -14.26 -38.92 26.07
C GLY C 121 -15.60 -38.51 26.66
N PRO C 122 -16.13 -39.32 27.58
CA PRO C 122 -17.42 -38.99 28.19
C PRO C 122 -17.34 -37.67 28.95
N GLY C 123 -18.45 -36.95 28.95
CA GLY C 123 -18.53 -35.64 29.57
C GLY C 123 -18.52 -34.50 28.58
N ILE C 124 -18.27 -34.77 27.30
CA ILE C 124 -18.31 -33.72 26.30
C ILE C 124 -19.73 -33.17 26.17
N MET C 125 -20.73 -34.06 26.19
CA MET C 125 -22.09 -33.65 25.87
C MET C 125 -22.67 -32.79 26.97
N GLY C 126 -23.17 -31.62 26.59
CA GLY C 126 -23.67 -30.65 27.54
C GLY C 126 -22.60 -29.77 28.16
N ALA C 127 -21.35 -29.92 27.75
CA ALA C 127 -20.26 -29.15 28.33
C ALA C 127 -20.04 -27.87 27.53
N ILE C 128 -19.56 -26.85 28.23
CA ILE C 128 -19.21 -25.56 27.62
C ILE C 128 -17.71 -25.42 27.73
N PHE C 129 -17.04 -25.39 26.58
CA PHE C 129 -15.59 -25.38 26.51
C PHE C 129 -15.09 -24.05 25.96
N ASP C 130 -13.91 -23.66 26.39
CA ASP C 130 -13.16 -22.60 25.76
C ASP C 130 -12.56 -23.12 24.46
N GLY C 131 -11.94 -22.23 23.70
CA GLY C 131 -11.27 -22.66 22.49
C GLY C 131 -10.09 -23.57 22.76
N ILE C 132 -9.66 -23.63 24.02
CA ILE C 132 -8.50 -24.41 24.41
C ILE C 132 -8.92 -25.72 25.10
N GLN C 133 -10.22 -25.98 25.17
CA GLN C 133 -10.79 -27.09 25.94
C GLN C 133 -10.85 -26.80 27.43
N ARG C 134 -10.90 -25.54 27.82
CA ARG C 134 -11.09 -25.21 29.23
C ARG C 134 -12.58 -25.32 29.57
N PRO C 135 -12.97 -26.10 30.57
CA PRO C 135 -14.39 -26.25 30.87
C PRO C 135 -14.96 -25.09 31.66
N LEU C 136 -15.39 -24.04 30.95
CA LEU C 136 -15.87 -22.84 31.64
C LEU C 136 -16.91 -23.17 32.70
N SER C 137 -17.83 -24.07 32.37
CA SER C 137 -18.89 -24.43 33.31
C SER C 137 -18.37 -25.13 34.56
N ASP C 138 -17.19 -25.74 34.49
CA ASP C 138 -16.54 -26.33 35.66
C ASP C 138 -15.59 -25.36 36.36
N ILE C 139 -14.92 -24.50 35.59
CA ILE C 139 -14.07 -23.49 36.20
C ILE C 139 -14.90 -22.56 37.08
N SER C 140 -16.05 -22.12 36.58
CA SER C 140 -16.89 -21.23 37.36
C SER C 140 -17.41 -21.90 38.61
N SER C 141 -17.69 -23.21 38.53
CA SER C 141 -18.21 -23.92 39.69
C SER C 141 -17.14 -24.16 40.74
N GLN C 142 -15.93 -24.55 40.31
CA GLN C 142 -14.87 -24.87 41.25
C GLN C 142 -14.23 -23.64 41.86
N THR C 143 -14.11 -22.55 41.09
CA THR C 143 -13.49 -21.34 41.59
C THR C 143 -14.47 -20.38 42.24
N GLN C 144 -15.76 -20.52 41.96
CA GLN C 144 -16.78 -19.63 42.52
C GLN C 144 -16.46 -18.17 42.22
N SER C 145 -15.98 -17.92 41.01
CA SER C 145 -15.61 -16.58 40.60
C SER C 145 -16.10 -16.34 39.17
N ILE C 146 -16.32 -15.06 38.85
CA ILE C 146 -16.82 -14.67 37.54
C ILE C 146 -15.72 -14.59 36.50
N TYR C 147 -14.46 -14.71 36.90
CA TYR C 147 -13.33 -14.63 35.98
C TYR C 147 -12.77 -16.02 35.74
N ILE C 148 -11.90 -16.13 34.74
CA ILE C 148 -11.13 -17.34 34.48
C ILE C 148 -9.75 -17.13 35.09
N PRO C 149 -9.39 -17.83 36.16
CA PRO C 149 -8.10 -17.58 36.80
C PRO C 149 -6.96 -17.75 35.81
N ARG C 150 -5.95 -16.90 35.92
CA ARG C 150 -4.81 -16.99 35.03
C ARG C 150 -4.09 -18.30 35.25
N GLY C 151 -3.83 -19.02 34.16
CA GLY C 151 -3.21 -20.32 34.25
C GLY C 151 -4.04 -21.37 34.96
N VAL C 152 -5.34 -21.41 34.70
CA VAL C 152 -6.18 -22.45 35.27
C VAL C 152 -5.85 -23.78 34.60
N ASN C 153 -5.84 -24.85 35.38
CA ASN C 153 -5.47 -26.18 34.91
C ASN C 153 -6.53 -27.19 35.30
N VAL C 154 -7.79 -26.87 35.04
CA VAL C 154 -8.89 -27.78 35.34
C VAL C 154 -9.02 -28.78 34.20
N SER C 155 -9.18 -30.06 34.54
CA SER C 155 -9.30 -31.10 33.54
C SER C 155 -10.53 -30.85 32.67
N ALA C 156 -10.37 -31.07 31.36
CA ALA C 156 -11.47 -30.83 30.44
C ALA C 156 -12.67 -31.72 30.76
N LEU C 157 -12.41 -33.01 31.02
CA LEU C 157 -13.45 -33.97 31.35
C LEU C 157 -13.28 -34.40 32.80
N SER C 158 -14.34 -34.30 33.58
CA SER C 158 -14.26 -34.58 35.00
C SER C 158 -13.73 -35.99 35.25
N ARG C 159 -12.72 -36.11 36.11
CA ARG C 159 -12.19 -37.39 36.52
C ARG C 159 -12.86 -37.96 37.75
N ASP C 160 -13.75 -37.20 38.39
CA ASP C 160 -14.43 -37.66 39.58
C ASP C 160 -15.80 -38.25 39.26
N ILE C 161 -16.45 -37.78 38.20
CA ILE C 161 -17.77 -38.27 37.85
C ILE C 161 -17.69 -39.71 37.37
N LYS C 162 -18.69 -40.50 37.74
CA LYS C 162 -18.72 -41.93 37.42
C LYS C 162 -19.63 -42.20 36.24
N TRP C 163 -19.19 -43.10 35.36
CA TRP C 163 -19.88 -43.43 34.13
C TRP C 163 -20.20 -44.92 34.10
N GLU C 164 -21.40 -45.24 33.62
CA GLU C 164 -21.82 -46.64 33.47
C GLU C 164 -21.22 -47.18 32.18
N PHE C 165 -20.29 -48.10 32.29
CA PHE C 165 -19.54 -48.64 31.16
C PHE C 165 -19.90 -50.09 30.96
N ILE C 166 -20.33 -50.44 29.76
CA ILE C 166 -20.70 -51.79 29.39
C ILE C 166 -19.74 -52.23 28.27
N PRO C 167 -18.86 -53.20 28.51
CA PRO C 167 -17.91 -53.57 27.46
C PRO C 167 -18.59 -54.32 26.32
N SER C 168 -17.93 -54.30 25.17
CA SER C 168 -18.40 -55.10 24.05
C SER C 168 -18.45 -56.57 24.46
N LYS C 169 -19.59 -57.21 24.24
CA LYS C 169 -19.77 -58.57 24.72
C LYS C 169 -18.81 -59.54 24.04
N ASN C 170 -18.48 -59.30 22.77
CA ASN C 170 -17.62 -60.23 22.05
C ASN C 170 -16.17 -60.15 22.50
N LEU C 171 -15.70 -58.98 22.90
CA LEU C 171 -14.29 -58.82 23.25
C LEU C 171 -13.94 -59.69 24.46
N ARG C 172 -12.74 -60.26 24.42
CA ARG C 172 -12.24 -61.11 25.49
C ARG C 172 -10.77 -60.81 25.72
N VAL C 173 -10.10 -61.70 26.44
CA VAL C 173 -8.65 -61.62 26.57
C VAL C 173 -8.02 -62.35 25.40
N GLY C 174 -7.21 -61.65 24.63
CA GLY C 174 -6.54 -62.21 23.47
C GLY C 174 -7.17 -61.85 22.14
N SER C 175 -8.39 -61.35 22.14
CA SER C 175 -9.03 -60.95 20.89
C SER C 175 -8.28 -59.79 20.26
N HIS C 176 -8.15 -59.83 18.94
CA HIS C 176 -7.43 -58.79 18.21
C HIS C 176 -8.30 -57.55 18.07
N ILE C 177 -7.73 -56.40 18.37
CA ILE C 177 -8.44 -55.12 18.36
C ILE C 177 -7.57 -54.10 17.65
N THR C 178 -8.24 -53.14 17.01
CA THR C 178 -7.56 -52.19 16.14
C THR C 178 -8.14 -50.80 16.37
N GLY C 179 -7.33 -49.78 16.08
CA GLY C 179 -7.74 -48.41 16.27
C GLY C 179 -9.08 -48.11 15.62
N GLY C 180 -9.97 -47.45 16.36
CA GLY C 180 -11.32 -47.22 15.91
C GLY C 180 -12.32 -48.26 16.38
N ASP C 181 -11.86 -49.40 16.89
CA ASP C 181 -12.76 -50.43 17.37
C ASP C 181 -13.49 -49.95 18.61
N ILE C 182 -14.78 -50.22 18.68
CA ILE C 182 -15.58 -49.87 19.85
C ILE C 182 -15.45 -51.03 20.83
N TYR C 183 -14.80 -50.78 21.96
CA TYR C 183 -14.63 -51.81 22.99
C TYR C 183 -15.53 -51.59 24.19
N GLY C 184 -16.52 -50.72 24.08
CA GLY C 184 -17.45 -50.50 25.18
C GLY C 184 -18.34 -49.33 24.86
N ILE C 185 -19.45 -49.26 25.59
CA ILE C 185 -20.43 -48.19 25.43
C ILE C 185 -20.74 -47.62 26.81
N VAL C 186 -20.86 -46.30 26.88
CA VAL C 186 -21.12 -45.57 28.11
C VAL C 186 -22.44 -44.84 27.97
N ASN C 187 -23.34 -45.03 28.93
CA ASN C 187 -24.65 -44.39 28.90
C ASN C 187 -24.48 -42.95 29.40
N GLU C 188 -23.95 -42.10 28.52
CA GLU C 188 -23.73 -40.71 28.89
C GLU C 188 -25.04 -40.00 29.16
N ASN C 189 -26.06 -40.24 28.33
CA ASN C 189 -27.37 -39.64 28.50
C ASN C 189 -28.43 -40.67 28.16
N SER C 190 -29.70 -40.27 28.34
CA SER C 190 -30.79 -41.05 27.77
C SER C 190 -30.85 -40.90 26.26
N LEU C 191 -30.13 -39.94 25.70
CA LEU C 191 -30.16 -39.63 24.27
C LEU C 191 -28.92 -40.16 23.55
N ILE C 192 -27.73 -39.80 24.04
CA ILE C 192 -26.48 -40.14 23.39
C ILE C 192 -25.81 -41.27 24.16
N LYS C 193 -25.61 -42.40 23.49
CA LYS C 193 -24.81 -43.50 24.03
C LYS C 193 -23.38 -43.30 23.54
N HIS C 194 -22.47 -43.01 24.47
CA HIS C 194 -21.08 -42.73 24.13
C HIS C 194 -20.37 -44.05 23.92
N LYS C 195 -19.93 -44.29 22.68
CA LYS C 195 -19.24 -45.52 22.34
C LYS C 195 -17.74 -45.33 22.52
N ILE C 196 -17.15 -46.06 23.46
CA ILE C 196 -15.73 -45.93 23.75
C ILE C 196 -14.95 -46.75 22.73
N MET C 197 -14.03 -46.09 22.04
CA MET C 197 -13.30 -46.68 20.92
C MET C 197 -11.80 -46.58 21.16
N LEU C 198 -11.06 -47.50 20.56
CA LEU C 198 -9.61 -47.41 20.59
C LEU C 198 -9.14 -46.18 19.81
N PRO C 199 -8.08 -45.52 20.26
CA PRO C 199 -7.55 -44.40 19.48
C PRO C 199 -7.03 -44.87 18.15
N PRO C 200 -7.10 -44.05 17.11
CA PRO C 200 -6.31 -44.34 15.91
C PRO C 200 -4.83 -44.34 16.26
N ARG C 201 -4.05 -45.08 15.48
CA ARG C 201 -2.64 -45.32 15.78
C ARG C 201 -2.45 -46.26 16.96
N SER C 202 -3.50 -46.97 17.36
CA SER C 202 -3.43 -47.97 18.42
C SER C 202 -4.01 -49.28 17.90
N ARG C 203 -3.48 -50.38 18.43
CA ARG C 203 -3.84 -51.71 17.96
C ARG C 203 -3.20 -52.73 18.90
N GLY C 204 -3.63 -53.97 18.79
CA GLY C 204 -2.98 -55.03 19.53
C GLY C 204 -3.95 -56.15 19.86
N SER C 205 -3.61 -56.89 20.92
CA SER C 205 -4.42 -57.98 21.43
C SER C 205 -4.84 -57.65 22.85
N VAL C 206 -6.13 -57.80 23.14
CA VAL C 206 -6.65 -57.41 24.44
C VAL C 206 -6.12 -58.35 25.52
N THR C 207 -5.56 -57.76 26.58
CA THR C 207 -5.10 -58.53 27.74
C THR C 207 -5.97 -58.33 28.97
N TYR C 208 -6.80 -57.29 28.98
CA TYR C 208 -7.74 -57.06 30.07
C TYR C 208 -8.81 -56.08 29.60
N ILE C 209 -10.06 -56.51 29.66
CA ILE C 209 -11.19 -55.64 29.36
C ILE C 209 -12.07 -55.60 30.61
N ALA C 210 -12.36 -54.40 31.10
CA ALA C 210 -13.02 -54.26 32.38
C ALA C 210 -14.42 -54.86 32.32
N PRO C 211 -14.94 -55.35 33.43
CA PRO C 211 -16.32 -55.81 33.46
C PRO C 211 -17.28 -54.64 33.50
N PRO C 212 -18.53 -54.82 33.13
CA PRO C 212 -19.48 -53.69 33.20
C PRO C 212 -19.57 -53.14 34.60
N GLY C 213 -19.60 -51.81 34.71
CA GLY C 213 -19.66 -51.19 36.02
C GLY C 213 -19.42 -49.70 35.92
N ASN C 214 -19.23 -49.08 37.08
CA ASN C 214 -19.03 -47.64 37.17
C ASN C 214 -17.55 -47.33 37.14
N TYR C 215 -17.12 -46.56 36.14
CA TYR C 215 -15.73 -46.20 35.96
C TYR C 215 -15.62 -44.72 35.64
N ASP C 216 -14.51 -44.12 36.06
CA ASP C 216 -14.22 -42.72 35.77
C ASP C 216 -13.16 -42.64 34.68
N ALA C 217 -12.93 -41.41 34.20
CA ALA C 217 -12.00 -41.22 33.09
C ALA C 217 -10.57 -41.56 33.47
N SER C 218 -10.25 -41.63 34.76
CA SER C 218 -8.92 -42.02 35.20
C SER C 218 -8.76 -43.53 35.33
N ASP C 219 -9.86 -44.27 35.48
CA ASP C 219 -9.78 -45.72 35.58
C ASP C 219 -9.32 -46.32 34.28
N VAL C 220 -8.48 -47.35 34.37
CA VAL C 220 -8.07 -48.12 33.20
C VAL C 220 -9.19 -49.10 32.87
N VAL C 221 -9.83 -48.91 31.73
CA VAL C 221 -10.92 -49.77 31.32
C VAL C 221 -10.50 -50.85 30.34
N LEU C 222 -9.38 -50.67 29.64
CA LEU C 222 -8.89 -51.69 28.72
C LEU C 222 -7.38 -51.71 28.76
N GLU C 223 -6.81 -52.87 28.42
CA GLU C 223 -5.38 -53.02 28.26
C GLU C 223 -5.15 -53.91 27.05
N LEU C 224 -4.19 -53.54 26.21
CA LEU C 224 -3.83 -54.35 25.05
C LEU C 224 -2.32 -54.44 24.96
N GLU C 225 -1.84 -55.36 24.13
CA GLU C 225 -0.42 -55.57 23.93
C GLU C 225 -0.13 -55.71 22.45
N PHE C 226 0.96 -55.10 22.01
CA PHE C 226 1.39 -55.22 20.62
C PHE C 226 2.91 -55.20 20.60
N GLU C 227 3.50 -56.23 19.97
CA GLU C 227 4.95 -56.37 19.94
C GLU C 227 5.53 -56.32 21.34
N GLY C 228 4.81 -56.91 22.30
CA GLY C 228 5.22 -56.92 23.68
C GLY C 228 4.97 -55.63 24.44
N VAL C 229 4.81 -54.51 23.75
CA VAL C 229 4.55 -53.23 24.41
C VAL C 229 3.10 -53.22 24.86
N LYS C 230 2.87 -52.89 26.13
CA LYS C 230 1.54 -52.92 26.73
C LYS C 230 1.00 -51.50 26.85
N GLU C 231 -0.23 -51.31 26.36
CA GLU C 231 -0.91 -50.02 26.39
C GLU C 231 -2.14 -50.14 27.27
N LYS C 232 -2.25 -49.24 28.23
CA LYS C 232 -3.41 -49.16 29.13
C LYS C 232 -4.26 -47.98 28.72
N LEU C 233 -5.50 -48.26 28.32
CA LEU C 233 -6.41 -47.25 27.80
C LEU C 233 -7.54 -47.03 28.80
N SER C 234 -7.69 -45.79 29.22
CA SER C 234 -8.82 -45.36 30.02
C SER C 234 -9.97 -44.98 29.09
N MET C 235 -11.00 -44.33 29.64
CA MET C 235 -12.16 -43.94 28.85
C MET C 235 -11.96 -42.63 28.11
N VAL C 236 -10.82 -41.97 28.31
CA VAL C 236 -10.53 -40.67 27.69
C VAL C 236 -9.26 -40.79 26.87
N GLN C 237 -9.31 -40.35 25.62
CA GLN C 237 -8.15 -40.25 24.75
C GLN C 237 -7.86 -38.77 24.50
N VAL C 238 -6.80 -38.51 23.75
CA VAL C 238 -6.41 -37.15 23.38
C VAL C 238 -6.01 -37.15 21.92
N TRP C 239 -6.46 -36.13 21.19
CA TRP C 239 -6.15 -36.02 19.76
C TRP C 239 -5.70 -34.60 19.44
N PRO C 240 -4.55 -34.43 18.76
CA PRO C 240 -4.19 -33.08 18.31
C PRO C 240 -5.29 -32.46 17.49
N VAL C 241 -5.64 -31.21 17.80
CA VAL C 241 -6.76 -30.57 17.12
C VAL C 241 -6.45 -30.36 15.64
N ARG C 242 -5.20 -30.07 15.30
CA ARG C 242 -4.81 -29.75 13.94
C ARG C 242 -4.44 -30.99 13.13
N GLN C 243 -4.82 -32.18 13.58
CA GLN C 243 -4.56 -33.42 12.85
C GLN C 243 -5.88 -34.08 12.52
N VAL C 244 -6.08 -34.41 11.24
CA VAL C 244 -7.35 -34.97 10.79
C VAL C 244 -7.47 -36.40 11.32
N ARG C 245 -8.59 -36.68 11.96
CA ARG C 245 -8.82 -38.01 12.52
C ARG C 245 -9.03 -39.00 11.38
N PRO C 246 -8.28 -40.10 11.32
CA PRO C 246 -8.36 -40.97 10.14
C PRO C 246 -9.69 -41.70 10.06
N VAL C 247 -10.08 -42.03 8.83
CA VAL C 247 -11.28 -42.81 8.54
C VAL C 247 -10.96 -43.81 7.45
N THR C 248 -11.67 -44.94 7.46
CA THR C 248 -11.44 -45.98 6.48
C THR C 248 -11.70 -45.50 5.06
N GLU C 249 -12.59 -44.53 4.89
CA GLU C 249 -12.94 -44.01 3.57
C GLU C 249 -13.80 -42.79 3.76
N LYS C 250 -13.68 -41.85 2.83
CA LYS C 250 -14.50 -40.63 2.86
C LYS C 250 -15.49 -40.72 1.70
N LEU C 251 -16.69 -41.18 2.00
CA LEU C 251 -17.71 -41.43 1.00
C LEU C 251 -18.34 -40.12 0.54
N PRO C 252 -19.02 -40.12 -0.60
CA PRO C 252 -19.72 -38.91 -1.04
C PRO C 252 -20.94 -38.64 -0.16
N ALA C 253 -21.31 -37.37 -0.08
CA ALA C 253 -22.49 -36.96 0.67
C ALA C 253 -23.72 -37.18 -0.21
N ASN C 254 -24.66 -38.01 0.26
CA ASN C 254 -25.79 -38.43 -0.56
C ASN C 254 -27.09 -38.45 0.23
N HIS C 255 -27.18 -37.65 1.30
CA HIS C 255 -28.38 -37.64 2.13
C HIS C 255 -28.61 -36.23 2.64
N PRO C 256 -29.84 -35.71 2.58
CA PRO C 256 -30.06 -34.32 2.98
C PRO C 256 -29.85 -34.11 4.47
N LEU C 257 -29.39 -32.90 4.81
CA LEU C 257 -29.33 -32.45 6.20
C LEU C 257 -30.59 -31.63 6.42
N LEU C 258 -31.66 -32.32 6.78
CA LEU C 258 -32.95 -31.65 6.94
C LEU C 258 -32.91 -30.69 8.13
N THR C 259 -33.53 -29.53 7.95
CA THR C 259 -33.63 -28.53 9.00
C THR C 259 -35.06 -28.22 9.39
N GLY C 260 -36.04 -28.51 8.55
CA GLY C 260 -37.42 -28.16 8.79
C GLY C 260 -37.85 -26.86 8.14
N GLN C 261 -36.91 -25.99 7.80
CA GLN C 261 -37.23 -24.76 7.10
C GLN C 261 -37.46 -25.08 5.63
N ARG C 262 -38.62 -24.71 5.10
CA ARG C 262 -38.97 -25.11 3.74
C ARG C 262 -37.98 -24.54 2.73
N VAL C 263 -37.59 -23.28 2.89
CA VAL C 263 -36.67 -22.67 1.94
C VAL C 263 -35.35 -23.42 1.93
N LEU C 264 -34.82 -23.77 3.10
CA LEU C 264 -33.54 -24.45 3.16
C LEU C 264 -33.64 -25.89 2.68
N ASP C 265 -34.67 -26.61 3.12
CA ASP C 265 -34.77 -28.03 2.76
C ASP C 265 -35.05 -28.22 1.28
N ALA C 266 -35.87 -27.36 0.68
CA ALA C 266 -36.34 -27.59 -0.67
C ALA C 266 -35.46 -26.90 -1.72
N LEU C 267 -35.40 -25.57 -1.68
CA LEU C 267 -34.72 -24.84 -2.73
C LEU C 267 -33.20 -25.01 -2.66
N PHE C 268 -32.63 -24.98 -1.46
CA PHE C 268 -31.19 -24.99 -1.26
C PHE C 268 -30.82 -26.08 -0.26
N PRO C 269 -30.86 -27.34 -0.69
CA PRO C 269 -30.63 -28.44 0.25
C PRO C 269 -29.16 -28.61 0.59
N CYS C 270 -28.90 -28.90 1.85
CA CYS C 270 -27.58 -29.31 2.33
C CYS C 270 -27.60 -30.81 2.57
N VAL C 271 -26.41 -31.41 2.58
CA VAL C 271 -26.27 -32.85 2.71
C VAL C 271 -25.47 -33.18 3.96
N GLN C 272 -25.79 -34.31 4.57
CA GLN C 272 -25.05 -34.78 5.73
C GLN C 272 -23.60 -34.97 5.35
N GLY C 273 -22.72 -34.17 5.93
CA GLY C 273 -21.36 -34.06 5.46
C GLY C 273 -21.12 -32.89 4.54
N GLY C 274 -22.03 -31.92 4.49
CA GLY C 274 -21.88 -30.78 3.62
C GLY C 274 -21.09 -29.66 4.26
N THR C 275 -20.91 -28.60 3.50
CA THR C 275 -20.25 -27.38 3.96
C THR C 275 -21.13 -26.22 3.57
N THR C 276 -21.48 -25.38 4.54
CA THR C 276 -22.40 -24.28 4.33
C THR C 276 -21.80 -23.00 4.89
N ALA C 277 -22.24 -21.87 4.34
CA ALA C 277 -21.86 -20.55 4.82
C ALA C 277 -23.13 -19.74 5.09
N ILE C 278 -23.06 -18.88 6.09
CA ILE C 278 -24.19 -18.04 6.47
C ILE C 278 -23.68 -16.63 6.74
N PRO C 279 -24.29 -15.60 6.15
CA PRO C 279 -23.91 -14.23 6.52
C PRO C 279 -24.17 -13.97 7.99
N GLY C 280 -23.28 -13.20 8.60
CA GLY C 280 -23.46 -12.79 9.98
C GLY C 280 -23.71 -11.31 10.09
N ALA C 281 -24.94 -10.92 10.44
CA ALA C 281 -25.32 -9.53 10.59
C ALA C 281 -26.25 -9.41 11.79
N PHE C 282 -26.72 -8.18 12.03
CA PHE C 282 -27.55 -7.93 13.22
C PHE C 282 -28.93 -8.56 13.06
N GLY C 283 -29.69 -8.13 12.06
CA GLY C 283 -31.03 -8.61 11.84
C GLY C 283 -31.18 -9.73 10.84
N CYS C 284 -30.07 -10.37 10.44
CA CYS C 284 -30.15 -11.42 9.43
C CYS C 284 -31.04 -12.56 9.90
N GLY C 285 -30.77 -13.11 11.07
CA GLY C 285 -31.57 -14.19 11.61
C GLY C 285 -30.86 -15.53 11.60
N LYS C 286 -29.55 -15.54 11.83
CA LYS C 286 -28.82 -16.80 11.93
C LYS C 286 -29.33 -17.66 13.09
N THR C 287 -29.94 -17.04 14.09
CA THR C 287 -30.47 -17.80 15.22
C THR C 287 -31.50 -18.82 14.76
N VAL C 288 -32.29 -18.50 13.73
CA VAL C 288 -33.27 -19.47 13.24
C VAL C 288 -32.55 -20.71 12.70
N ILE C 289 -31.46 -20.51 11.95
CA ILE C 289 -30.73 -21.65 11.41
C ILE C 289 -30.12 -22.47 12.54
N SER C 290 -29.50 -21.79 13.51
CA SER C 290 -28.86 -22.51 14.61
C SER C 290 -29.89 -23.31 15.40
N GLN C 291 -31.03 -22.69 15.70
CA GLN C 291 -32.08 -23.38 16.46
C GLN C 291 -32.65 -24.56 15.68
N SER C 292 -32.90 -24.37 14.38
CA SER C 292 -33.44 -25.46 13.57
C SER C 292 -32.47 -26.63 13.52
N LEU C 293 -31.19 -26.35 13.33
CA LEU C 293 -30.20 -27.42 13.30
C LEU C 293 -30.07 -28.08 14.67
N SER C 294 -30.24 -27.31 15.75
CA SER C 294 -30.06 -27.86 17.09
C SER C 294 -31.25 -28.72 17.52
N LYS C 295 -32.46 -28.36 17.11
CA LYS C 295 -33.67 -28.99 17.62
C LYS C 295 -34.26 -30.01 16.67
N TYR C 296 -34.39 -29.68 15.38
CA TYR C 296 -35.18 -30.48 14.45
C TYR C 296 -34.36 -31.26 13.44
N SER C 297 -33.12 -30.87 13.18
CA SER C 297 -32.33 -31.55 12.18
C SER C 297 -32.06 -32.99 12.58
N ASN C 298 -31.82 -33.84 11.58
CA ASN C 298 -31.53 -35.25 11.84
C ASN C 298 -30.14 -35.47 12.41
N SER C 299 -29.35 -34.41 12.60
CA SER C 299 -28.03 -34.56 13.18
C SER C 299 -28.12 -35.22 14.56
N ASP C 300 -27.31 -36.25 14.78
CA ASP C 300 -27.32 -36.91 16.08
C ASP C 300 -26.62 -36.08 17.13
N VAL C 301 -25.72 -35.19 16.73
CA VAL C 301 -24.92 -34.38 17.64
C VAL C 301 -24.78 -32.98 17.07
N ILE C 302 -24.61 -32.00 17.96
CA ILE C 302 -24.41 -30.62 17.57
C ILE C 302 -23.18 -30.08 18.31
N ILE C 303 -22.30 -29.40 17.58
CA ILE C 303 -21.14 -28.74 18.16
C ILE C 303 -21.17 -27.30 17.71
N TYR C 304 -21.34 -26.38 18.65
CA TYR C 304 -21.44 -24.96 18.33
C TYR C 304 -20.17 -24.26 18.78
N VAL C 305 -19.48 -23.62 17.84
CA VAL C 305 -18.19 -22.99 18.10
C VAL C 305 -18.37 -21.49 18.07
N GLY C 306 -18.09 -20.83 19.19
CA GLY C 306 -18.16 -19.38 19.22
C GLY C 306 -17.04 -18.71 18.44
N CYS C 307 -15.82 -19.19 18.63
CA CYS C 307 -14.64 -18.70 17.90
C CYS C 307 -14.56 -17.18 17.92
N GLY C 308 -14.73 -16.60 19.10
CA GLY C 308 -14.43 -15.20 19.31
C GLY C 308 -15.58 -14.24 19.07
N GLU C 309 -16.72 -14.49 19.71
CA GLU C 309 -17.86 -13.61 19.61
C GLU C 309 -17.78 -12.51 20.67
N ARG C 310 -18.61 -11.49 20.51
CA ARG C 310 -18.68 -10.45 21.53
C ARG C 310 -19.12 -11.06 22.86
N GLY C 311 -18.91 -10.30 23.92
CA GLY C 311 -19.26 -10.79 25.25
C GLY C 311 -20.72 -11.11 25.40
N ASN C 312 -21.58 -10.12 25.18
CA ASN C 312 -23.02 -10.34 25.35
C ASN C 312 -23.60 -11.16 24.21
N GLU C 313 -22.98 -11.10 23.02
CA GLU C 313 -23.42 -11.96 21.93
C GLU C 313 -23.23 -13.43 22.28
N MET C 314 -22.10 -13.76 22.91
CA MET C 314 -21.88 -15.14 23.37
C MET C 314 -22.72 -15.46 24.58
N SER C 315 -22.97 -14.47 25.44
CA SER C 315 -23.83 -14.69 26.59
C SER C 315 -25.23 -15.09 26.13
N GLU C 316 -25.72 -14.48 25.06
CA GLU C 316 -27.03 -14.85 24.52
C GLU C 316 -27.05 -16.32 24.12
N VAL C 317 -26.01 -16.79 23.44
CA VAL C 317 -25.96 -18.19 23.01
C VAL C 317 -25.91 -19.12 24.21
N LEU C 318 -25.04 -18.81 25.18
CA LEU C 318 -24.95 -19.66 26.36
C LEU C 318 -26.24 -19.67 27.15
N ARG C 319 -27.01 -18.58 27.10
CA ARG C 319 -28.28 -18.52 27.81
C ARG C 319 -29.38 -19.28 27.07
N ASP C 320 -29.36 -19.23 25.74
CA ASP C 320 -30.43 -19.80 24.93
C ASP C 320 -30.25 -21.30 24.71
N PHE C 321 -29.07 -21.72 24.27
CA PHE C 321 -28.89 -23.12 23.90
C PHE C 321 -29.26 -24.09 25.02
N PRO C 322 -28.89 -23.87 26.27
CA PRO C 322 -29.34 -24.79 27.33
C PRO C 322 -30.86 -24.88 27.44
N GLU C 323 -31.58 -23.80 27.17
CA GLU C 323 -33.03 -23.80 27.34
C GLU C 323 -33.79 -24.42 26.19
N LEU C 324 -33.16 -24.56 25.02
CA LEU C 324 -33.82 -25.20 23.90
C LEU C 324 -34.11 -26.66 24.24
N THR C 325 -35.23 -27.17 23.70
CA THR C 325 -35.65 -28.54 23.97
C THR C 325 -36.08 -29.20 22.66
N MET C 326 -35.96 -30.51 22.62
CA MET C 326 -36.34 -31.31 21.47
C MET C 326 -37.16 -32.52 21.93
N GLU C 327 -38.14 -32.90 21.12
CA GLU C 327 -38.98 -34.05 21.43
C GLU C 327 -38.36 -35.30 20.81
N VAL C 328 -37.94 -36.23 21.67
CA VAL C 328 -37.40 -37.52 21.24
C VAL C 328 -38.14 -38.61 21.99
N ASP C 329 -38.61 -39.62 21.26
CA ASP C 329 -39.37 -40.72 21.85
C ASP C 329 -40.59 -40.22 22.61
N GLY C 330 -41.13 -39.08 22.20
CA GLY C 330 -42.29 -38.51 22.85
C GLY C 330 -42.00 -37.74 24.12
N LYS C 331 -40.75 -37.60 24.51
CA LYS C 331 -40.37 -36.86 25.71
C LYS C 331 -39.56 -35.63 25.31
N VAL C 332 -39.78 -34.53 26.03
CA VAL C 332 -39.14 -33.26 25.73
C VAL C 332 -37.81 -33.22 26.46
N GLU C 333 -36.75 -33.69 25.81
CA GLU C 333 -35.40 -33.61 26.36
C GLU C 333 -34.78 -32.26 26.05
N SER C 334 -33.63 -32.00 26.66
CA SER C 334 -32.87 -30.78 26.37
C SER C 334 -31.84 -31.08 25.30
N ILE C 335 -31.72 -30.16 24.33
CA ILE C 335 -30.78 -30.37 23.23
C ILE C 335 -29.35 -30.39 23.74
N MET C 336 -29.12 -29.94 24.97
CA MET C 336 -27.78 -30.02 25.55
C MET C 336 -27.42 -31.44 25.93
N LYS C 337 -28.37 -32.38 25.93
CA LYS C 337 -28.01 -33.78 26.07
C LYS C 337 -27.24 -34.29 24.86
N ARG C 338 -27.30 -33.56 23.74
CA ARG C 338 -26.62 -33.95 22.52
C ARG C 338 -25.82 -32.82 21.90
N THR C 339 -25.49 -31.79 22.68
CA THR C 339 -24.82 -30.61 22.14
C THR C 339 -23.60 -30.28 22.99
N ALA C 340 -22.59 -29.72 22.33
CA ALA C 340 -21.39 -29.21 22.99
C ALA C 340 -21.13 -27.79 22.49
N LEU C 341 -20.58 -26.96 23.36
CA LEU C 341 -20.38 -25.54 23.09
C LEU C 341 -18.93 -25.18 23.31
N VAL C 342 -18.22 -24.89 22.23
CA VAL C 342 -16.86 -24.33 22.31
C VAL C 342 -17.04 -22.82 22.26
N ALA C 343 -17.32 -22.23 23.42
CA ALA C 343 -17.71 -20.83 23.54
C ALA C 343 -16.55 -20.03 24.11
N ASN C 344 -16.21 -18.93 23.43
CA ASN C 344 -15.16 -18.03 23.89
C ASN C 344 -15.41 -16.64 23.33
N THR C 345 -15.19 -15.62 24.15
CA THR C 345 -15.45 -14.24 23.78
C THR C 345 -14.19 -13.63 23.18
N SER C 346 -14.23 -12.32 22.90
CA SER C 346 -13.17 -11.68 22.14
C SER C 346 -11.99 -11.25 22.99
N ASN C 347 -12.07 -11.33 24.31
CA ASN C 347 -10.94 -11.03 25.17
C ASN C 347 -10.18 -12.27 25.61
N MET C 348 -10.58 -13.44 25.13
CA MET C 348 -9.87 -14.67 25.45
C MET C 348 -8.54 -14.71 24.71
N PRO C 349 -7.62 -15.58 25.12
CA PRO C 349 -6.33 -15.65 24.42
C PRO C 349 -6.55 -15.86 22.94
N VAL C 350 -5.76 -15.15 22.13
CA VAL C 350 -5.93 -15.23 20.68
C VAL C 350 -5.76 -16.66 20.21
N ALA C 351 -4.89 -17.43 20.86
CA ALA C 351 -4.72 -18.81 20.48
C ALA C 351 -5.96 -19.63 20.78
N ALA C 352 -6.69 -19.29 21.84
CA ALA C 352 -7.96 -19.95 22.11
C ALA C 352 -8.95 -19.70 20.98
N ARG C 353 -9.04 -18.46 20.53
CA ARG C 353 -9.97 -18.14 19.44
C ARG C 353 -9.55 -18.82 18.14
N GLU C 354 -8.25 -18.82 17.84
CA GLU C 354 -7.79 -19.39 16.57
C GLU C 354 -7.94 -20.91 16.55
N ALA C 355 -7.81 -21.56 17.71
CA ALA C 355 -7.96 -23.00 17.79
C ALA C 355 -9.38 -23.44 18.10
N SER C 356 -10.31 -22.49 18.23
CA SER C 356 -11.70 -22.86 18.50
C SER C 356 -12.28 -23.69 17.37
N ILE C 357 -12.01 -23.28 16.12
CA ILE C 357 -12.51 -24.03 14.98
C ILE C 357 -11.94 -25.44 14.98
N TYR C 358 -10.66 -25.58 15.30
CA TYR C 358 -10.03 -26.90 15.27
C TYR C 358 -10.52 -27.77 16.42
N THR C 359 -10.70 -27.20 17.60
CA THR C 359 -11.27 -27.98 18.70
C THR C 359 -12.67 -28.43 18.37
N GLY C 360 -13.49 -27.54 17.82
CA GLY C 360 -14.83 -27.92 17.44
C GLY C 360 -14.86 -29.02 16.40
N ILE C 361 -14.04 -28.88 15.35
CA ILE C 361 -14.05 -29.87 14.29
C ILE C 361 -13.45 -31.19 14.77
N THR C 362 -12.54 -31.15 15.75
CA THR C 362 -12.00 -32.40 16.27
C THR C 362 -13.00 -33.12 17.16
N LEU C 363 -13.76 -32.38 17.98
CA LEU C 363 -14.84 -33.01 18.72
C LEU C 363 -15.89 -33.57 17.77
N SER C 364 -16.20 -32.83 16.71
CA SER C 364 -17.16 -33.30 15.72
C SER C 364 -16.66 -34.55 15.02
N GLU C 365 -15.36 -34.60 14.70
CA GLU C 365 -14.78 -35.80 14.11
C GLU C 365 -14.81 -36.97 15.09
N TYR C 366 -14.59 -36.68 16.38
CA TYR C 366 -14.67 -37.73 17.39
C TYR C 366 -16.05 -38.35 17.42
N PHE C 367 -17.08 -37.51 17.40
CA PHE C 367 -18.44 -38.04 17.47
C PHE C 367 -18.92 -38.56 16.13
N ARG C 368 -18.26 -38.20 15.04
CA ARG C 368 -18.50 -38.87 13.77
C ARG C 368 -17.94 -40.29 13.80
N ASP C 369 -16.71 -40.45 14.29
CA ASP C 369 -16.09 -41.77 14.33
C ASP C 369 -16.91 -42.75 15.17
N MET C 370 -17.72 -42.26 16.11
CA MET C 370 -18.57 -43.13 16.90
C MET C 370 -19.78 -43.63 16.13
N GLY C 371 -19.99 -43.13 14.92
CA GLY C 371 -21.12 -43.53 14.11
C GLY C 371 -22.26 -42.54 14.03
N TYR C 372 -22.09 -41.34 14.58
CA TYR C 372 -23.14 -40.33 14.63
C TYR C 372 -22.96 -39.34 13.51
N HIS C 373 -24.01 -38.57 13.26
CA HIS C 373 -24.00 -37.49 12.27
C HIS C 373 -23.96 -36.17 13.02
N VAL C 374 -22.80 -35.52 13.00
CA VAL C 374 -22.55 -34.31 13.78
C VAL C 374 -22.77 -33.10 12.88
N SER C 375 -23.15 -31.99 13.49
CA SER C 375 -23.36 -30.73 12.80
C SER C 375 -22.61 -29.62 13.53
N MET C 376 -21.46 -29.24 13.00
CA MET C 376 -20.63 -28.19 13.58
C MET C 376 -21.08 -26.86 13.02
N MET C 377 -21.13 -25.83 13.87
CA MET C 377 -21.54 -24.49 13.46
C MET C 377 -20.55 -23.48 14.03
N ALA C 378 -19.67 -22.96 13.18
CA ALA C 378 -18.80 -21.86 13.58
C ALA C 378 -19.58 -20.56 13.51
N ASP C 379 -19.75 -19.89 14.65
CA ASP C 379 -20.66 -18.76 14.70
C ASP C 379 -20.21 -17.62 13.80
N SER C 380 -18.90 -17.36 13.72
CA SER C 380 -18.39 -16.39 12.76
C SER C 380 -16.94 -16.75 12.47
N THR C 381 -16.69 -17.37 11.31
CA THR C 381 -15.32 -17.66 10.91
C THR C 381 -14.53 -16.39 10.65
N SER C 382 -15.21 -15.24 10.50
CA SER C 382 -14.49 -13.99 10.35
C SER C 382 -13.69 -13.67 11.60
N ARG C 383 -14.24 -13.93 12.78
CA ARG C 383 -13.52 -13.66 14.02
C ARG C 383 -12.34 -14.62 14.17
N TRP C 384 -12.50 -15.87 13.75
CA TRP C 384 -11.38 -16.79 13.75
C TRP C 384 -10.29 -16.32 12.80
N ALA C 385 -10.69 -15.80 11.63
CA ALA C 385 -9.70 -15.29 10.69
C ALA C 385 -8.99 -14.06 11.24
N GLU C 386 -9.71 -13.21 11.98
CA GLU C 386 -9.07 -12.08 12.64
C GLU C 386 -8.08 -12.56 13.68
N ALA C 387 -8.42 -13.60 14.44
CA ALA C 387 -7.47 -14.17 15.40
C ALA C 387 -6.25 -14.72 14.68
N LEU C 388 -6.45 -15.36 13.53
CA LEU C 388 -5.34 -15.87 12.74
C LEU C 388 -4.44 -14.74 12.25
N ARG C 389 -5.05 -13.64 11.77
CA ARG C 389 -4.27 -12.49 11.35
C ARG C 389 -3.50 -11.89 12.52
N GLU C 390 -4.12 -11.86 13.69
CA GLU C 390 -3.44 -11.34 14.88
C GLU C 390 -2.24 -12.21 15.23
N ILE C 391 -2.40 -13.53 15.17
CA ILE C 391 -1.28 -14.43 15.46
C ILE C 391 -0.16 -14.21 14.44
N SER C 392 -0.52 -14.09 13.16
CA SER C 392 0.48 -13.82 12.13
C SER C 392 1.23 -12.54 12.43
N GLY C 393 0.50 -11.46 12.73
CA GLY C 393 1.15 -10.21 13.07
C GLY C 393 2.08 -10.33 14.26
N ARG C 394 1.64 -11.06 15.30
CA ARG C 394 2.48 -11.27 16.46
C ARG C 394 3.76 -12.00 16.10
N LEU C 395 3.67 -12.99 15.21
CA LEU C 395 4.85 -13.69 14.73
C LEU C 395 5.65 -12.87 13.73
N ALA C 396 5.13 -11.72 13.30
CA ALA C 396 5.84 -10.85 12.36
C ALA C 396 6.01 -11.52 11.01
N GLU C 397 4.98 -12.22 10.56
CA GLU C 397 5.00 -12.86 9.24
C GLU C 397 4.56 -11.88 8.18
N MET C 398 4.99 -12.15 6.95
CA MET C 398 4.72 -11.24 5.85
C MET C 398 3.21 -11.08 5.66
N PRO C 399 2.70 -9.84 5.58
CA PRO C 399 1.26 -9.67 5.39
C PRO C 399 0.80 -9.97 3.97
N ALA C 400 -0.08 -10.95 3.82
CA ALA C 400 -0.64 -11.30 2.52
C ALA C 400 -1.80 -10.36 2.21
N ASP C 401 -2.60 -10.73 1.21
CA ASP C 401 -3.73 -9.93 0.75
C ASP C 401 -4.48 -9.29 1.91
N SER C 402 -4.57 -7.96 1.88
CA SER C 402 -5.30 -7.18 2.87
C SER C 402 -4.99 -7.61 4.30
N GLY C 403 -3.72 -7.84 4.60
CA GLY C 403 -3.27 -8.02 5.96
C GLY C 403 -3.38 -9.43 6.49
N TYR C 404 -4.17 -10.29 5.86
CA TYR C 404 -4.33 -11.65 6.35
C TYR C 404 -3.05 -12.45 6.10
N PRO C 405 -2.89 -13.56 6.82
CA PRO C 405 -1.65 -14.33 6.67
C PRO C 405 -1.47 -14.91 5.27
N ALA C 406 -0.31 -15.53 5.04
CA ALA C 406 0.00 -16.12 3.75
C ALA C 406 -0.66 -17.47 3.53
N TYR C 407 -1.49 -17.92 4.48
CA TYR C 407 -2.07 -19.26 4.38
C TYR C 407 -3.56 -19.27 4.72
N LEU C 408 -4.24 -18.13 4.69
CA LEU C 408 -5.64 -18.10 5.09
C LEU C 408 -6.47 -19.05 4.23
N GLY C 409 -6.28 -19.01 2.91
CA GLY C 409 -7.02 -19.90 2.04
C GLY C 409 -6.73 -21.36 2.33
N ALA C 410 -5.46 -21.69 2.55
CA ALA C 410 -5.10 -23.07 2.86
C ALA C 410 -5.75 -23.51 4.18
N ARG C 411 -5.72 -22.66 5.19
CA ARG C 411 -6.29 -23.03 6.48
C ARG C 411 -7.80 -23.23 6.37
N LEU C 412 -8.49 -22.32 5.70
CA LEU C 412 -9.93 -22.47 5.54
C LEU C 412 -10.27 -23.73 4.74
N ALA C 413 -9.53 -23.98 3.65
CA ALA C 413 -9.81 -25.16 2.85
C ALA C 413 -9.55 -26.44 3.63
N SER C 414 -8.47 -26.48 4.40
CA SER C 414 -8.17 -27.69 5.18
C SER C 414 -9.14 -27.88 6.33
N PHE C 415 -9.71 -26.79 6.86
CA PHE C 415 -10.74 -26.93 7.89
C PHE C 415 -12.03 -27.46 7.29
N TYR C 416 -12.48 -26.87 6.18
CA TYR C 416 -13.71 -27.32 5.55
C TYR C 416 -13.58 -28.70 4.92
N GLU C 417 -12.35 -29.14 4.63
CA GLU C 417 -12.14 -30.47 4.09
C GLU C 417 -12.40 -31.55 5.13
N ARG C 418 -12.40 -31.20 6.41
CA ARG C 418 -12.70 -32.15 7.46
C ARG C 418 -14.18 -32.48 7.54
N ALA C 419 -15.04 -31.64 6.99
CA ALA C 419 -16.45 -31.98 6.85
C ALA C 419 -16.61 -33.08 5.81
N GLY C 420 -17.62 -33.90 5.99
CA GLY C 420 -17.93 -34.93 5.03
C GLY C 420 -18.51 -36.14 5.71
N ARG C 421 -18.92 -37.10 4.88
CA ARG C 421 -19.48 -38.37 5.32
C ARG C 421 -18.42 -39.44 5.14
N VAL C 422 -18.19 -40.23 6.18
CA VAL C 422 -17.09 -41.18 6.20
C VAL C 422 -17.57 -42.54 6.66
N LYS C 423 -16.89 -43.57 6.17
CA LYS C 423 -16.99 -44.92 6.70
C LYS C 423 -16.06 -44.98 7.89
N CYS C 424 -16.62 -44.87 9.09
CA CYS C 424 -15.81 -44.63 10.28
C CYS C 424 -14.76 -45.72 10.45
N LEU C 425 -13.57 -45.29 10.85
CA LEU C 425 -12.51 -46.24 11.18
C LEU C 425 -12.96 -47.15 12.31
N GLY C 426 -12.56 -48.41 12.25
CA GLY C 426 -12.85 -49.36 13.30
C GLY C 426 -13.56 -50.58 12.76
N ASN C 427 -13.71 -51.57 13.64
CA ASN C 427 -14.24 -52.86 13.25
C ASN C 427 -15.75 -52.80 13.04
N PRO C 428 -16.55 -52.39 14.04
CA PRO C 428 -17.99 -52.29 13.80
C PRO C 428 -18.29 -51.39 12.61
N GLU C 429 -18.86 -51.95 11.55
CA GLU C 429 -19.10 -51.18 10.34
C GLU C 429 -20.04 -50.02 10.66
N ARG C 430 -19.51 -48.80 10.57
CA ARG C 430 -20.29 -47.59 10.87
C ARG C 430 -20.18 -46.63 9.70
N GLU C 431 -20.96 -45.57 9.76
CA GLU C 431 -20.84 -44.45 8.82
C GLU C 431 -21.29 -43.19 9.53
N GLY C 432 -20.36 -42.26 9.69
CA GLY C 432 -20.64 -40.99 10.33
C GLY C 432 -20.54 -39.86 9.34
N SER C 433 -20.76 -38.65 9.85
CA SER C 433 -20.61 -37.47 9.02
C SER C 433 -20.42 -36.26 9.92
N VAL C 434 -19.77 -35.23 9.37
CA VAL C 434 -19.65 -33.92 10.01
C VAL C 434 -20.09 -32.88 9.00
N SER C 435 -21.13 -32.13 9.33
CA SER C 435 -21.66 -31.08 8.47
C SER C 435 -21.26 -29.74 9.08
N ILE C 436 -20.42 -28.98 8.38
CA ILE C 436 -19.96 -27.69 8.87
C ILE C 436 -20.86 -26.61 8.30
N VAL C 437 -21.45 -25.81 9.20
CA VAL C 437 -22.37 -24.74 8.81
C VAL C 437 -21.77 -23.41 9.21
N GLY C 438 -20.43 -23.33 9.16
CA GLY C 438 -19.73 -22.15 9.61
C GLY C 438 -20.21 -20.87 8.98
N ALA C 439 -20.58 -19.90 9.81
CA ALA C 439 -21.05 -18.62 9.32
C ALA C 439 -19.89 -17.65 9.12
N VAL C 440 -20.10 -16.68 8.24
CA VAL C 440 -19.08 -15.69 7.90
C VAL C 440 -19.72 -14.31 7.92
N SER C 441 -18.90 -13.29 8.14
CA SER C 441 -19.37 -11.91 8.28
C SER C 441 -18.75 -11.04 7.19
N PRO C 442 -19.46 -10.77 6.10
CA PRO C 442 -18.91 -9.91 5.05
C PRO C 442 -18.94 -8.45 5.47
N PRO C 443 -17.82 -7.72 5.32
CA PRO C 443 -17.82 -6.31 5.72
C PRO C 443 -18.88 -5.50 5.01
N GLY C 444 -19.87 -5.01 5.75
CA GLY C 444 -20.90 -4.17 5.17
C GLY C 444 -21.66 -4.80 4.03
N GLY C 445 -21.77 -6.13 4.03
CA GLY C 445 -22.46 -6.83 2.97
C GLY C 445 -21.62 -7.13 1.75
N ASP C 446 -20.33 -6.85 1.78
CA ASP C 446 -19.45 -7.11 0.65
C ASP C 446 -18.84 -8.50 0.78
N PHE C 447 -19.11 -9.36 -0.20
CA PHE C 447 -18.61 -10.72 -0.22
C PHE C 447 -17.23 -10.82 -0.87
N SER C 448 -16.46 -9.73 -0.89
CA SER C 448 -15.20 -9.68 -1.60
C SER C 448 -13.97 -9.69 -0.70
N ASP C 449 -14.14 -9.67 0.62
CA ASP C 449 -12.99 -9.72 1.50
C ASP C 449 -12.37 -11.12 1.46
N PRO C 450 -11.09 -11.24 1.84
CA PRO C 450 -10.43 -12.55 1.68
C PRO C 450 -11.16 -13.69 2.37
N VAL C 451 -11.68 -13.45 3.58
CA VAL C 451 -12.30 -14.53 4.34
C VAL C 451 -13.59 -14.97 3.67
N THR C 452 -14.46 -14.03 3.32
CA THR C 452 -15.71 -14.39 2.68
C THR C 452 -15.47 -15.01 1.31
N SER C 453 -14.52 -14.47 0.56
CA SER C 453 -14.22 -15.03 -0.75
C SER C 453 -13.74 -16.47 -0.64
N ALA C 454 -12.80 -16.73 0.29
CA ALA C 454 -12.31 -18.09 0.48
C ALA C 454 -13.41 -19.02 0.94
N THR C 455 -14.26 -18.56 1.87
CA THR C 455 -15.33 -19.41 2.37
C THR C 455 -16.32 -19.75 1.26
N LEU C 456 -16.71 -18.76 0.46
CA LEU C 456 -17.65 -19.02 -0.61
C LEU C 456 -17.03 -19.89 -1.70
N GLY C 457 -15.74 -19.77 -1.93
CA GLY C 457 -15.08 -20.67 -2.86
C GLY C 457 -15.04 -22.10 -2.34
N ILE C 458 -14.87 -22.26 -1.03
CA ILE C 458 -14.72 -23.59 -0.46
C ILE C 458 -16.07 -24.26 -0.23
N VAL C 459 -16.97 -23.58 0.48
CA VAL C 459 -18.24 -24.17 0.86
C VAL C 459 -19.04 -24.49 -0.41
N GLN C 460 -20.04 -25.36 -0.27
CA GLN C 460 -20.89 -25.75 -1.37
C GLN C 460 -22.33 -25.28 -1.24
N VAL C 461 -22.71 -24.73 -0.09
CA VAL C 461 -24.03 -24.17 0.12
C VAL C 461 -23.87 -22.77 0.71
N PHE C 462 -24.80 -21.88 0.38
CA PHE C 462 -24.81 -20.53 0.91
C PHE C 462 -26.26 -20.14 1.14
N TRP C 463 -26.65 -19.99 2.40
CA TRP C 463 -28.04 -19.76 2.76
C TRP C 463 -28.38 -18.28 2.87
N GLY C 464 -27.42 -17.39 2.65
CA GLY C 464 -27.68 -16.00 2.35
C GLY C 464 -28.82 -15.34 3.09
N LEU C 465 -28.76 -15.33 4.41
CA LEU C 465 -29.74 -14.58 5.18
C LEU C 465 -29.66 -13.09 4.85
N ASP C 466 -30.81 -12.43 4.86
CA ASP C 466 -30.89 -11.03 4.45
C ASP C 466 -31.63 -10.24 5.52
N LYS C 467 -31.06 -9.10 5.91
CA LYS C 467 -31.76 -8.19 6.82
C LYS C 467 -32.92 -7.52 6.12
N LYS C 468 -32.83 -7.34 4.80
CA LYS C 468 -33.90 -6.68 4.07
C LYS C 468 -35.20 -7.48 4.17
N LEU C 469 -35.10 -8.80 4.03
CA LEU C 469 -36.30 -9.64 4.17
C LEU C 469 -36.76 -9.70 5.61
N ALA C 470 -35.83 -9.64 6.56
CA ALA C 470 -36.21 -9.61 7.97
C ALA C 470 -37.05 -8.39 8.27
N GLN C 471 -36.66 -7.23 7.74
CA GLN C 471 -37.45 -6.02 7.93
C GLN C 471 -38.84 -6.17 7.29
N ARG C 472 -38.90 -6.81 6.12
CA ARG C 472 -40.17 -7.05 5.45
C ARG C 472 -41.00 -8.10 6.19
N LYS C 473 -40.45 -8.64 7.28
CA LYS C 473 -41.11 -9.67 8.07
C LYS C 473 -41.26 -10.97 7.30
N HIS C 474 -40.29 -11.27 6.43
CA HIS C 474 -40.28 -12.51 5.67
C HIS C 474 -39.30 -13.46 6.35
N PHE C 475 -39.84 -14.30 7.24
CA PHE C 475 -39.03 -15.22 8.02
C PHE C 475 -39.32 -16.65 7.59
N PRO C 476 -38.30 -17.49 7.34
CA PRO C 476 -36.85 -17.22 7.39
C PRO C 476 -36.42 -16.18 6.36
N SER C 477 -35.35 -15.45 6.65
CA SER C 477 -34.91 -14.35 5.79
C SER C 477 -33.94 -14.79 4.72
N VAL C 478 -33.94 -16.07 4.33
CA VAL C 478 -33.10 -16.50 3.22
C VAL C 478 -33.56 -15.77 1.96
N ASN C 479 -32.62 -15.09 1.30
CA ASN C 479 -33.01 -14.22 0.19
C ASN C 479 -33.46 -15.00 -1.03
N TRP C 480 -33.18 -16.30 -1.09
CA TRP C 480 -33.63 -17.19 -2.16
C TRP C 480 -33.33 -16.64 -3.56
N LEU C 481 -32.40 -15.70 -3.66
CA LEU C 481 -31.88 -15.26 -4.95
C LEU C 481 -30.36 -15.27 -4.99
N ILE C 482 -29.70 -14.90 -3.89
CA ILE C 482 -28.25 -15.03 -3.81
C ILE C 482 -27.84 -16.35 -3.18
N SER C 483 -28.74 -17.00 -2.44
CA SER C 483 -28.46 -18.33 -1.92
C SER C 483 -28.19 -19.29 -3.07
N TYR C 484 -27.57 -20.41 -2.73
CA TYR C 484 -27.31 -21.45 -3.73
C TYR C 484 -26.97 -22.74 -2.99
N SER C 485 -27.05 -23.84 -3.73
CA SER C 485 -26.68 -25.15 -3.20
C SER C 485 -26.13 -25.99 -4.34
N LYS C 486 -24.92 -26.50 -4.15
CA LYS C 486 -24.25 -27.30 -5.17
C LYS C 486 -24.41 -28.80 -4.91
N TYR C 487 -25.27 -29.18 -3.98
CA TYR C 487 -25.50 -30.59 -3.65
C TYR C 487 -26.74 -31.15 -4.33
N MET C 488 -27.37 -30.38 -5.22
CA MET C 488 -28.57 -30.86 -5.88
C MET C 488 -28.28 -32.09 -6.74
N ARG C 489 -27.18 -32.06 -7.48
CA ARG C 489 -26.80 -33.21 -8.30
C ARG C 489 -26.41 -34.41 -7.45
N ALA C 490 -25.94 -34.18 -6.22
CA ALA C 490 -25.64 -35.29 -5.33
C ALA C 490 -26.91 -35.89 -4.73
N LEU C 491 -27.92 -35.05 -4.47
CA LEU C 491 -29.18 -35.49 -3.89
C LEU C 491 -30.20 -35.91 -4.92
N ASP C 492 -29.86 -35.84 -6.22
CA ASP C 492 -30.79 -36.29 -7.25
C ASP C 492 -31.19 -37.75 -7.02
N GLU C 493 -30.23 -38.61 -6.67
CA GLU C 493 -30.53 -40.01 -6.46
C GLU C 493 -31.50 -40.18 -5.29
N TYR C 494 -31.23 -39.51 -4.17
CA TYR C 494 -32.10 -39.63 -3.01
C TYR C 494 -33.50 -39.15 -3.32
N TYR C 495 -33.62 -38.01 -4.00
CA TYR C 495 -34.94 -37.51 -4.36
C TYR C 495 -35.66 -38.48 -5.27
N ASP C 496 -34.97 -38.97 -6.31
CA ASP C 496 -35.60 -39.88 -7.26
C ASP C 496 -36.01 -41.18 -6.58
N LYS C 497 -35.34 -41.56 -5.49
CA LYS C 497 -35.75 -42.77 -4.78
C LYS C 497 -36.96 -42.50 -3.90
N HIS C 498 -36.90 -41.47 -3.06
CA HIS C 498 -37.94 -41.24 -2.06
C HIS C 498 -38.98 -40.20 -2.47
N PHE C 499 -38.56 -39.16 -3.19
CA PHE C 499 -39.41 -38.01 -3.51
C PHE C 499 -39.38 -37.74 -5.01
N THR C 500 -39.66 -38.79 -5.79
CA THR C 500 -39.48 -38.77 -7.24
C THR C 500 -39.80 -37.42 -7.87
N GLU C 501 -40.92 -36.82 -7.49
CA GLU C 501 -41.40 -35.62 -8.15
C GLU C 501 -40.78 -34.34 -7.62
N PHE C 502 -39.97 -34.40 -6.56
CA PHE C 502 -39.50 -33.17 -5.94
C PHE C 502 -38.63 -32.35 -6.88
N VAL C 503 -37.73 -33.01 -7.62
CA VAL C 503 -36.75 -32.28 -8.42
C VAL C 503 -37.43 -31.38 -9.45
N PRO C 504 -38.36 -31.86 -10.28
CA PRO C 504 -39.04 -30.95 -11.20
C PRO C 504 -39.80 -29.85 -10.50
N LEU C 505 -40.41 -30.15 -9.35
CA LEU C 505 -41.12 -29.12 -8.59
C LEU C 505 -40.17 -28.01 -8.16
N ARG C 506 -38.99 -28.38 -7.66
CA ARG C 506 -38.02 -27.39 -7.22
C ARG C 506 -37.52 -26.58 -8.41
N THR C 507 -37.24 -27.24 -9.53
CA THR C 507 -36.78 -26.49 -10.71
C THR C 507 -37.84 -25.51 -11.17
N LYS C 508 -39.10 -25.93 -11.19
CA LYS C 508 -40.18 -25.04 -11.61
C LYS C 508 -40.35 -23.88 -10.64
N ALA C 509 -40.24 -24.15 -9.33
CA ALA C 509 -40.38 -23.09 -8.35
C ALA C 509 -39.26 -22.07 -8.50
N LYS C 510 -38.03 -22.54 -8.71
CA LYS C 510 -36.91 -21.63 -8.90
C LYS C 510 -37.09 -20.80 -10.16
N GLU C 511 -37.53 -21.42 -11.25
CA GLU C 511 -37.75 -20.65 -12.48
C GLU C 511 -38.87 -19.64 -12.30
N ILE C 512 -39.92 -20.01 -11.55
CA ILE C 512 -40.99 -19.06 -11.26
C ILE C 512 -40.43 -17.85 -10.53
N LEU C 513 -39.61 -18.10 -9.50
CA LEU C 513 -39.07 -16.98 -8.73
C LEU C 513 -38.16 -16.11 -9.58
N GLN C 514 -37.34 -16.73 -10.44
CA GLN C 514 -36.49 -15.95 -11.33
C GLN C 514 -37.32 -15.11 -12.29
N GLU C 515 -38.40 -15.69 -12.83
CA GLU C 515 -39.27 -14.94 -13.73
C GLU C 515 -39.92 -13.77 -13.01
N GLU C 516 -40.35 -13.98 -11.77
CA GLU C 516 -40.92 -12.88 -10.99
C GLU C 516 -39.89 -11.78 -10.79
N GLU C 517 -38.65 -12.15 -10.48
CA GLU C 517 -37.60 -11.16 -10.29
C GLU C 517 -37.38 -10.37 -11.58
N ASP C 518 -37.40 -11.06 -12.73
CA ASP C 518 -37.19 -10.37 -14.00
C ASP C 518 -38.37 -9.46 -14.35
N LEU C 519 -39.59 -9.89 -14.00
CA LEU C 519 -40.79 -9.11 -14.30
C LEU C 519 -40.98 -7.94 -13.35
N ALA C 520 -40.30 -7.93 -12.20
CA ALA C 520 -40.39 -6.78 -11.31
C ALA C 520 -39.96 -5.50 -12.01
N GLU C 521 -38.98 -5.59 -12.93
CA GLU C 521 -38.55 -4.39 -13.66
C GLU C 521 -39.57 -4.00 -14.73
N ILE C 522 -40.14 -4.99 -15.41
CA ILE C 522 -41.17 -4.69 -16.42
C ILE C 522 -42.38 -4.04 -15.76
N VAL C 523 -42.69 -4.43 -14.53
CA VAL C 523 -43.80 -3.81 -13.81
C VAL C 523 -43.52 -2.32 -13.63
N GLN C 524 -42.30 -1.97 -13.26
CA GLN C 524 -41.94 -0.56 -13.16
C GLN C 524 -42.04 0.14 -14.52
N LEU C 525 -41.56 -0.51 -15.57
CA LEU C 525 -41.47 0.15 -16.87
C LEU C 525 -42.84 0.39 -17.49
N VAL C 526 -43.77 -0.54 -17.37
CA VAL C 526 -45.06 -0.46 -18.03
C VAL C 526 -46.23 -0.68 -17.09
N GLY C 527 -45.99 -0.96 -15.81
CA GLY C 527 -47.07 -1.20 -14.89
C GLY C 527 -47.60 -2.62 -14.96
N LYS C 528 -48.53 -2.92 -14.06
CA LYS C 528 -49.12 -4.26 -14.01
C LYS C 528 -50.14 -4.48 -15.11
N ALA C 529 -50.88 -3.43 -15.49
CA ALA C 529 -51.92 -3.59 -16.49
C ALA C 529 -51.38 -4.06 -17.84
N SER C 530 -50.09 -3.83 -18.11
CA SER C 530 -49.48 -4.20 -19.36
C SER C 530 -48.93 -5.62 -19.37
N LEU C 531 -49.10 -6.37 -18.27
CA LEU C 531 -48.60 -7.72 -18.18
C LEU C 531 -49.55 -8.70 -18.84
N ALA C 532 -48.99 -9.68 -19.54
CA ALA C 532 -49.79 -10.73 -20.14
C ALA C 532 -50.42 -11.60 -19.06
N GLU C 533 -51.40 -12.42 -19.46
CA GLU C 533 -52.07 -13.28 -18.50
C GLU C 533 -51.10 -14.33 -17.93
N THR C 534 -50.21 -14.86 -18.78
CA THR C 534 -49.21 -15.79 -18.28
C THR C 534 -48.27 -15.10 -17.29
N ASP C 535 -47.88 -13.86 -17.58
CA ASP C 535 -47.06 -13.11 -16.64
C ASP C 535 -47.80 -12.84 -15.33
N LYS C 536 -49.09 -12.53 -15.43
CA LYS C 536 -49.87 -12.33 -14.20
C LYS C 536 -49.93 -13.61 -13.38
N ILE C 537 -50.10 -14.77 -14.04
CA ILE C 537 -50.09 -16.04 -13.34
C ILE C 537 -48.75 -16.25 -12.66
N THR C 538 -47.66 -15.99 -13.39
CA THR C 538 -46.33 -16.15 -12.80
C THR C 538 -46.16 -15.27 -11.57
N LEU C 539 -46.55 -14.01 -11.67
CA LEU C 539 -46.40 -13.11 -10.53
C LEU C 539 -47.25 -13.55 -9.35
N GLU C 540 -48.49 -13.96 -9.61
CA GLU C 540 -49.41 -14.28 -8.54
C GLU C 540 -49.22 -15.68 -7.97
N VAL C 541 -48.38 -16.51 -8.59
CA VAL C 541 -47.99 -17.77 -7.97
C VAL C 541 -46.62 -17.59 -7.31
N ALA C 542 -45.80 -16.69 -7.85
CA ALA C 542 -44.55 -16.37 -7.17
C ALA C 542 -44.82 -15.70 -5.83
N LYS C 543 -45.82 -14.82 -5.79
CA LYS C 543 -46.25 -14.26 -4.51
C LYS C 543 -46.76 -15.37 -3.60
N LEU C 544 -47.51 -16.32 -4.15
CA LEU C 544 -48.03 -17.43 -3.34
C LEU C 544 -46.88 -18.23 -2.73
N ILE C 545 -45.86 -18.53 -3.51
CA ILE C 545 -44.72 -19.29 -3.00
C ILE C 545 -43.94 -18.47 -1.98
N LYS C 546 -43.70 -17.20 -2.27
CA LYS C 546 -42.97 -16.35 -1.34
C LYS C 546 -43.66 -16.29 0.01
N ASP C 547 -44.96 -15.99 0.01
CA ASP C 547 -45.67 -15.69 1.25
C ASP C 547 -46.20 -16.92 1.95
N ASP C 548 -46.46 -18.02 1.23
CA ASP C 548 -47.10 -19.19 1.81
C ASP C 548 -46.26 -20.45 1.72
N PHE C 549 -45.13 -20.44 1.02
CA PHE C 549 -44.23 -21.58 1.01
C PHE C 549 -42.87 -21.23 1.62
N LEU C 550 -42.18 -20.24 1.07
CA LEU C 550 -40.89 -19.85 1.64
C LEU C 550 -41.05 -19.25 3.03
N GLN C 551 -42.02 -18.36 3.20
CA GLN C 551 -42.26 -17.76 4.49
C GLN C 551 -42.78 -18.80 5.47
N GLN C 552 -42.19 -18.84 6.66
CA GLN C 552 -42.49 -19.87 7.64
C GLN C 552 -42.21 -19.31 9.03
N ASN C 553 -43.16 -19.48 9.94
CA ASN C 553 -43.03 -18.97 11.29
C ASN C 553 -42.56 -20.08 12.21
N GLY C 554 -41.39 -19.90 12.83
CA GLY C 554 -40.83 -20.92 13.68
C GLY C 554 -41.46 -21.06 15.05
N TYR C 555 -42.37 -20.15 15.41
CA TYR C 555 -43.01 -20.19 16.71
C TYR C 555 -44.31 -20.98 16.72
N THR C 556 -44.99 -21.07 15.59
CA THR C 556 -46.27 -21.74 15.55
C THR C 556 -46.11 -23.24 15.81
N PRO C 557 -47.11 -23.88 16.42
CA PRO C 557 -47.02 -25.33 16.63
C PRO C 557 -47.18 -26.15 15.37
N TYR C 558 -47.69 -25.58 14.28
CA TYR C 558 -48.02 -26.36 13.10
C TYR C 558 -46.90 -26.39 12.08
N ASP C 559 -46.15 -25.31 11.92
CA ASP C 559 -45.08 -25.26 10.92
C ASP C 559 -43.76 -24.76 11.51
N ARG C 560 -43.55 -24.97 12.81
CA ARG C 560 -42.21 -24.78 13.35
C ARG C 560 -41.23 -25.72 12.69
N PHE C 561 -41.63 -26.99 12.52
CA PHE C 561 -40.86 -27.98 11.80
C PHE C 561 -41.74 -28.54 10.69
N CYS C 562 -41.27 -28.43 9.45
CA CYS C 562 -42.05 -28.85 8.28
C CYS C 562 -41.42 -30.11 7.70
N PRO C 563 -42.01 -31.29 7.92
CA PRO C 563 -41.42 -32.51 7.37
C PRO C 563 -41.33 -32.42 5.86
N PHE C 564 -40.31 -33.08 5.30
CA PHE C 564 -40.08 -32.95 3.86
C PHE C 564 -41.26 -33.45 3.05
N TYR C 565 -42.01 -34.44 3.56
CA TYR C 565 -43.20 -34.87 2.82
C TYR C 565 -44.21 -33.74 2.74
N LYS C 566 -44.39 -33.00 3.83
CA LYS C 566 -45.28 -31.84 3.80
C LYS C 566 -44.78 -30.79 2.85
N THR C 567 -43.48 -30.51 2.87
CA THR C 567 -42.91 -29.49 1.98
C THR C 567 -43.12 -29.85 0.52
N VAL C 568 -42.83 -31.11 0.16
CA VAL C 568 -43.00 -31.52 -1.21
C VAL C 568 -44.47 -31.53 -1.59
N GLY C 569 -45.36 -31.88 -0.66
CA GLY C 569 -46.79 -31.80 -0.96
C GLY C 569 -47.23 -30.38 -1.26
N MET C 570 -46.83 -29.44 -0.42
CA MET C 570 -47.22 -28.04 -0.66
C MET C 570 -46.66 -27.55 -1.99
N LEU C 571 -45.39 -27.83 -2.26
CA LEU C 571 -44.81 -27.36 -3.52
C LEU C 571 -45.48 -28.04 -4.70
N SER C 572 -45.85 -29.31 -4.56
CA SER C 572 -46.55 -30.01 -5.62
C SER C 572 -47.88 -29.33 -5.92
N ASN C 573 -48.64 -28.98 -4.87
CA ASN C 573 -49.92 -28.33 -5.10
C ASN C 573 -49.73 -26.95 -5.73
N MET C 574 -48.74 -26.19 -5.26
CA MET C 574 -48.52 -24.86 -5.84
C MET C 574 -48.14 -24.95 -7.31
N ILE C 575 -47.22 -25.85 -7.64
CA ILE C 575 -46.79 -25.96 -9.03
C ILE C 575 -47.90 -26.56 -9.89
N SER C 576 -48.74 -27.43 -9.33
CA SER C 576 -49.89 -27.93 -10.07
C SER C 576 -50.85 -26.78 -10.39
N PHE C 577 -51.14 -25.93 -9.40
CA PHE C 577 -51.98 -24.78 -9.68
C PHE C 577 -51.38 -23.92 -10.77
N TYR C 578 -50.07 -23.67 -10.68
CA TYR C 578 -49.40 -22.87 -11.69
C TYR C 578 -49.54 -23.50 -13.07
N ASP C 579 -49.26 -24.79 -13.19
CA ASP C 579 -49.26 -25.44 -14.49
C ASP C 579 -50.65 -25.47 -15.10
N MET C 580 -51.67 -25.81 -14.30
CA MET C 580 -53.02 -25.88 -14.85
C MET C 580 -53.56 -24.49 -15.19
N ALA C 581 -53.22 -23.48 -14.39
CA ALA C 581 -53.60 -22.11 -14.74
C ALA C 581 -52.93 -21.69 -16.04
N ARG C 582 -51.64 -21.97 -16.18
CA ARG C 582 -50.93 -21.63 -17.41
C ARG C 582 -51.53 -22.35 -18.60
N ARG C 583 -51.87 -23.62 -18.42
CA ARG C 583 -52.49 -24.39 -19.51
C ARG C 583 -53.82 -23.78 -19.91
N ALA C 584 -54.65 -23.41 -18.94
CA ALA C 584 -55.93 -22.79 -19.24
C ALA C 584 -55.73 -21.49 -20.01
N VAL C 585 -54.81 -20.65 -19.55
CA VAL C 585 -54.60 -19.36 -20.20
C VAL C 585 -54.10 -19.57 -21.63
N GLU C 586 -53.15 -20.48 -21.81
CA GLU C 586 -52.60 -20.70 -23.14
C GLU C 586 -53.62 -21.30 -24.10
N THR C 587 -54.41 -22.26 -23.63
CA THR C 587 -55.36 -22.96 -24.48
C THR C 587 -56.67 -22.20 -24.68
N THR C 588 -56.90 -21.13 -23.93
CA THR C 588 -58.02 -20.23 -24.20
C THR C 588 -57.58 -18.93 -24.86
N ALA C 589 -56.29 -18.79 -25.19
CA ALA C 589 -55.85 -17.62 -25.94
C ALA C 589 -56.40 -17.64 -27.36
N GLN C 590 -56.73 -18.82 -27.88
CA GLN C 590 -57.25 -18.94 -29.23
C GLN C 590 -58.74 -18.65 -29.32
N SER C 591 -59.45 -18.61 -28.20
CA SER C 591 -60.88 -18.41 -28.18
C SER C 591 -61.23 -16.95 -27.92
N ASP C 592 -62.46 -16.58 -28.29
CA ASP C 592 -62.96 -15.25 -27.97
C ASP C 592 -63.26 -15.11 -26.49
N ASN C 593 -63.64 -16.20 -25.83
CA ASN C 593 -63.85 -16.20 -24.38
C ASN C 593 -62.55 -16.52 -23.65
N LYS C 594 -61.52 -15.76 -23.95
CA LYS C 594 -60.19 -16.03 -23.39
C LYS C 594 -60.21 -15.90 -21.88
N ILE C 595 -59.58 -16.86 -21.21
CA ILE C 595 -59.47 -16.82 -19.75
C ILE C 595 -58.40 -15.82 -19.36
N THR C 596 -58.57 -15.23 -18.17
CA THR C 596 -57.61 -14.30 -17.60
C THR C 596 -57.36 -14.67 -16.16
N TRP C 597 -56.22 -14.24 -15.62
CA TRP C 597 -55.92 -14.50 -14.22
C TRP C 597 -57.03 -13.98 -13.32
N SER C 598 -57.64 -12.85 -13.70
CA SER C 598 -58.76 -12.34 -12.91
C SER C 598 -59.92 -13.31 -12.91
N ILE C 599 -60.23 -13.90 -14.06
CA ILE C 599 -61.30 -14.89 -14.13
C ILE C 599 -61.00 -16.06 -13.21
N ILE C 600 -59.77 -16.57 -13.27
CA ILE C 600 -59.40 -17.73 -12.46
C ILE C 600 -59.49 -17.39 -10.97
N ARG C 601 -58.99 -16.22 -10.60
CA ARG C 601 -59.06 -15.80 -9.19
C ARG C 601 -60.51 -15.69 -8.73
N GLU C 602 -61.36 -15.06 -9.54
CA GLU C 602 -62.76 -14.90 -9.16
C GLU C 602 -63.43 -16.26 -8.98
N HIS C 603 -63.12 -17.21 -9.85
CA HIS C 603 -63.76 -18.52 -9.77
C HIS C 603 -63.20 -19.39 -8.65
N MET C 604 -61.92 -19.27 -8.34
CA MET C 604 -61.24 -20.20 -7.44
C MET C 604 -60.53 -19.47 -6.30
N GLY C 605 -61.14 -18.40 -5.81
CA GLY C 605 -60.70 -17.84 -4.55
C GLY C 605 -60.63 -18.88 -3.45
N GLU C 606 -61.56 -19.84 -3.45
CA GLU C 606 -61.53 -20.88 -2.44
C GLU C 606 -60.28 -21.75 -2.58
N ILE C 607 -59.94 -22.13 -3.81
CA ILE C 607 -58.75 -22.95 -4.03
C ILE C 607 -57.50 -22.17 -3.64
N LEU C 608 -57.44 -20.88 -3.99
CA LEU C 608 -56.28 -20.08 -3.61
C LEU C 608 -56.18 -19.96 -2.10
N TYR C 609 -57.32 -19.81 -1.42
CA TYR C 609 -57.30 -19.76 0.04
C TYR C 609 -56.80 -21.06 0.63
N LYS C 610 -57.22 -22.19 0.05
CA LYS C 610 -56.74 -23.48 0.54
C LYS C 610 -55.24 -23.63 0.29
N LEU C 611 -54.74 -23.15 -0.85
CA LEU C 611 -53.31 -23.18 -1.09
C LEU C 611 -52.56 -22.36 -0.05
N SER C 612 -53.09 -21.17 0.27
CA SER C 612 -52.46 -20.36 1.31
C SER C 612 -52.52 -21.04 2.67
N SER C 613 -53.57 -21.82 2.91
CA SER C 613 -53.75 -22.46 4.20
C SER C 613 -53.09 -23.82 4.30
N MET C 614 -52.50 -24.33 3.23
CA MET C 614 -51.79 -25.61 3.34
C MET C 614 -50.76 -25.59 4.46
N LYS C 615 -50.19 -24.43 4.75
CA LYS C 615 -49.22 -24.31 5.85
C LYS C 615 -49.77 -24.88 7.14
N PHE C 616 -51.05 -24.61 7.43
CA PHE C 616 -51.61 -24.77 8.76
C PHE C 616 -51.86 -26.22 9.14
N LYS C 617 -51.40 -27.18 8.34
CA LYS C 617 -51.54 -28.58 8.69
C LYS C 617 -50.48 -28.94 9.73
N ASP C 618 -50.92 -29.50 10.85
CA ASP C 618 -50.01 -29.86 11.93
C ASP C 618 -49.41 -31.24 11.64
N PRO C 619 -48.09 -31.35 11.46
CA PRO C 619 -47.51 -32.68 11.20
C PRO C 619 -47.76 -33.66 12.34
N VAL C 620 -47.91 -33.18 13.57
CA VAL C 620 -48.09 -34.08 14.70
C VAL C 620 -49.52 -34.59 14.76
N LYS C 621 -50.48 -33.68 14.95
CA LYS C 621 -51.88 -34.09 15.03
C LYS C 621 -52.38 -34.62 13.71
N ASP C 622 -52.14 -33.88 12.63
CA ASP C 622 -52.48 -34.34 11.28
C ASP C 622 -51.30 -35.17 10.79
N GLY C 623 -51.39 -36.48 10.99
CA GLY C 623 -50.31 -37.38 10.61
C GLY C 623 -49.94 -37.23 9.15
N GLU C 624 -48.85 -37.91 8.78
CA GLU C 624 -48.41 -37.90 7.39
C GLU C 624 -49.52 -38.36 6.47
N ALA C 625 -50.23 -39.42 6.86
CA ALA C 625 -51.31 -39.93 6.03
C ALA C 625 -52.41 -38.89 5.86
N LYS C 626 -52.81 -38.23 6.96
CA LYS C 626 -53.88 -37.26 6.87
C LYS C 626 -53.47 -36.05 6.04
N ILE C 627 -52.26 -35.54 6.23
CA ILE C 627 -51.81 -34.37 5.46
C ILE C 627 -51.71 -34.74 3.98
N LYS C 628 -51.16 -35.91 3.67
CA LYS C 628 -51.08 -36.32 2.27
C LYS C 628 -52.47 -36.46 1.67
N ALA C 629 -53.41 -37.06 2.41
CA ALA C 629 -54.76 -37.21 1.89
C ALA C 629 -55.43 -35.87 1.69
N ASP C 630 -55.22 -34.93 2.61
CA ASP C 630 -55.83 -33.61 2.47
C ASP C 630 -55.24 -32.86 1.29
N TYR C 631 -53.94 -32.98 1.05
CA TYR C 631 -53.33 -32.35 -0.11
C TYR C 631 -53.82 -32.99 -1.40
N ALA C 632 -54.01 -34.31 -1.40
CA ALA C 632 -54.56 -34.98 -2.57
C ALA C 632 -55.99 -34.55 -2.84
N GLN C 633 -56.79 -34.39 -1.78
CA GLN C 633 -58.15 -33.87 -1.93
C GLN C 633 -58.12 -32.44 -2.46
N LEU C 634 -57.19 -31.63 -1.97
CA LEU C 634 -57.05 -30.28 -2.50
C LEU C 634 -56.73 -30.33 -3.99
N LEU C 635 -55.80 -31.20 -4.40
CA LEU C 635 -55.47 -31.31 -5.81
C LEU C 635 -56.68 -31.76 -6.62
N GLU C 636 -57.47 -32.67 -6.07
CA GLU C 636 -58.68 -33.10 -6.75
C GLU C 636 -59.63 -31.93 -6.95
N ASP C 637 -59.77 -31.09 -5.93
CA ASP C 637 -60.65 -29.92 -6.05
C ASP C 637 -60.13 -28.93 -7.08
N MET C 638 -58.81 -28.68 -7.11
CA MET C 638 -58.28 -27.81 -8.16
C MET C 638 -58.54 -28.40 -9.53
N GLN C 639 -58.36 -29.72 -9.69
CA GLN C 639 -58.61 -30.33 -10.98
C GLN C 639 -60.07 -30.18 -11.39
N ASN C 640 -60.99 -30.41 -10.44
CA ASN C 640 -62.41 -30.27 -10.74
C ASN C 640 -62.74 -28.83 -11.14
N ALA C 641 -62.24 -27.86 -10.38
CA ALA C 641 -62.53 -26.47 -10.67
C ALA C 641 -61.98 -26.05 -12.03
N PHE C 642 -60.74 -26.45 -12.32
CA PHE C 642 -60.14 -26.09 -13.61
C PHE C 642 -60.86 -26.77 -14.76
N ARG C 643 -61.24 -28.03 -14.59
CA ARG C 643 -61.97 -28.74 -15.63
C ARG C 643 -63.31 -28.05 -15.90
N SER C 644 -64.01 -27.64 -14.84
CA SER C 644 -65.27 -26.92 -15.03
C SER C 644 -65.05 -25.60 -15.73
N LEU C 645 -64.03 -24.85 -15.31
CA LEU C 645 -63.77 -23.54 -15.90
C LEU C 645 -63.32 -23.67 -17.35
N GLU C 646 -62.39 -24.59 -17.61
CA GLU C 646 -61.88 -24.79 -18.97
C GLU C 646 -62.93 -25.42 -19.86
N TYR D 39 26.95 -45.19 -9.07
CA TYR D 39 26.05 -45.31 -7.92
C TYR D 39 26.78 -44.95 -6.64
N LEU D 40 26.04 -44.44 -5.66
CA LEU D 40 26.61 -44.02 -4.38
C LEU D 40 26.73 -45.25 -3.48
N SER D 41 27.96 -45.65 -3.18
CA SER D 41 28.20 -46.80 -2.33
C SER D 41 28.49 -46.43 -0.87
N GLN D 42 28.98 -45.23 -0.62
CA GLN D 42 29.38 -44.86 0.73
C GLN D 42 28.17 -44.80 1.64
N PRO D 43 28.29 -45.25 2.89
CA PRO D 43 27.14 -45.17 3.81
C PRO D 43 26.76 -43.73 4.08
N ARG D 44 25.46 -43.49 4.20
CA ARG D 44 24.98 -42.12 4.38
C ARG D 44 24.94 -41.75 5.85
N LEU D 45 25.31 -40.50 6.13
CA LEU D 45 25.45 -40.01 7.49
C LEU D 45 24.09 -39.62 8.06
N THR D 46 23.89 -39.97 9.33
CA THR D 46 22.68 -39.62 10.07
C THR D 46 23.06 -38.64 11.18
N TYR D 47 22.43 -37.47 11.18
CA TYR D 47 22.74 -36.40 12.13
C TYR D 47 21.59 -36.24 13.11
N LYS D 48 21.90 -36.26 14.39
CA LYS D 48 20.98 -35.82 15.44
C LYS D 48 21.26 -34.38 15.85
N THR D 49 22.12 -33.68 15.11
CA THR D 49 22.56 -32.34 15.47
C THR D 49 21.63 -31.30 14.84
N VAL D 50 20.40 -31.28 15.33
CA VAL D 50 19.42 -30.30 14.87
C VAL D 50 19.61 -29.04 15.70
N SER D 51 20.25 -28.03 15.12
CA SER D 51 20.54 -26.81 15.87
C SER D 51 19.27 -26.06 16.22
N GLY D 52 18.36 -25.88 15.27
CA GLY D 52 17.16 -25.12 15.52
C GLY D 52 16.07 -25.45 14.53
N VAL D 53 14.85 -25.04 14.87
CA VAL D 53 13.68 -25.24 14.04
C VAL D 53 12.88 -23.94 14.04
N ASN D 54 12.29 -23.61 12.90
CA ASN D 54 11.53 -22.38 12.76
C ASN D 54 10.64 -22.52 11.53
N GLY D 55 9.32 -22.47 11.73
CA GLY D 55 8.40 -22.65 10.64
C GLY D 55 8.62 -23.99 9.97
N PRO D 56 8.71 -24.02 8.65
CA PRO D 56 8.99 -25.28 7.94
C PRO D 56 10.47 -25.61 7.76
N LEU D 57 11.37 -24.85 8.37
CA LEU D 57 12.81 -25.00 8.13
C LEU D 57 13.47 -25.60 9.38
N VAL D 58 13.79 -26.89 9.31
CA VAL D 58 14.75 -27.45 10.25
C VAL D 58 16.12 -26.89 9.90
N ILE D 59 17.00 -26.80 10.88
CA ILE D 59 18.37 -26.34 10.66
C ILE D 59 19.28 -27.34 11.33
N LEU D 60 20.25 -27.86 10.58
CA LEU D 60 21.18 -28.87 11.07
C LEU D 60 22.57 -28.28 11.13
N ASP D 61 23.31 -28.62 12.18
CA ASP D 61 24.67 -28.14 12.37
C ASP D 61 25.62 -29.32 12.33
N HIS D 62 26.91 -29.00 12.18
CA HIS D 62 27.96 -30.01 12.12
C HIS D 62 27.76 -30.95 10.92
N VAL D 63 27.08 -30.49 9.89
CA VAL D 63 26.92 -31.27 8.67
C VAL D 63 28.24 -31.29 7.93
N LYS D 64 28.66 -32.49 7.51
CA LYS D 64 29.97 -32.67 6.89
C LYS D 64 29.82 -32.49 5.38
N PHE D 65 30.20 -31.32 4.88
CA PHE D 65 30.15 -31.00 3.47
C PHE D 65 28.72 -31.06 2.97
N PRO D 66 27.84 -30.19 3.46
CA PRO D 66 26.45 -30.21 2.99
C PRO D 66 26.37 -29.94 1.50
N ARG D 67 25.37 -30.54 0.86
CA ARG D 67 25.13 -30.38 -0.56
C ARG D 67 23.82 -29.63 -0.76
N TYR D 68 23.87 -28.56 -1.54
CA TYR D 68 22.68 -27.75 -1.77
C TYR D 68 21.64 -28.56 -2.53
N ALA D 69 20.38 -28.39 -2.15
CA ALA D 69 19.24 -29.11 -2.70
C ALA D 69 19.27 -30.59 -2.38
N GLU D 70 20.15 -31.02 -1.49
CA GLU D 70 20.21 -32.42 -1.10
C GLU D 70 18.95 -32.81 -0.33
N ILE D 71 18.57 -34.08 -0.44
CA ILE D 71 17.39 -34.60 0.23
C ILE D 71 17.79 -35.24 1.55
N VAL D 72 16.93 -35.06 2.56
CA VAL D 72 17.19 -35.49 3.92
C VAL D 72 15.96 -36.24 4.43
N HIS D 73 16.18 -37.30 5.18
CA HIS D 73 15.10 -38.11 5.74
C HIS D 73 15.14 -37.95 7.26
N LEU D 74 14.08 -37.38 7.83
CA LEU D 74 14.01 -37.06 9.25
C LEU D 74 13.16 -38.11 9.97
N THR D 75 13.78 -38.85 10.87
CA THR D 75 13.05 -39.69 11.81
C THR D 75 12.76 -38.88 13.06
N LEU D 76 11.49 -38.53 13.25
CA LEU D 76 11.07 -37.72 14.38
C LEU D 76 11.16 -38.54 15.66
N PRO D 77 10.94 -37.93 16.82
CA PRO D 77 11.01 -38.69 18.08
C PRO D 77 10.05 -39.87 18.11
N ASP D 78 8.85 -39.71 17.57
CA ASP D 78 7.83 -40.76 17.61
C ASP D 78 7.92 -41.70 16.43
N GLY D 79 9.06 -41.72 15.73
CA GLY D 79 9.25 -42.61 14.61
C GLY D 79 8.65 -42.15 13.31
N THR D 80 7.93 -41.02 13.30
CA THR D 80 7.34 -40.53 12.06
C THR D 80 8.45 -40.08 11.12
N LYS D 81 8.48 -40.66 9.92
CA LYS D 81 9.53 -40.39 8.96
C LYS D 81 9.03 -39.33 7.98
N ARG D 82 9.63 -38.14 8.06
CA ARG D 82 9.37 -37.06 7.12
C ARG D 82 10.56 -36.89 6.20
N SER D 83 10.40 -36.01 5.21
CA SER D 83 11.44 -35.74 4.24
C SER D 83 11.61 -34.23 4.11
N GLY D 84 12.81 -33.82 3.73
CA GLY D 84 13.11 -32.42 3.55
C GLY D 84 14.17 -32.23 2.49
N GLN D 85 14.34 -30.97 2.10
CA GLN D 85 15.27 -30.61 1.04
C GLN D 85 16.14 -29.45 1.52
N VAL D 86 17.45 -29.60 1.37
CA VAL D 86 18.40 -28.61 1.88
C VAL D 86 18.24 -27.35 1.03
N LEU D 87 17.64 -26.32 1.59
CA LEU D 87 17.43 -25.07 0.87
C LEU D 87 18.67 -24.18 0.89
N GLU D 88 19.61 -24.43 1.78
CA GLU D 88 20.78 -23.57 1.91
C GLU D 88 21.84 -24.31 2.69
N VAL D 89 23.09 -24.04 2.35
CA VAL D 89 24.24 -24.61 3.05
C VAL D 89 25.19 -23.47 3.38
N SER D 90 25.83 -23.56 4.54
CA SER D 90 26.79 -22.54 4.94
C SER D 90 27.74 -23.16 5.97
N GLY D 91 28.97 -23.42 5.55
CA GLY D 91 29.91 -24.05 6.44
C GLY D 91 29.43 -25.45 6.82
N SER D 92 29.12 -25.64 8.09
CA SER D 92 28.60 -26.90 8.60
C SER D 92 27.10 -26.85 8.85
N LYS D 93 26.42 -25.79 8.41
CA LYS D 93 24.99 -25.61 8.62
C LYS D 93 24.23 -25.93 7.34
N ALA D 94 23.08 -26.58 7.49
CA ALA D 94 22.21 -26.91 6.37
C ALA D 94 20.79 -26.62 6.77
N VAL D 95 20.12 -25.76 6.00
CA VAL D 95 18.71 -25.43 6.23
C VAL D 95 17.87 -26.40 5.42
N VAL D 96 17.15 -27.27 6.12
CA VAL D 96 16.39 -28.36 5.52
C VAL D 96 14.92 -27.96 5.53
N GLN D 97 14.33 -27.84 4.35
CA GLN D 97 12.89 -27.55 4.26
C GLN D 97 12.12 -28.86 4.33
N VAL D 98 11.43 -29.09 5.45
CA VAL D 98 10.66 -30.31 5.65
C VAL D 98 9.39 -30.23 4.84
N PHE D 99 9.09 -31.29 4.10
CA PHE D 99 7.91 -31.29 3.22
C PHE D 99 6.62 -31.43 4.01
N GLU D 100 6.62 -32.22 5.08
CA GLU D 100 5.43 -32.47 5.86
C GLU D 100 5.21 -31.47 6.99
N GLY D 101 6.09 -30.48 7.13
CA GLY D 101 5.99 -29.51 8.19
C GLY D 101 6.81 -29.91 9.41
N THR D 102 7.23 -28.89 10.17
CA THR D 102 8.14 -29.09 11.28
C THR D 102 7.44 -29.40 12.59
N SER D 103 6.11 -29.43 12.61
CA SER D 103 5.40 -29.73 13.85
C SER D 103 5.82 -31.09 14.37
N GLY D 104 6.13 -31.15 15.67
CA GLY D 104 6.60 -32.36 16.29
C GLY D 104 8.08 -32.62 16.17
N ILE D 105 8.82 -31.75 15.49
CA ILE D 105 10.26 -31.92 15.36
C ILE D 105 10.92 -31.59 16.68
N ASP D 106 11.77 -32.49 17.16
CA ASP D 106 12.53 -32.27 18.38
C ASP D 106 13.96 -31.88 18.03
N ALA D 107 14.62 -31.18 18.94
CA ALA D 107 15.97 -30.70 18.69
C ALA D 107 17.03 -31.76 19.02
N LYS D 108 16.83 -32.54 20.08
CA LYS D 108 17.84 -33.49 20.52
C LYS D 108 17.59 -34.91 20.05
N LYS D 109 16.38 -35.22 19.54
CA LYS D 109 16.01 -36.58 19.25
C LYS D 109 15.73 -36.85 17.77
N THR D 110 15.35 -35.84 16.99
CA THR D 110 15.14 -36.04 15.57
C THR D 110 16.45 -36.40 14.90
N SER D 111 16.42 -37.45 14.07
CA SER D 111 17.62 -37.92 13.39
C SER D 111 17.45 -37.75 11.89
N CYS D 112 18.35 -36.97 11.28
CA CYS D 112 18.25 -36.63 9.87
C CYS D 112 19.37 -37.34 9.12
N GLU D 113 19.02 -38.26 8.23
CA GLU D 113 20.00 -38.94 7.40
C GLU D 113 20.01 -38.31 6.02
N PHE D 114 21.19 -37.96 5.54
CA PHE D 114 21.33 -37.21 4.29
C PHE D 114 21.49 -38.20 3.15
N THR D 115 20.57 -38.14 2.18
CA THR D 115 20.55 -39.12 1.10
C THR D 115 21.79 -39.06 0.22
N GLY D 116 22.55 -37.97 0.29
CA GLY D 116 23.74 -37.86 -0.53
C GLY D 116 23.48 -37.46 -1.96
N ASP D 117 22.21 -37.19 -2.32
CA ASP D 117 21.87 -36.87 -3.69
C ASP D 117 20.63 -35.99 -3.69
N ILE D 118 20.44 -35.26 -4.78
CA ILE D 118 19.28 -34.40 -4.95
C ILE D 118 18.04 -35.27 -5.14
N LEU D 119 16.86 -34.66 -5.06
CA LEU D 119 15.61 -35.42 -5.19
C LEU D 119 15.55 -36.07 -6.57
N ARG D 120 15.24 -37.35 -6.61
CA ARG D 120 15.15 -38.10 -7.84
C ARG D 120 13.90 -38.98 -7.82
N THR D 121 13.07 -38.83 -8.82
CA THR D 121 11.85 -39.61 -8.93
C THR D 121 12.16 -40.94 -9.61
N PRO D 122 11.65 -42.06 -9.09
CA PRO D 122 11.73 -43.33 -9.83
C PRO D 122 10.64 -43.39 -10.89
N VAL D 123 11.03 -43.48 -12.15
CA VAL D 123 10.12 -43.39 -13.28
C VAL D 123 10.16 -44.70 -14.04
N SER D 124 8.99 -45.20 -14.41
CA SER D 124 8.83 -46.35 -15.28
C SER D 124 7.55 -46.18 -16.08
N GLU D 125 7.46 -46.88 -17.20
CA GLU D 125 6.26 -46.78 -18.03
C GLU D 125 5.04 -47.34 -17.31
N ASP D 126 5.25 -48.19 -16.30
CA ASP D 126 4.13 -48.71 -15.51
C ASP D 126 3.48 -47.62 -14.68
N MET D 127 4.09 -46.44 -14.56
CA MET D 127 3.46 -45.35 -13.83
C MET D 127 2.13 -44.94 -14.45
N LEU D 128 1.93 -45.25 -15.74
CA LEU D 128 0.63 -45.00 -16.36
C LEU D 128 -0.40 -45.97 -15.79
N GLY D 129 -1.52 -45.45 -15.32
CA GLY D 129 -2.52 -46.27 -14.67
C GLY D 129 -2.30 -46.44 -13.19
N ARG D 130 -1.72 -45.45 -12.53
CA ARG D 130 -1.43 -45.51 -11.10
C ARG D 130 -1.87 -44.21 -10.45
N VAL D 131 -2.12 -44.28 -9.15
CA VAL D 131 -2.44 -43.12 -8.34
C VAL D 131 -1.38 -43.01 -7.25
N PHE D 132 -0.75 -41.83 -7.16
CA PHE D 132 0.24 -41.55 -6.14
C PHE D 132 -0.18 -40.28 -5.40
N ASN D 133 0.32 -40.13 -4.17
CA ASN D 133 0.08 -38.91 -3.42
C ASN D 133 0.99 -37.81 -3.98
N GLY D 134 0.95 -36.63 -3.38
CA GLY D 134 1.73 -35.52 -3.90
C GLY D 134 3.22 -35.76 -3.90
N SER D 135 3.70 -36.73 -3.13
CA SER D 135 5.11 -37.04 -3.01
C SER D 135 5.51 -38.26 -3.84
N GLY D 136 4.63 -38.76 -4.70
CA GLY D 136 4.97 -39.87 -5.56
C GLY D 136 4.84 -41.24 -4.94
N LYS D 137 4.34 -41.34 -3.71
CA LYS D 137 4.15 -42.64 -3.08
C LYS D 137 2.76 -43.18 -3.40
N PRO D 138 2.63 -44.43 -3.84
CA PRO D 138 1.33 -44.92 -4.33
C PRO D 138 0.27 -44.87 -3.24
N ILE D 139 -0.95 -44.53 -3.65
CA ILE D 139 -2.09 -44.52 -2.74
C ILE D 139 -3.23 -45.32 -3.36
N ASP D 140 -2.90 -46.25 -4.26
CA ASP D 140 -3.88 -47.14 -4.85
C ASP D 140 -3.71 -48.57 -4.36
N ARG D 141 -2.94 -48.77 -3.30
CA ARG D 141 -2.65 -50.10 -2.74
C ARG D 141 -1.89 -50.97 -3.74
N GLY D 142 -1.12 -50.36 -4.62
CA GLY D 142 -0.19 -51.08 -5.46
C GLY D 142 1.21 -50.99 -4.87
N PRO D 143 2.17 -51.65 -5.51
CA PRO D 143 3.56 -51.58 -5.03
C PRO D 143 4.21 -50.26 -5.40
N VAL D 144 5.37 -50.01 -4.79
CA VAL D 144 6.15 -48.85 -5.18
C VAL D 144 6.60 -49.00 -6.62
N VAL D 145 7.03 -47.88 -7.20
CA VAL D 145 7.43 -47.86 -8.60
C VAL D 145 8.76 -48.58 -8.74
N LEU D 146 8.77 -49.68 -9.49
CA LEU D 146 10.02 -50.37 -9.83
C LEU D 146 10.69 -49.54 -10.91
N ALA D 147 11.64 -48.72 -10.52
CA ALA D 147 12.14 -47.67 -11.40
C ALA D 147 12.77 -48.24 -12.66
N GLU D 148 12.35 -47.70 -13.81
CA GLU D 148 13.14 -47.85 -15.02
C GLU D 148 14.33 -46.91 -15.00
N ASP D 149 14.16 -45.73 -14.39
CA ASP D 149 15.26 -44.79 -14.24
C ASP D 149 14.98 -43.93 -13.02
N PHE D 150 16.02 -43.23 -12.56
CA PHE D 150 15.90 -42.25 -11.48
C PHE D 150 16.18 -40.89 -12.08
N LEU D 151 15.13 -40.10 -12.27
CA LEU D 151 15.21 -38.85 -13.01
C LEU D 151 15.17 -37.67 -12.05
N ASP D 152 16.04 -36.69 -12.28
CA ASP D 152 16.05 -35.49 -11.46
C ASP D 152 14.68 -34.83 -11.51
N ILE D 153 14.16 -34.49 -10.33
CA ILE D 153 12.80 -33.95 -10.25
C ILE D 153 12.71 -32.61 -10.96
N MET D 154 13.77 -31.79 -10.89
CA MET D 154 13.75 -30.47 -11.50
C MET D 154 13.92 -30.51 -13.02
N GLY D 155 14.34 -31.64 -13.58
CA GLY D 155 14.55 -31.72 -15.00
C GLY D 155 15.65 -30.78 -15.45
N GLN D 156 15.69 -30.56 -16.76
CA GLN D 156 16.66 -29.66 -17.37
C GLN D 156 15.95 -28.80 -18.41
N PRO D 157 16.40 -27.58 -18.63
CA PRO D 157 15.86 -26.80 -19.74
C PRO D 157 16.30 -27.38 -21.08
N ILE D 158 15.36 -27.46 -22.01
CA ILE D 158 15.64 -28.03 -23.32
C ILE D 158 16.42 -27.01 -24.14
N ASN D 159 17.48 -27.47 -24.79
CA ASN D 159 18.28 -26.64 -25.67
C ASN D 159 17.37 -25.99 -26.71
N PRO D 160 17.19 -24.67 -26.69
CA PRO D 160 16.24 -24.07 -27.64
C PRO D 160 16.55 -24.40 -29.09
N GLN D 161 17.82 -24.62 -29.44
CA GLN D 161 18.14 -24.97 -30.82
C GLN D 161 17.56 -26.32 -31.21
N CYS D 162 17.42 -27.24 -30.26
CA CYS D 162 16.87 -28.56 -30.52
C CYS D 162 15.38 -28.66 -30.25
N ARG D 163 14.76 -27.62 -29.69
CA ARG D 163 13.33 -27.63 -29.45
C ARG D 163 12.58 -27.42 -30.77
N ILE D 164 11.55 -28.21 -30.99
CA ILE D 164 10.73 -28.11 -32.19
C ILE D 164 9.51 -27.24 -31.87
N TYR D 165 9.07 -26.47 -32.85
CA TYR D 165 7.93 -25.57 -32.67
C TYR D 165 6.64 -26.34 -32.87
N PRO D 166 5.73 -26.38 -31.90
CA PRO D 166 4.47 -27.11 -32.09
C PRO D 166 3.69 -26.58 -33.28
N GLU D 167 3.20 -27.50 -34.12
CA GLU D 167 2.38 -27.12 -35.27
C GLU D 167 1.25 -28.09 -35.53
N GLU D 168 1.05 -29.11 -34.70
CA GLU D 168 0.00 -30.10 -34.90
C GLU D 168 -1.19 -29.72 -34.01
N MET D 169 -2.27 -29.26 -34.63
CA MET D 169 -3.40 -28.75 -33.87
C MET D 169 -4.13 -29.89 -33.17
N ILE D 170 -4.49 -29.67 -31.91
CA ILE D 170 -5.31 -30.61 -31.17
C ILE D 170 -6.77 -30.21 -31.32
N GLN D 171 -7.62 -31.18 -31.64
CA GLN D 171 -9.05 -30.93 -31.80
C GLN D 171 -9.72 -31.20 -30.47
N THR D 172 -9.68 -30.21 -29.57
CA THR D 172 -10.28 -30.38 -28.26
C THR D 172 -11.79 -30.59 -28.33
N GLY D 173 -12.42 -30.23 -29.44
CA GLY D 173 -13.85 -30.40 -29.59
C GLY D 173 -14.62 -29.20 -29.07
N ILE D 174 -13.95 -28.37 -28.28
CA ILE D 174 -14.57 -27.14 -27.79
C ILE D 174 -14.50 -26.09 -28.89
N SER D 175 -15.66 -25.54 -29.27
CA SER D 175 -15.68 -24.54 -30.33
C SER D 175 -14.89 -23.29 -29.93
N ALA D 176 -15.05 -22.84 -28.69
CA ALA D 176 -14.34 -21.65 -28.25
C ALA D 176 -12.83 -21.84 -28.25
N ILE D 177 -12.34 -23.07 -28.28
CA ILE D 177 -10.92 -23.34 -28.28
C ILE D 177 -10.45 -23.62 -29.71
N ASP D 178 -11.07 -24.59 -30.37
CA ASP D 178 -10.67 -24.89 -31.74
C ASP D 178 -10.89 -23.69 -32.66
N GLY D 179 -12.05 -23.04 -32.53
CA GLY D 179 -12.38 -21.97 -33.46
C GLY D 179 -11.52 -20.74 -33.32
N MET D 180 -11.19 -20.34 -32.10
CA MET D 180 -10.57 -19.05 -31.87
C MET D 180 -9.33 -19.09 -30.99
N ASN D 181 -9.07 -20.18 -30.27
CA ASN D 181 -7.88 -20.32 -29.44
C ASN D 181 -7.24 -21.67 -29.66
N SER D 182 -7.09 -22.08 -30.92
CA SER D 182 -6.74 -23.47 -31.23
C SER D 182 -5.46 -23.86 -30.54
N ILE D 183 -5.45 -25.07 -29.97
CA ILE D 183 -4.29 -25.59 -29.27
C ILE D 183 -3.41 -26.35 -30.25
N ALA D 184 -2.11 -26.36 -29.98
CA ALA D 184 -1.15 -27.14 -30.73
C ALA D 184 -0.55 -28.21 -29.81
N ARG D 185 -0.20 -29.35 -30.39
CA ARG D 185 0.35 -30.44 -29.60
C ARG D 185 1.75 -30.07 -29.14
N GLY D 186 1.91 -29.87 -27.84
CA GLY D 186 3.13 -29.35 -27.28
C GLY D 186 3.03 -27.91 -26.81
N GLN D 187 1.87 -27.47 -26.34
CA GLN D 187 1.64 -26.08 -25.98
C GLN D 187 1.28 -25.98 -24.50
N LYS D 188 1.79 -24.93 -23.86
CA LYS D 188 1.41 -24.59 -22.50
C LYS D 188 0.23 -23.62 -22.58
N ILE D 189 -0.98 -24.14 -22.37
CA ILE D 189 -2.17 -23.31 -22.50
C ILE D 189 -3.05 -23.50 -21.26
N PRO D 190 -2.80 -22.78 -20.18
CA PRO D 190 -3.54 -23.00 -18.94
C PRO D 190 -5.00 -22.59 -19.05
N ILE D 191 -5.81 -23.12 -18.12
CA ILE D 191 -7.21 -22.74 -18.01
C ILE D 191 -7.30 -21.75 -16.85
N PHE D 192 -7.49 -20.48 -17.19
CA PHE D 192 -7.77 -19.47 -16.19
C PHE D 192 -9.22 -19.57 -15.77
N SER D 193 -9.47 -19.67 -14.46
CA SER D 193 -10.83 -19.85 -13.98
C SER D 193 -10.93 -19.22 -12.60
N ALA D 194 -12.08 -19.41 -11.97
CA ALA D 194 -12.32 -18.89 -10.63
C ALA D 194 -12.97 -19.99 -9.81
N ALA D 195 -13.05 -19.76 -8.50
CA ALA D 195 -13.64 -20.75 -7.62
C ALA D 195 -15.11 -20.98 -7.98
N GLY D 196 -15.47 -22.24 -8.22
CA GLY D 196 -16.84 -22.61 -8.53
C GLY D 196 -17.16 -22.70 -10.00
N LEU D 197 -16.28 -22.25 -10.88
CA LEU D 197 -16.55 -22.31 -12.30
C LEU D 197 -16.17 -23.68 -12.87
N PRO D 198 -16.72 -24.06 -14.03
CA PRO D 198 -16.53 -25.41 -14.57
C PRO D 198 -15.18 -25.62 -15.25
N HIS D 199 -14.09 -25.26 -14.57
CA HIS D 199 -12.78 -25.53 -15.15
C HIS D 199 -12.45 -27.01 -15.11
N ASN D 200 -12.91 -27.70 -14.06
CA ASN D 200 -12.73 -29.16 -14.01
C ASN D 200 -13.48 -29.83 -15.15
N GLU D 201 -14.71 -29.41 -15.40
CA GLU D 201 -15.49 -30.01 -16.48
C GLU D 201 -14.84 -29.75 -17.83
N ILE D 202 -14.36 -28.52 -18.04
CA ILE D 202 -13.73 -28.19 -19.32
C ILE D 202 -12.45 -29.01 -19.51
N ALA D 203 -11.65 -29.13 -18.45
CA ALA D 203 -10.41 -29.90 -18.56
C ALA D 203 -10.71 -31.37 -18.83
N ALA D 204 -11.71 -31.92 -18.15
CA ALA D 204 -12.08 -33.31 -18.39
C ALA D 204 -12.58 -33.49 -19.83
N GLN D 205 -13.34 -32.54 -20.34
CA GLN D 205 -13.78 -32.61 -21.73
C GLN D 205 -12.59 -32.59 -22.68
N ILE D 206 -11.65 -31.67 -22.46
CA ILE D 206 -10.46 -31.61 -23.29
C ILE D 206 -9.73 -32.96 -23.24
N CYS D 207 -9.67 -33.57 -22.07
CA CYS D 207 -9.04 -34.88 -21.95
C CYS D 207 -9.76 -35.92 -22.80
N ARG D 208 -11.09 -35.98 -22.70
CA ARG D 208 -11.81 -37.09 -23.30
C ARG D 208 -12.07 -36.90 -24.79
N GLN D 209 -11.86 -35.70 -25.33
CA GLN D 209 -12.06 -35.48 -26.76
C GLN D 209 -10.93 -34.66 -27.36
N ALA D 210 -9.69 -34.87 -26.92
CA ALA D 210 -8.53 -34.24 -27.52
C ALA D 210 -7.90 -35.19 -28.53
N GLY D 211 -7.81 -34.75 -29.78
CA GLY D 211 -7.22 -35.56 -30.83
C GLY D 211 -6.82 -34.70 -31.99
N LEU D 212 -5.84 -35.18 -32.74
CA LEU D 212 -5.27 -34.38 -33.82
C LEU D 212 -6.30 -34.11 -34.90
N VAL D 213 -6.11 -32.99 -35.60
CA VAL D 213 -6.92 -32.68 -36.78
C VAL D 213 -6.17 -33.28 -37.97
N LYS D 214 -6.39 -34.59 -38.17
CA LYS D 214 -5.83 -35.31 -39.31
C LYS D 214 -6.92 -35.74 -40.29
N LYS D 215 -8.11 -35.18 -40.17
CA LYS D 215 -9.24 -35.60 -41.00
C LYS D 215 -9.45 -34.63 -42.15
N GLU D 225 -4.54 -42.79 -32.40
CA GLU D 225 -3.50 -42.55 -31.41
C GLU D 225 -4.09 -41.87 -30.18
N ASN D 226 -3.62 -42.28 -29.01
CA ASN D 226 -4.15 -41.80 -27.73
C ASN D 226 -3.17 -40.86 -27.06
N PHE D 227 -3.71 -39.98 -26.22
CA PHE D 227 -2.90 -39.13 -25.36
C PHE D 227 -2.76 -39.79 -24.00
N ALA D 228 -1.52 -40.17 -23.65
CA ALA D 228 -1.26 -40.47 -22.26
C ALA D 228 -1.50 -39.21 -21.45
N ILE D 229 -2.01 -39.36 -20.23
CA ILE D 229 -2.35 -38.22 -19.39
C ILE D 229 -1.56 -38.31 -18.10
N VAL D 230 -0.99 -37.19 -17.69
CA VAL D 230 -0.32 -37.08 -16.40
C VAL D 230 -1.01 -35.95 -15.65
N PHE D 231 -1.71 -36.30 -14.57
CA PHE D 231 -2.59 -35.39 -13.87
C PHE D 231 -2.04 -35.15 -12.46
N ALA D 232 -1.51 -33.96 -12.22
CA ALA D 232 -1.10 -33.54 -10.89
C ALA D 232 -2.16 -32.60 -10.32
N ALA D 233 -2.47 -32.76 -9.05
CA ALA D 233 -3.46 -31.93 -8.38
C ALA D 233 -2.87 -31.39 -7.09
N MET D 234 -2.94 -30.08 -6.89
CA MET D 234 -2.38 -29.44 -5.72
C MET D 234 -3.52 -28.84 -4.89
N GLY D 235 -3.68 -29.34 -3.67
CA GLY D 235 -4.67 -28.76 -2.78
C GLY D 235 -6.08 -28.78 -3.34
N VAL D 236 -6.48 -29.86 -3.99
CA VAL D 236 -7.83 -29.99 -4.52
C VAL D 236 -8.67 -30.76 -3.51
N ASN D 237 -9.85 -30.23 -3.21
CA ASN D 237 -10.77 -30.93 -2.33
C ASN D 237 -11.01 -32.35 -2.83
N MET D 238 -11.51 -33.20 -1.95
CA MET D 238 -11.75 -34.58 -2.33
C MET D 238 -12.73 -34.68 -3.48
N GLU D 239 -13.67 -33.74 -3.58
CA GLU D 239 -14.65 -33.79 -4.66
C GLU D 239 -13.98 -33.64 -6.02
N THR D 240 -13.01 -32.73 -6.14
CA THR D 240 -12.33 -32.53 -7.41
C THR D 240 -11.53 -33.77 -7.81
N ALA D 241 -10.79 -34.34 -6.86
CA ALA D 241 -10.01 -35.52 -7.16
C ALA D 241 -10.91 -36.69 -7.54
N ARG D 242 -12.01 -36.88 -6.82
CA ARG D 242 -12.95 -37.93 -7.17
C ARG D 242 -13.58 -37.68 -8.53
N PHE D 243 -13.91 -36.43 -8.84
CA PHE D 243 -14.48 -36.13 -10.15
C PHE D 243 -13.52 -36.51 -11.26
N PHE D 244 -12.27 -36.07 -11.16
CA PHE D 244 -11.31 -36.36 -12.23
C PHE D 244 -11.04 -37.86 -12.32
N LYS D 245 -10.87 -38.53 -11.18
CA LYS D 245 -10.60 -39.97 -11.22
C LYS D 245 -11.78 -40.73 -11.81
N SER D 246 -13.00 -40.38 -11.41
CA SER D 246 -14.18 -41.07 -11.92
C SER D 246 -14.42 -40.75 -13.39
N ASP D 247 -14.05 -39.55 -13.85
CA ASP D 247 -14.18 -39.23 -15.26
C ASP D 247 -13.18 -40.01 -16.09
N PHE D 248 -11.95 -40.15 -15.60
CA PHE D 248 -10.96 -40.94 -16.33
C PHE D 248 -11.30 -42.42 -16.29
N GLU D 249 -11.97 -42.88 -15.24
CA GLU D 249 -12.37 -44.29 -15.18
C GLU D 249 -13.59 -44.57 -16.04
N GLU D 250 -14.55 -43.65 -16.07
CA GLU D 250 -15.75 -43.85 -16.89
C GLU D 250 -15.37 -44.07 -18.35
N ASN D 251 -14.54 -43.19 -18.89
CA ASN D 251 -13.88 -43.48 -20.15
C ASN D 251 -12.81 -44.53 -19.93
N GLY D 252 -12.51 -45.29 -20.98
CA GLY D 252 -11.56 -46.38 -20.86
C GLY D 252 -10.13 -45.92 -20.90
N SER D 253 -9.85 -44.74 -20.34
CA SER D 253 -8.53 -44.14 -20.41
C SER D 253 -7.67 -44.38 -19.19
N MET D 254 -8.21 -44.95 -18.12
CA MET D 254 -7.45 -45.06 -16.88
C MET D 254 -6.19 -45.90 -17.06
N ASP D 255 -6.12 -46.70 -18.11
CA ASP D 255 -4.87 -47.40 -18.40
C ASP D 255 -3.76 -46.39 -18.68
N ASN D 256 -4.09 -45.30 -19.36
CA ASN D 256 -3.12 -44.31 -19.81
C ASN D 256 -3.18 -43.02 -19.00
N VAL D 257 -3.56 -43.10 -17.73
CA VAL D 257 -3.62 -41.94 -16.85
C VAL D 257 -2.81 -42.23 -15.59
N CYS D 258 -1.94 -41.29 -15.23
CA CYS D 258 -1.19 -41.34 -13.99
C CYS D 258 -1.56 -40.13 -13.17
N LEU D 259 -2.02 -40.36 -11.93
CA LEU D 259 -2.54 -39.29 -11.08
C LEU D 259 -1.55 -39.03 -9.96
N PHE D 260 -1.25 -37.75 -9.73
CA PHE D 260 -0.59 -37.30 -8.51
C PHE D 260 -1.56 -36.42 -7.75
N LEU D 261 -1.92 -36.84 -6.55
CA LEU D 261 -2.97 -36.20 -5.76
C LEU D 261 -2.38 -35.61 -4.49
N ASN D 262 -2.63 -34.32 -4.27
CA ASN D 262 -2.24 -33.64 -3.04
C ASN D 262 -3.47 -32.85 -2.59
N LEU D 263 -4.33 -33.51 -1.82
CA LEU D 263 -5.62 -32.94 -1.48
C LEU D 263 -5.45 -31.76 -0.53
N ALA D 264 -6.59 -31.17 -0.13
CA ALA D 264 -6.55 -29.96 0.68
C ALA D 264 -5.93 -30.22 2.05
N ASN D 265 -6.15 -31.41 2.60
CA ASN D 265 -5.64 -31.72 3.93
C ASN D 265 -4.20 -32.22 3.92
N ASP D 266 -3.60 -32.38 2.74
CA ASP D 266 -2.25 -32.91 2.62
C ASP D 266 -1.22 -31.81 2.85
N PRO D 267 0.03 -32.17 3.07
CA PRO D 267 1.04 -31.16 3.43
C PRO D 267 1.14 -30.06 2.39
N THR D 268 1.36 -28.83 2.88
CA THR D 268 1.40 -27.68 1.99
C THR D 268 2.70 -27.63 1.19
N ILE D 269 3.85 -27.85 1.84
CA ILE D 269 5.12 -27.75 1.15
C ILE D 269 5.26 -28.82 0.08
N GLU D 270 4.66 -29.99 0.30
CA GLU D 270 4.73 -31.06 -0.69
C GLU D 270 4.18 -30.64 -2.03
N ARG D 271 3.25 -29.68 -2.06
CA ARG D 271 2.71 -29.21 -3.34
C ARG D 271 3.79 -28.59 -4.22
N ILE D 272 4.92 -28.19 -3.64
CA ILE D 272 6.00 -27.64 -4.45
C ILE D 272 6.67 -28.71 -5.29
N ILE D 273 6.56 -29.99 -4.91
CA ILE D 273 7.14 -31.06 -5.69
C ILE D 273 6.09 -31.85 -6.48
N THR D 274 4.80 -31.68 -6.20
CA THR D 274 3.79 -32.45 -6.93
C THR D 274 3.83 -32.14 -8.42
N PRO D 275 3.88 -30.88 -8.87
CA PRO D 275 4.02 -30.66 -10.32
C PRO D 275 5.26 -31.31 -10.90
N ARG D 276 6.42 -31.05 -10.29
CA ARG D 276 7.67 -31.52 -10.87
C ARG D 276 7.66 -33.03 -11.06
N LEU D 277 7.34 -33.78 -10.00
CA LEU D 277 7.17 -35.21 -10.15
C LEU D 277 6.36 -35.51 -11.41
N ALA D 278 5.14 -34.99 -11.48
CA ALA D 278 4.30 -35.25 -12.63
C ALA D 278 5.03 -34.91 -13.92
N LEU D 279 5.57 -33.70 -14.01
CA LEU D 279 6.24 -33.31 -15.24
C LEU D 279 7.40 -34.25 -15.53
N THR D 280 8.20 -34.60 -14.51
CA THR D 280 9.27 -35.55 -14.74
C THR D 280 8.73 -36.81 -15.38
N THR D 281 7.67 -37.38 -14.80
CA THR D 281 7.06 -38.56 -15.40
C THR D 281 6.70 -38.28 -16.85
N ALA D 282 5.98 -37.18 -17.09
CA ALA D 282 5.62 -36.84 -18.46
C ALA D 282 6.87 -36.81 -19.34
N GLU D 283 7.92 -36.15 -18.87
CA GLU D 283 9.14 -36.09 -19.67
C GLU D 283 9.63 -37.49 -19.99
N PHE D 284 9.70 -38.36 -19.00
CA PHE D 284 10.12 -39.73 -19.27
C PHE D 284 9.20 -40.37 -20.30
N LEU D 285 7.90 -40.15 -20.18
CA LEU D 285 6.97 -40.79 -21.11
C LEU D 285 7.05 -40.14 -22.49
N ALA D 286 7.54 -38.91 -22.56
CA ALA D 286 7.51 -38.17 -23.83
C ALA D 286 8.84 -38.22 -24.55
N TYR D 287 9.93 -37.89 -23.87
CA TYR D 287 11.22 -37.77 -24.50
C TYR D 287 12.07 -39.04 -24.39
N GLN D 288 11.55 -40.09 -23.77
CA GLN D 288 12.26 -41.36 -23.69
C GLN D 288 11.39 -42.52 -24.16
N CYS D 289 10.10 -42.47 -23.87
CA CYS D 289 9.16 -43.47 -24.32
C CYS D 289 8.34 -43.02 -25.53
N GLU D 290 8.52 -41.78 -25.99
CA GLU D 290 7.91 -41.29 -27.21
C GLU D 290 6.38 -41.26 -27.14
N LYS D 291 5.83 -41.12 -25.94
CA LYS D 291 4.40 -40.92 -25.80
C LYS D 291 4.04 -39.47 -26.09
N HIS D 292 2.75 -39.23 -26.30
CA HIS D 292 2.19 -37.89 -26.34
C HIS D 292 1.46 -37.69 -25.03
N VAL D 293 2.01 -36.84 -24.17
CA VAL D 293 1.58 -36.73 -22.78
C VAL D 293 0.88 -35.39 -22.62
N LEU D 294 -0.39 -35.45 -22.24
CA LEU D 294 -1.13 -34.27 -21.81
C LEU D 294 -1.00 -34.13 -20.30
N VAL D 295 -0.32 -33.07 -19.85
CA VAL D 295 -0.08 -32.84 -18.44
C VAL D 295 -1.07 -31.81 -17.95
N ILE D 296 -1.77 -32.12 -16.86
CA ILE D 296 -2.78 -31.23 -16.29
C ILE D 296 -2.40 -30.98 -14.84
N LEU D 297 -2.07 -29.73 -14.53
CA LEU D 297 -1.70 -29.33 -13.18
C LEU D 297 -2.85 -28.52 -12.59
N THR D 298 -3.59 -29.12 -11.67
CA THR D 298 -4.83 -28.56 -11.18
C THR D 298 -4.57 -27.73 -9.93
N ASP D 299 -5.15 -26.53 -9.90
CA ASP D 299 -4.96 -25.55 -8.85
C ASP D 299 -3.52 -25.11 -8.75
N MET D 300 -2.99 -24.51 -9.82
CA MET D 300 -1.70 -23.86 -9.71
C MET D 300 -1.76 -22.67 -8.76
N SER D 301 -2.95 -22.19 -8.42
CA SER D 301 -3.08 -21.22 -7.35
C SER D 301 -2.61 -21.80 -6.03
N SER D 302 -2.94 -23.06 -5.77
CA SER D 302 -2.47 -23.72 -4.55
C SER D 302 -0.95 -23.88 -4.56
N TYR D 303 -0.37 -24.24 -5.70
CA TYR D 303 1.08 -24.35 -5.78
C TYR D 303 1.73 -23.00 -5.55
N ALA D 304 1.19 -21.94 -6.16
CA ALA D 304 1.73 -20.60 -5.96
C ALA D 304 1.61 -20.16 -4.51
N GLU D 305 0.50 -20.50 -3.86
CA GLU D 305 0.33 -20.11 -2.46
C GLU D 305 1.27 -20.89 -1.55
N ALA D 306 1.51 -22.17 -1.85
CA ALA D 306 2.50 -22.92 -1.10
C ALA D 306 3.89 -22.30 -1.27
N LEU D 307 4.22 -21.90 -2.50
CA LEU D 307 5.49 -21.24 -2.76
C LEU D 307 5.59 -19.93 -1.98
N ARG D 308 4.49 -19.18 -1.92
CA ARG D 308 4.48 -17.97 -1.11
C ARG D 308 4.70 -18.27 0.35
N GLU D 309 4.09 -19.33 0.86
CA GLU D 309 4.31 -19.71 2.26
C GLU D 309 5.78 -19.99 2.52
N VAL D 310 6.41 -20.78 1.65
CA VAL D 310 7.82 -21.10 1.87
C VAL D 310 8.68 -19.85 1.80
N SER D 311 8.42 -18.99 0.81
CA SER D 311 9.20 -17.76 0.70
C SER D 311 9.02 -16.87 1.92
N ALA D 312 7.80 -16.76 2.43
CA ALA D 312 7.58 -15.97 3.64
C ALA D 312 8.33 -16.58 4.81
N ALA D 313 8.37 -17.90 4.91
CA ALA D 313 9.17 -18.54 5.94
C ALA D 313 10.65 -18.19 5.79
N ARG D 314 11.13 -18.13 4.54
CA ARG D 314 12.52 -17.78 4.28
C ARG D 314 12.76 -16.28 4.22
N GLU D 315 11.70 -15.47 4.34
CA GLU D 315 11.81 -14.01 4.27
C GLU D 315 12.51 -13.57 2.98
N GLU D 316 12.16 -14.23 1.88
CA GLU D 316 12.71 -13.86 0.58
C GLU D 316 11.98 -12.65 0.03
N VAL D 317 12.64 -11.96 -0.89
CA VAL D 317 12.16 -10.68 -1.40
C VAL D 317 10.80 -10.88 -2.05
N PRO D 318 9.75 -10.21 -1.59
CA PRO D 318 8.42 -10.41 -2.20
C PRO D 318 8.23 -9.59 -3.45
N GLY D 319 7.39 -10.11 -4.33
CA GLY D 319 6.88 -9.40 -5.49
C GLY D 319 5.53 -8.78 -5.18
N ARG D 320 4.69 -8.70 -6.21
CA ARG D 320 3.36 -8.14 -6.02
C ARG D 320 2.51 -9.05 -5.14
N ARG D 321 1.77 -8.44 -4.22
CA ARG D 321 0.82 -9.15 -3.36
C ARG D 321 1.47 -10.25 -2.54
N GLY D 322 2.74 -10.06 -2.18
CA GLY D 322 3.40 -10.93 -1.22
C GLY D 322 4.04 -12.17 -1.81
N PHE D 323 3.86 -12.45 -3.09
CA PHE D 323 4.46 -13.62 -3.67
C PHE D 323 5.96 -13.39 -3.88
N PRO D 324 6.75 -14.47 -3.93
CA PRO D 324 8.20 -14.28 -4.00
C PRO D 324 8.62 -13.57 -5.27
N GLY D 325 9.76 -12.89 -5.19
CA GLY D 325 10.26 -12.16 -6.35
C GLY D 325 10.67 -13.06 -7.50
N TYR D 326 10.80 -14.36 -7.26
CA TYR D 326 11.16 -15.32 -8.28
C TYR D 326 10.00 -16.22 -8.70
N MET D 327 8.77 -15.86 -8.33
CA MET D 327 7.65 -16.71 -8.70
C MET D 327 7.55 -16.88 -10.21
N TYR D 328 7.95 -15.86 -10.98
CA TYR D 328 7.97 -16.01 -12.42
C TYR D 328 8.94 -17.11 -12.84
N THR D 329 10.14 -17.11 -12.26
CA THR D 329 11.13 -18.11 -12.64
C THR D 329 10.67 -19.51 -12.26
N ASP D 330 10.03 -19.65 -11.10
CA ASP D 330 9.57 -20.97 -10.67
C ASP D 330 8.39 -21.46 -11.51
N LEU D 331 7.41 -20.59 -11.74
CA LEU D 331 6.31 -20.94 -12.63
C LEU D 331 6.81 -21.26 -14.03
N ALA D 332 7.92 -20.64 -14.45
CA ALA D 332 8.49 -20.95 -15.75
C ALA D 332 9.18 -22.31 -15.73
N THR D 333 9.88 -22.62 -14.64
CA THR D 333 10.44 -23.95 -14.48
C THR D 333 9.36 -25.02 -14.58
N ILE D 334 8.16 -24.71 -14.07
CA ILE D 334 7.05 -25.65 -14.20
C ILE D 334 6.52 -25.69 -15.63
N TYR D 335 6.15 -24.52 -16.17
CA TYR D 335 5.46 -24.48 -17.45
C TYR D 335 6.37 -24.84 -18.61
N GLU D 336 7.60 -24.35 -18.61
CA GLU D 336 8.49 -24.53 -19.77
C GLU D 336 8.87 -25.98 -20.00
N ARG D 337 8.35 -26.93 -19.22
CA ARG D 337 8.57 -28.35 -19.49
C ARG D 337 7.45 -28.89 -20.37
N ALA D 338 7.41 -28.38 -21.59
CA ALA D 338 6.38 -28.74 -22.56
C ALA D 338 6.98 -28.66 -23.95
N GLY D 339 6.16 -28.96 -24.95
CA GLY D 339 6.56 -28.84 -26.34
C GLY D 339 7.25 -30.09 -26.86
N ARG D 340 7.43 -30.10 -28.18
CA ARG D 340 8.11 -31.20 -28.84
C ARG D 340 9.62 -30.98 -28.76
N VAL D 341 10.37 -31.94 -29.33
CA VAL D 341 11.82 -31.88 -29.29
C VAL D 341 12.35 -32.56 -30.54
N GLU D 342 13.49 -32.06 -31.03
CA GLU D 342 14.07 -32.58 -32.27
C GLU D 342 14.49 -34.02 -32.11
N GLY D 343 14.14 -34.84 -33.10
CA GLY D 343 14.57 -36.22 -33.14
C GLY D 343 13.79 -37.17 -32.26
N ARG D 344 12.80 -36.69 -31.53
CA ARG D 344 12.02 -37.52 -30.62
C ARG D 344 10.55 -37.32 -30.94
N ASN D 345 9.83 -38.41 -31.13
CA ASN D 345 8.45 -38.37 -31.62
C ASN D 345 7.43 -38.15 -30.51
N GLY D 346 7.88 -37.80 -29.30
CA GLY D 346 6.98 -37.52 -28.21
C GLY D 346 6.71 -36.03 -28.05
N SER D 347 5.83 -35.72 -27.10
CA SER D 347 5.46 -34.35 -26.81
C SER D 347 4.86 -34.28 -25.43
N ILE D 348 4.83 -33.08 -24.86
CA ILE D 348 4.19 -32.82 -23.59
C ILE D 348 3.29 -31.60 -23.76
N THR D 349 1.98 -31.79 -23.58
CA THR D 349 1.01 -30.72 -23.68
C THR D 349 0.54 -30.37 -22.28
N GLN D 350 0.72 -29.11 -21.87
CA GLN D 350 0.39 -28.69 -20.53
C GLN D 350 -0.89 -27.86 -20.55
N ILE D 351 -1.79 -28.18 -19.63
CA ILE D 351 -3.03 -27.40 -19.46
C ILE D 351 -3.20 -27.12 -17.97
N PRO D 352 -2.35 -26.29 -17.36
CA PRO D 352 -2.58 -25.93 -15.96
C PRO D 352 -3.95 -25.29 -15.77
N ILE D 353 -4.60 -25.66 -14.69
CA ILE D 353 -5.88 -25.09 -14.31
C ILE D 353 -5.64 -24.24 -13.07
N LEU D 354 -5.86 -22.94 -13.17
CA LEU D 354 -5.57 -22.05 -12.05
C LEU D 354 -6.75 -21.14 -11.77
N THR D 355 -7.04 -20.98 -10.48
CA THR D 355 -8.15 -20.16 -10.01
C THR D 355 -7.65 -18.73 -9.82
N MET D 356 -8.20 -17.80 -10.58
CA MET D 356 -7.88 -16.40 -10.42
C MET D 356 -8.51 -15.88 -9.14
N PRO D 357 -7.74 -15.39 -8.17
CA PRO D 357 -8.35 -14.87 -6.94
C PRO D 357 -9.22 -13.65 -7.22
N ASN D 358 -10.46 -13.71 -6.77
CA ASN D 358 -11.40 -12.59 -6.95
C ASN D 358 -11.63 -12.30 -8.43
N ASP D 359 -11.44 -13.32 -9.27
CA ASP D 359 -11.63 -13.19 -10.71
C ASP D 359 -10.77 -12.07 -11.28
N ASP D 360 -9.58 -11.87 -10.70
CA ASP D 360 -8.68 -10.80 -11.09
C ASP D 360 -7.61 -11.36 -12.01
N ILE D 361 -7.77 -11.15 -13.32
CA ILE D 361 -6.79 -11.64 -14.27
C ILE D 361 -5.45 -10.94 -14.14
N THR D 362 -5.38 -9.85 -13.37
CA THR D 362 -4.12 -9.17 -13.09
C THR D 362 -3.47 -9.63 -11.79
N HIS D 363 -4.06 -10.59 -11.10
CA HIS D 363 -3.45 -11.13 -9.89
C HIS D 363 -2.11 -11.76 -10.26
N PRO D 364 -1.12 -11.74 -9.35
CA PRO D 364 0.21 -12.25 -9.73
C PRO D 364 0.20 -13.64 -10.30
N ILE D 365 -0.62 -14.54 -9.78
CA ILE D 365 -0.63 -15.92 -10.26
C ILE D 365 -1.07 -15.96 -11.73
N PRO D 366 -2.30 -15.55 -12.06
CA PRO D 366 -2.70 -15.58 -13.48
C PRO D 366 -1.86 -14.68 -14.36
N ASP D 367 -1.39 -13.55 -13.85
CA ASP D 367 -0.62 -12.63 -14.68
C ASP D 367 0.72 -13.25 -15.07
N LEU D 368 1.46 -13.77 -14.09
CA LEU D 368 2.73 -14.41 -14.42
C LEU D 368 2.52 -15.69 -15.23
N THR D 369 1.44 -16.43 -14.97
CA THR D 369 1.18 -17.62 -15.76
C THR D 369 0.93 -17.24 -17.22
N GLY D 370 0.19 -16.17 -17.46
CA GLY D 370 -0.01 -15.71 -18.83
C GLY D 370 1.28 -15.21 -19.46
N TYR D 371 2.14 -14.58 -18.65
CA TYR D 371 3.43 -14.14 -19.17
C TYR D 371 4.28 -15.33 -19.60
N ILE D 372 4.17 -16.44 -18.90
CA ILE D 372 5.00 -17.60 -19.15
C ILE D 372 4.39 -18.47 -20.24
N THR D 373 3.14 -18.89 -20.03
CA THR D 373 2.53 -19.88 -20.90
C THR D 373 2.31 -19.31 -22.30
N GLU D 374 1.80 -20.15 -23.19
CA GLU D 374 1.58 -19.80 -24.59
C GLU D 374 0.11 -19.52 -24.88
N GLY D 375 -0.57 -18.89 -23.95
CA GLY D 375 -1.98 -18.59 -24.11
C GLY D 375 -2.68 -18.75 -22.78
N GLN D 376 -4.01 -18.76 -22.86
CA GLN D 376 -4.83 -19.01 -21.68
C GLN D 376 -6.28 -19.15 -22.14
N ILE D 377 -7.01 -20.05 -21.48
CA ILE D 377 -8.43 -20.23 -21.73
C ILE D 377 -9.17 -19.62 -20.54
N TYR D 378 -9.90 -18.54 -20.79
CA TYR D 378 -10.48 -17.73 -19.73
C TYR D 378 -11.92 -18.17 -19.49
N VAL D 379 -12.15 -18.85 -18.37
CA VAL D 379 -13.49 -19.24 -17.96
C VAL D 379 -14.12 -18.05 -17.25
N ASP D 380 -15.34 -17.70 -17.67
CA ASP D 380 -15.97 -16.44 -17.30
C ASP D 380 -17.13 -16.69 -16.35
N ARG D 381 -17.24 -15.85 -15.32
CA ARG D 381 -18.34 -15.99 -14.37
C ARG D 381 -19.65 -15.45 -14.95
N GLN D 382 -19.57 -14.40 -15.77
CA GLN D 382 -20.79 -13.84 -16.36
C GLN D 382 -21.47 -14.87 -17.25
N LEU D 383 -20.70 -15.61 -18.04
CA LEU D 383 -21.27 -16.66 -18.87
C LEU D 383 -21.79 -17.82 -18.03
N HIS D 384 -21.03 -18.21 -17.00
CA HIS D 384 -21.47 -19.33 -16.16
C HIS D 384 -22.78 -19.02 -15.45
N ASN D 385 -22.91 -17.82 -14.88
CA ASN D 385 -24.14 -17.45 -14.21
C ASN D 385 -25.31 -17.46 -15.20
N ARG D 386 -25.06 -17.09 -16.45
CA ARG D 386 -26.06 -17.21 -17.49
C ARG D 386 -26.28 -18.65 -17.92
N GLN D 387 -25.51 -19.60 -17.38
CA GLN D 387 -25.65 -21.02 -17.68
C GLN D 387 -25.28 -21.28 -19.15
N ILE D 388 -24.16 -20.72 -19.58
CA ILE D 388 -23.57 -20.99 -20.88
C ILE D 388 -22.37 -21.89 -20.64
N TYR D 389 -22.40 -23.11 -21.18
CA TYR D 389 -21.29 -24.02 -21.05
C TYR D 389 -20.70 -24.35 -22.40
N PRO D 390 -19.37 -24.29 -22.57
CA PRO D 390 -18.36 -23.87 -21.61
C PRO D 390 -18.33 -22.36 -21.45
N PRO D 391 -18.29 -21.82 -20.23
CA PRO D 391 -18.30 -20.36 -20.08
C PRO D 391 -16.95 -19.76 -20.41
N ILE D 392 -16.48 -19.97 -21.64
CA ILE D 392 -15.17 -19.51 -22.08
C ILE D 392 -15.36 -18.17 -22.79
N ASN D 393 -14.84 -17.10 -22.18
CA ASN D 393 -14.87 -15.78 -22.79
C ASN D 393 -13.67 -15.68 -23.70
N VAL D 394 -13.90 -15.82 -25.01
CA VAL D 394 -12.80 -15.86 -25.96
C VAL D 394 -12.03 -14.55 -25.96
N LEU D 395 -12.68 -13.45 -25.57
CA LEU D 395 -12.05 -12.15 -25.70
C LEU D 395 -10.78 -12.04 -24.86
N PRO D 396 -10.78 -12.36 -23.57
CA PRO D 396 -9.52 -12.39 -22.81
C PRO D 396 -8.70 -13.65 -22.98
N SER D 397 -9.17 -14.62 -23.76
CA SER D 397 -8.41 -15.83 -24.01
C SER D 397 -7.41 -15.59 -25.15
N LEU D 398 -6.46 -16.50 -25.27
CA LEU D 398 -5.40 -16.35 -26.27
C LEU D 398 -4.73 -17.69 -26.47
N SER D 399 -4.27 -17.93 -27.70
CA SER D 399 -3.48 -19.11 -28.04
C SER D 399 -2.33 -18.64 -28.93
N ARG D 400 -1.12 -18.67 -28.40
CA ARG D 400 0.02 -18.09 -29.10
C ARG D 400 0.50 -18.93 -30.28
N LEU D 401 0.22 -20.23 -30.29
CA LEU D 401 0.61 -21.10 -31.39
C LEU D 401 -0.54 -21.37 -32.36
N MET D 402 -1.65 -20.64 -32.22
CA MET D 402 -2.73 -20.79 -33.19
C MET D 402 -2.33 -20.27 -34.55
N LYS D 403 -1.51 -19.23 -34.60
CA LYS D 403 -1.15 -18.61 -35.87
C LYS D 403 -0.49 -19.59 -36.82
N SER D 404 0.20 -20.60 -36.29
CA SER D 404 0.91 -21.57 -37.11
C SER D 404 0.23 -22.93 -37.16
N ALA D 405 -0.66 -23.23 -36.21
CA ALA D 405 -1.37 -24.50 -36.21
C ALA D 405 -2.57 -24.50 -37.13
N ILE D 406 -2.95 -23.35 -37.69
CA ILE D 406 -4.09 -23.25 -38.57
C ILE D 406 -3.61 -22.79 -39.95
N GLY D 407 -4.51 -22.86 -40.91
CA GLY D 407 -4.26 -22.34 -42.24
C GLY D 407 -4.55 -23.38 -43.29
N GLU D 408 -3.90 -23.24 -44.43
CA GLU D 408 -4.00 -24.23 -45.49
C GLU D 408 -3.13 -25.43 -45.15
N GLY D 409 -3.62 -26.63 -45.50
CA GLY D 409 -2.99 -27.84 -45.05
C GLY D 409 -3.64 -28.34 -43.78
N MET D 410 -3.04 -28.03 -42.63
CA MET D 410 -3.72 -28.27 -41.36
C MET D 410 -5.03 -27.50 -41.34
N THR D 411 -6.06 -28.12 -40.78
CA THR D 411 -7.41 -27.56 -40.77
C THR D 411 -7.75 -26.93 -42.13
N ARG D 412 -8.47 -25.81 -42.13
CA ARG D 412 -8.91 -25.16 -43.36
C ARG D 412 -8.26 -23.80 -43.51
N LYS D 413 -8.34 -23.24 -44.72
CA LYS D 413 -7.60 -22.03 -45.05
C LYS D 413 -8.32 -20.75 -44.66
N ASP D 414 -9.58 -20.83 -44.25
CA ASP D 414 -10.31 -19.67 -43.75
C ASP D 414 -10.28 -19.60 -42.22
N HIS D 415 -9.52 -20.46 -41.57
CA HIS D 415 -9.55 -20.53 -40.12
C HIS D 415 -9.11 -19.22 -39.49
N ALA D 416 -7.98 -18.68 -39.94
CA ALA D 416 -7.45 -17.47 -39.33
C ALA D 416 -8.39 -16.29 -39.56
N ASP D 417 -8.86 -16.11 -40.79
CA ASP D 417 -9.74 -14.99 -41.09
C ASP D 417 -11.07 -15.10 -40.33
N VAL D 418 -11.63 -16.30 -40.28
CA VAL D 418 -12.89 -16.49 -39.57
C VAL D 418 -12.70 -16.19 -38.09
N SER D 419 -11.59 -16.66 -37.50
CA SER D 419 -11.35 -16.40 -36.08
C SER D 419 -11.18 -14.91 -35.82
N ASN D 420 -10.40 -14.22 -36.66
CA ASN D 420 -10.19 -12.80 -36.44
C ASN D 420 -11.48 -12.01 -36.58
N GLN D 421 -12.30 -12.37 -37.57
CA GLN D 421 -13.57 -11.66 -37.75
C GLN D 421 -14.53 -11.94 -36.61
N LEU D 422 -14.55 -13.19 -36.12
CA LEU D 422 -15.39 -13.49 -34.96
C LEU D 422 -14.93 -12.68 -33.75
N TYR D 423 -13.62 -12.55 -33.55
CA TYR D 423 -13.11 -11.74 -32.44
C TYR D 423 -13.56 -10.29 -32.59
N ALA D 424 -13.41 -9.73 -33.79
CA ALA D 424 -13.76 -8.32 -33.99
C ALA D 424 -15.25 -8.09 -33.77
N CYS D 425 -16.10 -8.96 -34.34
CA CYS D 425 -17.53 -8.79 -34.22
C CYS D 425 -17.99 -9.00 -32.78
N TYR D 426 -17.39 -9.97 -32.07
CA TYR D 426 -17.72 -10.18 -30.67
C TYR D 426 -17.35 -8.97 -29.83
N ALA D 427 -16.16 -8.41 -30.05
CA ALA D 427 -15.75 -7.24 -29.30
C ALA D 427 -16.68 -6.06 -29.58
N ILE D 428 -17.05 -5.86 -30.84
CA ILE D 428 -17.95 -4.77 -31.17
C ILE D 428 -19.33 -5.01 -30.58
N GLY D 429 -19.78 -6.26 -30.52
CA GLY D 429 -21.05 -6.56 -29.88
C GLY D 429 -21.03 -6.25 -28.40
N LYS D 430 -19.93 -6.58 -27.73
CA LYS D 430 -19.80 -6.22 -26.33
C LYS D 430 -19.80 -4.71 -26.14
N ASP D 431 -19.12 -3.99 -27.03
CA ASP D 431 -19.14 -2.53 -26.97
C ASP D 431 -20.54 -1.99 -27.17
N VAL D 432 -21.29 -2.57 -28.10
CA VAL D 432 -22.67 -2.15 -28.34
C VAL D 432 -23.53 -2.42 -27.12
N GLN D 433 -23.32 -3.56 -26.47
CA GLN D 433 -24.03 -3.82 -25.22
C GLN D 433 -23.71 -2.76 -24.18
N ALA D 434 -22.44 -2.40 -24.04
CA ALA D 434 -22.05 -1.39 -23.07
C ALA D 434 -22.72 -0.05 -23.37
N MET D 435 -22.74 0.34 -24.65
CA MET D 435 -23.37 1.61 -25.01
C MET D 435 -24.88 1.56 -24.84
N LYS D 436 -25.49 0.41 -25.11
CA LYS D 436 -26.93 0.26 -24.95
C LYS D 436 -27.34 0.32 -23.49
N ALA D 437 -26.47 -0.12 -22.59
CA ALA D 437 -26.77 0.01 -21.17
C ALA D 437 -27.02 1.47 -20.80
N VAL D 438 -26.41 2.41 -21.52
CA VAL D 438 -26.54 3.83 -21.22
C VAL D 438 -27.62 4.48 -22.07
N VAL D 439 -27.54 4.31 -23.40
CA VAL D 439 -28.39 5.06 -24.32
C VAL D 439 -29.71 4.36 -24.62
N GLY D 440 -29.89 3.12 -24.19
CA GLY D 440 -31.15 2.44 -24.37
C GLY D 440 -31.31 1.86 -25.77
N GLU D 441 -32.39 1.09 -25.93
CA GLU D 441 -32.63 0.37 -27.17
C GLU D 441 -32.82 1.33 -28.34
N GLU D 442 -33.62 2.37 -28.15
CA GLU D 442 -34.08 3.20 -29.26
C GLU D 442 -32.96 3.98 -29.94
N ALA D 443 -31.81 4.15 -29.29
CA ALA D 443 -30.72 4.92 -29.86
C ALA D 443 -29.73 4.07 -30.64
N LEU D 444 -29.94 2.77 -30.73
CA LEU D 444 -29.04 1.90 -31.48
C LEU D 444 -29.36 1.93 -32.96
N THR D 445 -28.33 2.12 -33.78
CA THR D 445 -28.51 2.05 -35.22
C THR D 445 -28.67 0.61 -35.66
N SER D 446 -29.02 0.42 -36.94
CA SER D 446 -29.24 -0.93 -37.46
C SER D 446 -27.99 -1.77 -37.36
N ASP D 447 -26.81 -1.17 -37.53
CA ASP D 447 -25.57 -1.92 -37.37
C ASP D 447 -25.39 -2.41 -35.95
N ASP D 448 -25.77 -1.59 -34.97
CA ASP D 448 -25.68 -2.02 -33.58
C ASP D 448 -26.61 -3.21 -33.32
N LEU D 449 -27.79 -3.20 -33.94
CA LEU D 449 -28.69 -4.34 -33.82
C LEU D 449 -28.09 -5.58 -34.48
N LEU D 450 -27.43 -5.40 -35.63
CA LEU D 450 -26.74 -6.53 -36.26
C LEU D 450 -25.70 -7.12 -35.32
N TYR D 451 -24.91 -6.25 -34.68
CA TYR D 451 -23.86 -6.72 -33.79
C TYR D 451 -24.44 -7.40 -32.57
N LEU D 452 -25.53 -6.87 -32.02
CA LEU D 452 -26.17 -7.52 -30.88
C LEU D 452 -26.73 -8.89 -31.26
N GLU D 453 -27.36 -9.00 -32.43
CA GLU D 453 -27.82 -10.30 -32.87
C GLU D 453 -26.66 -11.27 -33.05
N PHE D 454 -25.55 -10.78 -33.62
CA PHE D 454 -24.37 -11.63 -33.75
C PHE D 454 -23.89 -12.09 -32.38
N LEU D 455 -23.85 -11.19 -31.40
CA LEU D 455 -23.38 -11.56 -30.08
C LEU D 455 -24.27 -12.62 -29.46
N GLN D 456 -25.59 -12.44 -29.55
CA GLN D 456 -26.51 -13.42 -28.99
C GLN D 456 -26.33 -14.77 -29.66
N LYS D 457 -26.36 -14.81 -30.99
CA LYS D 457 -26.26 -16.09 -31.68
C LYS D 457 -24.87 -16.69 -31.55
N PHE D 458 -23.85 -15.87 -31.30
CA PHE D 458 -22.50 -16.38 -31.09
C PHE D 458 -22.38 -17.06 -29.74
N GLU D 459 -22.89 -16.42 -28.69
CA GLU D 459 -22.86 -17.05 -27.38
C GLU D 459 -23.84 -18.20 -27.26
N LYS D 460 -24.82 -18.29 -28.16
CA LYS D 460 -25.78 -19.38 -28.10
C LYS D 460 -25.41 -20.55 -28.99
N ASN D 461 -24.71 -20.32 -30.10
CA ASN D 461 -24.44 -21.36 -31.08
C ASN D 461 -22.98 -21.73 -31.19
N PHE D 462 -22.06 -20.80 -30.90
CA PHE D 462 -20.63 -21.06 -31.01
C PHE D 462 -20.01 -21.42 -29.67
N ILE D 463 -20.12 -20.52 -28.69
CA ILE D 463 -19.58 -20.80 -27.36
C ILE D 463 -20.34 -21.94 -26.71
N THR D 464 -21.67 -21.80 -26.60
CA THR D 464 -22.46 -22.83 -25.94
C THR D 464 -22.31 -24.16 -26.65
N GLN D 465 -22.13 -25.21 -25.86
CA GLN D 465 -21.80 -26.53 -26.41
C GLN D 465 -22.10 -27.58 -25.35
N GLY D 466 -22.52 -28.75 -25.80
CA GLY D 466 -22.80 -29.85 -24.92
C GLY D 466 -21.53 -30.33 -24.24
N PRO D 467 -21.65 -30.78 -22.98
CA PRO D 467 -20.44 -31.26 -22.27
C PRO D 467 -19.80 -32.46 -22.94
N TYR D 468 -20.55 -33.20 -23.75
CA TYR D 468 -20.01 -34.37 -24.46
C TYR D 468 -20.07 -34.20 -25.97
N GLU D 469 -20.21 -32.98 -26.47
CA GLU D 469 -20.31 -32.71 -27.89
C GLU D 469 -18.91 -32.42 -28.45
N ASN D 470 -18.50 -33.21 -29.44
CA ASN D 470 -17.16 -33.10 -30.01
C ASN D 470 -17.27 -32.54 -31.42
N ARG D 471 -17.28 -31.21 -31.51
CA ARG D 471 -17.33 -30.54 -32.79
C ARG D 471 -15.97 -30.62 -33.47
N THR D 472 -15.96 -31.03 -34.74
CA THR D 472 -14.73 -30.96 -35.50
C THR D 472 -14.38 -29.50 -35.79
N VAL D 473 -13.13 -29.26 -36.16
CA VAL D 473 -12.72 -27.91 -36.49
C VAL D 473 -13.54 -27.38 -37.66
N TYR D 474 -13.91 -28.25 -38.59
CA TYR D 474 -14.71 -27.82 -39.73
C TYR D 474 -16.12 -27.44 -39.29
N GLU D 475 -16.70 -28.18 -38.36
CA GLU D 475 -18.00 -27.79 -37.82
C GLU D 475 -17.92 -26.44 -37.11
N THR D 476 -16.83 -26.23 -36.35
CA THR D 476 -16.65 -24.94 -35.69
C THR D 476 -16.53 -23.81 -36.70
N LEU D 477 -15.79 -24.03 -37.78
CA LEU D 477 -15.63 -22.99 -38.79
C LEU D 477 -16.94 -22.75 -39.53
N ASP D 478 -17.72 -23.80 -39.77
CA ASP D 478 -19.01 -23.63 -40.40
C ASP D 478 -19.95 -22.82 -39.52
N ILE D 479 -19.94 -23.07 -38.21
CA ILE D 479 -20.73 -22.27 -37.29
C ILE D 479 -20.25 -20.82 -37.32
N GLY D 480 -18.94 -20.62 -37.33
CA GLY D 480 -18.41 -19.27 -37.41
C GLY D 480 -18.87 -18.55 -38.65
N TRP D 481 -18.88 -19.25 -39.79
CA TRP D 481 -19.32 -18.63 -41.03
C TRP D 481 -20.81 -18.34 -41.02
N GLN D 482 -21.61 -19.25 -40.46
CA GLN D 482 -23.05 -19.01 -40.37
C GLN D 482 -23.35 -17.82 -39.47
N LEU D 483 -22.50 -17.59 -38.46
CA LEU D 483 -22.67 -16.39 -37.64
C LEU D 483 -22.21 -15.14 -38.39
N LEU D 484 -21.08 -15.22 -39.09
CA LEU D 484 -20.56 -14.07 -39.80
C LEU D 484 -21.48 -13.65 -40.94
N ARG D 485 -22.26 -14.58 -41.46
CA ARG D 485 -23.19 -14.24 -42.54
C ARG D 485 -24.31 -13.31 -42.08
N ILE D 486 -24.38 -13.01 -40.78
CA ILE D 486 -25.31 -12.00 -40.31
C ILE D 486 -25.00 -10.65 -40.95
N PHE D 487 -23.72 -10.29 -40.98
CA PHE D 487 -23.32 -9.02 -41.55
C PHE D 487 -23.20 -9.11 -43.07
N PRO D 488 -23.33 -7.98 -43.77
CA PRO D 488 -22.95 -7.97 -45.18
C PRO D 488 -21.44 -8.07 -45.33
N LYS D 489 -21.01 -8.46 -46.53
CA LYS D 489 -19.57 -8.62 -46.78
C LYS D 489 -18.81 -7.37 -46.37
N GLU D 490 -19.35 -6.20 -46.66
CA GLU D 490 -18.61 -4.96 -46.41
C GLU D 490 -18.36 -4.74 -44.92
N MET D 491 -19.15 -5.33 -44.04
CA MET D 491 -18.95 -5.18 -42.61
C MET D 491 -17.93 -6.16 -42.05
N LEU D 492 -17.49 -7.13 -42.85
CA LEU D 492 -16.41 -8.05 -42.46
C LEU D 492 -15.12 -7.49 -43.04
N LYS D 493 -14.47 -6.60 -42.29
CA LYS D 493 -13.29 -5.90 -42.78
C LYS D 493 -12.01 -6.66 -42.53
N ARG D 494 -12.01 -7.66 -41.65
CA ARG D 494 -10.82 -8.47 -41.44
C ARG D 494 -10.59 -9.43 -42.59
N ILE D 495 -11.64 -10.03 -43.10
CA ILE D 495 -11.52 -11.10 -44.10
C ILE D 495 -11.22 -10.46 -45.45
N PRO D 496 -10.14 -10.86 -46.13
CA PRO D 496 -9.89 -10.32 -47.47
C PRO D 496 -10.95 -10.79 -48.45
N GLN D 497 -11.14 -9.97 -49.49
CA GLN D 497 -12.20 -10.25 -50.46
C GLN D 497 -12.03 -11.63 -51.09
N SER D 498 -10.79 -12.11 -51.22
CA SER D 498 -10.57 -13.42 -51.82
C SER D 498 -11.24 -14.51 -51.00
N THR D 499 -11.11 -14.44 -49.68
CA THR D 499 -11.74 -15.45 -48.82
C THR D 499 -13.25 -15.27 -48.78
N LEU D 500 -13.71 -14.02 -48.69
CA LEU D 500 -15.15 -13.78 -48.62
C LEU D 500 -15.86 -14.29 -49.86
N SER D 501 -15.30 -14.04 -51.04
CA SER D 501 -15.96 -14.46 -52.27
C SER D 501 -16.16 -15.97 -52.30
N GLU D 502 -15.20 -16.73 -51.76
CA GLU D 502 -15.26 -18.18 -51.83
C GLU D 502 -16.10 -18.79 -50.72
N PHE D 503 -16.03 -18.26 -49.51
CA PHE D 503 -16.67 -18.88 -48.36
C PHE D 503 -17.98 -18.22 -47.95
N TYR D 504 -18.13 -16.92 -48.17
CA TYR D 504 -19.31 -16.22 -47.68
C TYR D 504 -20.59 -16.70 -48.33
N PRO D 505 -20.69 -16.84 -49.66
CA PRO D 505 -22.00 -17.04 -50.28
C PRO D 505 -22.76 -18.25 -49.77
N ARG D 506 -22.07 -19.36 -49.55
CA ARG D 506 -22.75 -20.63 -49.25
C ARG D 506 -23.65 -20.49 -48.02
N TYR E 39 48.58 24.36 5.74
CA TYR E 39 48.57 23.32 4.73
C TYR E 39 49.01 21.98 5.34
N LEU E 40 48.61 20.88 4.70
CA LEU E 40 48.93 19.55 5.19
C LEU E 40 50.26 19.11 4.62
N SER E 41 51.29 19.08 5.48
CA SER E 41 52.62 18.66 5.06
C SER E 41 52.92 17.20 5.38
N GLN E 42 52.13 16.57 6.23
CA GLN E 42 52.45 15.22 6.68
C GLN E 42 52.17 14.21 5.55
N PRO E 43 53.07 13.25 5.34
CA PRO E 43 52.84 12.25 4.28
C PRO E 43 51.55 11.49 4.50
N ARG E 44 50.87 11.18 3.40
CA ARG E 44 49.62 10.45 3.44
C ARG E 44 49.87 8.97 3.71
N LEU E 45 48.86 8.31 4.27
CA LEU E 45 48.93 6.90 4.61
C LEU E 45 48.20 6.09 3.57
N THR E 46 48.88 5.10 3.01
CA THR E 46 48.33 4.20 2.01
C THR E 46 48.07 2.85 2.65
N TYR E 47 46.82 2.37 2.55
CA TYR E 47 46.41 1.12 3.14
C TYR E 47 46.08 0.11 2.05
N LYS E 48 46.73 -1.05 2.09
CA LYS E 48 46.31 -2.20 1.31
C LYS E 48 45.38 -3.11 2.12
N THR E 49 44.66 -2.53 3.07
CA THR E 49 43.92 -3.26 4.08
C THR E 49 42.43 -3.35 3.79
N VAL E 50 42.02 -3.23 2.53
CA VAL E 50 40.62 -3.29 2.19
C VAL E 50 40.01 -4.53 2.81
N SER E 51 38.95 -4.35 3.57
CA SER E 51 38.31 -5.45 4.28
C SER E 51 37.02 -5.93 3.63
N GLY E 52 36.39 -5.13 2.79
CA GLY E 52 35.20 -5.57 2.10
C GLY E 52 34.78 -4.66 0.98
N VAL E 53 34.10 -5.21 -0.02
CA VAL E 53 33.52 -4.43 -1.12
C VAL E 53 32.05 -4.82 -1.23
N ASN E 54 31.18 -3.83 -1.29
CA ASN E 54 29.74 -4.06 -1.29
C ASN E 54 29.10 -2.93 -2.10
N GLY E 55 28.72 -3.23 -3.33
CA GLY E 55 28.16 -2.23 -4.20
C GLY E 55 29.14 -1.09 -4.39
N PRO E 56 28.71 0.16 -4.12
CA PRO E 56 29.63 1.29 -4.24
C PRO E 56 30.53 1.50 -3.04
N LEU E 57 30.41 0.68 -2.00
CA LEU E 57 31.13 0.90 -0.75
C LEU E 57 32.35 -0.01 -0.67
N VAL E 58 33.43 0.53 -0.10
CA VAL E 58 34.66 -0.20 0.16
C VAL E 58 34.99 0.03 1.63
N ILE E 59 34.84 -1.00 2.45
CA ILE E 59 35.06 -0.89 3.88
C ILE E 59 36.50 -1.30 4.16
N LEU E 60 37.26 -0.38 4.75
CA LEU E 60 38.63 -0.63 5.16
C LEU E 60 38.70 -0.78 6.67
N ASP E 61 39.77 -1.41 7.13
CA ASP E 61 40.03 -1.63 8.55
C ASP E 61 41.43 -1.15 8.88
N HIS E 62 41.76 -1.16 10.17
CA HIS E 62 43.09 -0.79 10.63
C HIS E 62 43.51 0.59 10.13
N VAL E 63 42.57 1.54 10.09
CA VAL E 63 42.85 2.89 9.62
C VAL E 63 43.27 3.73 10.82
N LYS E 64 44.34 4.52 10.65
CA LYS E 64 44.88 5.34 11.72
C LYS E 64 44.07 6.62 11.82
N PHE E 65 43.23 6.72 12.85
CA PHE E 65 42.43 7.92 13.10
C PHE E 65 41.65 8.31 11.85
N PRO E 66 40.63 7.56 11.48
CA PRO E 66 39.84 7.92 10.30
C PRO E 66 39.21 9.29 10.48
N ARG E 67 39.10 10.03 9.38
CA ARG E 67 38.45 11.33 9.36
C ARG E 67 37.18 11.22 8.53
N TYR E 68 36.05 11.57 9.14
CA TYR E 68 34.78 11.49 8.43
C TYR E 68 34.76 12.46 7.26
N ALA E 69 34.17 12.01 6.15
CA ALA E 69 34.09 12.77 4.90
C ALA E 69 35.45 12.95 4.25
N GLU E 70 36.47 12.24 4.69
CA GLU E 70 37.80 12.34 4.11
C GLU E 70 37.81 11.76 2.70
N ILE E 71 38.75 12.22 1.90
CA ILE E 71 38.88 11.80 0.51
C ILE E 71 40.00 10.77 0.41
N VAL E 72 39.71 9.67 -0.29
CA VAL E 72 40.61 8.54 -0.43
C VAL E 72 40.86 8.34 -1.92
N HIS E 73 42.06 7.86 -2.25
CA HIS E 73 42.46 7.57 -3.62
C HIS E 73 42.77 6.09 -3.72
N LEU E 74 41.94 5.36 -4.46
CA LEU E 74 42.05 3.91 -4.58
C LEU E 74 42.78 3.57 -5.87
N THR E 75 44.00 3.04 -5.74
CA THR E 75 44.72 2.48 -6.87
C THR E 75 44.35 1.01 -7.00
N LEU E 76 43.67 0.66 -8.09
CA LEU E 76 43.28 -0.69 -8.35
C LEU E 76 44.49 -1.53 -8.73
N PRO E 77 44.35 -2.86 -8.72
CA PRO E 77 45.52 -3.70 -9.05
C PRO E 77 46.15 -3.38 -10.39
N ASP E 78 45.34 -3.04 -11.39
CA ASP E 78 45.84 -2.77 -12.73
C ASP E 78 46.28 -1.32 -12.92
N GLY E 79 46.39 -0.55 -11.84
CA GLY E 79 46.84 0.82 -11.92
C GLY E 79 45.75 1.85 -12.09
N THR E 80 44.51 1.42 -12.32
CA THR E 80 43.41 2.37 -12.45
C THR E 80 43.20 3.10 -11.14
N LYS E 81 43.22 4.43 -11.20
CA LYS E 81 43.08 5.27 -10.03
C LYS E 81 41.67 5.81 -9.95
N ARG E 82 41.00 5.55 -8.83
CA ARG E 82 39.67 6.04 -8.53
C ARG E 82 39.73 6.88 -7.26
N SER E 83 38.62 7.52 -6.92
CA SER E 83 38.55 8.34 -5.72
C SER E 83 37.25 8.03 -4.99
N GLY E 84 37.28 8.24 -3.67
CA GLY E 84 36.12 7.97 -2.84
C GLY E 84 36.10 8.89 -1.65
N GLN E 85 34.98 8.83 -0.92
CA GLN E 85 34.77 9.67 0.25
C GLN E 85 34.37 8.79 1.43
N VAL E 86 34.99 9.02 2.58
CA VAL E 86 34.70 8.22 3.77
C VAL E 86 33.30 8.54 4.27
N LEU E 87 32.37 7.60 4.10
CA LEU E 87 30.99 7.85 4.52
C LEU E 87 30.83 7.76 6.03
N GLU E 88 31.52 6.83 6.69
CA GLU E 88 31.45 6.75 8.14
C GLU E 88 32.71 6.10 8.66
N VAL E 89 32.98 6.32 9.94
CA VAL E 89 34.16 5.79 10.61
C VAL E 89 33.72 5.18 11.93
N SER E 90 34.35 4.07 12.30
CA SER E 90 34.03 3.40 13.56
C SER E 90 35.32 2.78 14.08
N GLY E 91 36.01 3.50 14.95
CA GLY E 91 37.27 3.02 15.49
C GLY E 91 38.36 3.00 14.44
N SER E 92 38.78 1.82 14.04
CA SER E 92 39.80 1.67 13.01
C SER E 92 39.21 1.38 11.63
N LYS E 93 37.90 1.38 11.49
CA LYS E 93 37.23 1.10 10.23
C LYS E 93 36.95 2.40 9.48
N ALA E 94 36.66 2.26 8.19
CA ALA E 94 36.31 3.42 7.36
C ALA E 94 35.53 2.93 6.15
N VAL E 95 34.28 3.34 6.02
CA VAL E 95 33.41 2.89 4.95
C VAL E 95 33.55 3.89 3.82
N VAL E 96 34.58 3.71 2.99
CA VAL E 96 34.76 4.57 1.83
C VAL E 96 33.64 4.32 0.84
N GLN E 97 33.33 5.35 0.05
CA GLN E 97 32.32 5.28 -1.00
C GLN E 97 33.01 5.74 -2.28
N VAL E 98 33.22 4.82 -3.21
CA VAL E 98 33.98 5.10 -4.42
C VAL E 98 33.08 5.76 -5.45
N PHE E 99 33.56 6.85 -6.05
CA PHE E 99 32.75 7.59 -7.00
C PHE E 99 32.65 6.87 -8.34
N GLU E 100 33.74 6.24 -8.78
CA GLU E 100 33.78 5.60 -10.08
C GLU E 100 33.24 4.17 -10.07
N GLY E 101 32.78 3.67 -8.92
CA GLY E 101 32.30 2.32 -8.82
C GLY E 101 33.39 1.35 -8.37
N THR E 102 32.94 0.26 -7.74
CA THR E 102 33.84 -0.69 -7.12
C THR E 102 34.22 -1.85 -8.03
N SER E 103 33.73 -1.87 -9.26
CA SER E 103 34.07 -2.96 -10.17
C SER E 103 35.58 -3.00 -10.39
N GLY E 104 36.16 -4.21 -10.31
CA GLY E 104 37.58 -4.38 -10.46
C GLY E 104 38.38 -4.26 -9.19
N ILE E 105 37.78 -3.76 -8.11
CA ILE E 105 38.48 -3.66 -6.85
C ILE E 105 38.56 -5.03 -6.19
N ASP E 106 39.73 -5.34 -5.63
CA ASP E 106 39.93 -6.57 -4.89
C ASP E 106 40.56 -6.25 -3.55
N ALA E 107 40.23 -7.05 -2.54
CA ALA E 107 40.98 -6.97 -1.30
C ALA E 107 42.38 -7.51 -1.53
N LYS E 108 43.30 -7.10 -0.64
CA LYS E 108 44.69 -7.52 -0.61
C LYS E 108 45.55 -6.82 -1.66
N LYS E 109 44.96 -6.08 -2.60
CA LYS E 109 45.77 -5.41 -3.63
C LYS E 109 45.36 -3.98 -3.94
N THR E 110 44.14 -3.55 -3.63
CA THR E 110 43.76 -2.16 -3.85
C THR E 110 44.41 -1.27 -2.80
N SER E 111 45.06 -0.20 -3.23
CA SER E 111 45.80 0.69 -2.33
C SER E 111 45.00 1.96 -2.14
N CYS E 112 44.42 2.15 -0.96
CA CYS E 112 43.62 3.32 -0.64
C CYS E 112 44.51 4.30 0.13
N GLU E 113 44.89 5.40 -0.52
CA GLU E 113 45.70 6.44 0.09
C GLU E 113 44.79 7.52 0.63
N PHE E 114 44.85 7.77 1.93
CA PHE E 114 43.94 8.71 2.58
C PHE E 114 44.55 10.11 2.51
N THR E 115 43.84 11.01 1.82
CA THR E 115 44.37 12.35 1.57
C THR E 115 44.48 13.18 2.84
N GLY E 116 43.80 12.79 3.91
CA GLY E 116 43.87 13.54 5.15
C GLY E 116 43.04 14.80 5.18
N ASP E 117 42.12 14.98 4.23
CA ASP E 117 41.33 16.20 4.17
C ASP E 117 40.02 15.90 3.46
N ILE E 118 39.02 16.74 3.73
CA ILE E 118 37.73 16.64 3.06
C ILE E 118 37.89 17.05 1.61
N LEU E 119 36.87 16.82 0.80
CA LEU E 119 36.94 17.13 -0.62
C LEU E 119 36.94 18.64 -0.80
N ARG E 120 38.10 19.19 -1.15
CA ARG E 120 38.25 20.61 -1.46
C ARG E 120 38.50 20.73 -2.95
N THR E 121 37.47 21.14 -3.68
CA THR E 121 37.60 21.25 -5.13
C THR E 121 38.38 22.51 -5.49
N PRO E 122 39.20 22.45 -6.55
CA PRO E 122 39.82 23.67 -7.04
C PRO E 122 38.82 24.51 -7.81
N VAL E 123 38.91 25.83 -7.62
CA VAL E 123 38.00 26.77 -8.27
C VAL E 123 38.82 27.92 -8.82
N SER E 124 38.47 28.33 -10.04
CA SER E 124 39.13 29.46 -10.68
C SER E 124 38.10 30.16 -11.56
N GLU E 125 38.37 31.42 -11.89
CA GLU E 125 37.46 32.15 -12.76
C GLU E 125 37.45 31.56 -14.16
N ASP E 126 38.57 31.01 -14.61
CA ASP E 126 38.65 30.39 -15.93
C ASP E 126 37.92 29.07 -16.00
N MET E 127 37.18 28.68 -14.96
CA MET E 127 36.28 27.54 -15.05
C MET E 127 35.09 27.84 -15.94
N LEU E 128 34.87 29.11 -16.30
CA LEU E 128 33.83 29.47 -17.25
C LEU E 128 34.31 29.19 -18.67
N GLY E 129 33.47 28.54 -19.46
CA GLY E 129 33.88 28.11 -20.77
C GLY E 129 34.62 26.79 -20.77
N ARG E 130 34.40 25.97 -19.75
CA ARG E 130 35.06 24.68 -19.61
C ARG E 130 33.99 23.60 -19.46
N VAL E 131 34.37 22.38 -19.81
CA VAL E 131 33.52 21.21 -19.65
C VAL E 131 34.27 20.20 -18.79
N PHE E 132 33.64 19.77 -17.70
CA PHE E 132 34.22 18.82 -16.78
C PHE E 132 33.24 17.66 -16.60
N ASN E 133 33.76 16.50 -16.23
CA ASN E 133 32.88 15.38 -15.92
C ASN E 133 32.30 15.58 -14.53
N GLY E 134 31.54 14.60 -14.06
CA GLY E 134 30.90 14.70 -12.76
C GLY E 134 31.89 14.91 -11.62
N SER E 135 33.14 14.50 -11.80
CA SER E 135 34.16 14.62 -10.77
C SER E 135 35.00 15.88 -10.91
N GLY E 136 34.69 16.75 -11.86
CA GLY E 136 35.41 17.99 -12.03
C GLY E 136 36.62 17.91 -12.93
N LYS E 137 36.96 16.74 -13.46
CA LYS E 137 38.11 16.65 -14.35
C LYS E 137 37.75 17.13 -15.75
N PRO E 138 38.68 17.76 -16.47
CA PRO E 138 38.36 18.23 -17.81
C PRO E 138 37.98 17.10 -18.74
N ILE E 139 37.01 17.36 -19.62
CA ILE E 139 36.70 16.43 -20.70
C ILE E 139 36.59 17.20 -22.01
N ASP E 140 37.10 18.43 -22.02
CA ASP E 140 37.16 19.25 -23.23
C ASP E 140 38.56 19.30 -23.81
N ARG E 141 39.46 18.43 -23.36
CA ARG E 141 40.85 18.39 -23.81
C ARG E 141 41.63 19.63 -23.39
N GLY E 142 41.18 20.31 -22.35
CA GLY E 142 41.95 21.37 -21.74
C GLY E 142 42.72 20.83 -20.54
N PRO E 143 43.50 21.69 -19.90
CA PRO E 143 44.27 21.26 -18.73
C PRO E 143 43.41 21.19 -17.48
N VAL E 144 43.96 20.54 -16.46
CA VAL E 144 43.27 20.50 -15.17
C VAL E 144 43.14 21.92 -14.63
N VAL E 145 42.12 22.13 -13.80
CA VAL E 145 41.85 23.47 -13.30
C VAL E 145 43.02 23.94 -12.46
N LEU E 146 43.61 25.07 -12.85
CA LEU E 146 44.65 25.69 -12.05
C LEU E 146 43.99 26.50 -10.95
N ALA E 147 44.02 25.97 -9.73
CA ALA E 147 43.17 26.46 -8.66
C ALA E 147 43.48 27.91 -8.33
N GLU E 148 42.47 28.77 -8.42
CA GLU E 148 42.53 30.07 -7.77
C GLU E 148 42.31 29.94 -6.28
N ASP E 149 41.52 28.96 -5.86
CA ASP E 149 41.36 28.63 -4.45
C ASP E 149 40.88 27.18 -4.36
N PHE E 150 40.96 26.63 -3.14
CA PHE E 150 40.45 25.30 -2.86
C PHE E 150 39.26 25.44 -1.92
N LEU E 151 38.06 25.16 -2.43
CA LEU E 151 36.83 25.40 -1.68
C LEU E 151 36.17 24.07 -1.35
N ASP E 152 35.72 23.94 -0.11
CA ASP E 152 35.00 22.74 0.31
C ASP E 152 33.72 22.61 -0.50
N ILE E 153 33.47 21.41 -1.04
CA ILE E 153 32.27 21.23 -1.85
C ILE E 153 31.02 21.36 -1.00
N MET E 154 31.10 20.98 0.29
CA MET E 154 29.94 21.10 1.15
C MET E 154 29.48 22.54 1.29
N GLY E 155 30.33 23.50 0.97
CA GLY E 155 29.99 24.90 1.07
C GLY E 155 30.13 25.43 2.48
N GLN E 156 30.19 26.75 2.58
CA GLN E 156 30.30 27.44 3.86
C GLN E 156 28.93 28.03 4.20
N PRO E 157 28.28 27.62 5.29
CA PRO E 157 26.94 28.13 5.56
C PRO E 157 26.93 29.64 5.67
N ILE E 158 25.88 30.26 5.14
CA ILE E 158 25.77 31.71 5.07
C ILE E 158 24.84 32.19 6.19
N ASN E 159 25.28 33.21 6.90
CA ASN E 159 24.53 33.71 8.04
C ASN E 159 23.20 34.30 7.55
N PRO E 160 22.04 33.81 8.01
CA PRO E 160 20.78 34.37 7.51
C PRO E 160 20.63 35.85 7.79
N GLN E 161 21.30 36.39 8.80
CA GLN E 161 21.19 37.81 9.09
C GLN E 161 21.66 38.66 7.93
N CYS E 162 22.57 38.15 7.11
CA CYS E 162 23.18 38.90 6.02
C CYS E 162 22.97 38.18 4.70
N ARG E 163 21.74 37.76 4.46
CA ARG E 163 21.32 37.24 3.17
C ARG E 163 20.24 38.17 2.62
N ILE E 164 20.50 38.77 1.47
CA ILE E 164 19.58 39.75 0.91
C ILE E 164 18.38 39.04 0.31
N TYR E 165 17.20 39.64 0.49
CA TYR E 165 15.99 39.10 -0.10
C TYR E 165 15.92 39.45 -1.58
N PRO E 166 15.86 38.46 -2.49
CA PRO E 166 15.86 38.79 -3.92
C PRO E 166 14.55 39.39 -4.39
N GLU E 167 14.59 40.62 -4.87
CA GLU E 167 13.41 41.32 -5.37
C GLU E 167 13.55 41.75 -6.82
N GLU E 168 14.57 41.28 -7.53
CA GLU E 168 14.79 41.62 -8.93
C GLU E 168 14.23 40.50 -9.80
N MET E 169 13.25 40.83 -10.64
CA MET E 169 12.61 39.86 -11.50
C MET E 169 13.56 39.41 -12.60
N ILE E 170 13.45 38.14 -12.99
CA ILE E 170 14.16 37.59 -14.14
C ILE E 170 13.16 37.47 -15.28
N GLN E 171 13.41 38.21 -16.36
CA GLN E 171 12.54 38.18 -17.53
C GLN E 171 12.97 37.00 -18.40
N THR E 172 12.53 35.80 -18.01
CA THR E 172 12.89 34.61 -18.77
C THR E 172 12.32 34.64 -20.18
N GLY E 173 11.35 35.51 -20.45
CA GLY E 173 10.71 35.57 -21.74
C GLY E 173 9.61 34.57 -21.95
N ILE E 174 9.37 33.68 -20.99
CA ILE E 174 8.31 32.70 -21.07
C ILE E 174 7.10 33.24 -20.32
N SER E 175 6.03 33.53 -21.06
CA SER E 175 4.89 34.21 -20.46
C SER E 175 4.24 33.36 -19.38
N ALA E 176 4.37 32.04 -19.47
CA ALA E 176 3.82 31.17 -18.44
C ALA E 176 4.59 31.27 -17.13
N ILE E 177 5.82 31.79 -17.18
CA ILE E 177 6.65 31.95 -15.99
C ILE E 177 6.68 33.43 -15.61
N ASP E 178 6.99 34.28 -16.58
CA ASP E 178 7.00 35.71 -16.32
C ASP E 178 5.63 36.22 -15.90
N GLY E 179 4.59 35.76 -16.59
CA GLY E 179 3.27 36.29 -16.32
C GLY E 179 2.71 35.87 -14.97
N MET E 180 2.92 34.62 -14.58
CA MET E 180 2.20 34.04 -13.46
C MET E 180 3.06 33.37 -12.40
N ASN E 181 4.30 32.99 -12.73
CA ASN E 181 5.20 32.34 -11.78
C ASN E 181 6.57 32.99 -11.86
N SER E 182 6.59 34.31 -11.83
CA SER E 182 7.81 35.07 -12.07
C SER E 182 8.93 34.61 -11.16
N ILE E 183 10.16 34.73 -11.66
CA ILE E 183 11.36 34.31 -10.95
C ILE E 183 12.13 35.55 -10.53
N ALA E 184 12.59 35.57 -9.29
CA ALA E 184 13.42 36.65 -8.78
C ALA E 184 14.87 36.21 -8.74
N ARG E 185 15.76 37.13 -9.12
CA ARG E 185 17.17 36.81 -9.21
C ARG E 185 17.72 36.46 -7.82
N GLY E 186 18.14 35.21 -7.65
CA GLY E 186 18.53 34.68 -6.36
C GLY E 186 17.58 33.63 -5.84
N GLN E 187 16.54 33.29 -6.58
CA GLN E 187 15.54 32.33 -6.14
C GLN E 187 15.94 30.91 -6.50
N LYS E 188 15.39 29.95 -5.76
CA LYS E 188 15.44 28.54 -6.11
C LYS E 188 14.07 28.14 -6.61
N ILE E 189 13.97 27.73 -7.86
CA ILE E 189 12.68 27.38 -8.45
C ILE E 189 12.89 26.25 -9.44
N PRO E 190 12.55 25.02 -9.10
CA PRO E 190 12.80 23.89 -10.00
C PRO E 190 11.83 23.86 -11.17
N ILE E 191 12.08 22.93 -12.07
CA ILE E 191 11.18 22.63 -13.18
C ILE E 191 10.72 21.19 -12.97
N PHE E 192 9.52 21.02 -12.45
CA PHE E 192 8.95 19.69 -12.31
C PHE E 192 8.41 19.20 -13.65
N SER E 193 8.88 18.06 -14.10
CA SER E 193 8.42 17.47 -15.35
C SER E 193 8.45 15.97 -15.21
N ALA E 194 8.37 15.27 -16.33
CA ALA E 194 8.40 13.82 -16.33
C ALA E 194 9.22 13.35 -17.53
N ALA E 195 9.16 12.06 -17.82
CA ALA E 195 9.90 11.51 -18.94
C ALA E 195 9.20 11.86 -20.25
N GLY E 196 9.98 12.38 -21.19
CA GLY E 196 9.47 12.70 -22.51
C GLY E 196 8.96 14.12 -22.68
N LEU E 197 8.81 14.87 -21.60
CA LEU E 197 8.38 16.25 -21.71
C LEU E 197 9.55 17.15 -22.04
N PRO E 198 9.29 18.37 -22.54
CA PRO E 198 10.37 19.27 -22.95
C PRO E 198 10.88 20.15 -21.82
N HIS E 199 11.35 19.53 -20.73
CA HIS E 199 11.94 20.32 -19.65
C HIS E 199 13.33 20.80 -20.03
N ASN E 200 14.07 20.02 -20.81
CA ASN E 200 15.37 20.49 -21.30
C ASN E 200 15.21 21.70 -22.20
N GLU E 201 14.20 21.68 -23.09
CA GLU E 201 13.99 22.82 -23.97
C GLU E 201 13.60 24.07 -23.18
N ILE E 202 12.75 23.91 -22.16
CA ILE E 202 12.38 25.05 -21.33
C ILE E 202 13.60 25.60 -20.60
N ALA E 203 14.43 24.70 -20.06
CA ALA E 203 15.63 25.14 -19.36
C ALA E 203 16.58 25.88 -20.29
N ALA E 204 16.75 25.38 -21.52
CA ALA E 204 17.60 26.06 -22.47
C ALA E 204 17.03 27.42 -22.85
N GLN E 205 15.71 27.50 -23.01
CA GLN E 205 15.08 28.78 -23.32
C GLN E 205 15.31 29.78 -22.21
N ILE E 206 15.13 29.35 -20.96
CA ILE E 206 15.38 30.23 -19.82
C ILE E 206 16.84 30.65 -19.79
N CYS E 207 17.75 29.72 -20.08
CA CYS E 207 19.18 30.03 -20.04
C CYS E 207 19.54 31.08 -21.08
N ARG E 208 19.01 30.94 -22.30
CA ARG E 208 19.39 31.86 -23.37
C ARG E 208 18.57 33.14 -23.39
N GLN E 209 17.49 33.21 -22.61
CA GLN E 209 16.65 34.40 -22.57
C GLN E 209 16.64 35.09 -21.21
N ALA E 210 17.19 34.48 -20.18
CA ALA E 210 17.13 35.07 -18.84
C ALA E 210 17.77 36.45 -18.86
N GLY E 211 17.06 37.42 -18.29
CA GLY E 211 17.56 38.77 -18.21
C GLY E 211 16.65 39.61 -17.34
N LEU E 212 17.20 40.71 -16.84
CA LEU E 212 16.45 41.58 -15.95
C LEU E 212 15.38 42.34 -16.73
N VAL E 213 14.34 42.74 -16.01
CA VAL E 213 13.28 43.54 -16.62
C VAL E 213 13.77 44.95 -16.85
N LYS E 214 13.49 45.49 -18.03
CA LYS E 214 13.88 46.86 -18.36
C LYS E 214 12.82 47.82 -17.86
N LYS E 215 13.22 48.75 -17.00
CA LYS E 215 12.28 49.72 -16.43
C LYS E 215 12.08 50.90 -17.37
N GLU E 225 26.02 42.63 -16.78
CA GLU E 225 25.04 42.03 -15.88
C GLU E 225 24.47 40.74 -16.47
N ASN E 226 25.04 40.30 -17.59
CA ASN E 226 24.59 39.06 -18.21
C ASN E 226 24.87 37.87 -17.29
N PHE E 227 23.97 36.90 -17.32
CA PHE E 227 24.09 35.76 -16.44
C PHE E 227 25.24 34.86 -16.86
N ALA E 228 25.96 34.33 -15.88
CA ALA E 228 26.97 33.30 -16.09
C ALA E 228 26.36 31.97 -15.68
N ILE E 229 26.30 31.04 -16.62
CA ILE E 229 25.57 29.79 -16.42
C ILE E 229 26.53 28.73 -15.90
N VAL E 230 26.13 28.04 -14.85
CA VAL E 230 26.85 26.87 -14.33
C VAL E 230 25.92 25.68 -14.44
N PHE E 231 26.36 24.66 -15.15
CA PHE E 231 25.51 23.54 -15.54
C PHE E 231 26.00 22.26 -14.88
N ALA E 232 25.09 21.49 -14.31
CA ALA E 232 25.41 20.24 -13.63
C ALA E 232 24.47 19.18 -14.18
N ALA E 233 24.97 18.39 -15.13
CA ALA E 233 24.19 17.31 -15.73
C ALA E 233 24.44 16.02 -14.97
N MET E 234 23.36 15.39 -14.51
CA MET E 234 23.43 14.16 -13.73
C MET E 234 22.52 13.14 -14.38
N GLY E 235 23.11 12.13 -15.02
CA GLY E 235 22.32 11.08 -15.63
C GLY E 235 21.67 11.45 -16.94
N VAL E 236 22.07 12.55 -17.56
CA VAL E 236 21.50 12.96 -18.84
C VAL E 236 22.12 12.12 -19.94
N ASN E 237 21.29 11.53 -20.78
CA ASN E 237 21.81 10.76 -21.91
C ASN E 237 22.67 11.65 -22.79
N MET E 238 23.39 11.02 -23.72
CA MET E 238 24.26 11.79 -24.61
C MET E 238 23.46 12.82 -25.40
N GLU E 239 22.23 12.48 -25.78
CA GLU E 239 21.43 13.41 -26.55
C GLU E 239 21.18 14.70 -25.78
N THR E 240 20.86 14.59 -24.49
CA THR E 240 20.56 15.79 -23.70
C THR E 240 21.80 16.64 -23.48
N ALA E 241 22.93 16.01 -23.13
CA ALA E 241 24.15 16.77 -22.93
C ALA E 241 24.59 17.45 -24.21
N ARG E 242 24.52 16.74 -25.34
CA ARG E 242 24.86 17.34 -26.62
C ARG E 242 23.91 18.48 -26.97
N PHE E 243 22.62 18.31 -26.66
CA PHE E 243 21.66 19.37 -26.91
C PHE E 243 22.02 20.63 -26.14
N PHE E 244 22.29 20.49 -24.85
CA PHE E 244 22.61 21.67 -24.04
C PHE E 244 23.91 22.31 -24.49
N LYS E 245 24.93 21.50 -24.76
CA LYS E 245 26.21 22.05 -25.19
C LYS E 245 26.08 22.78 -26.52
N SER E 246 25.35 22.19 -27.47
CA SER E 246 25.15 22.84 -28.76
C SER E 246 24.32 24.10 -28.61
N ASP E 247 23.34 24.10 -27.71
CA ASP E 247 22.53 25.29 -27.48
C ASP E 247 23.38 26.43 -26.94
N PHE E 248 24.31 26.10 -26.02
CA PHE E 248 25.16 27.14 -25.46
C PHE E 248 26.15 27.66 -26.50
N GLU E 249 26.74 26.75 -27.28
CA GLU E 249 27.69 27.19 -28.32
C GLU E 249 27.00 28.03 -29.38
N GLU E 250 25.82 27.62 -29.82
CA GLU E 250 25.11 28.34 -30.88
C GLU E 250 24.72 29.73 -30.43
N ASN E 251 24.31 29.89 -29.19
CA ASN E 251 23.84 31.17 -28.67
C ASN E 251 24.98 32.08 -28.23
N GLY E 252 26.23 31.65 -28.40
CA GLY E 252 27.37 32.50 -28.12
C GLY E 252 27.70 32.69 -26.66
N SER E 253 27.05 31.96 -25.77
CA SER E 253 27.25 32.13 -24.34
C SER E 253 28.31 31.20 -23.77
N MET E 254 28.93 30.36 -24.60
CA MET E 254 29.83 29.33 -24.06
C MET E 254 30.97 29.95 -23.25
N ASP E 255 31.40 31.16 -23.60
CA ASP E 255 32.45 31.80 -22.82
C ASP E 255 32.02 32.01 -21.37
N ASN E 256 30.72 32.06 -21.12
CA ASN E 256 30.18 32.30 -19.78
C ASN E 256 29.46 31.07 -19.23
N VAL E 257 29.77 29.88 -19.74
CA VAL E 257 29.10 28.64 -19.32
C VAL E 257 30.16 27.66 -18.86
N CYS E 258 29.92 27.05 -17.70
CA CYS E 258 30.77 26.01 -17.15
C CYS E 258 29.92 24.76 -16.98
N LEU E 259 30.25 23.70 -17.70
CA LEU E 259 29.42 22.50 -17.76
C LEU E 259 30.01 21.39 -16.91
N PHE E 260 29.17 20.76 -16.10
CA PHE E 260 29.51 19.54 -15.39
C PHE E 260 28.61 18.42 -15.90
N LEU E 261 29.21 17.48 -16.63
CA LEU E 261 28.47 16.43 -17.33
C LEU E 261 28.70 15.10 -16.64
N ASN E 262 27.62 14.46 -16.21
CA ASN E 262 27.65 13.11 -15.67
C ASN E 262 26.59 12.33 -16.45
N LEU E 263 26.98 11.81 -17.60
CA LEU E 263 26.03 11.16 -18.50
C LEU E 263 25.49 9.88 -17.89
N ALA E 264 24.55 9.24 -18.58
CA ALA E 264 23.94 8.03 -18.05
C ALA E 264 24.97 6.92 -17.88
N ASN E 265 25.90 6.80 -18.84
CA ASN E 265 26.91 5.74 -18.75
C ASN E 265 27.92 6.00 -17.64
N ASP E 266 28.01 7.22 -17.14
CA ASP E 266 29.01 7.56 -16.15
C ASP E 266 28.64 6.95 -14.79
N PRO E 267 29.61 6.88 -13.87
CA PRO E 267 29.32 6.29 -12.56
C PRO E 267 28.19 7.02 -11.86
N THR E 268 27.38 6.26 -11.12
CA THR E 268 26.19 6.82 -10.49
C THR E 268 26.42 7.35 -9.09
N ILE E 269 27.57 7.06 -8.47
CA ILE E 269 27.92 7.69 -7.20
C ILE E 269 28.67 8.99 -7.41
N GLU E 270 29.16 9.24 -8.61
CA GLU E 270 29.82 10.48 -8.93
C GLU E 270 28.86 11.66 -8.90
N ARG E 271 27.62 11.45 -9.35
CA ARG E 271 26.64 12.53 -9.36
C ARG E 271 26.23 12.98 -7.97
N ILE E 272 26.68 12.28 -6.93
CA ILE E 272 26.49 12.80 -5.57
C ILE E 272 27.30 14.07 -5.37
N ILE E 273 28.48 14.15 -5.98
CA ILE E 273 29.31 15.33 -5.83
C ILE E 273 29.15 16.31 -7.00
N THR E 274 28.59 15.86 -8.11
CA THR E 274 28.45 16.73 -9.28
C THR E 274 27.70 18.02 -8.99
N PRO E 275 26.55 18.01 -8.29
CA PRO E 275 25.88 19.29 -8.01
C PRO E 275 26.68 20.17 -7.07
N ARG E 276 27.16 19.61 -5.95
CA ARG E 276 27.93 20.40 -5.01
C ARG E 276 29.11 21.07 -5.71
N LEU E 277 29.92 20.30 -6.43
CA LEU E 277 30.96 20.90 -7.25
C LEU E 277 30.42 22.10 -8.02
N ALA E 278 29.38 21.88 -8.82
CA ALA E 278 28.82 22.99 -9.60
C ALA E 278 28.50 24.16 -8.69
N LEU E 279 27.74 23.90 -7.63
CA LEU E 279 27.35 25.00 -6.76
C LEU E 279 28.57 25.68 -6.17
N THR E 280 29.58 24.91 -5.75
CA THR E 280 30.80 25.54 -5.25
C THR E 280 31.33 26.53 -6.26
N THR E 281 31.49 26.09 -7.52
CA THR E 281 31.95 27.00 -8.54
C THR E 281 31.04 28.22 -8.63
N ALA E 282 29.72 27.97 -8.67
CA ALA E 282 28.79 29.09 -8.69
C ALA E 282 29.09 30.05 -7.55
N GLU E 283 29.23 29.53 -6.33
CA GLU E 283 29.51 30.40 -5.20
C GLU E 283 30.79 31.20 -5.46
N PHE E 284 31.85 30.53 -5.92
CA PHE E 284 33.08 31.26 -6.18
C PHE E 284 32.85 32.35 -7.20
N LEU E 285 32.08 32.06 -8.25
CA LEU E 285 31.83 33.06 -9.27
C LEU E 285 30.90 34.15 -8.75
N ALA E 286 30.02 33.81 -7.79
CA ALA E 286 28.99 34.74 -7.39
C ALA E 286 29.40 35.59 -6.21
N TYR E 287 29.88 34.98 -5.13
CA TYR E 287 30.19 35.69 -3.91
C TYR E 287 31.63 36.16 -3.82
N GLN E 288 32.48 35.80 -4.78
CA GLN E 288 33.86 36.25 -4.80
C GLN E 288 34.24 36.97 -6.07
N CYS E 289 33.78 36.50 -7.23
CA CYS E 289 34.02 37.18 -8.49
C CYS E 289 32.91 38.14 -8.87
N GLU E 290 31.83 38.20 -8.10
CA GLU E 290 30.77 39.19 -8.30
C GLU E 290 30.03 38.96 -9.62
N LYS E 291 29.72 37.71 -9.94
CA LYS E 291 29.03 37.35 -11.16
C LYS E 291 27.63 36.87 -10.84
N HIS E 292 26.67 37.31 -11.66
CA HIS E 292 25.28 36.89 -11.49
C HIS E 292 25.12 35.51 -12.12
N VAL E 293 25.19 34.49 -11.30
CA VAL E 293 25.25 33.11 -11.77
C VAL E 293 23.83 32.54 -11.85
N LEU E 294 23.66 31.63 -12.80
CA LEU E 294 22.43 30.87 -12.99
C LEU E 294 22.82 29.40 -13.02
N VAL E 295 22.39 28.63 -12.02
CA VAL E 295 22.81 27.25 -11.84
C VAL E 295 21.67 26.35 -12.29
N ILE E 296 21.95 25.49 -13.26
CA ILE E 296 21.00 24.51 -13.76
C ILE E 296 21.46 23.14 -13.30
N LEU E 297 20.56 22.39 -12.66
CA LEU E 297 20.83 21.03 -12.20
C LEU E 297 19.84 20.11 -12.91
N THR E 298 20.34 19.31 -13.85
CA THR E 298 19.48 18.72 -14.87
C THR E 298 18.49 17.72 -14.27
N ASP E 299 18.95 16.81 -13.44
CA ASP E 299 18.08 15.75 -12.95
C ASP E 299 18.37 15.50 -11.48
N MET E 300 17.65 16.21 -10.60
CA MET E 300 17.70 15.89 -9.19
C MET E 300 17.08 14.54 -8.91
N SER E 301 16.29 14.00 -9.84
CA SER E 301 15.80 12.64 -9.69
C SER E 301 16.94 11.63 -9.78
N SER E 302 17.88 11.84 -10.69
CA SER E 302 19.04 10.96 -10.79
C SER E 302 19.95 11.12 -9.58
N TYR E 303 20.11 12.35 -9.08
CA TYR E 303 20.88 12.55 -7.87
C TYR E 303 20.23 11.85 -6.68
N ALA E 304 18.90 11.92 -6.59
CA ALA E 304 18.19 11.21 -5.53
C ALA E 304 18.31 9.70 -5.68
N GLU E 305 18.34 9.21 -6.93
CA GLU E 305 18.56 7.79 -7.13
C GLU E 305 19.95 7.37 -6.71
N ALA E 306 20.96 8.21 -6.95
CA ALA E 306 22.30 7.93 -6.45
C ALA E 306 22.32 7.92 -4.93
N LEU E 307 21.64 8.89 -4.30
CA LEU E 307 21.53 8.89 -2.85
C LEU E 307 20.90 7.60 -2.35
N ARG E 308 19.82 7.16 -3.00
CA ARG E 308 19.16 5.93 -2.59
C ARG E 308 20.07 4.72 -2.78
N GLU E 309 20.85 4.71 -3.86
CA GLU E 309 21.79 3.61 -4.07
C GLU E 309 22.78 3.54 -2.92
N VAL E 310 23.38 4.68 -2.56
CA VAL E 310 24.35 4.68 -1.47
C VAL E 310 23.68 4.28 -0.16
N SER E 311 22.48 4.79 0.09
CA SER E 311 21.77 4.47 1.32
C SER E 311 21.47 2.97 1.42
N ALA E 312 20.97 2.38 0.33
CA ALA E 312 20.66 0.95 0.35
C ALA E 312 21.94 0.12 0.50
N ALA E 313 23.04 0.57 -0.11
CA ALA E 313 24.30 -0.11 0.11
C ALA E 313 24.70 -0.05 1.58
N ARG E 314 24.48 1.10 2.22
CA ARG E 314 24.79 1.27 3.63
C ARG E 314 23.78 0.58 4.54
N GLU E 315 22.68 0.07 4.00
CA GLU E 315 21.66 -0.61 4.78
C GLU E 315 21.10 0.30 5.87
N GLU E 316 20.95 1.57 5.55
CA GLU E 316 20.35 2.52 6.47
C GLU E 316 18.85 2.27 6.58
N VAL E 317 18.25 2.84 7.62
CA VAL E 317 16.80 2.76 7.78
C VAL E 317 16.18 3.63 6.69
N PRO E 318 15.36 3.07 5.81
CA PRO E 318 14.93 3.82 4.63
C PRO E 318 13.79 4.77 4.94
N GLY E 319 13.65 5.77 4.07
CA GLY E 319 12.52 6.66 4.08
C GLY E 319 11.42 6.17 3.18
N ARG E 320 10.67 7.11 2.61
CA ARG E 320 9.63 6.75 1.66
C ARG E 320 10.25 6.25 0.36
N ARG E 321 9.70 5.17 -0.18
CA ARG E 321 10.12 4.62 -1.46
C ARG E 321 11.57 4.18 -1.47
N GLY E 322 12.14 3.93 -0.30
CA GLY E 322 13.52 3.48 -0.19
C GLY E 322 14.55 4.59 -0.14
N PHE E 323 14.15 5.83 -0.33
CA PHE E 323 15.10 6.93 -0.29
C PHE E 323 15.56 7.15 1.14
N PRO E 324 16.76 7.68 1.33
CA PRO E 324 17.28 7.85 2.69
C PRO E 324 16.38 8.76 3.51
N GLY E 325 16.30 8.47 4.81
CA GLY E 325 15.52 9.32 5.69
C GLY E 325 15.99 10.75 5.69
N TYR E 326 17.25 10.98 5.33
CA TYR E 326 17.86 12.30 5.31
C TYR E 326 17.88 12.92 3.92
N MET E 327 16.98 12.52 3.03
CA MET E 327 16.96 13.13 1.70
C MET E 327 16.58 14.59 1.78
N TYR E 328 15.74 14.96 2.75
CA TYR E 328 15.38 16.37 2.89
C TYR E 328 16.60 17.23 3.16
N THR E 329 17.45 16.79 4.09
CA THR E 329 18.62 17.59 4.44
C THR E 329 19.65 17.60 3.30
N ASP E 330 19.85 16.44 2.65
CA ASP E 330 20.80 16.40 1.54
C ASP E 330 20.35 17.27 0.38
N LEU E 331 19.05 17.27 0.09
CA LEU E 331 18.51 18.14 -0.96
C LEU E 331 18.58 19.60 -0.55
N ALA E 332 18.33 19.90 0.73
CA ALA E 332 18.38 21.28 1.20
C ALA E 332 19.80 21.82 1.10
N THR E 333 20.80 21.02 1.44
CA THR E 333 22.18 21.48 1.36
C THR E 333 22.55 21.86 -0.07
N ILE E 334 21.80 21.40 -1.05
CA ILE E 334 22.02 21.77 -2.46
C ILE E 334 21.18 22.98 -2.83
N TYR E 335 19.88 22.93 -2.53
CA TYR E 335 18.98 24.00 -2.97
C TYR E 335 19.31 25.31 -2.27
N GLU E 336 19.52 25.27 -0.96
CA GLU E 336 19.67 26.49 -0.17
C GLU E 336 20.95 27.25 -0.43
N ARG E 337 21.74 26.87 -1.44
CA ARG E 337 22.95 27.59 -1.76
C ARG E 337 22.72 28.73 -2.74
N ALA E 338 21.47 29.00 -3.12
CA ALA E 338 21.16 30.12 -3.98
C ALA E 338 21.11 31.41 -3.17
N GLY E 339 20.75 32.50 -3.83
CA GLY E 339 20.44 33.74 -3.17
C GLY E 339 21.60 34.73 -3.20
N ARG E 340 21.30 35.92 -2.71
CA ARG E 340 22.25 37.01 -2.60
C ARG E 340 22.72 37.13 -1.16
N VAL E 341 23.78 37.91 -0.96
CA VAL E 341 24.31 38.18 0.38
C VAL E 341 24.69 39.65 0.47
N GLU E 342 24.76 40.15 1.70
CA GLU E 342 25.10 41.55 1.92
C GLU E 342 26.57 41.80 1.62
N GLY E 343 26.84 42.97 1.05
CA GLY E 343 28.18 43.38 0.68
C GLY E 343 28.59 42.92 -0.69
N ARG E 344 28.12 41.74 -1.10
CA ARG E 344 28.41 41.22 -2.43
C ARG E 344 27.50 41.87 -3.46
N ASN E 345 27.89 41.74 -4.73
CA ASN E 345 27.07 42.17 -5.85
C ASN E 345 26.58 41.03 -6.72
N GLY E 346 27.15 39.84 -6.60
CA GLY E 346 26.70 38.71 -7.37
C GLY E 346 25.55 37.98 -6.72
N SER E 347 25.03 37.00 -7.45
CA SER E 347 23.91 36.20 -6.98
C SER E 347 24.00 34.83 -7.62
N ILE E 348 23.20 33.90 -7.11
CA ILE E 348 23.14 32.54 -7.62
C ILE E 348 21.67 32.18 -7.79
N THR E 349 21.14 32.39 -8.98
CA THR E 349 19.81 31.89 -9.30
C THR E 349 19.93 30.39 -9.56
N GLN E 350 19.01 29.62 -8.98
CA GLN E 350 19.08 28.16 -9.04
C GLN E 350 17.79 27.63 -9.67
N ILE E 351 17.94 26.83 -10.71
CA ILE E 351 16.80 26.25 -11.40
C ILE E 351 16.99 24.74 -11.53
N PRO E 352 16.79 23.98 -10.47
CA PRO E 352 16.84 22.51 -10.61
C PRO E 352 15.79 22.04 -11.61
N ILE E 353 16.00 20.82 -12.10
CA ILE E 353 15.05 20.18 -13.00
C ILE E 353 14.80 18.77 -12.49
N LEU E 354 13.53 18.41 -12.35
CA LEU E 354 13.14 17.13 -11.76
C LEU E 354 12.32 16.36 -12.77
N THR E 355 12.54 15.05 -12.82
CA THR E 355 11.73 14.12 -13.59
C THR E 355 10.84 13.37 -12.59
N MET E 356 9.60 13.82 -12.47
CA MET E 356 8.69 13.22 -11.51
C MET E 356 8.35 11.79 -11.93
N PRO E 357 8.62 10.78 -11.10
CA PRO E 357 8.27 9.41 -11.49
C PRO E 357 6.76 9.21 -11.50
N ASN E 358 6.26 8.64 -12.60
CA ASN E 358 4.83 8.44 -12.80
C ASN E 358 4.05 9.75 -12.74
N ASP E 359 4.70 10.85 -13.09
CA ASP E 359 4.07 12.17 -13.07
C ASP E 359 3.53 12.52 -11.69
N ASP E 360 4.08 11.91 -10.65
CA ASP E 360 3.54 12.01 -9.30
C ASP E 360 4.24 13.13 -8.55
N ILE E 361 3.57 14.27 -8.40
CA ILE E 361 4.14 15.39 -7.65
C ILE E 361 4.22 15.12 -6.16
N THR E 362 3.63 14.01 -5.69
CA THR E 362 3.75 13.60 -4.31
C THR E 362 4.91 12.62 -4.09
N HIS E 363 5.66 12.29 -5.13
CA HIS E 363 6.79 11.40 -4.98
C HIS E 363 7.82 12.06 -4.05
N PRO E 364 8.58 11.27 -3.28
CA PRO E 364 9.47 11.90 -2.30
C PRO E 364 10.42 12.93 -2.88
N ILE E 365 10.92 12.74 -4.09
CA ILE E 365 11.89 13.68 -4.65
C ILE E 365 11.18 15.01 -4.92
N PRO E 366 10.14 15.07 -5.75
CA PRO E 366 9.43 16.34 -5.95
C PRO E 366 8.81 16.88 -4.67
N ASP E 367 8.33 16.01 -3.79
CA ASP E 367 7.75 16.47 -2.54
C ASP E 367 8.77 17.22 -1.70
N LEU E 368 9.92 16.61 -1.46
CA LEU E 368 10.94 17.25 -0.64
C LEU E 368 11.62 18.39 -1.36
N THR E 369 11.55 18.43 -2.69
CA THR E 369 12.06 19.58 -3.42
C THR E 369 11.12 20.76 -3.31
N GLY E 370 9.80 20.52 -3.25
CA GLY E 370 8.87 21.60 -3.03
C GLY E 370 9.01 22.20 -1.64
N TYR E 371 9.30 21.36 -0.64
CA TYR E 371 9.45 21.84 0.73
C TYR E 371 10.61 22.79 0.89
N ILE E 372 11.63 22.71 0.03
CA ILE E 372 12.84 23.50 0.14
C ILE E 372 12.83 24.65 -0.85
N THR E 373 12.71 24.36 -2.14
CA THR E 373 12.78 25.39 -3.16
C THR E 373 11.56 26.30 -3.08
N GLU E 374 11.75 27.53 -3.55
CA GLU E 374 10.72 28.55 -3.47
C GLU E 374 9.84 28.52 -4.73
N GLY E 375 8.94 27.55 -4.75
CA GLY E 375 8.04 27.37 -5.85
C GLY E 375 8.39 26.16 -6.69
N GLN E 376 7.79 26.11 -7.87
CA GLN E 376 8.08 25.06 -8.83
C GLN E 376 7.42 25.41 -10.16
N ILE E 377 8.14 25.20 -11.24
CA ILE E 377 7.57 25.28 -12.58
C ILE E 377 7.18 23.87 -13.00
N TYR E 378 5.93 23.71 -13.41
CA TYR E 378 5.32 22.39 -13.55
C TYR E 378 5.01 22.14 -15.01
N VAL E 379 5.73 21.18 -15.61
CA VAL E 379 5.52 20.80 -17.00
C VAL E 379 4.50 19.66 -17.03
N ASP E 380 3.44 19.85 -17.82
CA ASP E 380 2.28 18.96 -17.82
C ASP E 380 2.36 17.99 -18.98
N ARG E 381 1.96 16.74 -18.74
CA ARG E 381 1.92 15.76 -19.81
C ARG E 381 0.73 15.98 -20.73
N GLN E 382 -0.40 16.44 -20.20
CA GLN E 382 -1.57 16.67 -21.04
C GLN E 382 -1.31 17.78 -22.04
N LEU E 383 -0.72 18.88 -21.59
CA LEU E 383 -0.42 19.98 -22.50
C LEU E 383 0.58 19.55 -23.57
N HIS E 384 1.59 18.78 -23.17
CA HIS E 384 2.56 18.28 -24.15
C HIS E 384 1.88 17.39 -25.17
N ASN E 385 0.99 16.50 -24.72
CA ASN E 385 0.26 15.64 -25.64
C ASN E 385 -0.58 16.47 -26.60
N ARG E 386 -1.16 17.57 -26.12
CA ARG E 386 -1.91 18.47 -26.98
C ARG E 386 -1.01 19.42 -27.77
N GLN E 387 0.29 19.16 -27.83
CA GLN E 387 1.23 19.88 -28.68
C GLN E 387 1.39 21.35 -28.28
N ILE E 388 1.19 21.67 -27.01
CA ILE E 388 1.45 23.02 -26.51
C ILE E 388 2.90 23.11 -26.07
N TYR E 389 3.50 24.28 -26.30
CA TYR E 389 4.85 24.53 -25.79
C TYR E 389 4.97 25.98 -25.40
N PRO E 390 5.47 26.30 -24.19
CA PRO E 390 5.89 25.39 -23.13
C PRO E 390 4.70 24.70 -22.47
N PRO E 391 4.78 23.40 -22.12
CA PRO E 391 3.65 22.72 -21.46
C PRO E 391 3.53 23.02 -19.98
N ILE E 392 3.68 24.29 -19.61
CA ILE E 392 3.69 24.69 -18.21
C ILE E 392 2.24 24.80 -17.74
N ASN E 393 1.87 23.96 -16.78
CA ASN E 393 0.55 24.03 -16.15
C ASN E 393 0.65 25.01 -15.00
N VAL E 394 -0.04 26.15 -15.11
CA VAL E 394 0.12 27.23 -14.14
C VAL E 394 -0.70 27.03 -12.88
N LEU E 395 -1.50 25.98 -12.80
CA LEU E 395 -2.31 25.74 -11.61
C LEU E 395 -1.45 25.16 -10.49
N PRO E 396 -0.72 24.07 -10.72
CA PRO E 396 0.10 23.51 -9.63
C PRO E 396 1.44 24.18 -9.44
N SER E 397 1.90 24.98 -10.40
CA SER E 397 3.18 25.66 -10.29
C SER E 397 2.98 27.02 -9.64
N LEU E 398 4.00 27.45 -8.89
CA LEU E 398 3.98 28.76 -8.26
C LEU E 398 5.42 29.22 -8.03
N SER E 399 5.56 30.54 -7.83
CA SER E 399 6.83 31.14 -7.46
C SER E 399 6.60 31.94 -6.19
N ARG E 400 7.24 31.53 -5.10
CA ARG E 400 6.96 32.12 -3.80
C ARG E 400 7.60 33.48 -3.61
N LEU E 401 8.53 33.89 -4.48
CA LEU E 401 9.09 35.22 -4.46
C LEU E 401 8.59 36.09 -5.59
N MET E 402 7.44 35.73 -6.18
CA MET E 402 6.87 36.56 -7.24
C MET E 402 6.20 37.80 -6.67
N LYS E 403 5.58 37.69 -5.50
CA LYS E 403 4.81 38.81 -4.98
C LYS E 403 5.68 40.05 -4.78
N SER E 404 6.89 39.87 -4.29
CA SER E 404 7.79 40.99 -4.03
C SER E 404 8.62 41.39 -5.24
N ALA E 405 8.60 40.59 -6.30
CA ALA E 405 9.35 40.90 -7.51
C ALA E 405 8.54 41.65 -8.54
N ILE E 406 7.21 41.55 -8.48
CA ILE E 406 6.34 42.23 -9.42
C ILE E 406 5.75 43.46 -8.74
N GLY E 407 5.09 44.30 -9.53
CA GLY E 407 4.37 45.45 -9.04
C GLY E 407 4.88 46.72 -9.63
N GLU E 408 4.40 47.84 -9.12
CA GLU E 408 4.81 49.15 -9.62
C GLU E 408 6.29 49.37 -9.35
N GLY E 409 6.97 49.96 -10.32
CA GLY E 409 8.40 50.21 -10.20
C GLY E 409 9.23 49.03 -10.66
N MET E 410 8.81 47.82 -10.30
CA MET E 410 9.53 46.63 -10.76
C MET E 410 9.14 46.25 -12.18
N THR E 411 7.87 45.86 -12.38
CA THR E 411 7.36 45.60 -13.72
C THR E 411 6.23 46.55 -14.10
N ARG E 412 5.14 46.58 -13.33
CA ARG E 412 3.97 47.36 -13.69
C ARG E 412 2.93 47.21 -12.59
N LYS E 413 1.99 48.15 -12.56
CA LYS E 413 0.99 48.16 -11.49
C LYS E 413 0.10 46.92 -11.53
N ASP E 414 -0.29 46.49 -12.73
CA ASP E 414 -1.32 45.48 -12.88
C ASP E 414 -0.79 44.05 -12.84
N HIS E 415 0.52 43.86 -12.67
CA HIS E 415 1.09 42.52 -12.79
C HIS E 415 0.45 41.55 -11.80
N ALA E 416 0.40 41.93 -10.52
CA ALA E 416 -0.12 41.01 -9.52
C ALA E 416 -1.59 40.70 -9.76
N ASP E 417 -2.39 41.73 -10.04
CA ASP E 417 -3.82 41.53 -10.26
C ASP E 417 -4.07 40.73 -11.53
N VAL E 418 -3.34 41.04 -12.60
CA VAL E 418 -3.52 40.30 -13.85
C VAL E 418 -3.20 38.83 -13.65
N SER E 419 -2.09 38.54 -12.96
CA SER E 419 -1.74 37.15 -12.72
C SER E 419 -2.78 36.45 -11.84
N ASN E 420 -3.26 37.12 -10.79
CA ASN E 420 -4.25 36.50 -9.93
C ASN E 420 -5.52 36.20 -10.69
N GLN E 421 -5.98 37.14 -11.52
CA GLN E 421 -7.22 36.93 -12.25
C GLN E 421 -7.05 35.87 -13.32
N LEU E 422 -5.90 35.83 -13.99
CA LEU E 422 -5.65 34.77 -14.96
C LEU E 422 -5.69 33.40 -14.28
N TYR E 423 -5.07 33.28 -13.11
CA TYR E 423 -5.08 32.01 -12.40
C TYR E 423 -6.50 31.63 -11.99
N ALA E 424 -7.27 32.59 -11.48
CA ALA E 424 -8.62 32.30 -11.06
C ALA E 424 -9.48 31.85 -12.24
N CYS E 425 -9.40 32.59 -13.35
CA CYS E 425 -10.18 32.23 -14.53
C CYS E 425 -9.75 30.87 -15.07
N TYR E 426 -8.45 30.58 -15.04
CA TYR E 426 -7.97 29.28 -15.52
C TYR E 426 -8.50 28.15 -14.66
N ALA E 427 -8.49 28.32 -13.34
CA ALA E 427 -9.01 27.27 -12.45
C ALA E 427 -10.50 27.06 -12.68
N ILE E 428 -11.26 28.16 -12.79
CA ILE E 428 -12.70 28.03 -13.01
C ILE E 428 -12.97 27.40 -14.37
N GLY E 429 -12.15 27.73 -15.37
CA GLY E 429 -12.32 27.11 -16.68
C GLY E 429 -12.02 25.62 -16.66
N LYS E 430 -11.00 25.21 -15.91
CA LYS E 430 -10.72 23.79 -15.78
C LYS E 430 -11.87 23.06 -15.09
N ASP E 431 -12.43 23.67 -14.05
CA ASP E 431 -13.58 23.05 -13.39
C ASP E 431 -14.77 22.97 -14.34
N VAL E 432 -14.99 24.01 -15.13
CA VAL E 432 -16.09 24.01 -16.09
C VAL E 432 -15.87 22.93 -17.15
N GLN E 433 -14.62 22.74 -17.57
CA GLN E 433 -14.30 21.68 -18.52
C GLN E 433 -14.58 20.30 -17.93
N ALA E 434 -14.20 20.10 -16.66
CA ALA E 434 -14.49 18.83 -16.01
C ALA E 434 -16.00 18.59 -15.94
N MET E 435 -16.77 19.65 -15.62
CA MET E 435 -18.22 19.50 -15.59
C MET E 435 -18.78 19.21 -16.98
N LYS E 436 -18.26 19.88 -18.01
CA LYS E 436 -18.73 19.67 -19.37
C LYS E 436 -18.51 18.23 -19.81
N ALA E 437 -17.36 17.65 -19.44
CA ALA E 437 -17.07 16.29 -19.83
C ALA E 437 -18.13 15.32 -19.31
N VAL E 438 -18.88 15.70 -18.29
CA VAL E 438 -19.89 14.83 -17.68
C VAL E 438 -21.30 15.18 -18.13
N VAL E 439 -21.66 16.47 -18.06
CA VAL E 439 -23.04 16.88 -18.30
C VAL E 439 -23.30 17.35 -19.72
N GLY E 440 -22.27 17.74 -20.46
CA GLY E 440 -22.45 18.17 -21.83
C GLY E 440 -22.50 19.69 -21.97
N GLU E 441 -22.11 20.18 -23.15
CA GLU E 441 -22.00 21.62 -23.36
C GLU E 441 -23.37 22.29 -23.39
N GLU E 442 -24.40 21.59 -23.84
CA GLU E 442 -25.72 22.21 -23.96
C GLU E 442 -26.28 22.63 -22.61
N ALA E 443 -25.73 22.12 -21.51
CA ALA E 443 -26.16 22.49 -20.17
C ALA E 443 -25.28 23.57 -19.55
N LEU E 444 -24.33 24.11 -20.30
CA LEU E 444 -23.43 25.14 -19.79
C LEU E 444 -24.06 26.51 -19.99
N THR E 445 -23.92 27.37 -18.98
CA THR E 445 -24.45 28.72 -19.08
C THR E 445 -23.52 29.58 -19.95
N SER E 446 -23.94 30.82 -20.18
CA SER E 446 -23.13 31.71 -21.00
C SER E 446 -21.79 32.00 -20.35
N ASP E 447 -21.77 32.17 -19.02
CA ASP E 447 -20.51 32.42 -18.34
C ASP E 447 -19.59 31.21 -18.40
N ASP E 448 -20.14 30.01 -18.31
CA ASP E 448 -19.30 28.81 -18.44
C ASP E 448 -18.70 28.73 -19.83
N LEU E 449 -19.46 29.07 -20.86
CA LEU E 449 -18.89 29.13 -22.21
C LEU E 449 -17.80 30.20 -22.29
N LEU E 450 -17.99 31.33 -21.61
CA LEU E 450 -16.95 32.34 -21.58
C LEU E 450 -15.69 31.80 -20.92
N TYR E 451 -15.84 31.04 -19.83
CA TYR E 451 -14.68 30.45 -19.16
C TYR E 451 -13.97 29.46 -20.07
N LEU E 452 -14.73 28.64 -20.79
CA LEU E 452 -14.11 27.69 -21.71
C LEU E 452 -13.37 28.41 -22.83
N GLU E 453 -13.97 29.47 -23.36
CA GLU E 453 -13.29 30.26 -24.40
C GLU E 453 -12.01 30.88 -23.85
N PHE E 454 -12.06 31.39 -22.62
CA PHE E 454 -10.84 31.92 -22.01
C PHE E 454 -9.79 30.84 -21.88
N LEU E 455 -10.18 29.65 -21.43
CA LEU E 455 -9.22 28.56 -21.27
C LEU E 455 -8.56 28.23 -22.61
N GLN E 456 -9.38 28.11 -23.66
CA GLN E 456 -8.85 27.79 -24.98
C GLN E 456 -7.87 28.86 -25.44
N LYS E 457 -8.29 30.12 -25.41
CA LYS E 457 -7.42 31.19 -25.88
C LYS E 457 -6.22 31.42 -24.97
N PHE E 458 -6.32 31.01 -23.71
CA PHE E 458 -5.21 31.14 -22.77
C PHE E 458 -4.13 30.12 -23.05
N GLU E 459 -4.53 28.87 -23.30
CA GLU E 459 -3.57 27.85 -23.70
C GLU E 459 -3.08 28.03 -25.13
N LYS E 460 -3.81 28.78 -25.95
CA LYS E 460 -3.41 29.01 -27.33
C LYS E 460 -2.53 30.25 -27.50
N ASN E 461 -2.72 31.28 -26.68
CA ASN E 461 -2.04 32.55 -26.85
C ASN E 461 -1.07 32.89 -25.73
N PHE E 462 -1.41 32.55 -24.49
CA PHE E 462 -0.57 32.91 -23.35
C PHE E 462 0.49 31.84 -23.07
N ILE E 463 0.04 30.61 -22.78
CA ILE E 463 0.98 29.54 -22.50
C ILE E 463 1.79 29.20 -23.74
N THR E 464 1.11 29.00 -24.87
CA THR E 464 1.80 28.63 -26.10
C THR E 464 2.78 29.71 -26.50
N GLN E 465 3.94 29.31 -27.01
CA GLN E 465 5.01 30.25 -27.28
C GLN E 465 6.10 29.53 -28.05
N GLY E 466 6.71 30.23 -29.01
CA GLY E 466 7.78 29.67 -29.78
C GLY E 466 9.01 29.44 -28.92
N PRO E 467 9.77 28.38 -29.22
CA PRO E 467 10.97 28.10 -28.40
C PRO E 467 11.98 29.22 -28.43
N TYR E 468 12.05 30.02 -29.50
CA TYR E 468 13.02 31.10 -29.64
C TYR E 468 12.38 32.47 -29.50
N GLU E 469 11.16 32.53 -28.96
CA GLU E 469 10.44 33.78 -28.77
C GLU E 469 10.48 34.15 -27.30
N ASN E 470 11.06 35.30 -26.99
CA ASN E 470 11.12 35.80 -25.62
C ASN E 470 10.17 36.99 -25.52
N ARG E 471 9.05 36.78 -24.82
CA ARG E 471 8.07 37.84 -24.64
C ARG E 471 8.45 38.64 -23.40
N THR E 472 8.75 39.92 -23.59
CA THR E 472 8.99 40.78 -22.44
C THR E 472 7.81 40.71 -21.48
N VAL E 473 8.05 41.06 -20.22
CA VAL E 473 6.98 40.98 -19.23
C VAL E 473 5.80 41.83 -19.65
N TYR E 474 6.07 42.95 -20.33
CA TYR E 474 4.98 43.83 -20.75
C TYR E 474 4.13 43.18 -21.84
N GLU E 475 4.77 42.50 -22.80
CA GLU E 475 4.00 41.77 -23.80
C GLU E 475 3.18 40.66 -23.17
N THR E 476 3.76 39.97 -22.19
CA THR E 476 3.03 38.92 -21.49
C THR E 476 1.80 39.50 -20.78
N LEU E 477 1.97 40.66 -20.14
CA LEU E 477 0.83 41.27 -19.46
C LEU E 477 -0.21 41.78 -20.46
N ASP E 478 0.24 42.27 -21.60
CA ASP E 478 -0.72 42.69 -22.63
C ASP E 478 -1.54 41.51 -23.13
N ILE E 479 -0.89 40.37 -23.33
CA ILE E 479 -1.62 39.15 -23.71
C ILE E 479 -2.59 38.75 -22.61
N GLY E 480 -2.14 38.84 -21.35
CA GLY E 480 -3.03 38.52 -20.25
C GLY E 480 -4.26 39.41 -20.23
N TRP E 481 -4.08 40.70 -20.51
CA TRP E 481 -5.22 41.61 -20.55
C TRP E 481 -6.13 41.29 -21.73
N GLN E 482 -5.55 40.99 -22.89
CA GLN E 482 -6.38 40.61 -24.03
C GLN E 482 -7.21 39.38 -23.74
N LEU E 483 -6.68 38.46 -22.95
CA LEU E 483 -7.46 37.29 -22.55
C LEU E 483 -8.49 37.61 -21.48
N LEU E 484 -8.15 38.50 -20.54
CA LEU E 484 -9.09 38.87 -19.50
C LEU E 484 -10.26 39.67 -20.06
N ARG E 485 -10.05 40.39 -21.15
CA ARG E 485 -11.12 41.16 -21.77
C ARG E 485 -12.24 40.30 -22.31
N ILE E 486 -12.02 38.99 -22.43
CA ILE E 486 -13.10 38.08 -22.81
C ILE E 486 -14.26 38.22 -21.83
N PHE E 487 -13.95 38.27 -20.54
CA PHE E 487 -14.98 38.41 -19.52
C PHE E 487 -15.38 39.87 -19.35
N PRO E 488 -16.61 40.13 -18.90
CA PRO E 488 -16.96 41.50 -18.52
C PRO E 488 -16.31 41.88 -17.20
N LYS E 489 -16.18 43.19 -16.99
CA LYS E 489 -15.54 43.68 -15.78
C LYS E 489 -16.21 43.12 -14.53
N GLU E 490 -17.51 42.83 -14.61
CA GLU E 490 -18.23 42.31 -13.45
C GLU E 490 -17.78 40.90 -13.07
N MET E 491 -17.11 40.20 -13.97
CA MET E 491 -16.64 38.84 -13.68
C MET E 491 -15.18 38.79 -13.25
N LEU E 492 -14.42 39.88 -13.42
CA LEU E 492 -13.05 39.96 -12.94
C LEU E 492 -13.08 40.43 -11.50
N LYS E 493 -13.36 39.49 -10.59
CA LYS E 493 -13.53 39.83 -9.19
C LYS E 493 -12.22 40.12 -8.48
N ARG E 494 -11.12 39.55 -8.95
CA ARG E 494 -9.85 39.64 -8.25
C ARG E 494 -9.00 40.84 -8.67
N ILE E 495 -9.53 41.70 -9.54
CA ILE E 495 -8.80 42.88 -10.01
C ILE E 495 -9.46 44.10 -9.41
N PRO E 496 -8.76 44.91 -8.60
CA PRO E 496 -9.38 46.11 -8.05
C PRO E 496 -9.86 47.05 -9.14
N GLN E 497 -10.97 47.74 -8.87
CA GLN E 497 -11.57 48.61 -9.86
C GLN E 497 -10.60 49.71 -10.31
N SER E 498 -9.69 50.12 -9.42
CA SER E 498 -8.76 51.18 -9.79
C SER E 498 -7.88 50.77 -10.97
N THR E 499 -7.60 49.47 -11.11
CA THR E 499 -6.84 48.95 -12.25
C THR E 499 -7.72 48.52 -13.41
N LEU E 500 -8.93 48.02 -13.13
CA LEU E 500 -9.84 47.69 -14.21
C LEU E 500 -10.18 48.93 -15.02
N SER E 501 -10.44 50.05 -14.35
CA SER E 501 -10.77 51.27 -15.07
C SER E 501 -9.60 51.80 -15.88
N GLU E 502 -8.38 51.37 -15.56
CA GLU E 502 -7.18 51.88 -16.24
C GLU E 502 -6.70 50.97 -17.37
N PHE E 503 -6.92 49.66 -17.26
CA PHE E 503 -6.38 48.72 -18.24
C PHE E 503 -7.45 47.96 -19.01
N TYR E 504 -8.60 47.68 -18.40
CA TYR E 504 -9.65 46.95 -19.12
C TYR E 504 -10.16 47.70 -20.33
N PRO E 505 -10.53 48.99 -20.25
CA PRO E 505 -11.24 49.62 -21.38
C PRO E 505 -10.42 49.71 -22.65
N ARG E 506 -9.09 49.66 -22.58
CA ARG E 506 -8.26 49.80 -23.77
C ARG E 506 -8.57 48.71 -24.78
N TYR F 39 1.89 -11.63 51.62
CA TYR F 39 2.54 -10.33 51.53
C TYR F 39 4.02 -10.49 51.25
N LEU F 40 4.59 -9.54 50.51
CA LEU F 40 6.01 -9.55 50.18
C LEU F 40 6.77 -8.95 51.35
N SER F 41 7.43 -9.80 52.12
CA SER F 41 8.22 -9.34 53.27
C SER F 41 9.66 -9.02 52.90
N GLN F 42 10.18 -9.63 51.83
CA GLN F 42 11.59 -9.51 51.52
C GLN F 42 11.93 -8.08 51.09
N PRO F 43 13.13 -7.60 51.43
CA PRO F 43 13.52 -6.24 51.02
C PRO F 43 13.62 -6.11 49.51
N ARG F 44 13.41 -4.88 49.05
CA ARG F 44 13.56 -4.55 47.65
C ARG F 44 15.03 -4.36 47.31
N LEU F 45 15.41 -4.81 46.12
CA LEU F 45 16.79 -4.71 45.64
C LEU F 45 16.94 -3.45 44.80
N THR F 46 17.97 -2.67 45.10
CA THR F 46 18.29 -1.45 44.35
C THR F 46 19.57 -1.67 43.57
N TYR F 47 19.54 -1.38 42.28
CA TYR F 47 20.66 -1.62 41.37
C TYR F 47 21.19 -0.30 40.86
N LYS F 48 22.51 -0.14 40.90
CA LYS F 48 23.19 0.91 40.13
C LYS F 48 23.76 0.37 38.84
N THR F 49 23.44 -0.88 38.48
CA THR F 49 24.01 -1.52 37.30
C THR F 49 23.15 -1.21 36.07
N VAL F 50 23.20 0.06 35.67
CA VAL F 50 22.52 0.51 34.46
C VAL F 50 23.48 0.28 33.30
N SER F 51 23.14 -0.67 32.43
CA SER F 51 24.01 -1.00 31.31
C SER F 51 23.84 -0.07 30.12
N GLY F 52 22.66 0.51 29.95
CA GLY F 52 22.45 1.43 28.85
C GLY F 52 21.19 2.25 28.96
N VAL F 53 21.07 3.28 28.15
CA VAL F 53 19.85 4.07 28.05
C VAL F 53 19.57 4.30 26.57
N ASN F 54 18.33 4.09 26.15
CA ASN F 54 17.95 4.14 24.75
C ASN F 54 16.50 4.59 24.69
N GLY F 55 16.27 5.80 24.20
CA GLY F 55 14.93 6.34 24.14
C GLY F 55 14.32 6.42 25.53
N PRO F 56 13.17 5.80 25.74
CA PRO F 56 12.58 5.75 27.07
C PRO F 56 13.03 4.60 27.94
N LEU F 57 13.97 3.77 27.47
CA LEU F 57 14.32 2.52 28.12
C LEU F 57 15.65 2.66 28.86
N VAL F 58 15.68 2.17 30.10
CA VAL F 58 16.91 2.01 30.86
C VAL F 58 17.18 0.52 30.97
N ILE F 59 18.25 0.07 30.33
CA ILE F 59 18.59 -1.35 30.29
C ILE F 59 19.55 -1.58 31.46
N LEU F 60 19.03 -2.22 32.51
CA LEU F 60 19.83 -2.59 33.67
C LEU F 60 20.34 -4.02 33.51
N ASP F 61 21.46 -4.31 34.18
CA ASP F 61 22.11 -5.60 34.08
C ASP F 61 22.39 -6.14 35.48
N HIS F 62 22.63 -7.45 35.54
CA HIS F 62 22.94 -8.13 36.79
C HIS F 62 21.75 -8.13 37.75
N VAL F 63 20.55 -8.23 37.19
CA VAL F 63 19.32 -8.25 38.00
C VAL F 63 19.10 -9.65 38.52
N LYS F 64 18.63 -9.74 39.77
CA LYS F 64 18.37 -11.03 40.42
C LYS F 64 16.96 -11.48 40.07
N PHE F 65 16.85 -12.43 39.15
CA PHE F 65 15.56 -12.98 38.74
C PHE F 65 14.60 -11.86 38.36
N PRO F 66 14.87 -11.13 37.28
CA PRO F 66 13.97 -10.05 36.89
C PRO F 66 12.56 -10.56 36.63
N ARG F 67 11.58 -9.76 37.04
CA ARG F 67 10.18 -10.08 36.83
C ARG F 67 9.64 -9.21 35.71
N TYR F 68 8.96 -9.84 34.75
CA TYR F 68 8.37 -9.08 33.65
C TYR F 68 7.21 -8.23 34.16
N ALA F 69 7.12 -7.00 33.65
CA ALA F 69 6.09 -6.04 34.02
C ALA F 69 6.26 -5.53 35.45
N GLU F 70 7.40 -5.78 36.07
CA GLU F 70 7.67 -5.28 37.41
C GLU F 70 7.64 -3.76 37.41
N ILE F 71 7.14 -3.19 38.50
CA ILE F 71 7.18 -1.75 38.72
C ILE F 71 8.45 -1.42 39.49
N VAL F 72 9.19 -0.44 38.99
CA VAL F 72 10.53 -0.15 39.50
C VAL F 72 10.71 1.35 39.64
N HIS F 73 11.17 1.79 40.81
CA HIS F 73 11.33 3.22 41.09
C HIS F 73 12.81 3.57 41.01
N LEU F 74 13.16 4.48 40.10
CA LEU F 74 14.55 4.83 39.86
C LEU F 74 14.84 6.26 40.25
N THR F 75 15.97 6.45 40.94
CA THR F 75 16.43 7.74 41.40
C THR F 75 17.53 8.24 40.48
N LEU F 76 17.34 9.44 39.94
CA LEU F 76 18.32 10.06 39.07
C LEU F 76 19.49 10.60 39.88
N PRO F 77 20.58 10.98 39.21
CA PRO F 77 21.74 11.50 39.96
C PRO F 77 21.42 12.69 40.85
N ASP F 78 20.49 13.55 40.43
CA ASP F 78 20.16 14.76 41.17
C ASP F 78 19.06 14.55 42.19
N GLY F 79 18.60 13.31 42.38
CA GLY F 79 17.59 13.01 43.35
C GLY F 79 16.18 12.91 42.79
N THR F 80 15.96 13.34 41.55
CA THR F 80 14.64 13.20 40.94
C THR F 80 14.25 11.73 40.90
N LYS F 81 13.03 11.44 41.32
CA LYS F 81 12.50 10.09 41.38
C LYS F 81 11.54 9.88 40.22
N ARG F 82 11.65 8.73 39.56
CA ARG F 82 10.78 8.37 38.46
C ARG F 82 10.32 6.94 38.63
N SER F 83 9.22 6.60 37.98
CA SER F 83 8.72 5.23 37.96
C SER F 83 8.96 4.61 36.59
N GLY F 84 8.92 3.29 36.55
CA GLY F 84 9.12 2.58 35.30
C GLY F 84 8.56 1.19 35.41
N GLN F 85 8.41 0.55 34.25
CA GLN F 85 7.84 -0.78 34.15
C GLN F 85 8.78 -1.65 33.33
N VAL F 86 9.03 -2.87 33.79
CA VAL F 86 9.96 -3.74 33.09
C VAL F 86 9.31 -4.20 31.79
N LEU F 87 9.69 -3.55 30.70
CA LEU F 87 9.12 -3.84 29.39
C LEU F 87 9.53 -5.24 28.90
N GLU F 88 10.80 -5.59 29.07
CA GLU F 88 11.32 -6.87 28.58
C GLU F 88 12.32 -7.40 29.59
N VAL F 89 12.45 -8.72 29.64
CA VAL F 89 13.37 -9.40 30.53
C VAL F 89 14.17 -10.42 29.72
N SER F 90 15.44 -10.55 30.06
CA SER F 90 16.31 -11.49 29.36
C SER F 90 17.49 -11.82 30.25
N GLY F 91 17.70 -13.10 30.52
CA GLY F 91 18.80 -13.52 31.37
C GLY F 91 18.82 -12.74 32.68
N SER F 92 19.90 -12.00 32.90
CA SER F 92 20.00 -11.12 34.06
C SER F 92 19.69 -9.67 33.73
N LYS F 93 19.30 -9.36 32.50
CA LYS F 93 19.02 -8.00 32.10
C LYS F 93 17.58 -7.62 32.44
N ALA F 94 17.29 -6.33 32.30
CA ALA F 94 15.94 -5.83 32.52
C ALA F 94 15.80 -4.50 31.82
N VAL F 95 14.95 -4.41 30.82
CA VAL F 95 14.75 -3.19 30.06
C VAL F 95 13.56 -2.45 30.66
N VAL F 96 13.82 -1.39 31.41
CA VAL F 96 12.81 -0.67 32.18
C VAL F 96 12.33 0.51 31.33
N GLN F 97 11.10 0.47 30.86
CA GLN F 97 10.51 1.64 30.23
C GLN F 97 10.11 2.63 31.31
N VAL F 98 10.78 3.77 31.34
CA VAL F 98 10.53 4.78 32.36
C VAL F 98 9.28 5.55 31.99
N PHE F 99 8.38 5.74 32.96
CA PHE F 99 7.16 6.50 32.71
C PHE F 99 7.50 7.88 32.16
N GLU F 100 8.22 8.67 32.95
CA GLU F 100 8.77 9.91 32.43
C GLU F 100 9.86 9.58 31.40
N GLY F 101 10.50 10.62 30.89
CA GLY F 101 11.58 10.41 29.95
C GLY F 101 12.83 9.87 30.63
N THR F 102 13.79 9.48 29.80
CA THR F 102 15.12 9.10 30.28
C THR F 102 16.07 10.27 30.38
N SER F 103 15.63 11.47 30.01
CA SER F 103 16.52 12.63 30.04
C SER F 103 17.05 12.83 31.46
N GLY F 104 18.36 13.03 31.56
CA GLY F 104 19.03 13.15 32.83
C GLY F 104 19.49 11.85 33.45
N ILE F 105 18.97 10.71 32.97
CA ILE F 105 19.40 9.42 33.48
C ILE F 105 20.81 9.14 32.96
N ASP F 106 21.62 8.53 33.81
CA ASP F 106 22.98 8.18 33.42
C ASP F 106 23.39 6.90 34.11
N ALA F 107 24.30 6.17 33.47
CA ALA F 107 24.92 5.04 34.12
C ALA F 107 25.90 5.54 35.18
N LYS F 108 26.25 4.66 36.11
CA LYS F 108 27.23 4.88 37.16
C LYS F 108 26.71 5.74 38.30
N LYS F 109 25.53 6.36 38.17
CA LYS F 109 24.97 7.13 39.27
C LYS F 109 23.46 6.97 39.45
N THR F 110 22.72 6.54 38.43
CA THR F 110 21.27 6.38 38.56
C THR F 110 20.99 5.05 39.26
N SER F 111 20.23 5.10 40.35
CA SER F 111 19.82 3.90 41.06
C SER F 111 18.43 3.49 40.62
N CYS F 112 18.09 2.23 40.87
CA CYS F 112 16.82 1.68 40.38
C CYS F 112 16.39 0.56 41.32
N GLU F 113 15.35 0.82 42.12
CA GLU F 113 14.85 -0.14 43.10
C GLU F 113 13.68 -0.90 42.51
N PHE F 114 13.82 -2.23 42.45
CA PHE F 114 12.80 -3.10 41.87
C PHE F 114 11.79 -3.46 42.96
N THR F 115 10.54 -3.00 42.80
CA THR F 115 9.54 -3.18 43.83
C THR F 115 9.16 -4.63 44.04
N GLY F 116 9.50 -5.54 43.12
CA GLY F 116 9.23 -6.95 43.33
C GLY F 116 7.81 -7.37 43.03
N ASP F 117 7.00 -6.51 42.44
CA ASP F 117 5.62 -6.87 42.11
C ASP F 117 5.15 -6.04 40.94
N ILE F 118 4.17 -6.57 40.22
CA ILE F 118 3.58 -5.88 39.08
C ILE F 118 2.76 -4.70 39.59
N LEU F 119 2.30 -3.85 38.69
CA LEU F 119 1.51 -2.69 39.08
C LEU F 119 0.17 -3.10 39.66
N ARG F 120 -0.03 -2.87 40.95
CA ARG F 120 -1.28 -3.13 41.63
C ARG F 120 -1.87 -1.83 42.14
N THR F 121 -3.15 -1.58 41.83
CA THR F 121 -3.78 -0.34 42.22
C THR F 121 -4.59 -0.52 43.49
N PRO F 122 -4.61 0.49 44.37
CA PRO F 122 -5.46 0.42 45.56
C PRO F 122 -6.87 0.87 45.23
N VAL F 123 -7.84 -0.01 45.44
CA VAL F 123 -9.22 0.23 45.05
C VAL F 123 -10.09 0.22 46.30
N SER F 124 -11.05 1.15 46.34
CA SER F 124 -12.02 1.24 47.42
C SER F 124 -13.24 1.96 46.89
N GLU F 125 -14.25 2.09 47.74
CA GLU F 125 -15.41 2.91 47.41
C GLU F 125 -15.14 4.40 47.61
N ASP F 126 -14.10 4.74 48.37
CA ASP F 126 -13.81 6.15 48.64
C ASP F 126 -13.20 6.84 47.43
N MET F 127 -12.72 6.09 46.45
CA MET F 127 -12.26 6.69 45.20
C MET F 127 -13.40 7.02 44.26
N LEU F 128 -14.63 7.05 44.78
CA LEU F 128 -15.79 7.55 44.04
C LEU F 128 -16.03 8.99 44.47
N GLY F 129 -15.68 9.94 43.61
CA GLY F 129 -15.71 11.34 43.96
C GLY F 129 -14.31 11.90 44.08
N ARG F 130 -13.38 11.30 43.35
CA ARG F 130 -11.99 11.69 43.37
C ARG F 130 -11.49 11.86 41.94
N VAL F 131 -10.45 12.66 41.77
CA VAL F 131 -9.79 12.85 40.48
C VAL F 131 -8.39 12.29 40.60
N PHE F 132 -8.08 11.33 39.74
CA PHE F 132 -6.76 10.71 39.70
C PHE F 132 -6.14 10.95 38.33
N ASN F 133 -4.81 10.93 38.28
CA ASN F 133 -4.12 11.04 37.00
C ASN F 133 -4.09 9.66 36.35
N GLY F 134 -3.30 9.52 35.29
CA GLY F 134 -3.30 8.28 34.55
C GLY F 134 -2.82 7.09 35.38
N SER F 135 -1.89 7.34 36.29
CA SER F 135 -1.28 6.28 37.09
C SER F 135 -1.92 6.11 38.46
N GLY F 136 -2.98 6.87 38.76
CA GLY F 136 -3.73 6.69 39.98
C GLY F 136 -3.38 7.65 41.10
N LYS F 137 -2.44 8.55 40.90
CA LYS F 137 -2.10 9.51 41.94
C LYS F 137 -3.13 10.63 41.98
N PRO F 138 -3.76 10.90 43.13
CA PRO F 138 -4.81 11.91 43.15
C PRO F 138 -4.29 13.28 42.75
N ILE F 139 -5.11 14.01 42.00
CA ILE F 139 -4.77 15.36 41.57
C ILE F 139 -5.89 16.32 41.96
N ASP F 140 -6.61 15.99 43.03
CA ASP F 140 -7.62 16.88 43.60
C ASP F 140 -7.19 17.41 44.96
N ARG F 141 -5.90 17.31 45.29
CA ARG F 141 -5.37 17.73 46.58
C ARG F 141 -5.97 16.94 47.73
N GLY F 142 -6.53 15.76 47.44
CA GLY F 142 -6.97 14.86 48.46
C GLY F 142 -5.88 13.87 48.81
N PRO F 143 -6.13 13.01 49.79
CA PRO F 143 -5.13 12.04 50.20
C PRO F 143 -5.05 10.87 49.22
N VAL F 144 -4.00 10.06 49.39
CA VAL F 144 -3.84 8.86 48.59
C VAL F 144 -4.92 7.86 48.97
N VAL F 145 -5.29 7.01 48.01
CA VAL F 145 -6.40 6.08 48.25
C VAL F 145 -6.03 5.12 49.37
N LEU F 146 -6.85 5.09 50.41
CA LEU F 146 -6.70 4.10 51.47
C LEU F 146 -7.35 2.80 50.98
N ALA F 147 -6.52 1.86 50.56
CA ALA F 147 -7.01 0.72 49.79
C ALA F 147 -7.99 -0.11 50.58
N GLU F 148 -9.08 -0.51 49.93
CA GLU F 148 -9.87 -1.65 50.39
C GLU F 148 -9.34 -2.94 49.81
N ASP F 149 -8.69 -2.89 48.66
CA ASP F 149 -7.99 -4.03 48.10
C ASP F 149 -6.88 -3.53 47.19
N PHE F 150 -5.92 -4.41 46.92
CA PHE F 150 -4.87 -4.14 45.93
C PHE F 150 -5.12 -5.06 44.74
N LEU F 151 -5.60 -4.49 43.65
CA LEU F 151 -6.02 -5.27 42.49
C LEU F 151 -5.03 -5.09 41.34
N ASP F 152 -4.71 -6.20 40.69
CA ASP F 152 -3.91 -6.14 39.47
C ASP F 152 -4.71 -5.45 38.37
N ILE F 153 -4.09 -4.48 37.70
CA ILE F 153 -4.84 -3.69 36.74
C ILE F 153 -5.23 -4.51 35.53
N MET F 154 -4.37 -5.45 35.10
CA MET F 154 -4.68 -6.22 33.90
C MET F 154 -5.92 -7.07 34.08
N GLY F 155 -6.31 -7.37 35.32
CA GLY F 155 -7.53 -8.12 35.55
C GLY F 155 -7.50 -9.46 34.84
N GLN F 156 -8.66 -10.12 34.88
CA GLN F 156 -8.86 -11.41 34.25
C GLN F 156 -10.12 -11.37 33.40
N PRO F 157 -10.19 -12.17 32.33
CA PRO F 157 -11.36 -12.14 31.46
C PRO F 157 -12.59 -12.70 32.16
N ILE F 158 -13.69 -11.95 32.10
CA ILE F 158 -14.93 -12.42 32.72
C ILE F 158 -15.34 -13.72 32.05
N ASN F 159 -15.74 -14.68 32.85
CA ASN F 159 -16.06 -16.00 32.32
C ASN F 159 -17.30 -15.91 31.43
N PRO F 160 -17.23 -16.38 30.18
CA PRO F 160 -18.44 -16.31 29.33
C PRO F 160 -19.64 -17.00 29.95
N GLN F 161 -19.43 -18.12 30.65
CA GLN F 161 -20.54 -18.83 31.25
C GLN F 161 -21.10 -18.11 32.46
N CYS F 162 -20.39 -17.10 32.98
CA CYS F 162 -20.87 -16.32 34.11
C CYS F 162 -21.47 -14.98 33.71
N ARG F 163 -21.25 -14.53 32.47
CA ARG F 163 -21.86 -13.31 32.00
C ARG F 163 -23.33 -13.53 31.68
N ILE F 164 -24.13 -12.49 31.90
CA ILE F 164 -25.57 -12.53 31.70
C ILE F 164 -25.95 -11.42 30.72
N TYR F 165 -27.05 -11.63 30.01
CA TYR F 165 -27.47 -10.66 29.02
C TYR F 165 -27.85 -9.35 29.70
N PRO F 166 -27.44 -8.20 29.16
CA PRO F 166 -27.50 -6.96 29.95
C PRO F 166 -28.88 -6.59 30.46
N GLU F 167 -29.91 -6.71 29.64
CA GLU F 167 -31.26 -6.41 30.09
C GLU F 167 -31.48 -4.91 30.30
N GLU F 168 -31.75 -4.48 31.54
CA GLU F 168 -32.40 -3.20 31.77
C GLU F 168 -31.54 -2.04 31.27
N MET F 169 -32.11 -0.84 31.33
CA MET F 169 -31.58 0.34 30.65
C MET F 169 -30.85 1.29 31.61
N ILE F 170 -29.83 1.95 31.08
CA ILE F 170 -29.12 3.03 31.76
C ILE F 170 -29.43 4.30 30.97
N GLN F 171 -30.13 5.23 31.61
CA GLN F 171 -30.59 6.44 30.94
C GLN F 171 -29.50 7.50 31.04
N THR F 172 -29.11 8.06 29.90
CA THR F 172 -28.08 9.09 29.86
C THR F 172 -28.65 10.50 29.85
N GLY F 173 -29.97 10.66 29.88
CA GLY F 173 -30.57 11.97 29.83
C GLY F 173 -30.56 12.62 28.47
N ILE F 174 -29.99 11.98 27.47
CA ILE F 174 -29.89 12.52 26.12
C ILE F 174 -30.96 11.84 25.28
N SER F 175 -31.89 12.63 24.74
CA SER F 175 -33.01 12.06 24.01
C SER F 175 -32.54 11.31 22.76
N ALA F 176 -31.52 11.83 22.08
CA ALA F 176 -31.08 11.23 20.84
C ALA F 176 -30.56 9.81 21.02
N ILE F 177 -30.22 9.42 22.25
CA ILE F 177 -29.79 8.06 22.53
C ILE F 177 -30.64 7.36 23.57
N ASP F 178 -31.41 8.07 24.38
CA ASP F 178 -32.35 7.41 25.28
C ASP F 178 -33.54 6.86 24.50
N GLY F 179 -34.09 7.65 23.60
CA GLY F 179 -35.29 7.27 22.87
C GLY F 179 -35.04 6.56 21.57
N MET F 180 -33.80 6.51 21.08
CA MET F 180 -33.50 5.90 19.80
C MET F 180 -32.32 4.94 19.83
N ASN F 181 -31.41 5.05 20.80
CA ASN F 181 -30.27 4.15 20.88
C ASN F 181 -30.01 3.71 22.32
N SER F 182 -31.06 3.47 23.09
CA SER F 182 -30.91 3.28 24.53
C SER F 182 -29.85 2.24 24.82
N ILE F 183 -29.22 2.37 25.99
CA ILE F 183 -28.08 1.56 26.39
C ILE F 183 -28.54 0.61 27.49
N ALA F 184 -28.29 -0.67 27.29
CA ALA F 184 -28.64 -1.69 28.27
C ALA F 184 -27.59 -1.75 29.37
N ARG F 185 -27.99 -2.28 30.51
CA ARG F 185 -27.09 -2.44 31.64
C ARG F 185 -26.14 -3.59 31.35
N GLY F 186 -24.97 -3.27 30.81
CA GLY F 186 -23.99 -4.27 30.41
C GLY F 186 -23.61 -4.21 28.96
N GLN F 187 -24.10 -3.24 28.21
CA GLN F 187 -23.75 -3.08 26.81
C GLN F 187 -22.43 -2.32 26.68
N LYS F 188 -21.79 -2.47 25.53
CA LYS F 188 -20.63 -1.68 25.15
C LYS F 188 -20.98 -0.95 23.86
N ILE F 189 -21.26 0.34 23.97
CA ILE F 189 -21.75 1.11 22.83
C ILE F 189 -20.88 2.35 22.63
N PRO F 190 -19.95 2.33 21.69
CA PRO F 190 -19.05 3.47 21.53
C PRO F 190 -19.72 4.67 20.89
N ILE F 191 -19.14 5.84 21.12
CA ILE F 191 -19.48 7.06 20.41
C ILE F 191 -18.41 7.28 19.36
N PHE F 192 -18.82 7.53 18.12
CA PHE F 192 -17.91 7.83 17.03
C PHE F 192 -18.00 9.31 16.69
N SER F 193 -16.84 9.95 16.57
CA SER F 193 -16.81 11.35 16.18
C SER F 193 -15.47 11.63 15.51
N ALA F 194 -15.35 12.82 14.95
CA ALA F 194 -14.11 13.28 14.36
C ALA F 194 -13.50 14.37 15.24
N ALA F 195 -12.33 14.84 14.84
CA ALA F 195 -11.68 15.92 15.58
C ALA F 195 -12.51 17.19 15.44
N GLY F 196 -12.77 17.85 16.56
CA GLY F 196 -13.48 19.10 16.59
C GLY F 196 -14.95 18.99 16.93
N LEU F 197 -15.56 17.82 16.74
CA LEU F 197 -16.93 17.63 17.13
C LEU F 197 -17.03 17.55 18.65
N PRO F 198 -18.21 17.84 19.21
CA PRO F 198 -18.37 17.88 20.67
C PRO F 198 -18.61 16.52 21.30
N HIS F 199 -17.72 15.57 21.02
CA HIS F 199 -17.83 14.26 21.65
C HIS F 199 -17.44 14.32 23.13
N ASN F 200 -16.49 15.19 23.48
CA ASN F 200 -16.13 15.35 24.87
C ASN F 200 -17.23 16.05 25.65
N GLU F 201 -17.89 17.03 25.02
CA GLU F 201 -19.02 17.69 25.69
C GLU F 201 -20.17 16.71 25.90
N ILE F 202 -20.44 15.86 24.91
CA ILE F 202 -21.46 14.83 25.08
C ILE F 202 -21.05 13.86 26.17
N ALA F 203 -19.76 13.52 26.25
CA ALA F 203 -19.30 12.62 27.30
C ALA F 203 -19.52 13.23 28.68
N ALA F 204 -19.20 14.52 28.82
CA ALA F 204 -19.44 15.20 30.09
C ALA F 204 -20.92 15.24 30.40
N GLN F 205 -21.77 15.47 29.40
CA GLN F 205 -23.21 15.50 29.65
C GLN F 205 -23.70 14.14 30.13
N ILE F 206 -23.24 13.07 29.48
CA ILE F 206 -23.64 11.73 29.89
C ILE F 206 -23.17 11.45 31.31
N CYS F 207 -21.94 11.85 31.63
CA CYS F 207 -21.44 11.64 32.99
C CYS F 207 -22.27 12.40 34.01
N ARG F 208 -22.70 13.61 33.66
CA ARG F 208 -23.46 14.42 34.61
C ARG F 208 -24.89 13.92 34.75
N GLN F 209 -25.45 13.30 33.71
CA GLN F 209 -26.86 12.94 33.71
C GLN F 209 -27.12 11.44 33.80
N ALA F 210 -26.12 10.61 33.55
CA ALA F 210 -26.36 9.17 33.50
C ALA F 210 -26.94 8.68 34.82
N GLY F 211 -27.85 7.71 34.71
CA GLY F 211 -28.47 7.14 35.89
C GLY F 211 -29.43 6.04 35.48
N LEU F 212 -30.07 5.46 36.49
CA LEU F 212 -31.04 4.41 36.26
C LEU F 212 -32.42 5.02 36.00
N VAL F 213 -33.29 4.23 35.37
CA VAL F 213 -34.54 4.76 34.83
C VAL F 213 -35.39 5.39 35.93
N LYS F 214 -35.41 4.78 37.12
CA LYS F 214 -36.12 5.36 38.25
C LYS F 214 -37.62 5.49 37.96
N LYS F 215 -38.25 4.34 37.77
CA LYS F 215 -39.69 4.28 37.53
C LYS F 215 -40.46 4.51 38.83
N GLU F 225 -28.94 4.43 45.56
CA GLU F 225 -27.56 4.90 45.48
C GLU F 225 -26.65 3.80 44.96
N ASN F 226 -27.18 2.97 44.07
CA ASN F 226 -26.45 1.86 43.48
C ASN F 226 -26.01 2.14 42.05
N PHE F 227 -25.60 3.38 41.76
CA PHE F 227 -25.07 3.74 40.47
C PHE F 227 -23.79 4.53 40.65
N ALA F 228 -22.83 4.29 39.77
CA ALA F 228 -21.55 4.97 39.80
C ALA F 228 -21.05 5.13 38.38
N ILE F 229 -20.16 6.10 38.20
CA ILE F 229 -19.57 6.38 36.90
C ILE F 229 -18.06 6.41 37.07
N VAL F 230 -17.34 5.79 36.14
CA VAL F 230 -15.89 5.80 36.13
C VAL F 230 -15.45 6.44 34.82
N PHE F 231 -15.04 7.69 34.89
CA PHE F 231 -14.68 8.46 33.71
C PHE F 231 -13.17 8.36 33.51
N ALA F 232 -12.76 7.84 32.36
CA ALA F 232 -11.36 7.77 31.99
C ALA F 232 -11.11 8.62 30.77
N ALA F 233 -10.19 9.58 30.89
CA ALA F 233 -9.83 10.48 29.81
C ALA F 233 -8.39 10.23 29.43
N MET F 234 -8.14 9.97 28.15
CA MET F 234 -6.83 9.64 27.64
C MET F 234 -6.41 10.64 26.58
N GLY F 235 -5.16 11.08 26.64
CA GLY F 235 -4.63 11.99 25.64
C GLY F 235 -5.48 13.23 25.50
N VAL F 236 -6.05 13.69 26.61
CA VAL F 236 -6.97 14.80 26.60
C VAL F 236 -6.19 16.06 26.99
N ASN F 237 -6.16 17.04 26.09
CA ASN F 237 -5.37 18.24 26.35
C ASN F 237 -5.78 18.88 27.67
N MET F 238 -4.93 19.80 28.15
CA MET F 238 -5.16 20.39 29.47
C MET F 238 -6.49 21.12 29.53
N GLU F 239 -6.86 21.81 28.46
CA GLU F 239 -8.12 22.56 28.45
C GLU F 239 -9.31 21.62 28.67
N THR F 240 -9.33 20.51 27.95
CA THR F 240 -10.45 19.58 28.07
C THR F 240 -10.42 18.83 29.41
N ALA F 241 -9.24 18.53 29.93
CA ALA F 241 -9.16 17.90 31.24
C ALA F 241 -9.70 18.83 32.32
N ARG F 242 -9.32 20.11 32.26
CA ARG F 242 -9.86 21.07 33.20
C ARG F 242 -11.36 21.22 33.02
N PHE F 243 -11.84 21.21 31.78
CA PHE F 243 -13.27 21.26 31.54
C PHE F 243 -13.98 20.10 32.25
N PHE F 244 -13.50 18.88 32.03
CA PHE F 244 -14.11 17.72 32.67
C PHE F 244 -14.11 17.87 34.19
N LYS F 245 -12.94 18.16 34.76
CA LYS F 245 -12.82 18.21 36.21
C LYS F 245 -13.76 19.27 36.79
N SER F 246 -13.69 20.49 36.28
CA SER F 246 -14.50 21.57 36.81
C SER F 246 -15.99 21.32 36.58
N ASP F 247 -16.34 20.75 35.44
CA ASP F 247 -17.75 20.48 35.16
C ASP F 247 -18.31 19.49 36.16
N PHE F 248 -17.63 18.37 36.36
CA PHE F 248 -18.13 17.37 37.30
C PHE F 248 -18.16 17.93 38.72
N GLU F 249 -17.15 18.70 39.11
CA GLU F 249 -17.15 19.27 40.45
C GLU F 249 -18.31 20.25 40.63
N GLU F 250 -18.57 21.09 39.63
CA GLU F 250 -19.55 22.16 39.77
C GLU F 250 -20.97 21.62 39.73
N ASN F 251 -21.24 20.68 38.82
CA ASN F 251 -22.61 20.22 38.62
C ASN F 251 -23.12 19.33 39.73
N GLY F 252 -22.28 18.97 40.70
CA GLY F 252 -22.74 18.25 41.86
C GLY F 252 -22.93 16.76 41.68
N SER F 253 -22.48 16.20 40.56
CA SER F 253 -22.54 14.76 40.34
C SER F 253 -21.27 14.04 40.74
N MET F 254 -20.31 14.73 41.36
CA MET F 254 -19.02 14.11 41.64
C MET F 254 -19.16 12.95 42.63
N ASP F 255 -20.22 12.93 43.43
CA ASP F 255 -20.37 11.86 44.41
C ASP F 255 -20.42 10.49 43.74
N ASN F 256 -20.78 10.45 42.46
CA ASN F 256 -20.84 9.19 41.72
C ASN F 256 -19.61 8.94 40.87
N VAL F 257 -18.89 9.98 40.47
CA VAL F 257 -17.90 9.90 39.42
C VAL F 257 -16.51 9.69 40.03
N CYS F 258 -15.80 8.69 39.53
CA CYS F 258 -14.36 8.57 39.72
C CYS F 258 -13.70 8.96 38.41
N LEU F 259 -12.85 9.99 38.45
CA LEU F 259 -12.33 10.61 37.24
C LEU F 259 -10.85 10.32 37.13
N PHE F 260 -10.45 9.74 36.00
CA PHE F 260 -9.05 9.52 35.67
C PHE F 260 -8.69 10.42 34.50
N LEU F 261 -7.69 11.28 34.70
CA LEU F 261 -7.28 12.26 33.69
C LEU F 261 -5.84 11.98 33.26
N ASN F 262 -5.66 11.63 32.00
CA ASN F 262 -4.34 11.45 31.41
C ASN F 262 -4.18 12.54 30.35
N LEU F 263 -3.49 13.61 30.72
CA LEU F 263 -3.32 14.74 29.80
C LEU F 263 -2.46 14.35 28.61
N ALA F 264 -2.56 15.13 27.55
CA ALA F 264 -1.83 14.80 26.32
C ALA F 264 -0.33 14.76 26.56
N ASN F 265 0.18 15.63 27.42
CA ASN F 265 1.61 15.70 27.69
C ASN F 265 2.04 14.85 28.87
N ASP F 266 1.13 14.12 29.50
CA ASP F 266 1.52 13.13 30.48
C ASP F 266 2.09 11.91 29.76
N PRO F 267 2.94 11.13 30.44
CA PRO F 267 3.52 9.96 29.79
C PRO F 267 2.47 9.14 29.05
N THR F 268 2.92 8.46 27.99
CA THR F 268 1.99 7.64 27.20
C THR F 268 1.77 6.27 27.81
N ILE F 269 2.77 5.74 28.53
CA ILE F 269 2.54 4.50 29.26
C ILE F 269 1.49 4.69 30.33
N GLU F 270 1.45 5.90 30.93
CA GLU F 270 0.32 6.23 31.79
C GLU F 270 -0.99 6.17 31.02
N ARG F 271 -0.97 6.56 29.74
CA ARG F 271 -2.17 6.44 28.92
C ARG F 271 -2.55 4.98 28.74
N ILE F 272 -1.55 4.11 28.58
CA ILE F 272 -1.83 2.68 28.44
C ILE F 272 -2.49 2.15 29.71
N ILE F 273 -1.98 2.53 30.87
CA ILE F 273 -2.50 1.96 32.12
C ILE F 273 -3.72 2.70 32.65
N THR F 274 -4.09 3.83 32.06
CA THR F 274 -5.29 4.55 32.53
C THR F 274 -6.56 3.74 32.35
N PRO F 275 -6.90 3.24 31.16
CA PRO F 275 -8.14 2.47 31.04
C PRO F 275 -8.16 1.23 31.90
N ARG F 276 -7.00 0.63 32.15
CA ARG F 276 -6.97 -0.54 33.02
C ARG F 276 -7.22 -0.16 34.47
N LEU F 277 -6.70 0.98 34.92
CA LEU F 277 -7.07 1.49 36.24
C LEU F 277 -8.56 1.74 36.33
N ALA F 278 -9.11 2.41 35.31
CA ALA F 278 -10.53 2.74 35.32
C ALA F 278 -11.39 1.49 35.37
N LEU F 279 -11.05 0.48 34.57
CA LEU F 279 -11.86 -0.72 34.51
C LEU F 279 -11.63 -1.62 35.72
N THR F 280 -10.44 -1.59 36.34
CA THR F 280 -10.28 -2.29 37.60
C THR F 280 -11.17 -1.66 38.68
N THR F 281 -11.22 -0.34 38.74
CA THR F 281 -12.13 0.32 39.68
C THR F 281 -13.58 -0.02 39.36
N ALA F 282 -13.93 -0.04 38.08
CA ALA F 282 -15.30 -0.38 37.70
C ALA F 282 -15.64 -1.81 38.09
N GLU F 283 -14.71 -2.74 37.90
CA GLU F 283 -14.96 -4.12 38.30
C GLU F 283 -15.11 -4.24 39.81
N PHE F 284 -14.27 -3.53 40.57
CA PHE F 284 -14.42 -3.54 42.01
C PHE F 284 -15.79 -3.03 42.41
N LEU F 285 -16.19 -1.89 41.86
CA LEU F 285 -17.47 -1.29 42.28
C LEU F 285 -18.66 -2.13 41.82
N ALA F 286 -18.58 -2.75 40.66
CA ALA F 286 -19.72 -3.46 40.11
C ALA F 286 -19.84 -4.88 40.64
N TYR F 287 -18.77 -5.67 40.55
CA TYR F 287 -18.83 -7.08 40.89
C TYR F 287 -18.49 -7.38 42.34
N GLN F 288 -18.09 -6.37 43.12
CA GLN F 288 -17.90 -6.54 44.56
C GLN F 288 -18.79 -5.64 45.39
N CYS F 289 -18.88 -4.36 45.06
CA CYS F 289 -19.78 -3.45 45.77
C CYS F 289 -21.19 -3.46 45.20
N GLU F 290 -21.41 -4.13 44.06
CA GLU F 290 -22.74 -4.37 43.52
C GLU F 290 -23.48 -3.05 43.23
N LYS F 291 -22.87 -2.23 42.38
CA LYS F 291 -23.52 -1.04 41.87
C LYS F 291 -23.30 -0.95 40.36
N HIS F 292 -24.31 -0.43 39.67
CA HIS F 292 -24.30 -0.41 38.21
C HIS F 292 -23.37 0.71 37.75
N VAL F 293 -22.21 0.35 37.24
CA VAL F 293 -21.17 1.30 36.88
C VAL F 293 -21.29 1.61 35.39
N LEU F 294 -21.02 2.86 35.03
CA LEU F 294 -20.92 3.28 33.64
C LEU F 294 -19.51 3.82 33.43
N VAL F 295 -18.77 3.20 32.51
CA VAL F 295 -17.40 3.57 32.23
C VAL F 295 -17.38 4.32 30.91
N ILE F 296 -16.93 5.57 30.94
CA ILE F 296 -16.77 6.39 29.74
C ILE F 296 -15.28 6.55 29.51
N LEU F 297 -14.79 5.96 28.42
CA LEU F 297 -13.38 5.98 28.07
C LEU F 297 -13.23 6.92 26.88
N THR F 298 -12.64 8.10 27.12
CA THR F 298 -12.63 9.17 26.15
C THR F 298 -11.42 9.07 25.24
N ASP F 299 -11.65 9.24 23.93
CA ASP F 299 -10.60 9.28 22.92
C ASP F 299 -9.76 8.00 22.96
N MET F 300 -10.40 6.89 22.61
CA MET F 300 -9.67 5.64 22.42
C MET F 300 -8.66 5.74 21.29
N SER F 301 -8.79 6.75 20.42
CA SER F 301 -7.75 6.97 19.41
C SER F 301 -6.44 7.37 20.05
N SER F 302 -6.49 8.21 21.09
CA SER F 302 -5.27 8.55 21.82
C SER F 302 -4.69 7.33 22.52
N TYR F 303 -5.54 6.46 23.05
CA TYR F 303 -5.03 5.21 23.62
C TYR F 303 -4.37 4.35 22.57
N ALA F 304 -4.96 4.29 21.37
CA ALA F 304 -4.32 3.54 20.28
C ALA F 304 -2.99 4.14 19.90
N GLU F 305 -2.87 5.47 19.92
CA GLU F 305 -1.58 6.11 19.67
C GLU F 305 -0.55 5.72 20.72
N ALA F 306 -0.96 5.71 21.99
CA ALA F 306 -0.03 5.29 23.05
C ALA F 306 0.37 3.83 22.87
N LEU F 307 -0.58 2.98 22.46
CA LEU F 307 -0.26 1.58 22.18
C LEU F 307 0.75 1.47 21.06
N ARG F 308 0.58 2.27 20.01
CA ARG F 308 1.55 2.30 18.91
C ARG F 308 2.93 2.71 19.42
N GLU F 309 2.97 3.72 20.29
CA GLU F 309 4.26 4.17 20.80
C GLU F 309 4.94 3.07 21.62
N VAL F 310 4.19 2.37 22.46
CA VAL F 310 4.78 1.30 23.25
C VAL F 310 5.22 0.16 22.36
N SER F 311 4.45 -0.15 21.32
CA SER F 311 4.84 -1.22 20.39
C SER F 311 6.15 -0.86 19.68
N ALA F 312 6.29 0.39 19.25
CA ALA F 312 7.54 0.82 18.65
C ALA F 312 8.69 0.76 19.64
N ALA F 313 8.41 1.09 20.90
CA ALA F 313 9.44 0.99 21.93
C ALA F 313 9.91 -0.45 22.09
N ARG F 314 8.98 -1.41 22.02
CA ARG F 314 9.36 -2.82 22.05
C ARG F 314 10.11 -3.25 20.80
N GLU F 315 10.18 -2.40 19.76
CA GLU F 315 10.84 -2.71 18.50
C GLU F 315 10.05 -3.72 17.68
N GLU F 316 8.73 -3.67 17.75
CA GLU F 316 7.87 -4.49 16.90
C GLU F 316 7.54 -3.74 15.62
N VAL F 317 7.41 -4.49 14.54
CA VAL F 317 7.14 -3.90 13.22
C VAL F 317 5.71 -3.39 13.22
N PRO F 318 5.43 -2.25 12.57
CA PRO F 318 4.05 -1.76 12.51
C PRO F 318 3.13 -2.75 11.81
N GLY F 319 1.89 -2.79 12.26
CA GLY F 319 0.85 -3.61 11.66
C GLY F 319 0.03 -2.84 10.66
N ARG F 320 -1.26 -3.17 10.59
CA ARG F 320 -2.14 -2.50 9.64
C ARG F 320 -2.18 -1.01 9.91
N ARG F 321 -2.01 -0.22 8.86
CA ARG F 321 -2.12 1.24 8.93
C ARG F 321 -1.23 1.80 10.04
N GLY F 322 -0.13 1.13 10.33
CA GLY F 322 0.83 1.60 11.31
C GLY F 322 0.56 1.22 12.74
N PHE F 323 -0.54 0.53 13.02
CA PHE F 323 -0.90 0.16 14.38
C PHE F 323 -0.48 -1.27 14.68
N PRO F 324 -0.38 -1.62 15.96
CA PRO F 324 0.03 -2.98 16.32
C PRO F 324 -0.91 -4.02 15.74
N GLY F 325 -0.34 -5.18 15.38
CA GLY F 325 -1.16 -6.27 14.89
C GLY F 325 -2.12 -6.79 15.95
N TYR F 326 -1.72 -6.74 17.21
CA TYR F 326 -2.53 -7.22 18.32
C TYR F 326 -3.44 -6.15 18.89
N MET F 327 -3.66 -5.06 18.17
CA MET F 327 -4.53 -4.01 18.69
C MET F 327 -5.95 -4.54 18.91
N TYR F 328 -6.40 -5.49 18.10
CA TYR F 328 -7.72 -6.05 18.30
C TYR F 328 -7.83 -6.73 19.65
N THR F 329 -6.80 -7.51 20.03
CA THR F 329 -6.83 -8.17 21.33
C THR F 329 -6.78 -7.17 22.47
N ASP F 330 -6.00 -6.10 22.32
CA ASP F 330 -5.89 -5.12 23.40
C ASP F 330 -7.21 -4.36 23.57
N LEU F 331 -7.81 -3.93 22.46
CA LEU F 331 -9.11 -3.29 22.54
C LEU F 331 -10.17 -4.23 23.10
N ALA F 332 -10.12 -5.52 22.74
CA ALA F 332 -11.06 -6.48 23.31
C ALA F 332 -10.82 -6.62 24.81
N THR F 333 -9.56 -6.62 25.23
CA THR F 333 -9.25 -6.71 26.66
C THR F 333 -9.84 -5.54 27.41
N ILE F 334 -9.81 -4.35 26.81
CA ILE F 334 -10.40 -3.18 27.46
C ILE F 334 -11.92 -3.27 27.46
N TYR F 335 -12.52 -3.39 26.28
CA TYR F 335 -13.98 -3.33 26.17
C TYR F 335 -14.64 -4.48 26.92
N GLU F 336 -14.12 -5.69 26.76
CA GLU F 336 -14.83 -6.87 27.27
C GLU F 336 -14.81 -6.98 28.78
N ARG F 337 -14.22 -6.02 29.49
CA ARG F 337 -14.35 -5.99 30.94
C ARG F 337 -15.65 -5.29 31.29
N ALA F 338 -16.77 -5.85 30.82
CA ALA F 338 -18.06 -5.20 30.94
C ALA F 338 -19.15 -6.26 30.94
N GLY F 339 -20.35 -5.85 31.33
CA GLY F 339 -21.52 -6.68 31.27
C GLY F 339 -21.96 -7.16 32.63
N ARG F 340 -23.20 -7.65 32.66
CA ARG F 340 -23.73 -8.26 33.87
C ARG F 340 -23.09 -9.63 34.08
N VAL F 341 -23.12 -10.09 35.33
CA VAL F 341 -22.55 -11.38 35.68
C VAL F 341 -23.56 -12.14 36.54
N GLU F 342 -23.35 -13.45 36.61
CA GLU F 342 -24.26 -14.33 37.32
C GLU F 342 -24.06 -14.21 38.82
N GLY F 343 -25.16 -13.98 39.54
CA GLY F 343 -25.12 -13.95 40.99
C GLY F 343 -24.66 -12.66 41.60
N ARG F 344 -24.51 -11.60 40.81
CA ARG F 344 -24.09 -10.30 41.32
C ARG F 344 -24.98 -9.23 40.73
N ASN F 345 -25.42 -8.30 41.58
CA ASN F 345 -26.40 -7.29 41.20
C ASN F 345 -25.78 -6.07 40.55
N GLY F 346 -24.46 -6.05 40.36
CA GLY F 346 -23.80 -4.94 39.70
C GLY F 346 -23.53 -5.24 38.23
N SER F 347 -23.11 -4.20 37.52
CA SER F 347 -22.81 -4.33 36.10
C SER F 347 -21.80 -3.24 35.72
N ILE F 348 -21.33 -3.31 34.48
CA ILE F 348 -20.43 -2.32 33.92
C ILE F 348 -20.85 -2.08 32.49
N THR F 349 -21.50 -0.95 32.24
CA THR F 349 -21.76 -0.48 30.89
C THR F 349 -20.54 0.30 30.42
N GLN F 350 -20.30 0.31 29.12
CA GLN F 350 -19.16 1.03 28.56
C GLN F 350 -19.60 1.91 27.41
N ILE F 351 -19.04 3.11 27.35
CA ILE F 351 -19.29 4.03 26.24
C ILE F 351 -17.95 4.55 25.73
N PRO F 352 -17.16 3.73 25.05
CA PRO F 352 -15.91 4.24 24.48
C PRO F 352 -16.20 5.38 23.50
N ILE F 353 -15.29 6.34 23.46
CA ILE F 353 -15.42 7.50 22.59
C ILE F 353 -14.21 7.52 21.66
N LEU F 354 -14.47 7.66 20.37
CA LEU F 354 -13.45 7.55 19.34
C LEU F 354 -13.43 8.81 18.49
N THR F 355 -12.24 9.24 18.13
CA THR F 355 -12.03 10.31 17.16
C THR F 355 -11.64 9.64 15.85
N MET F 356 -12.65 9.35 15.02
CA MET F 356 -12.42 8.71 13.73
C MET F 356 -11.46 9.55 12.90
N PRO F 357 -10.22 9.12 12.70
CA PRO F 357 -9.28 9.95 11.94
C PRO F 357 -9.70 10.05 10.48
N ASN F 358 -9.66 11.29 9.98
CA ASN F 358 -10.06 11.58 8.60
C ASN F 358 -11.52 11.24 8.33
N ASP F 359 -12.32 11.08 9.39
CA ASP F 359 -13.72 10.69 9.25
C ASP F 359 -13.85 9.42 8.41
N ASP F 360 -12.96 8.47 8.65
CA ASP F 360 -12.88 7.22 7.89
C ASP F 360 -13.33 6.09 8.80
N ILE F 361 -14.53 5.56 8.55
CA ILE F 361 -15.06 4.49 9.38
C ILE F 361 -14.30 3.19 9.17
N THR F 362 -13.45 3.12 8.14
CA THR F 362 -12.65 1.93 7.88
C THR F 362 -11.33 1.94 8.63
N HIS F 363 -11.03 2.98 9.39
CA HIS F 363 -9.77 3.07 10.10
C HIS F 363 -9.69 1.95 11.13
N PRO F 364 -8.49 1.41 11.41
CA PRO F 364 -8.41 0.25 12.31
C PRO F 364 -9.04 0.46 13.67
N ILE F 365 -8.95 1.65 14.25
CA ILE F 365 -9.44 1.84 15.61
C ILE F 365 -10.96 1.75 15.60
N PRO F 366 -11.68 2.59 14.84
CA PRO F 366 -13.14 2.42 14.78
C PRO F 366 -13.57 1.08 14.23
N ASP F 367 -12.83 0.51 13.28
CA ASP F 367 -13.20 -0.78 12.71
C ASP F 367 -13.18 -1.87 13.78
N LEU F 368 -12.07 -1.99 14.51
CA LEU F 368 -11.98 -3.01 15.54
C LEU F 368 -12.90 -2.70 16.71
N THR F 369 -13.16 -1.42 16.99
CA THR F 369 -14.11 -1.10 18.05
C THR F 369 -15.51 -1.56 17.68
N GLY F 370 -15.92 -1.35 16.42
CA GLY F 370 -17.19 -1.87 15.98
C GLY F 370 -17.22 -3.39 15.98
N TYR F 371 -16.07 -4.01 15.70
CA TYR F 371 -16.01 -5.47 15.76
C TYR F 371 -16.18 -5.98 17.18
N ILE F 372 -15.70 -5.22 18.16
CA ILE F 372 -15.75 -5.69 19.55
C ILE F 372 -17.00 -5.22 20.28
N THR F 373 -17.47 -4.01 20.02
CA THR F 373 -18.57 -3.43 20.76
C THR F 373 -19.90 -3.80 20.12
N GLU F 374 -20.97 -3.21 20.63
CA GLU F 374 -22.34 -3.62 20.32
C GLU F 374 -23.21 -2.43 19.95
N GLY F 375 -22.73 -1.58 19.06
CA GLY F 375 -23.47 -0.41 18.65
C GLY F 375 -22.53 0.70 18.23
N GLN F 376 -23.12 1.88 18.08
CA GLN F 376 -22.35 3.06 17.72
C GLN F 376 -23.27 4.27 17.81
N ILE F 377 -22.72 5.38 18.31
CA ILE F 377 -23.44 6.65 18.35
C ILE F 377 -22.62 7.64 17.54
N TYR F 378 -23.17 8.08 16.41
CA TYR F 378 -22.43 8.89 15.47
C TYR F 378 -22.64 10.37 15.78
N VAL F 379 -21.54 11.09 15.98
CA VAL F 379 -21.56 12.54 16.09
C VAL F 379 -21.26 13.09 14.70
N ASP F 380 -22.20 13.85 14.15
CA ASP F 380 -22.15 14.25 12.75
C ASP F 380 -21.56 15.64 12.61
N ARG F 381 -20.70 15.82 11.61
CA ARG F 381 -20.15 17.14 11.34
C ARG F 381 -21.20 18.05 10.70
N GLN F 382 -22.13 17.48 9.93
CA GLN F 382 -23.16 18.29 9.32
C GLN F 382 -24.10 18.88 10.36
N LEU F 383 -24.58 18.06 11.29
CA LEU F 383 -25.42 18.57 12.37
C LEU F 383 -24.65 19.55 13.23
N HIS F 384 -23.37 19.27 13.49
CA HIS F 384 -22.56 20.19 14.27
C HIS F 384 -22.46 21.55 13.60
N ASN F 385 -22.21 21.56 12.28
CA ASN F 385 -22.12 22.82 11.55
C ASN F 385 -23.46 23.54 11.56
N ARG F 386 -24.56 22.80 11.44
CA ARG F 386 -25.88 23.40 11.56
C ARG F 386 -26.20 23.85 12.98
N GLN F 387 -25.27 23.67 13.92
CA GLN F 387 -25.40 24.20 15.28
C GLN F 387 -26.45 23.46 16.09
N ILE F 388 -26.64 22.17 15.83
CA ILE F 388 -27.50 21.32 16.63
C ILE F 388 -26.64 20.65 17.70
N TYR F 389 -27.11 20.67 18.94
CA TYR F 389 -26.44 19.98 20.03
C TYR F 389 -27.44 19.14 20.81
N PRO F 390 -27.15 17.86 21.06
CA PRO F 390 -25.99 17.09 20.62
C PRO F 390 -26.06 16.77 19.14
N PRO F 391 -24.98 16.91 18.37
CA PRO F 391 -25.03 16.58 16.94
C PRO F 391 -24.96 15.08 16.67
N ILE F 392 -25.86 14.34 17.30
CA ILE F 392 -25.89 12.88 17.19
C ILE F 392 -26.79 12.53 16.02
N ASN F 393 -26.21 11.91 14.99
CA ASN F 393 -26.98 11.43 13.85
C ASN F 393 -27.58 10.09 14.22
N VAL F 394 -28.91 9.96 14.05
CA VAL F 394 -29.60 8.75 14.49
C VAL F 394 -29.79 7.73 13.38
N LEU F 395 -29.48 8.08 12.13
CA LEU F 395 -29.64 7.15 11.03
C LEU F 395 -28.48 6.15 11.00
N PRO F 396 -27.23 6.61 10.95
CA PRO F 396 -26.11 5.66 10.97
C PRO F 396 -25.85 5.05 12.33
N SER F 397 -26.27 5.70 13.42
CA SER F 397 -26.07 5.15 14.75
C SER F 397 -26.96 3.94 14.96
N LEU F 398 -26.61 3.14 15.97
CA LEU F 398 -27.31 1.90 16.23
C LEU F 398 -26.94 1.44 17.64
N SER F 399 -27.88 0.72 18.25
CA SER F 399 -27.64 0.08 19.55
C SER F 399 -28.19 -1.33 19.45
N ARG F 400 -27.29 -2.31 19.32
CA ARG F 400 -27.72 -3.69 19.07
C ARG F 400 -28.68 -4.18 20.15
N LEU F 401 -28.38 -3.87 21.41
CA LEU F 401 -29.17 -4.36 22.54
C LEU F 401 -30.20 -3.35 23.02
N MET F 402 -30.72 -2.51 22.12
CA MET F 402 -31.79 -1.60 22.50
C MET F 402 -33.02 -2.36 22.95
N LYS F 403 -33.36 -3.45 22.25
CA LYS F 403 -34.57 -4.20 22.58
C LYS F 403 -34.54 -4.74 23.99
N SER F 404 -33.36 -5.13 24.48
CA SER F 404 -33.24 -5.60 25.86
C SER F 404 -33.33 -4.48 26.88
N ALA F 405 -33.19 -3.23 26.45
CA ALA F 405 -33.16 -2.09 27.35
C ALA F 405 -34.47 -1.32 27.39
N ILE F 406 -35.52 -1.79 26.72
CA ILE F 406 -36.78 -1.07 26.64
C ILE F 406 -37.92 -2.05 26.88
N GLY F 407 -39.12 -1.50 27.01
CA GLY F 407 -40.33 -2.28 27.18
C GLY F 407 -40.94 -2.08 28.56
N GLU F 408 -42.05 -2.78 28.77
CA GLU F 408 -42.76 -2.69 30.04
C GLU F 408 -41.86 -3.10 31.19
N GLY F 409 -41.85 -2.29 32.24
CA GLY F 409 -41.06 -2.57 33.42
C GLY F 409 -39.62 -2.15 33.35
N MET F 410 -39.12 -1.76 32.17
CA MET F 410 -37.76 -1.30 32.01
C MET F 410 -37.72 0.19 31.65
N THR F 411 -38.39 0.58 30.56
CA THR F 411 -38.67 1.98 30.30
C THR F 411 -40.16 2.27 30.25
N ARG F 412 -40.90 1.65 29.33
CA ARG F 412 -42.32 1.87 29.17
C ARG F 412 -42.80 0.95 28.05
N LYS F 413 -44.12 0.84 27.92
CA LYS F 413 -44.71 -0.07 26.94
C LYS F 413 -44.37 0.36 25.51
N ASP F 414 -44.42 1.66 25.23
CA ASP F 414 -44.39 2.18 23.88
C ASP F 414 -43.01 2.61 23.41
N HIS F 415 -41.96 2.31 24.17
CA HIS F 415 -40.63 2.80 23.81
C HIS F 415 -40.21 2.28 22.43
N ALA F 416 -40.35 0.97 22.21
CA ALA F 416 -39.87 0.37 20.97
C ALA F 416 -40.64 0.91 19.77
N ASP F 417 -41.97 0.97 19.88
CA ASP F 417 -42.78 1.45 18.77
C ASP F 417 -42.50 2.91 18.47
N VAL F 418 -42.39 3.74 19.51
CA VAL F 418 -42.08 5.15 19.29
C VAL F 418 -40.73 5.31 18.62
N SER F 419 -39.73 4.54 19.07
CA SER F 419 -38.40 4.64 18.47
C SER F 419 -38.43 4.24 17.01
N ASN F 420 -39.09 3.13 16.70
CA ASN F 420 -39.14 2.67 15.31
C ASN F 420 -39.84 3.68 14.42
N GLN F 421 -40.98 4.22 14.90
CA GLN F 421 -41.71 5.19 14.09
C GLN F 421 -40.93 6.48 13.92
N LEU F 422 -40.23 6.92 14.97
CA LEU F 422 -39.42 8.12 14.86
C LEU F 422 -38.31 7.93 13.84
N TYR F 423 -37.65 6.77 13.86
CA TYR F 423 -36.60 6.52 12.88
C TYR F 423 -37.17 6.50 11.46
N ALA F 424 -38.31 5.82 11.27
CA ALA F 424 -38.89 5.73 9.95
C ALA F 424 -39.29 7.12 9.43
N CYS F 425 -39.93 7.92 10.27
CA CYS F 425 -40.35 9.25 9.86
C CYS F 425 -39.15 10.15 9.60
N TYR F 426 -38.07 10.00 10.38
CA TYR F 426 -36.87 10.78 10.13
C TYR F 426 -36.24 10.44 8.79
N ALA F 427 -36.14 9.14 8.48
CA ALA F 427 -35.60 8.74 7.19
C ALA F 427 -36.48 9.26 6.04
N ILE F 428 -37.80 9.14 6.19
CA ILE F 428 -38.70 9.65 5.16
C ILE F 428 -38.58 11.15 5.03
N GLY F 429 -38.35 11.85 6.15
CA GLY F 429 -38.18 13.29 6.08
C GLY F 429 -36.93 13.71 5.34
N LYS F 430 -35.83 12.99 5.58
CA LYS F 430 -34.62 13.27 4.80
C LYS F 430 -34.86 13.00 3.32
N ASP F 431 -35.53 11.89 3.02
CA ASP F 431 -35.84 11.57 1.63
C ASP F 431 -36.71 12.66 1.01
N VAL F 432 -37.69 13.16 1.75
CA VAL F 432 -38.59 14.18 1.23
C VAL F 432 -37.85 15.50 1.05
N GLN F 433 -36.87 15.80 1.92
CA GLN F 433 -36.05 16.98 1.68
C GLN F 433 -35.27 16.85 0.38
N ALA F 434 -34.68 15.68 0.15
CA ALA F 434 -33.98 15.46 -1.11
C ALA F 434 -34.91 15.61 -2.30
N MET F 435 -36.13 15.10 -2.18
CA MET F 435 -37.09 15.21 -3.28
C MET F 435 -37.50 16.67 -3.49
N LYS F 436 -37.86 17.37 -2.42
CA LYS F 436 -38.21 18.78 -2.51
C LYS F 436 -37.12 19.58 -3.18
N ALA F 437 -35.85 19.21 -2.94
CA ALA F 437 -34.76 19.94 -3.57
C ALA F 437 -34.77 19.82 -5.09
N VAL F 438 -35.49 18.84 -5.64
CA VAL F 438 -35.53 18.60 -7.07
C VAL F 438 -36.87 19.01 -7.68
N VAL F 439 -37.97 18.76 -6.98
CA VAL F 439 -39.29 18.99 -7.55
C VAL F 439 -39.82 20.38 -7.21
N GLY F 440 -39.42 20.95 -6.08
CA GLY F 440 -39.94 22.22 -5.64
C GLY F 440 -41.01 22.04 -4.57
N GLU F 441 -41.18 23.08 -3.75
CA GLU F 441 -42.08 22.96 -2.60
C GLU F 441 -43.52 22.72 -3.04
N GLU F 442 -43.95 23.38 -4.11
CA GLU F 442 -45.34 23.26 -4.54
C GLU F 442 -45.67 21.83 -4.95
N ALA F 443 -44.76 21.18 -5.70
CA ALA F 443 -45.02 19.84 -6.20
C ALA F 443 -45.19 18.82 -5.09
N LEU F 444 -44.76 19.12 -3.87
CA LEU F 444 -44.88 18.18 -2.77
C LEU F 444 -46.34 18.02 -2.36
N THR F 445 -46.68 16.81 -1.92
CA THR F 445 -48.02 16.51 -1.44
C THR F 445 -48.15 16.91 0.03
N SER F 446 -49.36 16.71 0.57
CA SER F 446 -49.59 17.03 1.97
C SER F 446 -48.73 16.16 2.89
N ASP F 447 -48.61 14.87 2.57
CA ASP F 447 -47.81 13.98 3.41
C ASP F 447 -46.34 14.38 3.38
N ASP F 448 -45.85 14.83 2.22
CA ASP F 448 -44.47 15.29 2.16
C ASP F 448 -44.26 16.53 3.04
N LEU F 449 -45.23 17.44 3.05
CA LEU F 449 -45.14 18.60 3.93
C LEU F 449 -45.16 18.17 5.38
N LEU F 450 -45.99 17.19 5.73
CA LEU F 450 -46.01 16.69 7.10
C LEU F 450 -44.66 16.10 7.47
N TYR F 451 -44.05 15.35 6.55
CA TYR F 451 -42.75 14.74 6.84
C TYR F 451 -41.66 15.79 7.00
N LEU F 452 -41.69 16.84 6.17
CA LEU F 452 -40.73 17.93 6.35
C LEU F 452 -40.93 18.61 7.70
N GLU F 453 -42.18 18.86 8.08
CA GLU F 453 -42.45 19.48 9.37
C GLU F 453 -41.94 18.61 10.50
N PHE F 454 -42.18 17.30 10.42
CA PHE F 454 -41.69 16.41 11.46
C PHE F 454 -40.18 16.41 11.50
N LEU F 455 -39.52 16.41 10.35
CA LEU F 455 -38.07 16.45 10.33
C LEU F 455 -37.55 17.69 11.05
N GLN F 456 -38.10 18.85 10.70
CA GLN F 456 -37.65 20.10 11.32
C GLN F 456 -37.88 20.06 12.83
N LYS F 457 -39.09 19.70 13.25
CA LYS F 457 -39.40 19.71 14.68
C LYS F 457 -38.68 18.60 15.44
N PHE F 458 -38.28 17.53 14.76
CA PHE F 458 -37.51 16.46 15.37
C PHE F 458 -36.07 16.88 15.61
N GLU F 459 -35.46 17.54 14.62
CA GLU F 459 -34.12 18.06 14.81
C GLU F 459 -34.09 19.27 15.73
N LYS F 460 -35.22 19.96 15.92
CA LYS F 460 -35.27 21.13 16.78
C LYS F 460 -35.72 20.82 18.21
N ASN F 461 -36.46 19.74 18.41
CA ASN F 461 -36.98 19.39 19.74
C ASN F 461 -36.42 18.10 20.28
N PHE F 462 -36.30 17.05 19.45
CA PHE F 462 -35.78 15.78 19.94
C PHE F 462 -34.26 15.80 20.01
N ILE F 463 -33.61 15.98 18.86
CA ILE F 463 -32.15 15.98 18.84
C ILE F 463 -31.61 17.15 19.63
N THR F 464 -31.93 18.37 19.21
CA THR F 464 -31.45 19.57 19.89
C THR F 464 -31.89 19.55 21.34
N GLN F 465 -30.93 19.49 22.25
CA GLN F 465 -31.22 19.29 23.67
C GLN F 465 -30.64 20.37 24.57
N GLY F 466 -29.42 20.81 24.33
CA GLY F 466 -28.75 21.73 25.22
C GLY F 466 -27.95 20.96 26.25
N PRO F 467 -26.75 21.47 26.58
CA PRO F 467 -25.85 20.67 27.43
C PRO F 467 -26.43 20.30 28.79
N TYR F 468 -27.19 21.20 29.42
CA TYR F 468 -27.67 20.99 30.78
C TYR F 468 -29.16 20.67 30.83
N GLU F 469 -29.72 20.12 29.76
CA GLU F 469 -31.12 19.72 29.72
C GLU F 469 -31.17 18.21 29.92
N ASN F 470 -31.50 17.78 31.13
CA ASN F 470 -31.60 16.37 31.47
C ASN F 470 -33.02 15.92 31.28
N ARG F 471 -33.24 15.01 30.33
CA ARG F 471 -34.56 14.48 30.03
C ARG F 471 -34.66 13.04 30.50
N THR F 472 -35.58 12.78 31.42
CA THR F 472 -35.89 11.40 31.77
C THR F 472 -36.48 10.70 30.56
N VAL F 473 -36.26 9.39 30.48
CA VAL F 473 -36.68 8.65 29.29
C VAL F 473 -38.16 8.84 29.05
N TYR F 474 -38.94 9.03 30.11
CA TYR F 474 -40.36 9.34 29.94
C TYR F 474 -40.55 10.69 29.26
N GLU F 475 -39.73 11.67 29.63
CA GLU F 475 -39.78 12.96 28.93
C GLU F 475 -39.38 12.81 27.48
N THR F 476 -38.37 11.99 27.21
CA THR F 476 -37.97 11.74 25.83
C THR F 476 -39.10 11.12 25.02
N LEU F 477 -39.81 10.16 25.61
CA LEU F 477 -40.92 9.54 24.90
C LEU F 477 -42.10 10.50 24.74
N ASP F 478 -42.32 11.38 25.73
CA ASP F 478 -43.37 12.39 25.57
C ASP F 478 -43.04 13.33 24.42
N ILE F 479 -41.77 13.73 24.29
CA ILE F 479 -41.37 14.56 23.15
C ILE F 479 -41.55 13.77 21.85
N GLY F 480 -41.18 12.50 21.86
CA GLY F 480 -41.35 11.68 20.68
C GLY F 480 -42.81 11.59 20.25
N TRP F 481 -43.72 11.48 21.22
CA TRP F 481 -45.14 11.43 20.88
C TRP F 481 -45.64 12.79 20.41
N GLN F 482 -45.14 13.87 21.00
CA GLN F 482 -45.47 15.20 20.49
C GLN F 482 -45.10 15.32 19.02
N LEU F 483 -43.95 14.74 18.64
CA LEU F 483 -43.51 14.81 17.25
C LEU F 483 -44.30 13.85 16.37
N LEU F 484 -44.70 12.71 16.91
CA LEU F 484 -45.47 11.74 16.13
C LEU F 484 -46.90 12.20 15.90
N ARG F 485 -47.44 13.03 16.81
CA ARG F 485 -48.77 13.56 16.62
C ARG F 485 -48.84 14.61 15.53
N ILE F 486 -47.74 14.88 14.82
CA ILE F 486 -47.83 15.66 13.60
C ILE F 486 -48.63 14.90 12.55
N PHE F 487 -48.35 13.61 12.40
CA PHE F 487 -49.05 12.77 11.45
C PHE F 487 -50.34 12.24 12.04
N PRO F 488 -51.33 11.94 11.21
CA PRO F 488 -52.52 11.24 11.70
C PRO F 488 -52.22 9.78 12.01
N LYS F 489 -53.12 9.16 12.75
CA LYS F 489 -52.87 7.81 13.26
C LYS F 489 -52.53 6.85 12.13
N GLU F 490 -53.08 7.08 10.94
CA GLU F 490 -52.92 6.12 9.85
C GLU F 490 -51.51 6.06 9.29
N MET F 491 -50.80 7.19 9.25
CA MET F 491 -49.45 7.17 8.69
C MET F 491 -48.43 6.58 9.65
N LEU F 492 -48.77 6.38 10.93
CA LEU F 492 -47.88 5.72 11.87
C LEU F 492 -48.07 4.21 11.74
N LYS F 493 -47.58 3.69 10.62
CA LYS F 493 -47.75 2.28 10.29
C LYS F 493 -46.86 1.35 11.11
N ARG F 494 -45.81 1.87 11.74
CA ARG F 494 -44.90 1.04 12.52
C ARG F 494 -45.26 0.98 14.00
N ILE F 495 -46.35 1.60 14.40
CA ILE F 495 -46.83 1.57 15.78
C ILE F 495 -48.11 0.74 15.81
N PRO F 496 -48.14 -0.40 16.50
CA PRO F 496 -49.38 -1.19 16.53
C PRO F 496 -50.54 -0.39 17.08
N GLN F 497 -51.73 -0.66 16.53
CA GLN F 497 -52.92 0.08 16.95
C GLN F 497 -53.14 -0.02 18.45
N SER F 498 -52.72 -1.12 19.08
CA SER F 498 -52.88 -1.26 20.52
C SER F 498 -52.13 -0.15 21.25
N THR F 499 -51.02 0.32 20.70
CA THR F 499 -50.25 1.40 21.30
C THR F 499 -50.75 2.77 20.90
N LEU F 500 -51.16 2.94 19.64
CA LEU F 500 -51.68 4.23 19.20
C LEU F 500 -52.95 4.59 19.95
N SER F 501 -53.84 3.61 20.15
CA SER F 501 -55.08 3.89 20.87
C SER F 501 -54.83 4.37 22.29
N GLU F 502 -53.67 4.05 22.86
CA GLU F 502 -53.37 4.41 24.24
C GLU F 502 -52.56 5.68 24.36
N PHE F 503 -51.57 5.89 23.48
CA PHE F 503 -50.63 6.99 23.63
C PHE F 503 -50.82 8.11 22.61
N TYR F 504 -51.42 7.83 21.45
CA TYR F 504 -51.63 8.89 20.47
C TYR F 504 -52.49 10.04 21.00
N PRO F 505 -53.62 9.80 21.66
CA PRO F 505 -54.49 10.92 22.02
C PRO F 505 -53.78 11.94 22.91
N ARG F 506 -54.47 13.06 23.12
CA ARG F 506 -53.92 14.20 23.85
C ARG F 506 -52.81 14.86 23.06
N LYS G 4 -11.89 4.99 -19.61
CA LYS G 4 -11.25 3.70 -19.39
C LYS G 4 -11.54 3.21 -17.96
N ASP G 5 -10.83 2.16 -17.55
CA ASP G 5 -11.15 1.50 -16.29
C ASP G 5 -10.95 2.43 -15.10
N ARG G 6 -9.88 3.22 -15.10
CA ARG G 6 -9.47 3.97 -13.92
C ARG G 6 -9.39 5.45 -14.21
N ILE G 7 -9.56 6.25 -13.15
CA ILE G 7 -9.43 7.70 -13.26
C ILE G 7 -7.97 8.11 -13.42
N GLU G 8 -7.03 7.22 -13.13
CA GLU G 8 -5.60 7.49 -13.25
C GLU G 8 -5.14 8.55 -12.25
N ILE G 9 -5.70 8.53 -11.05
CA ILE G 9 -5.16 9.29 -9.93
C ILE G 9 -4.18 8.41 -9.18
N PHE G 10 -2.99 8.94 -8.90
CA PHE G 10 -1.95 8.12 -8.32
C PHE G 10 -2.37 7.62 -6.94
N PRO G 11 -2.17 6.34 -6.64
CA PRO G 11 -2.57 5.81 -5.34
C PRO G 11 -1.98 6.61 -4.19
N SER G 12 -2.84 6.94 -3.24
CA SER G 12 -2.42 7.66 -2.03
C SER G 12 -3.65 7.82 -1.15
N ARG G 13 -3.40 8.08 0.14
CA ARG G 13 -4.52 8.27 1.06
C ARG G 13 -5.32 9.51 0.68
N MET G 14 -4.65 10.58 0.26
CA MET G 14 -5.36 11.74 -0.26
C MET G 14 -6.19 11.36 -1.47
N ALA G 15 -5.61 10.58 -2.39
CA ALA G 15 -6.35 10.12 -3.56
C ALA G 15 -7.51 9.23 -3.16
N GLN G 16 -7.31 8.37 -2.16
CA GLN G 16 -8.40 7.51 -1.71
C GLN G 16 -9.54 8.36 -1.15
N THR G 17 -9.22 9.36 -0.35
CA THR G 17 -10.26 10.24 0.20
C THR G 17 -10.98 10.98 -0.92
N ILE G 18 -10.23 11.49 -1.89
CA ILE G 18 -10.85 12.22 -3.00
C ILE G 18 -11.79 11.29 -3.76
N MET G 19 -11.37 10.06 -4.01
CA MET G 19 -12.20 9.14 -4.77
C MET G 19 -13.43 8.71 -3.98
N LYS G 20 -13.31 8.53 -2.66
CA LYS G 20 -14.49 8.22 -1.85
C LYS G 20 -15.48 9.38 -1.88
N ALA G 21 -14.98 10.61 -1.77
CA ALA G 21 -15.85 11.77 -1.86
C ALA G 21 -16.53 11.85 -3.22
N ARG G 22 -15.76 11.59 -4.29
CA ARG G 22 -16.33 11.62 -5.64
C ARG G 22 -17.38 10.54 -5.82
N LEU G 23 -17.14 9.34 -5.27
CA LEU G 23 -18.12 8.27 -5.36
C LEU G 23 -19.40 8.64 -4.64
N LYS G 24 -19.28 9.22 -3.43
CA LYS G 24 -20.48 9.61 -2.70
C LYS G 24 -21.23 10.71 -3.43
N GLY G 25 -20.50 11.68 -4.00
CA GLY G 25 -21.16 12.72 -4.76
C GLY G 25 -21.87 12.19 -5.99
N ALA G 26 -21.22 11.25 -6.70
CA ALA G 26 -21.86 10.64 -7.86
C ALA G 26 -23.10 9.87 -7.46
N GLN G 27 -23.05 9.14 -6.34
CA GLN G 27 -24.24 8.41 -5.89
C GLN G 27 -25.36 9.36 -5.53
N THR G 28 -25.03 10.46 -4.85
CA THR G 28 -26.06 11.45 -4.50
C THR G 28 -26.67 12.07 -5.75
N GLY G 29 -25.84 12.42 -6.72
CA GLY G 29 -26.37 12.95 -7.97
C GLY G 29 -27.23 11.95 -8.71
N ARG G 30 -26.82 10.68 -8.71
CA ARG G 30 -27.62 9.64 -9.33
C ARG G 30 -28.97 9.50 -8.65
N ASN G 31 -28.99 9.53 -7.31
CA ASN G 31 -30.25 9.41 -6.60
C ASN G 31 -31.15 10.61 -6.88
N LEU G 32 -30.59 11.81 -6.91
CA LEU G 32 -31.39 13.00 -7.20
C LEU G 32 -31.95 12.96 -8.62
N LEU G 33 -31.13 12.55 -9.59
CA LEU G 33 -31.62 12.43 -10.94
C LEU G 33 -32.65 11.31 -11.07
N LYS G 34 -32.51 10.26 -10.27
CA LYS G 34 -33.50 9.20 -10.28
C LYS G 34 -34.84 9.70 -9.72
N LYS G 35 -34.78 10.52 -8.68
CA LYS G 35 -36.01 11.13 -8.16
C LYS G 35 -36.62 12.07 -9.19
N LYS G 36 -35.79 12.83 -9.90
CA LYS G 36 -36.30 13.69 -10.96
C LYS G 36 -36.96 12.87 -12.05
N SER G 37 -36.34 11.76 -12.44
CA SER G 37 -36.94 10.87 -13.43
C SER G 37 -38.25 10.28 -12.92
N ASP G 38 -38.30 9.93 -11.64
CA ASP G 38 -39.54 9.40 -11.07
C ASP G 38 -40.66 10.43 -11.13
N ALA G 39 -40.36 11.68 -10.78
CA ALA G 39 -41.38 12.73 -10.84
C ALA G 39 -41.82 12.95 -12.28
N LEU G 40 -40.86 13.03 -13.21
CA LEU G 40 -41.22 13.24 -14.61
C LEU G 40 -42.05 12.08 -15.14
N THR G 41 -41.70 10.84 -14.77
CA THR G 41 -42.45 9.69 -15.25
C THR G 41 -43.85 9.64 -14.65
N LEU G 42 -43.98 10.02 -13.38
CA LEU G 42 -45.31 10.09 -12.78
C LEU G 42 -46.19 11.09 -13.51
N ARG G 43 -45.67 12.29 -13.75
CA ARG G 43 -46.44 13.29 -14.48
C ARG G 43 -46.70 12.82 -15.90
N PHE G 44 -45.74 12.11 -16.50
CA PHE G 44 -45.89 11.63 -17.87
C PHE G 44 -47.01 10.62 -17.97
N ARG G 45 -47.08 9.67 -17.04
CA ARG G 45 -48.16 8.69 -17.06
C ARG G 45 -49.50 9.32 -16.72
N GLN G 46 -49.51 10.31 -15.82
CA GLN G 46 -50.75 11.03 -15.54
C GLN G 46 -51.25 11.72 -16.81
N ILE G 47 -50.35 12.38 -17.53
CA ILE G 47 -50.74 13.06 -18.77
C ILE G 47 -51.14 12.06 -19.83
N LEU G 48 -50.52 10.87 -19.85
CA LEU G 48 -50.92 9.86 -20.82
C LEU G 48 -52.34 9.37 -20.55
N LYS G 49 -52.66 9.09 -19.29
CA LYS G 49 -54.02 8.70 -18.95
C LYS G 49 -55.00 9.82 -19.29
N LYS G 50 -54.62 11.05 -18.99
CA LYS G 50 -55.46 12.19 -19.34
C LYS G 50 -55.67 12.28 -20.85
N ILE G 51 -54.63 11.98 -21.63
CA ILE G 51 -54.73 12.03 -23.08
C ILE G 51 -55.71 10.98 -23.57
N ILE G 52 -55.62 9.76 -23.03
CA ILE G 52 -56.56 8.71 -23.45
C ILE G 52 -57.98 9.12 -23.10
N GLU G 53 -58.19 9.63 -21.88
CA GLU G 53 -59.53 10.06 -21.48
C GLU G 53 -60.04 11.18 -22.36
N THR G 54 -59.18 12.14 -22.70
CA THR G 54 -59.60 13.26 -23.53
C THR G 54 -59.91 12.81 -24.96
N LYS G 55 -59.15 11.84 -25.47
CA LYS G 55 -59.48 11.28 -26.78
C LYS G 55 -60.84 10.61 -26.74
N MET G 56 -61.12 9.86 -25.68
CA MET G 56 -62.44 9.24 -25.54
C MET G 56 -63.55 10.29 -25.50
N LEU G 57 -63.34 11.35 -24.72
CA LEU G 57 -64.35 12.40 -24.61
C LEU G 57 -64.54 13.13 -25.94
N MET G 58 -63.45 13.32 -26.68
CA MET G 58 -63.56 13.87 -28.03
C MET G 58 -64.40 12.95 -28.91
N GLY G 59 -64.21 11.64 -28.76
CA GLY G 59 -65.01 10.68 -29.50
C GLY G 59 -66.50 10.97 -29.43
N GLU G 60 -66.93 11.66 -28.37
CA GLU G 60 -68.32 12.06 -28.19
C GLU G 60 -68.57 13.50 -28.61
N VAL G 61 -67.70 14.42 -28.21
CA VAL G 61 -67.92 15.83 -28.51
C VAL G 61 -67.89 16.08 -30.02
N MET G 62 -66.91 15.52 -30.70
CA MET G 62 -66.83 15.69 -32.16
C MET G 62 -68.04 15.08 -32.84
N ARG G 63 -68.47 13.89 -32.39
CA ARG G 63 -69.64 13.26 -32.99
C ARG G 63 -70.89 14.11 -32.80
N GLU G 64 -71.08 14.65 -31.60
CA GLU G 64 -72.23 15.52 -31.35
C GLU G 64 -72.16 16.76 -32.23
N ALA G 65 -70.97 17.36 -32.37
CA ALA G 65 -70.84 18.54 -33.21
C ALA G 65 -71.13 18.22 -34.67
N ALA G 66 -70.66 17.07 -35.15
CA ALA G 66 -70.95 16.69 -36.53
C ALA G 66 -72.43 16.45 -36.76
N PHE G 67 -73.10 15.80 -35.81
CA PHE G 67 -74.54 15.59 -35.96
C PHE G 67 -75.30 16.91 -35.91
N SER G 68 -74.85 17.85 -35.06
CA SER G 68 -75.43 19.18 -35.05
C SER G 68 -75.22 19.87 -36.39
N LEU G 69 -74.05 19.65 -37.01
CA LEU G 69 -73.81 20.21 -38.34
C LEU G 69 -74.78 19.63 -39.35
N ALA G 70 -75.04 18.33 -39.29
CA ALA G 70 -76.02 17.72 -40.17
C ALA G 70 -77.40 18.33 -39.96
N GLU G 71 -77.81 18.48 -38.69
CA GLU G 71 -79.11 19.07 -38.40
C GLU G 71 -79.19 20.50 -38.93
N ALA G 72 -78.12 21.28 -38.76
CA ALA G 72 -78.11 22.63 -39.29
C ALA G 72 -78.28 22.62 -40.80
N LYS G 73 -77.45 21.85 -41.51
CA LYS G 73 -77.57 21.78 -42.96
C LYS G 73 -78.95 21.32 -43.39
N PHE G 74 -79.66 20.57 -42.53
CA PHE G 74 -81.02 20.16 -42.87
C PHE G 74 -81.91 21.37 -43.12
N THR G 75 -81.71 22.45 -42.37
CA THR G 75 -82.57 23.63 -42.45
C THR G 75 -81.91 24.80 -43.18
N ALA G 76 -80.74 25.24 -42.72
CA ALA G 76 -80.03 26.34 -43.34
C ALA G 76 -79.56 26.06 -44.75
N GLY G 77 -79.55 24.79 -45.17
CA GLY G 77 -79.12 24.45 -46.52
C GLY G 77 -77.62 24.25 -46.61
N ASP G 78 -77.06 24.63 -47.75
CA ASP G 78 -75.63 24.49 -48.01
C ASP G 78 -74.92 25.74 -47.51
N PHE G 79 -74.71 25.80 -46.20
CA PHE G 79 -74.03 26.92 -45.57
C PHE G 79 -72.52 26.75 -45.52
N SER G 80 -71.99 25.61 -45.94
CA SER G 80 -70.55 25.38 -45.87
C SER G 80 -69.79 26.36 -46.76
N THR G 81 -70.28 26.61 -47.97
CA THR G 81 -69.56 27.47 -48.89
C THR G 81 -69.44 28.89 -48.35
N THR G 82 -70.53 29.44 -47.82
CA THR G 82 -70.48 30.79 -47.27
C THR G 82 -69.55 30.87 -46.07
N VAL G 83 -69.63 29.88 -45.18
CA VAL G 83 -68.79 29.89 -43.98
C VAL G 83 -67.31 29.83 -44.38
N ILE G 84 -66.98 28.97 -45.34
CA ILE G 84 -65.59 28.88 -45.80
C ILE G 84 -65.15 30.17 -46.47
N GLN G 85 -66.00 30.76 -47.32
CA GLN G 85 -65.62 32.00 -47.99
C GLN G 85 -65.50 33.16 -47.01
N ASN G 86 -66.44 33.27 -46.07
CA ASN G 86 -66.42 34.35 -45.09
C ASN G 86 -65.60 33.93 -43.87
N VAL G 87 -64.28 34.04 -44.04
CA VAL G 87 -63.34 33.72 -42.97
C VAL G 87 -62.91 34.97 -42.22
N ASN G 88 -62.41 35.97 -42.95
CA ASN G 88 -62.00 37.23 -42.34
C ASN G 88 -60.88 37.01 -41.32
N LYS G 89 -61.17 37.20 -40.04
CA LYS G 89 -60.18 37.10 -38.98
C LYS G 89 -60.65 36.09 -37.93
N ALA G 90 -59.68 35.42 -37.32
CA ALA G 90 -60.00 34.38 -36.34
C ALA G 90 -60.63 34.98 -35.10
N GLN G 91 -61.69 34.32 -34.62
CA GLN G 91 -62.36 34.74 -33.39
C GLN G 91 -61.87 34.00 -32.16
N VAL G 92 -61.17 32.88 -32.34
CA VAL G 92 -60.59 32.12 -31.25
C VAL G 92 -59.11 31.91 -31.56
N LYS G 93 -58.25 32.21 -30.58
CA LYS G 93 -56.82 32.13 -30.76
C LYS G 93 -56.18 31.44 -29.55
N ILE G 94 -54.88 31.20 -29.68
CA ILE G 94 -54.12 30.38 -28.74
C ILE G 94 -52.97 31.23 -28.22
N ARG G 95 -52.83 31.28 -26.89
CA ARG G 95 -51.74 32.03 -26.25
C ARG G 95 -50.82 31.06 -25.53
N ALA G 96 -49.52 31.16 -25.80
CA ALA G 96 -48.57 30.25 -25.19
C ALA G 96 -48.49 30.48 -23.68
N LYS G 97 -48.31 29.39 -22.93
CA LYS G 97 -48.15 29.44 -21.49
C LYS G 97 -47.09 28.43 -21.07
N LYS G 98 -46.51 28.64 -19.90
CA LYS G 98 -45.50 27.77 -19.35
C LYS G 98 -46.07 26.98 -18.17
N ASP G 99 -45.62 25.75 -18.02
CA ASP G 99 -45.88 24.93 -16.84
C ASP G 99 -44.55 24.34 -16.39
N ASN G 100 -44.48 23.93 -15.13
CA ASN G 100 -43.22 23.47 -14.57
C ASN G 100 -43.42 22.11 -13.90
N VAL G 101 -42.58 21.15 -14.26
CA VAL G 101 -42.57 19.83 -13.63
C VAL G 101 -41.11 19.49 -13.34
N ALA G 102 -40.76 19.38 -12.06
CA ALA G 102 -39.37 19.28 -11.63
C ALA G 102 -38.65 20.51 -12.18
N GLY G 103 -37.51 20.37 -12.85
CA GLY G 103 -36.86 21.48 -13.49
C GLY G 103 -37.22 21.66 -14.95
N VAL G 104 -38.20 20.91 -15.45
CA VAL G 104 -38.53 20.85 -16.87
C VAL G 104 -39.71 21.76 -17.14
N THR G 105 -39.60 22.58 -18.18
CA THR G 105 -40.66 23.50 -18.57
C THR G 105 -41.49 22.86 -19.68
N LEU G 106 -42.80 22.77 -19.44
CA LEU G 106 -43.75 22.18 -20.37
C LEU G 106 -44.51 23.29 -21.07
N PRO G 107 -44.51 23.37 -22.40
CA PRO G 107 -45.37 24.37 -23.07
C PRO G 107 -46.82 23.94 -23.05
N VAL G 108 -47.71 24.90 -22.81
CA VAL G 108 -49.15 24.65 -22.82
C VAL G 108 -49.83 25.82 -23.54
N PHE G 109 -51.14 25.71 -23.72
CA PHE G 109 -51.88 26.65 -24.54
C PHE G 109 -53.04 27.25 -23.75
N GLU G 110 -53.40 28.47 -24.12
CA GLU G 110 -54.52 29.21 -23.55
C GLU G 110 -55.56 29.45 -24.65
N HIS G 111 -56.78 29.03 -24.39
CA HIS G 111 -57.92 29.33 -25.24
C HIS G 111 -58.31 30.79 -24.98
N TYR G 112 -58.34 31.60 -26.03
CA TYR G 112 -58.60 33.03 -25.85
C TYR G 112 -59.48 33.51 -27.00
N HIS G 113 -60.27 34.55 -26.73
CA HIS G 113 -61.23 35.08 -27.69
C HIS G 113 -60.77 36.42 -28.25
N GLU G 114 -60.94 36.59 -29.55
CA GLU G 114 -60.68 37.86 -30.21
C GLU G 114 -61.97 38.67 -30.32
N GLN G 130 -80.71 26.26 -35.12
CA GLN G 130 -79.81 25.14 -35.41
C GLN G 130 -78.36 25.64 -35.54
N LEU G 131 -78.16 26.65 -36.38
CA LEU G 131 -76.80 27.12 -36.65
C LEU G 131 -76.14 27.66 -35.38
N ALA G 132 -76.91 28.35 -34.54
CA ALA G 132 -76.34 28.81 -33.26
C ALA G 132 -75.93 27.64 -32.39
N LYS G 133 -76.74 26.58 -32.37
CA LYS G 133 -76.36 25.38 -31.64
C LYS G 133 -75.09 24.77 -32.22
N LEU G 134 -74.96 24.80 -33.55
CA LEU G 134 -73.75 24.28 -34.18
C LEU G 134 -72.53 25.08 -33.76
N LYS G 135 -72.67 26.41 -33.72
CA LYS G 135 -71.58 27.26 -33.25
C LYS G 135 -71.20 26.91 -31.82
N ARG G 136 -72.20 26.73 -30.96
CA ARG G 136 -71.92 26.38 -29.57
C ARG G 136 -71.20 25.04 -29.48
N ASN G 137 -71.66 24.05 -30.23
CA ASN G 137 -71.06 22.72 -30.16
C ASN G 137 -69.62 22.74 -30.64
N TYR G 138 -69.33 23.45 -31.73
CA TYR G 138 -67.96 23.48 -32.21
C TYR G 138 -67.06 24.36 -31.34
N ALA G 139 -67.62 25.39 -30.69
CA ALA G 139 -66.85 26.11 -29.68
C ALA G 139 -66.48 25.18 -28.52
N LYS G 140 -67.42 24.33 -28.09
CA LYS G 140 -67.10 23.36 -27.05
C LYS G 140 -66.04 22.37 -27.53
N ALA G 141 -66.14 21.94 -28.79
CA ALA G 141 -65.15 21.04 -29.35
C ALA G 141 -63.77 21.68 -29.33
N VAL G 142 -63.68 22.96 -29.69
CA VAL G 142 -62.39 23.65 -29.66
C VAL G 142 -61.91 23.78 -28.21
N GLU G 143 -62.83 24.02 -27.28
CA GLU G 143 -62.45 24.08 -25.87
C GLU G 143 -61.83 22.78 -25.41
N LEU G 144 -62.35 21.66 -25.91
CA LEU G 144 -61.76 20.36 -25.56
C LEU G 144 -60.43 20.15 -26.26
N LEU G 145 -60.35 20.51 -27.55
CA LEU G 145 -59.15 20.19 -28.32
C LEU G 145 -57.98 21.06 -27.94
N VAL G 146 -58.21 22.27 -27.43
CA VAL G 146 -57.10 23.08 -26.93
C VAL G 146 -56.48 22.41 -25.70
N GLU G 147 -57.31 21.89 -24.80
CA GLU G 147 -56.79 21.14 -23.67
C GLU G 147 -56.03 19.91 -24.17
N LEU G 148 -56.57 19.23 -25.17
CA LEU G 148 -55.88 18.07 -25.73
C LEU G 148 -54.51 18.45 -26.28
N ALA G 149 -54.44 19.57 -26.99
CA ALA G 149 -53.16 20.02 -27.56
C ALA G 149 -52.16 20.36 -26.46
N SER G 150 -52.61 21.05 -25.41
CA SER G 150 -51.72 21.35 -24.30
C SER G 150 -51.20 20.06 -23.68
N LEU G 151 -52.10 19.09 -23.49
CA LEU G 151 -51.70 17.80 -22.91
C LEU G 151 -50.67 17.11 -23.78
N GLN G 152 -50.87 17.12 -25.10
CA GLN G 152 -49.95 16.40 -25.98
C GLN G 152 -48.60 17.10 -26.06
N THR G 153 -48.59 18.43 -26.04
CA THR G 153 -47.33 19.17 -26.01
C THR G 153 -46.56 18.85 -24.74
N SER G 154 -47.24 18.91 -23.59
CA SER G 154 -46.59 18.53 -22.34
C SER G 154 -46.12 17.09 -22.37
N PHE G 155 -46.89 16.23 -23.03
CA PHE G 155 -46.56 14.81 -23.12
C PHE G 155 -45.26 14.61 -23.89
N VAL G 156 -45.12 15.27 -25.04
CA VAL G 156 -43.90 15.15 -25.82
C VAL G 156 -42.71 15.72 -25.04
N THR G 157 -42.89 16.89 -24.44
CA THR G 157 -41.79 17.49 -23.70
C THR G 157 -41.35 16.58 -22.55
N LEU G 158 -42.31 16.02 -21.82
CA LEU G 158 -41.97 15.12 -20.72
C LEU G 158 -41.30 13.86 -21.23
N ASP G 159 -41.73 13.35 -22.39
CA ASP G 159 -41.08 12.17 -22.95
C ASP G 159 -39.61 12.45 -23.22
N GLU G 160 -39.32 13.58 -23.88
CA GLU G 160 -37.94 13.91 -24.17
C GLU G 160 -37.12 14.10 -22.90
N ALA G 161 -37.69 14.83 -21.92
CA ALA G 161 -36.95 15.09 -20.68
C ALA G 161 -36.71 13.81 -19.91
N ILE G 162 -37.70 12.91 -19.89
CA ILE G 162 -37.54 11.63 -19.21
C ILE G 162 -36.44 10.82 -19.87
N LYS G 163 -36.43 10.78 -21.20
CA LYS G 163 -35.38 10.03 -21.88
C LYS G 163 -34.01 10.60 -21.56
N ILE G 164 -33.88 11.93 -21.57
CA ILE G 164 -32.59 12.54 -21.26
C ILE G 164 -32.16 12.21 -19.84
N THR G 165 -33.07 12.33 -18.88
CA THR G 165 -32.70 12.11 -17.48
C THR G 165 -32.39 10.64 -17.21
N ASN G 166 -33.14 9.73 -17.82
CA ASN G 166 -32.82 8.31 -17.70
C ASN G 166 -31.47 8.01 -18.31
N ARG G 167 -31.15 8.65 -19.44
CA ARG G 167 -29.83 8.47 -20.02
C ARG G 167 -28.75 8.97 -19.08
N ARG G 168 -28.99 10.11 -18.41
CA ARG G 168 -28.01 10.62 -17.46
C ARG G 168 -27.81 9.65 -16.30
N VAL G 169 -28.91 9.12 -15.75
CA VAL G 169 -28.80 8.20 -14.62
C VAL G 169 -28.08 6.92 -15.03
N ASN G 170 -28.44 6.38 -16.20
CA ASN G 170 -27.77 5.16 -16.68
C ASN G 170 -26.30 5.42 -16.93
N ALA G 171 -25.97 6.56 -17.55
CA ALA G 171 -24.57 6.89 -17.77
C ALA G 171 -23.82 6.93 -16.46
N ILE G 172 -24.36 7.63 -15.47
CA ILE G 172 -23.72 7.67 -14.16
C ILE G 172 -23.48 6.26 -13.65
N GLU G 173 -24.56 5.52 -13.42
CA GLU G 173 -24.46 4.26 -12.70
C GLU G 173 -23.82 3.13 -13.52
N HIS G 174 -23.57 3.33 -14.82
CA HIS G 174 -22.94 2.31 -15.63
C HIS G 174 -21.55 2.69 -16.12
N VAL G 175 -21.14 3.95 -15.99
CA VAL G 175 -19.84 4.41 -16.47
C VAL G 175 -19.05 5.09 -15.35
N ILE G 176 -19.65 6.06 -14.68
CA ILE G 176 -18.90 6.89 -13.74
C ILE G 176 -18.70 6.16 -12.42
N ILE G 177 -19.79 5.63 -11.84
CA ILE G 177 -19.67 4.93 -10.56
C ILE G 177 -18.77 3.71 -10.69
N PRO G 178 -18.92 2.84 -11.69
CA PRO G 178 -17.97 1.72 -11.82
C PRO G 178 -16.53 2.20 -11.97
N ARG G 179 -16.30 3.29 -12.69
CA ARG G 179 -14.95 3.81 -12.86
C ARG G 179 -14.35 4.19 -11.51
N ILE G 180 -15.12 4.89 -10.68
CA ILE G 180 -14.62 5.33 -9.39
C ILE G 180 -14.45 4.14 -8.45
N GLU G 181 -15.34 3.16 -8.53
CA GLU G 181 -15.18 1.96 -7.71
C GLU G 181 -13.91 1.20 -8.07
N ARG G 182 -13.64 1.06 -9.37
CA ARG G 182 -12.40 0.41 -9.79
C ARG G 182 -11.18 1.21 -9.34
N THR G 183 -11.26 2.54 -9.44
CA THR G 183 -10.14 3.36 -8.98
C THR G 183 -9.91 3.17 -7.49
N LEU G 184 -10.98 3.12 -6.70
CA LEU G 184 -10.84 2.93 -5.27
C LEU G 184 -10.25 1.56 -4.94
N ALA G 185 -10.69 0.52 -5.64
CA ALA G 185 -10.12 -0.80 -5.42
C ALA G 185 -8.63 -0.81 -5.75
N TYR G 186 -8.25 -0.19 -6.87
CA TYR G 186 -6.84 -0.13 -7.23
C TYR G 186 -6.04 0.65 -6.21
N ILE G 187 -6.59 1.76 -5.71
CA ILE G 187 -5.88 2.56 -4.73
C ILE G 187 -5.67 1.76 -3.44
N ILE G 188 -6.71 1.03 -3.01
CA ILE G 188 -6.58 0.23 -1.81
C ILE G 188 -5.52 -0.85 -2.00
N THR G 189 -5.52 -1.51 -3.15
CA THR G 189 -4.51 -2.53 -3.42
C THR G 189 -3.12 -1.94 -3.40
N GLU G 190 -2.94 -0.77 -4.02
CA GLU G 190 -1.61 -0.17 -4.10
C GLU G 190 -1.12 0.31 -2.74
N LEU G 191 -2.03 0.82 -1.91
CA LEU G 191 -1.64 1.18 -0.55
C LEU G 191 -1.28 -0.06 0.25
N ASP G 192 -1.98 -1.17 0.04
CA ASP G 192 -1.57 -2.43 0.65
C ASP G 192 -0.17 -2.81 0.20
N GLU G 193 0.14 -2.62 -1.08
CA GLU G 193 1.48 -2.92 -1.56
C GLU G 193 2.53 -2.03 -0.90
N ARG G 194 2.22 -0.74 -0.74
CA ARG G 194 3.17 0.15 -0.07
C ARG G 194 3.42 -0.31 1.36
N GLU G 195 2.35 -0.70 2.06
CA GLU G 195 2.51 -1.19 3.43
C GLU G 195 3.34 -2.48 3.44
N ARG G 196 3.11 -3.36 2.47
CA ARG G 196 3.89 -4.60 2.41
C ARG G 196 5.37 -4.32 2.19
N GLU G 197 5.68 -3.39 1.29
CA GLU G 197 7.08 -3.04 1.04
C GLU G 197 7.72 -2.42 2.28
N GLU G 198 7.00 -1.52 2.95
CA GLU G 198 7.54 -0.93 4.17
C GLU G 198 7.76 -2.00 5.24
N PHE G 199 6.82 -2.93 5.37
CA PHE G 199 6.99 -4.02 6.32
C PHE G 199 8.22 -4.84 5.98
N TYR G 200 8.43 -5.15 4.71
CA TYR G 200 9.60 -5.93 4.33
C TYR G 200 10.89 -5.19 4.66
N ARG G 201 10.94 -3.89 4.37
CA ARG G 201 12.15 -3.13 4.67
C ARG G 201 12.41 -3.09 6.17
N LEU G 202 11.36 -2.89 6.98
CA LEU G 202 11.56 -2.84 8.43
C LEU G 202 11.96 -4.19 8.99
N LYS G 203 11.37 -5.27 8.46
CA LYS G 203 11.76 -6.61 8.90
C LYS G 203 13.21 -6.89 8.54
N LYS G 204 13.63 -6.48 7.35
CA LYS G 204 15.03 -6.66 6.95
C LYS G 204 15.95 -5.87 7.86
N ILE G 205 15.56 -4.64 8.19
CA ILE G 205 16.39 -3.82 9.08
C ILE G 205 16.48 -4.44 10.46
N GLN G 206 15.37 -4.99 10.96
CA GLN G 206 15.40 -5.65 12.26
C GLN G 206 16.32 -6.86 12.24
N GLU G 207 16.26 -7.66 11.17
CA GLU G 207 17.14 -8.81 11.05
C GLU G 207 18.60 -8.38 11.02
N LYS G 208 18.91 -7.32 10.26
CA LYS G 208 20.28 -6.85 10.20
C LYS G 208 20.75 -6.32 11.54
N LYS G 209 19.87 -5.63 12.27
CA LYS G 209 20.24 -5.16 13.60
C LYS G 209 20.52 -6.33 14.54
N LYS G 210 19.69 -7.38 14.48
CA LYS G 210 19.95 -8.55 15.31
C LYS G 210 21.30 -9.18 14.95
N ILE G 211 21.59 -9.30 13.66
CA ILE G 211 22.87 -9.89 13.26
C ILE G 211 24.04 -9.04 13.73
N ILE G 212 23.90 -7.71 13.65
CA ILE G 212 24.96 -6.83 14.10
C ILE G 212 25.15 -6.93 15.61
N LYS G 213 24.05 -7.04 16.36
CA LYS G 213 24.16 -7.21 17.80
C LYS G 213 24.88 -8.52 18.14
N GLU G 214 24.55 -9.59 17.42
CA GLU G 214 25.28 -10.85 17.62
C GLU G 214 26.76 -10.68 17.28
N LYS G 215 27.06 -9.95 16.21
CA LYS G 215 28.46 -9.71 15.84
C LYS G 215 29.21 -9.00 16.96
N SER G 216 28.58 -7.97 17.54
CA SER G 216 29.20 -7.29 18.66
C SER G 216 29.30 -8.17 19.90
N GLU G 217 28.51 -9.24 19.96
CA GLU G 217 28.56 -10.17 21.08
C GLU G 217 29.17 -11.50 20.67
N ILE H 53 -40.93 -39.31 -21.22
CA ILE H 53 -40.71 -40.65 -20.69
C ILE H 53 -39.40 -41.19 -21.24
N MET H 54 -39.17 -41.01 -22.55
CA MET H 54 -37.94 -41.48 -23.16
C MET H 54 -36.73 -40.81 -22.53
N GLU H 55 -36.81 -39.51 -22.27
CA GLU H 55 -35.68 -38.80 -21.68
C GLU H 55 -35.33 -39.35 -20.31
N TYR H 56 -36.33 -39.57 -19.47
CA TYR H 56 -36.08 -40.03 -18.10
C TYR H 56 -35.40 -41.39 -18.09
N TYR H 57 -35.98 -42.36 -18.80
CA TYR H 57 -35.42 -43.70 -18.79
C TYR H 57 -34.13 -43.80 -19.59
N GLU H 58 -33.92 -42.93 -20.57
CA GLU H 58 -32.61 -42.90 -21.23
C GLU H 58 -31.54 -42.31 -20.33
N LYS H 59 -31.89 -41.33 -19.49
CA LYS H 59 -30.95 -40.88 -18.47
C LYS H 59 -30.61 -42.02 -17.51
N LYS H 60 -31.63 -42.76 -17.07
CA LYS H 60 -31.38 -43.92 -16.22
C LYS H 60 -30.45 -44.91 -16.89
N GLU H 61 -30.73 -45.25 -18.15
CA GLU H 61 -29.91 -46.22 -18.87
C GLU H 61 -28.49 -45.71 -19.08
N LYS H 62 -28.33 -44.40 -19.32
CA LYS H 62 -26.99 -43.84 -19.46
C LYS H 62 -26.22 -43.97 -18.15
N GLN H 63 -26.88 -43.76 -17.02
CA GLN H 63 -26.21 -43.99 -15.74
C GLN H 63 -25.85 -45.46 -15.55
N ILE H 64 -26.72 -46.37 -16.00
CA ILE H 64 -26.40 -47.80 -15.93
C ILE H 64 -25.17 -48.10 -16.76
N GLU H 65 -25.10 -47.54 -17.97
CA GLU H 65 -23.94 -47.76 -18.83
C GLU H 65 -22.68 -47.18 -18.22
N GLN H 66 -22.80 -46.02 -17.57
CA GLN H 66 -21.66 -45.44 -16.86
C GLN H 66 -21.18 -46.38 -15.76
N GLN H 67 -22.11 -46.97 -15.01
CA GLN H 67 -21.72 -47.91 -13.97
C GLN H 67 -21.03 -49.13 -14.58
N LYS H 68 -21.54 -49.64 -15.70
CA LYS H 68 -20.88 -50.76 -16.37
C LYS H 68 -19.46 -50.41 -16.77
N LYS H 69 -19.27 -49.24 -17.37
CA LYS H 69 -17.94 -48.84 -17.81
C LYS H 69 -17.00 -48.68 -16.62
N ILE H 70 -17.48 -48.08 -15.53
CA ILE H 70 -16.65 -47.90 -14.35
C ILE H 70 -16.29 -49.25 -13.75
N GLN H 71 -17.24 -50.19 -13.73
CA GLN H 71 -16.95 -51.52 -13.20
C GLN H 71 -15.88 -52.22 -14.01
N MET H 72 -15.99 -52.17 -15.35
CA MET H 72 -14.96 -52.79 -16.18
C MET H 72 -13.60 -52.15 -15.95
N SER H 73 -13.57 -50.82 -15.89
CA SER H 73 -12.31 -50.13 -15.66
C SER H 73 -11.70 -50.52 -14.32
N ASN H 74 -12.53 -50.61 -13.27
CA ASN H 74 -12.04 -51.00 -11.96
C ASN H 74 -11.49 -52.41 -11.97
N LEU H 75 -12.18 -53.32 -12.65
CA LEU H 75 -11.71 -54.71 -12.71
C LEU H 75 -10.35 -54.79 -13.40
N MET H 76 -10.20 -54.09 -14.52
CA MET H 76 -8.92 -54.13 -15.22
C MET H 76 -7.83 -53.46 -14.40
N ASN H 77 -8.16 -52.39 -13.68
CA ASN H 77 -7.19 -51.74 -12.80
C ASN H 77 -6.74 -52.69 -11.69
N GLN H 78 -7.68 -53.44 -11.12
CA GLN H 78 -7.30 -54.43 -10.11
C GLN H 78 -6.38 -55.49 -10.69
N ALA H 79 -6.65 -55.94 -11.92
CA ALA H 79 -5.76 -56.91 -12.54
C ALA H 79 -4.35 -56.34 -12.72
N ARG H 80 -4.27 -55.10 -13.20
CA ARG H 80 -2.97 -54.47 -13.40
C ARG H 80 -2.21 -54.34 -12.08
N LEU H 81 -2.90 -53.88 -11.04
CA LEU H 81 -2.25 -53.76 -9.74
C LEU H 81 -1.84 -55.11 -9.20
N LYS H 82 -2.61 -56.16 -9.48
CA LYS H 82 -2.24 -57.50 -9.02
C LYS H 82 -0.95 -57.95 -9.68
N VAL H 83 -0.81 -57.74 -11.00
CA VAL H 83 0.42 -58.17 -11.65
C VAL H 83 1.61 -57.33 -11.16
N LEU H 84 1.41 -56.02 -10.95
CA LEU H 84 2.49 -55.20 -10.41
C LEU H 84 2.89 -55.67 -9.02
N ARG H 85 1.92 -56.02 -8.18
CA ARG H 85 2.23 -56.49 -6.84
C ARG H 85 2.95 -57.83 -6.89
N ALA H 86 2.59 -58.70 -7.84
CA ALA H 86 3.33 -59.94 -8.02
C ALA H 86 4.78 -59.66 -8.39
N ARG H 87 5.00 -58.68 -9.27
CA ARG H 87 6.37 -58.32 -9.63
C ARG H 87 7.14 -57.81 -8.42
N ASP H 88 6.50 -56.96 -7.61
CA ASP H 88 7.16 -56.46 -6.41
C ASP H 88 7.46 -57.59 -5.43
N ASP H 89 6.57 -58.58 -5.35
CA ASP H 89 6.82 -59.74 -4.49
C ASP H 89 8.01 -60.53 -4.99
N LEU H 90 8.14 -60.69 -6.31
CA LEU H 90 9.32 -61.36 -6.86
C LEU H 90 10.59 -60.60 -6.51
N ILE H 91 10.55 -59.26 -6.62
CA ILE H 91 11.72 -58.46 -6.28
C ILE H 91 12.07 -58.60 -4.79
N THR H 92 11.04 -58.60 -3.94
CA THR H 92 11.28 -58.77 -2.50
C THR H 92 11.85 -60.15 -2.20
N ASP H 93 11.40 -61.17 -2.93
CA ASP H 93 11.97 -62.50 -2.76
C ASP H 93 13.45 -62.49 -3.13
N LEU H 94 13.80 -61.82 -4.23
CA LEU H 94 15.20 -61.73 -4.61
C LEU H 94 16.02 -61.02 -3.55
N LEU H 95 15.49 -59.93 -3.00
CA LEU H 95 16.21 -59.21 -1.95
C LEU H 95 16.36 -60.05 -0.69
N ASN H 96 15.32 -60.82 -0.34
CA ASN H 96 15.42 -61.68 0.84
C ASN H 96 16.46 -62.76 0.63
N GLU H 97 16.53 -63.34 -0.57
CA GLU H 97 17.56 -64.33 -0.84
C GLU H 97 18.94 -63.70 -0.81
N ALA H 98 19.06 -62.44 -1.25
CA ALA H 98 20.32 -61.72 -1.12
C ALA H 98 20.71 -61.56 0.35
N LYS H 99 19.74 -61.21 1.19
CA LYS H 99 20.00 -61.07 2.62
C LYS H 99 20.47 -62.40 3.21
N GLN H 100 19.81 -63.50 2.83
CA GLN H 100 20.21 -64.81 3.32
C GLN H 100 21.64 -65.15 2.86
N ARG H 101 21.96 -64.82 1.60
CA ARG H 101 23.30 -65.10 1.10
C ARG H 101 24.34 -64.27 1.85
N LEU H 102 24.04 -63.00 2.15
CA LEU H 102 24.96 -62.20 2.94
C LEU H 102 25.15 -62.78 4.33
N SER H 103 24.07 -63.22 4.97
CA SER H 103 24.19 -63.84 6.28
C SER H 103 25.06 -65.09 6.21
N LYS H 104 24.90 -65.88 5.15
CA LYS H 104 25.75 -67.07 4.98
C LYS H 104 27.21 -66.67 4.80
N VAL H 105 27.48 -65.66 3.98
CA VAL H 105 28.85 -65.24 3.74
C VAL H 105 29.49 -64.70 5.01
N VAL H 106 28.69 -64.12 5.90
CA VAL H 106 29.22 -63.61 7.15
C VAL H 106 29.87 -64.73 7.95
N LYS H 107 29.39 -65.97 7.79
CA LYS H 107 29.97 -67.09 8.53
C LYS H 107 31.42 -67.34 8.14
N ASP H 108 31.75 -67.16 6.87
CA ASP H 108 33.12 -67.33 6.40
C ASP H 108 33.98 -66.27 7.08
N THR H 109 34.82 -66.70 8.02
CA THR H 109 35.53 -65.75 8.88
C THR H 109 36.52 -64.90 8.09
N THR H 110 37.14 -65.48 7.06
CA THR H 110 38.13 -64.73 6.30
C THR H 110 37.49 -63.65 5.45
N ARG H 111 36.52 -64.03 4.61
CA ARG H 111 35.82 -63.05 3.79
C ARG H 111 35.09 -62.05 4.67
N TYR H 112 34.50 -62.51 5.77
CA TYR H 112 33.81 -61.59 6.67
C TYR H 112 34.79 -60.63 7.31
N GLN H 113 36.00 -61.09 7.63
CA GLN H 113 37.02 -60.20 8.18
C GLN H 113 37.40 -59.14 7.17
N VAL H 114 37.57 -59.52 5.91
CA VAL H 114 37.89 -58.54 4.88
C VAL H 114 36.76 -57.53 4.73
N LEU H 115 35.52 -58.01 4.73
CA LEU H 115 34.37 -57.13 4.60
C LEU H 115 34.26 -56.19 5.80
N LEU H 116 34.55 -56.69 7.00
CA LEU H 116 34.53 -55.84 8.18
C LEU H 116 35.61 -54.77 8.11
N ASP H 117 36.81 -55.13 7.63
CA ASP H 117 37.83 -54.13 7.37
C ASP H 117 37.28 -53.04 6.48
N GLY H 118 36.68 -53.44 5.36
CA GLY H 118 36.14 -52.47 4.43
C GLY H 118 35.11 -51.56 5.07
N LEU H 119 34.16 -52.15 5.80
CA LEU H 119 33.08 -51.38 6.40
C LEU H 119 33.61 -50.40 7.43
N VAL H 120 34.51 -50.86 8.31
CA VAL H 120 35.05 -50.01 9.35
C VAL H 120 35.81 -48.84 8.74
N LEU H 121 36.69 -49.13 7.78
CA LEU H 121 37.47 -48.06 7.18
C LEU H 121 36.57 -47.08 6.43
N GLN H 122 35.55 -47.59 5.73
CA GLN H 122 34.64 -46.72 5.01
C GLN H 122 33.89 -45.80 5.97
N GLY H 123 33.43 -46.34 7.09
CA GLY H 123 32.77 -45.50 8.08
C GLY H 123 33.70 -44.44 8.64
N LEU H 124 34.93 -44.82 8.96
CA LEU H 124 35.90 -43.84 9.46
C LEU H 124 36.12 -42.74 8.44
N TYR H 125 36.28 -43.10 7.17
CA TYR H 125 36.48 -42.09 6.13
C TYR H 125 35.26 -41.21 5.97
N GLN H 126 34.06 -41.76 6.17
CA GLN H 126 32.85 -40.96 6.03
C GLN H 126 32.70 -39.98 7.18
N LEU H 127 33.17 -40.34 8.37
CA LEU H 127 33.00 -39.45 9.52
C LEU H 127 34.12 -38.41 9.59
N LEU H 128 35.38 -38.85 9.57
CA LEU H 128 36.52 -37.95 9.68
C LEU H 128 36.46 -37.13 10.96
N GLU H 129 36.23 -37.82 12.07
CA GLU H 129 36.18 -37.22 13.39
C GLU H 129 37.50 -37.42 14.12
N PRO H 130 37.72 -36.71 15.22
CA PRO H 130 38.90 -36.99 16.05
C PRO H 130 38.67 -38.16 16.99
N ARG H 131 37.41 -38.42 17.34
CA ARG H 131 37.04 -39.53 18.20
C ARG H 131 35.86 -40.26 17.57
N MET H 132 35.99 -41.58 17.45
CA MET H 132 34.93 -42.40 16.85
C MET H 132 34.70 -43.64 17.70
N ILE H 133 33.48 -44.16 17.59
CA ILE H 133 33.05 -45.33 18.36
C ILE H 133 32.41 -46.31 17.39
N VAL H 134 32.96 -47.52 17.32
CA VAL H 134 32.45 -48.58 16.45
C VAL H 134 31.53 -49.46 17.29
N ARG H 135 30.32 -49.67 16.79
CA ARG H 135 29.33 -50.52 17.44
C ARG H 135 29.08 -51.73 16.55
N CYS H 136 29.21 -52.92 17.12
CA CYS H 136 29.15 -54.16 16.37
C CYS H 136 28.39 -55.20 17.18
N ARG H 137 28.00 -56.27 16.49
CA ARG H 137 27.42 -57.41 17.19
C ARG H 137 28.47 -58.01 18.12
N LYS H 138 28.03 -58.47 19.29
CA LYS H 138 28.95 -59.09 20.22
C LYS H 138 29.67 -60.28 19.60
N GLN H 139 28.93 -61.10 18.86
CA GLN H 139 29.52 -62.26 18.21
C GLN H 139 30.70 -61.87 17.33
N ASP H 140 30.69 -60.66 16.78
CA ASP H 140 31.72 -60.20 15.86
C ASP H 140 32.74 -59.29 16.52
N PHE H 141 32.75 -59.19 17.84
CA PHE H 141 33.69 -58.27 18.48
C PHE H 141 35.14 -58.56 18.11
N PRO H 142 35.62 -59.80 18.10
CA PRO H 142 37.03 -60.01 17.70
C PRO H 142 37.34 -59.47 16.32
N LEU H 143 36.65 -59.95 15.29
CA LEU H 143 36.95 -59.49 13.93
C LEU H 143 36.91 -57.97 13.86
N VAL H 144 35.84 -57.35 14.36
CA VAL H 144 35.76 -55.90 14.33
C VAL H 144 36.99 -55.28 14.96
N LYS H 145 37.39 -55.77 16.14
CA LYS H 145 38.59 -55.25 16.76
C LYS H 145 39.76 -55.29 15.79
N ALA H 146 40.01 -56.47 15.20
CA ALA H 146 41.09 -56.56 14.23
C ALA H 146 40.95 -55.49 13.16
N ALA H 147 39.75 -55.37 12.59
CA ALA H 147 39.53 -54.34 11.58
C ALA H 147 39.98 -52.98 12.07
N VAL H 148 39.52 -52.59 13.26
CA VAL H 148 39.91 -51.29 13.78
C VAL H 148 41.43 -51.22 13.93
N GLN H 149 42.03 -52.27 14.47
CA GLN H 149 43.48 -52.26 14.64
C GLN H 149 44.19 -52.05 13.32
N LYS H 150 43.60 -52.54 12.23
CA LYS H 150 44.22 -52.36 10.93
C LYS H 150 43.72 -51.10 10.23
N ALA H 151 42.55 -50.60 10.62
CA ALA H 151 42.01 -49.40 9.97
C ALA H 151 42.69 -48.15 10.47
N ILE H 152 43.06 -48.10 11.74
CA ILE H 152 43.64 -46.88 12.30
C ILE H 152 44.92 -46.46 11.57
N PRO H 153 45.89 -47.34 11.33
CA PRO H 153 47.07 -46.92 10.57
C PRO H 153 46.72 -46.37 9.19
N MET H 154 46.02 -47.16 8.36
CA MET H 154 45.69 -46.70 7.02
C MET H 154 44.95 -45.37 7.06
N TYR H 155 43.99 -45.24 7.98
CA TYR H 155 43.30 -43.96 8.13
C TYR H 155 44.30 -42.83 8.34
N LYS H 156 45.21 -43.00 9.30
CA LYS H 156 46.23 -41.98 9.53
C LYS H 156 46.98 -41.66 8.25
N ILE H 157 47.28 -42.68 7.45
CA ILE H 157 48.02 -42.47 6.21
C ILE H 157 47.15 -41.73 5.21
N ALA H 158 45.87 -42.08 5.12
CA ALA H 158 45.03 -41.55 4.06
C ALA H 158 44.59 -40.11 4.34
N THR H 159 44.33 -39.78 5.60
CA THR H 159 43.77 -38.47 5.96
C THR H 159 44.75 -37.58 6.71
N LYS H 160 45.89 -38.10 7.14
CA LYS H 160 46.89 -37.34 7.88
C LYS H 160 46.38 -36.84 9.21
N LYS H 161 45.31 -37.43 9.74
CA LYS H 161 44.70 -37.01 10.99
C LYS H 161 45.10 -37.94 12.12
N ASP H 162 45.05 -37.40 13.34
CA ASP H 162 45.18 -38.21 14.55
C ASP H 162 43.79 -38.72 14.93
N VAL H 163 43.66 -40.04 15.05
CA VAL H 163 42.37 -40.69 15.22
C VAL H 163 42.36 -41.51 16.49
N ASP H 164 41.22 -41.49 17.18
CA ASP H 164 40.99 -42.27 18.39
C ASP H 164 39.71 -43.05 18.18
N VAL H 165 39.83 -44.33 17.85
CA VAL H 165 38.69 -45.20 17.56
C VAL H 165 38.55 -46.18 18.71
N GLN H 166 37.44 -46.09 19.43
CA GLN H 166 37.08 -47.07 20.44
C GLN H 166 35.98 -47.97 19.89
N ILE H 167 35.74 -49.08 20.58
CA ILE H 167 34.70 -50.03 20.20
C ILE H 167 33.67 -50.06 21.31
N ASP H 168 32.40 -49.92 20.95
CA ASP H 168 31.34 -49.87 21.95
C ASP H 168 31.13 -51.26 22.54
N LEU H 169 31.77 -51.52 23.67
CA LEU H 169 31.68 -52.81 24.33
C LEU H 169 30.44 -52.95 25.20
N GLU H 170 29.58 -51.93 25.25
CA GLU H 170 28.42 -51.93 26.12
C GLU H 170 27.08 -51.91 25.39
N ALA H 171 27.07 -51.56 24.11
CA ALA H 171 25.83 -51.35 23.36
C ALA H 171 25.88 -52.10 22.03
N TYR H 172 26.29 -53.37 22.08
CA TYR H 172 26.42 -54.17 20.88
C TYR H 172 25.14 -54.11 20.04
N LEU H 173 25.25 -54.33 18.74
CA LEU H 173 24.08 -54.35 17.88
C LEU H 173 23.24 -55.59 18.16
N PRO H 174 21.96 -55.57 17.77
CA PRO H 174 21.14 -56.77 17.91
C PRO H 174 21.73 -57.93 17.13
N GLU H 175 21.60 -59.14 17.68
CA GLU H 175 22.12 -60.32 17.02
C GLU H 175 21.32 -60.69 15.78
N ASP H 176 20.16 -60.07 15.56
CA ASP H 176 19.40 -60.30 14.33
C ASP H 176 20.06 -59.67 13.12
N ILE H 177 20.93 -58.67 13.33
CA ILE H 177 21.63 -58.03 12.22
C ILE H 177 22.51 -59.05 11.51
N ALA H 178 22.50 -59.03 10.18
CA ALA H 178 23.32 -59.96 9.42
C ALA H 178 24.79 -59.75 9.71
N GLY H 179 25.22 -58.50 9.82
CA GLY H 179 26.62 -58.22 10.11
C GLY H 179 26.88 -56.73 10.01
N GLY H 180 28.16 -56.40 9.82
CA GLY H 180 28.56 -55.02 9.66
C GLY H 180 28.65 -54.28 10.97
N VAL H 181 28.82 -52.97 10.88
CA VAL H 181 29.11 -52.11 12.02
C VAL H 181 28.31 -50.82 11.91
N GLU H 182 28.43 -49.99 12.94
CA GLU H 182 27.87 -48.64 12.91
C GLU H 182 28.82 -47.73 13.66
N ILE H 183 29.32 -46.69 13.00
CA ILE H 183 30.35 -45.83 13.57
C ILE H 183 29.71 -44.51 13.95
N TYR H 184 29.83 -44.15 15.22
CA TYR H 184 29.35 -42.90 15.76
C TYR H 184 30.52 -41.96 16.01
N ASN H 185 30.25 -40.66 15.98
CA ASN H 185 31.28 -39.70 16.31
C ASN H 185 31.52 -39.68 17.82
N GLY H 186 32.34 -38.74 18.28
CA GLY H 186 32.72 -38.72 19.68
C GLY H 186 31.52 -38.63 20.60
N ASP H 187 30.60 -37.71 20.31
CA ASP H 187 29.44 -37.48 21.16
C ASP H 187 28.21 -38.27 20.73
N ARG H 188 28.34 -39.14 19.73
CA ARG H 188 27.28 -40.06 19.31
C ARG H 188 26.12 -39.35 18.63
N LYS H 189 26.28 -38.10 18.23
CA LYS H 189 25.23 -37.39 17.52
C LYS H 189 25.22 -37.66 16.03
N ILE H 190 26.35 -38.06 15.46
CA ILE H 190 26.47 -38.33 14.03
C ILE H 190 26.80 -39.80 13.85
N LYS H 191 25.94 -40.51 13.13
CA LYS H 191 26.05 -41.94 12.95
C LYS H 191 26.17 -42.28 11.48
N VAL H 192 27.05 -43.22 11.15
CA VAL H 192 27.17 -43.77 9.82
C VAL H 192 26.99 -45.28 9.95
N SER H 193 25.94 -45.81 9.33
CA SER H 193 25.51 -47.19 9.50
C SER H 193 26.06 -48.03 8.35
N ASN H 194 27.03 -48.88 8.64
CA ASN H 194 27.63 -49.76 7.67
C ASN H 194 27.29 -51.21 8.03
N THR H 195 26.02 -51.45 8.33
CA THR H 195 25.52 -52.80 8.50
C THR H 195 25.23 -53.42 7.13
N LEU H 196 25.22 -54.75 7.09
CA LEU H 196 24.93 -55.42 5.83
C LEU H 196 23.50 -55.14 5.36
N GLU H 197 22.56 -54.98 6.28
CA GLU H 197 21.22 -54.57 5.89
C GLU H 197 21.24 -53.21 5.22
N SER H 198 21.93 -52.24 5.83
CA SER H 198 21.98 -50.90 5.27
C SER H 198 22.68 -50.88 3.92
N ARG H 199 23.82 -51.57 3.81
CA ARG H 199 24.53 -51.62 2.54
C ARG H 199 23.68 -52.29 1.47
N LEU H 200 23.02 -53.40 1.81
CA LEU H 200 22.21 -54.11 0.84
C LEU H 200 21.07 -53.23 0.35
N ASP H 201 20.39 -52.54 1.26
CA ASP H 201 19.30 -51.66 0.84
C ASP H 201 19.83 -50.51 0.00
N LEU H 202 20.94 -49.90 0.41
CA LEU H 202 21.49 -48.77 -0.33
C LEU H 202 21.86 -49.18 -1.75
N ILE H 203 22.46 -50.36 -1.90
CA ILE H 203 22.83 -50.83 -3.23
C ILE H 203 21.60 -51.22 -4.04
N ALA H 204 20.66 -51.93 -3.41
CA ALA H 204 19.52 -52.45 -4.16
C ALA H 204 18.61 -51.34 -4.66
N GLN H 205 18.36 -50.32 -3.83
CA GLN H 205 17.48 -49.25 -4.26
C GLN H 205 18.06 -48.50 -5.45
N GLN H 206 19.38 -48.38 -5.52
CA GLN H 206 20.02 -47.76 -6.68
C GLN H 206 20.04 -48.69 -7.88
N MET H 207 20.17 -50.01 -7.65
CA MET H 207 20.27 -50.98 -8.73
C MET H 207 18.91 -51.44 -9.24
N MET H 208 17.82 -50.98 -8.65
CA MET H 208 16.50 -51.40 -9.11
C MET H 208 16.30 -51.28 -10.61
N PRO H 209 16.74 -50.21 -11.28
CA PRO H 209 16.66 -50.23 -12.75
C PRO H 209 17.38 -51.41 -13.39
N GLU H 210 18.59 -51.70 -12.93
CA GLU H 210 19.35 -52.82 -13.49
C GLU H 210 18.68 -54.15 -13.16
N VAL H 211 18.17 -54.30 -11.93
CA VAL H 211 17.51 -55.54 -11.54
C VAL H 211 16.25 -55.74 -12.38
N ARG H 212 15.49 -54.68 -12.58
CA ARG H 212 14.29 -54.77 -13.41
C ARG H 212 14.66 -55.17 -14.83
N GLY H 213 15.67 -54.52 -15.40
CA GLY H 213 16.08 -54.86 -16.76
C GLY H 213 16.54 -56.30 -16.88
N ALA H 214 17.26 -56.80 -15.87
CA ALA H 214 17.79 -58.15 -15.95
C ALA H 214 16.70 -59.20 -15.74
N LEU H 215 15.79 -58.97 -14.80
CA LEU H 215 14.78 -59.97 -14.49
C LEU H 215 13.63 -59.95 -15.49
N PHE H 216 13.03 -58.77 -15.71
CA PHE H 216 11.83 -58.66 -16.51
C PHE H 216 12.09 -58.00 -17.87
N GLY H 217 13.34 -58.04 -18.33
CA GLY H 217 13.66 -57.54 -19.66
C GLY H 217 13.53 -56.04 -19.77
N ALA H 218 14.21 -55.45 -20.76
CA ALA H 218 14.16 -54.02 -20.95
C ALA H 218 12.82 -53.62 -21.58
N ASN H 219 12.53 -52.32 -21.53
CA ASN H 219 11.31 -51.77 -22.09
C ASN H 219 11.55 -51.40 -23.55
N ALA H 220 10.82 -52.07 -24.45
CA ALA H 220 11.02 -51.83 -25.87
C ALA H 220 10.53 -50.45 -26.30
N ASN H 221 9.63 -49.84 -25.53
CA ASN H 221 9.14 -48.51 -25.89
C ASN H 221 10.13 -47.41 -25.54
N ARG H 222 11.13 -47.71 -24.71
CA ARG H 222 12.11 -46.72 -24.28
C ARG H 222 13.20 -46.62 -25.33
N LYS H 223 13.01 -45.70 -26.28
CA LYS H 223 13.98 -45.54 -27.35
C LYS H 223 15.23 -44.79 -26.90
N PHE H 224 15.06 -43.77 -26.06
CA PHE H 224 16.15 -42.91 -25.64
C PHE H 224 16.42 -43.06 -24.16
N LEU H 225 17.69 -43.11 -23.78
CA LEU H 225 18.11 -43.29 -22.40
C LEU H 225 18.50 -41.98 -21.74
N ASP H 226 18.28 -40.86 -22.39
CA ASP H 226 18.67 -39.55 -21.85
C ASP H 226 17.46 -38.62 -21.78
N LEU I 45 2.34 32.47 -61.46
CA LEU I 45 3.53 31.63 -61.58
C LEU I 45 4.75 32.32 -60.99
N VAL I 46 4.89 33.63 -61.26
CA VAL I 46 6.00 34.38 -60.72
C VAL I 46 5.97 34.36 -59.19
N GLN I 47 4.78 34.57 -58.62
CA GLN I 47 4.66 34.65 -57.16
C GLN I 47 5.14 33.37 -56.49
N THR I 48 4.62 32.22 -56.94
CA THR I 48 4.92 30.96 -56.25
C THR I 48 6.37 30.55 -56.44
N GLN I 49 6.87 30.62 -57.68
CA GLN I 49 8.26 30.26 -57.93
C GLN I 49 9.20 31.19 -57.17
N ARG I 50 8.90 32.50 -57.16
CA ARG I 50 9.72 33.43 -56.40
C ARG I 50 9.68 33.09 -54.92
N LEU I 51 8.50 32.78 -54.39
CA LEU I 51 8.40 32.46 -52.96
C LEU I 51 9.25 31.25 -52.61
N LYS I 52 9.19 30.20 -53.45
CA LYS I 52 10.00 29.02 -53.19
C LYS I 52 11.49 29.36 -53.26
N ILE I 53 11.88 30.20 -54.22
CA ILE I 53 13.30 30.51 -54.38
C ILE I 53 13.81 31.34 -53.20
N MET I 54 13.02 32.32 -52.74
CA MET I 54 13.41 33.06 -51.54
C MET I 54 13.46 32.14 -50.33
N GLU I 55 12.53 31.21 -50.22
CA GLU I 55 12.59 30.26 -49.09
C GLU I 55 13.91 29.49 -49.12
N TYR I 56 14.28 28.96 -50.29
CA TYR I 56 15.52 28.20 -50.41
C TYR I 56 16.73 29.07 -50.06
N TYR I 57 16.81 30.26 -50.66
CA TYR I 57 17.97 31.12 -50.45
C TYR I 57 18.06 31.55 -48.99
N GLU I 58 16.93 31.93 -48.38
CA GLU I 58 16.94 32.38 -47.00
C GLU I 58 17.30 31.25 -46.05
N LYS I 59 16.79 30.04 -46.30
CA LYS I 59 17.16 28.90 -45.46
C LYS I 59 18.66 28.63 -45.56
N LYS I 60 19.21 28.70 -46.78
CA LYS I 60 20.65 28.50 -46.92
C LYS I 60 21.42 29.62 -46.22
N GLU I 61 20.93 30.85 -46.26
CA GLU I 61 21.59 31.94 -45.56
C GLU I 61 21.56 31.73 -44.05
N LYS I 62 20.43 31.28 -43.51
CA LYS I 62 20.37 30.98 -42.08
C LYS I 62 21.31 29.84 -41.72
N GLN I 63 21.41 28.82 -42.57
CA GLN I 63 22.36 27.75 -42.33
C GLN I 63 23.79 28.27 -42.33
N ILE I 64 24.11 29.18 -43.26
CA ILE I 64 25.45 29.75 -43.32
C ILE I 64 25.74 30.56 -42.07
N GLU I 65 24.77 31.34 -41.60
CA GLU I 65 24.96 32.12 -40.38
C GLU I 65 25.15 31.21 -39.16
N GLN I 66 24.37 30.12 -39.08
CA GLN I 66 24.55 29.17 -37.99
C GLN I 66 25.93 28.53 -38.04
N GLN I 67 26.38 28.16 -39.25
CA GLN I 67 27.71 27.58 -39.38
C GLN I 67 28.79 28.58 -38.98
N LYS I 68 28.61 29.84 -39.34
CA LYS I 68 29.57 30.86 -38.94
C LYS I 68 29.60 31.00 -37.43
N LYS I 69 28.44 31.01 -36.78
CA LYS I 69 28.40 31.10 -35.33
C LYS I 69 29.10 29.92 -34.67
N ILE I 70 28.82 28.70 -35.18
CA ILE I 70 29.44 27.51 -34.60
C ILE I 70 30.95 27.52 -34.82
N GLN I 71 31.39 27.93 -36.01
CA GLN I 71 32.82 28.02 -36.27
C GLN I 71 33.47 29.05 -35.34
N MET I 72 32.81 30.19 -35.14
CA MET I 72 33.33 31.19 -34.21
C MET I 72 33.46 30.62 -32.81
N SER I 73 32.44 29.92 -32.34
CA SER I 73 32.47 29.38 -30.99
C SER I 73 33.59 28.35 -30.85
N ASN I 74 33.73 27.48 -31.83
CA ASN I 74 34.79 26.47 -31.78
C ASN I 74 36.16 27.14 -31.80
N LEU I 75 36.32 28.17 -32.63
CA LEU I 75 37.59 28.87 -32.71
C LEU I 75 37.97 29.50 -31.37
N MET I 76 37.01 30.19 -30.75
CA MET I 76 37.28 30.82 -29.45
C MET I 76 37.55 29.77 -28.37
N ASN I 77 36.80 28.66 -28.40
CA ASN I 77 37.06 27.59 -27.44
C ASN I 77 38.46 27.04 -27.60
N GLN I 78 38.89 26.81 -28.84
CA GLN I 78 40.23 26.30 -29.07
C GLN I 78 41.28 27.30 -28.60
N ALA I 79 41.06 28.59 -28.83
CA ALA I 79 42.02 29.59 -28.38
C ALA I 79 42.12 29.60 -26.85
N ARG I 80 40.97 29.59 -26.17
CA ARG I 80 40.98 29.56 -24.71
C ARG I 80 41.72 28.34 -24.19
N LEU I 81 41.39 27.16 -24.72
CA LEU I 81 42.02 25.94 -24.25
C LEU I 81 43.51 25.92 -24.57
N LYS I 82 43.91 26.50 -25.71
CA LYS I 82 45.33 26.56 -26.02
C LYS I 82 46.09 27.42 -25.03
N VAL I 83 45.54 28.58 -24.67
CA VAL I 83 46.19 29.42 -23.68
C VAL I 83 46.27 28.71 -22.34
N LEU I 84 45.17 28.06 -21.93
CA LEU I 84 45.18 27.34 -20.67
C LEU I 84 46.23 26.21 -20.70
N ARG I 85 46.33 25.51 -21.82
CA ARG I 85 47.30 24.43 -21.92
C ARG I 85 48.72 24.97 -21.87
N ALA I 86 48.97 26.14 -22.47
CA ALA I 86 50.28 26.75 -22.35
C ALA I 86 50.60 27.07 -20.89
N ARG I 87 49.62 27.59 -20.16
CA ARG I 87 49.84 27.87 -18.74
C ARG I 87 50.14 26.59 -17.97
N ASP I 88 49.39 25.52 -18.24
CA ASP I 88 49.64 24.26 -17.57
C ASP I 88 51.02 23.73 -17.90
N ASP I 89 51.45 23.88 -19.16
CA ASP I 89 52.78 23.43 -19.55
C ASP I 89 53.86 24.22 -18.82
N LEU I 90 53.65 25.53 -18.66
CA LEU I 90 54.63 26.31 -17.90
C LEU I 90 54.70 25.86 -16.45
N ILE I 91 53.56 25.58 -15.84
CA ILE I 91 53.58 25.10 -14.46
C ILE I 91 54.26 23.74 -14.37
N THR I 92 54.02 22.87 -15.35
CA THR I 92 54.68 21.57 -15.35
C THR I 92 56.18 21.71 -15.54
N ASP I 93 56.62 22.69 -16.35
CA ASP I 93 58.05 22.97 -16.46
C ASP I 93 58.61 23.41 -15.12
N LEU I 94 57.87 24.24 -14.39
CA LEU I 94 58.31 24.64 -13.05
C LEU I 94 58.46 23.42 -12.15
N LEU I 95 57.48 22.52 -12.19
CA LEU I 95 57.56 21.33 -11.34
C LEU I 95 58.73 20.43 -11.74
N ASN I 96 58.99 20.29 -13.03
CA ASN I 96 60.16 19.52 -13.46
C ASN I 96 61.45 20.16 -13.01
N GLU I 97 61.52 21.50 -13.04
CA GLU I 97 62.70 22.18 -12.52
C GLU I 97 62.86 21.91 -11.04
N ALA I 98 61.75 21.90 -10.29
CA ALA I 98 61.83 21.57 -8.87
C ALA I 98 62.33 20.16 -8.66
N LYS I 99 61.88 19.22 -9.48
CA LYS I 99 62.37 17.85 -9.40
C LYS I 99 63.88 17.80 -9.63
N GLN I 100 64.36 18.54 -10.64
CA GLN I 100 65.80 18.57 -10.91
C GLN I 100 66.56 19.17 -9.73
N ARG I 101 66.01 20.22 -9.12
CA ARG I 101 66.67 20.84 -7.98
C ARG I 101 66.76 19.87 -6.81
N LEU I 102 65.69 19.11 -6.56
CA LEU I 102 65.75 18.11 -5.50
C LEU I 102 66.76 17.02 -5.81
N SER I 103 66.82 16.59 -7.07
CA SER I 103 67.80 15.57 -7.45
C SER I 103 69.22 16.09 -7.28
N LYS I 104 69.44 17.39 -7.47
CA LYS I 104 70.73 17.98 -7.13
C LYS I 104 70.96 17.97 -5.64
N VAL I 105 69.94 18.35 -4.86
CA VAL I 105 70.11 18.50 -3.43
C VAL I 105 70.48 17.17 -2.79
N VAL I 106 69.87 16.07 -3.25
CA VAL I 106 70.13 14.78 -2.62
C VAL I 106 71.62 14.44 -2.69
N LYS I 107 72.31 14.90 -3.74
CA LYS I 107 73.72 14.58 -3.88
C LYS I 107 74.57 15.21 -2.77
N ASP I 108 74.13 16.34 -2.24
CA ASP I 108 74.84 16.99 -1.14
C ASP I 108 74.58 16.18 0.13
N THR I 109 75.53 15.32 0.48
CA THR I 109 75.30 14.35 1.55
C THR I 109 75.00 15.03 2.88
N THR I 110 75.67 16.16 3.17
CA THR I 110 75.44 16.82 4.44
C THR I 110 74.01 17.30 4.59
N ARG I 111 73.43 17.85 3.51
CA ARG I 111 72.03 18.26 3.55
C ARG I 111 71.10 17.07 3.48
N TYR I 112 71.43 16.11 2.62
CA TYR I 112 70.54 14.97 2.41
C TYR I 112 70.42 14.12 3.67
N GLN I 113 71.48 14.05 4.48
CA GLN I 113 71.39 13.28 5.72
C GLN I 113 70.34 13.86 6.65
N VAL I 114 70.37 15.18 6.84
CA VAL I 114 69.37 15.82 7.71
C VAL I 114 67.98 15.66 7.12
N LEU I 115 67.85 15.87 5.81
CA LEU I 115 66.55 15.72 5.17
C LEU I 115 66.02 14.30 5.35
N LEU I 116 66.90 13.30 5.21
CA LEU I 116 66.50 11.91 5.33
C LEU I 116 66.12 11.56 6.76
N ASP I 117 66.85 12.11 7.73
CA ASP I 117 66.45 11.92 9.13
C ASP I 117 65.05 12.47 9.36
N GLY I 118 64.80 13.68 8.87
CA GLY I 118 63.47 14.26 9.01
C GLY I 118 62.41 13.39 8.37
N LEU I 119 62.66 12.92 7.14
CA LEU I 119 61.67 12.10 6.44
C LEU I 119 61.40 10.80 7.18
N VAL I 120 62.44 10.12 7.65
CA VAL I 120 62.26 8.84 8.31
C VAL I 120 61.49 9.04 9.62
N LEU I 121 61.86 10.05 10.41
CA LEU I 121 61.15 10.29 11.65
C LEU I 121 59.69 10.66 11.39
N GLN I 122 59.45 11.45 10.33
CA GLN I 122 58.09 11.82 9.99
C GLN I 122 57.26 10.59 9.63
N GLY I 123 57.83 9.69 8.84
CA GLY I 123 57.12 8.46 8.51
C GLY I 123 56.82 7.62 9.74
N LEU I 124 57.80 7.49 10.62
CA LEU I 124 57.59 6.72 11.85
C LEU I 124 56.47 7.32 12.68
N TYR I 125 56.45 8.65 12.81
CA TYR I 125 55.39 9.30 13.57
C TYR I 125 54.04 9.10 12.89
N GLN I 126 54.00 9.13 11.56
CA GLN I 126 52.74 8.91 10.86
C GLN I 126 52.22 7.50 11.09
N LEU I 127 53.11 6.51 11.16
CA LEU I 127 52.66 5.12 11.27
C LEU I 127 52.29 4.76 12.70
N LEU I 128 53.19 4.99 13.66
CA LEU I 128 52.96 4.61 15.06
C LEU I 128 52.66 3.12 15.17
N GLU I 129 53.57 2.31 14.65
CA GLU I 129 53.48 0.86 14.72
C GLU I 129 54.55 0.29 15.63
N PRO I 130 54.36 -0.93 16.13
CA PRO I 130 55.42 -1.55 16.95
C PRO I 130 56.56 -2.11 16.13
N ARG I 131 56.36 -2.40 14.85
CA ARG I 131 57.39 -2.97 13.99
C ARG I 131 57.25 -2.37 12.61
N MET I 132 58.31 -1.72 12.12
CA MET I 132 58.25 -1.01 10.85
C MET I 132 59.45 -1.36 9.99
N ILE I 133 59.26 -1.21 8.68
CA ILE I 133 60.27 -1.49 7.67
C ILE I 133 60.48 -0.22 6.86
N VAL I 134 61.70 -0.02 6.40
CA VAL I 134 62.08 1.18 5.66
C VAL I 134 62.67 0.75 4.32
N ARG I 135 61.99 1.12 3.23
CA ARG I 135 62.53 0.95 1.89
C ARG I 135 63.26 2.23 1.49
N CYS I 136 64.48 2.05 0.99
CA CYS I 136 65.34 3.17 0.61
C CYS I 136 66.11 2.78 -0.65
N ARG I 137 66.67 3.78 -1.31
CA ARG I 137 67.53 3.52 -2.46
C ARG I 137 68.79 2.79 -2.00
N LYS I 138 69.31 1.93 -2.88
CA LYS I 138 70.44 1.09 -2.50
C LYS I 138 71.65 1.93 -2.12
N GLN I 139 71.95 2.96 -2.91
CA GLN I 139 73.09 3.82 -2.60
C GLN I 139 72.85 4.72 -1.41
N ASP I 140 71.59 4.95 -1.04
CA ASP I 140 71.24 5.75 0.12
C ASP I 140 71.14 4.92 1.39
N PHE I 141 71.45 3.63 1.34
CA PHE I 141 71.30 2.78 2.50
C PHE I 141 72.08 3.25 3.71
N PRO I 142 73.36 3.66 3.59
CA PRO I 142 74.05 4.17 4.79
C PRO I 142 73.36 5.36 5.41
N LEU I 143 72.87 6.29 4.59
CA LEU I 143 72.20 7.47 5.12
C LEU I 143 70.88 7.09 5.81
N VAL I 144 70.12 6.18 5.22
CA VAL I 144 68.87 5.76 5.85
C VAL I 144 69.16 5.00 7.15
N LYS I 145 70.25 4.23 7.17
CA LYS I 145 70.64 3.54 8.39
C LYS I 145 70.94 4.55 9.50
N ALA I 146 71.72 5.58 9.18
CA ALA I 146 71.99 6.62 10.17
C ALA I 146 70.72 7.33 10.59
N ALA I 147 69.82 7.58 9.64
CA ALA I 147 68.56 8.26 9.95
C ALA I 147 67.71 7.43 10.91
N VAL I 148 67.61 6.12 10.65
CA VAL I 148 66.84 5.25 11.55
C VAL I 148 67.50 5.17 12.91
N GLN I 149 68.84 5.12 12.94
CA GLN I 149 69.55 5.09 14.22
C GLN I 149 69.25 6.34 15.03
N LYS I 150 69.22 7.51 14.38
CA LYS I 150 68.88 8.74 15.07
C LYS I 150 67.41 8.74 15.51
N ALA I 151 66.53 8.23 14.65
CA ALA I 151 65.09 8.39 14.88
C ALA I 151 64.56 7.46 15.96
N ILE I 152 65.09 6.24 16.05
CA ILE I 152 64.55 5.28 17.01
C ILE I 152 64.55 5.82 18.43
N PRO I 153 65.67 6.35 18.96
CA PRO I 153 65.61 6.92 20.32
C PRO I 153 64.68 8.10 20.43
N MET I 154 64.72 9.02 19.45
CA MET I 154 63.81 10.16 19.49
C MET I 154 62.36 9.71 19.36
N TYR I 155 62.10 8.70 18.53
CA TYR I 155 60.74 8.17 18.43
C TYR I 155 60.28 7.62 19.76
N LYS I 156 61.13 6.83 20.42
CA LYS I 156 60.76 6.29 21.73
C LYS I 156 60.49 7.40 22.73
N ILE I 157 61.34 8.42 22.75
CA ILE I 157 61.18 9.50 23.71
C ILE I 157 59.87 10.25 23.46
N ALA I 158 59.58 10.55 22.19
CA ALA I 158 58.42 11.38 21.88
C ALA I 158 57.11 10.63 22.00
N THR I 159 57.08 9.34 21.66
CA THR I 159 55.84 8.58 21.67
C THR I 159 55.71 7.63 22.85
N LYS I 160 56.73 7.53 23.71
CA LYS I 160 56.70 6.63 24.86
C LYS I 160 56.40 5.18 24.46
N LYS I 161 56.66 4.84 23.20
CA LYS I 161 56.31 3.53 22.65
C LYS I 161 57.56 2.89 22.06
N ASP I 162 57.89 1.69 22.54
CA ASP I 162 59.04 0.97 21.99
C ASP I 162 58.75 0.56 20.55
N VAL I 163 59.82 0.51 19.75
CA VAL I 163 59.68 0.30 18.31
C VAL I 163 60.88 -0.48 17.79
N ASP I 164 60.63 -1.28 16.76
CA ASP I 164 61.67 -2.01 16.04
C ASP I 164 61.59 -1.62 14.57
N VAL I 165 62.62 -0.94 14.08
CA VAL I 165 62.67 -0.44 12.72
C VAL I 165 63.78 -1.19 11.98
N GLN I 166 63.42 -1.81 10.85
CA GLN I 166 64.35 -2.57 10.04
C GLN I 166 64.42 -1.98 8.64
N ILE I 167 65.63 -1.80 8.13
CA ILE I 167 65.81 -1.31 6.77
C ILE I 167 65.72 -2.49 5.81
N ASP I 168 64.85 -2.37 4.81
CA ASP I 168 64.63 -3.46 3.86
C ASP I 168 65.83 -3.53 2.92
N LEU I 169 66.74 -4.45 3.20
CA LEU I 169 67.93 -4.64 2.37
C LEU I 169 67.66 -5.54 1.17
N GLU I 170 66.46 -6.09 1.03
CA GLU I 170 66.14 -6.96 -0.10
C GLU I 170 65.51 -6.18 -1.23
N ALA I 171 64.36 -5.54 -0.98
CA ALA I 171 63.62 -4.82 -2.01
C ALA I 171 63.86 -3.32 -1.85
N TYR I 172 64.93 -2.85 -2.46
CA TYR I 172 65.22 -1.43 -2.44
C TYR I 172 64.28 -0.67 -3.37
N LEU I 173 64.22 0.64 -3.17
CA LEU I 173 63.46 1.49 -4.06
C LEU I 173 64.14 1.59 -5.42
N PRO I 174 63.40 1.96 -6.47
CA PRO I 174 64.05 2.20 -7.76
C PRO I 174 65.13 3.27 -7.62
N GLU I 175 66.25 3.05 -8.31
CA GLU I 175 67.39 3.95 -8.21
C GLU I 175 67.21 5.24 -8.98
N ASP I 176 66.19 5.34 -9.84
CA ASP I 176 65.88 6.59 -10.52
C ASP I 176 65.18 7.59 -9.60
N ILE I 177 64.55 7.12 -8.53
CA ILE I 177 63.84 8.01 -7.63
C ILE I 177 64.80 9.03 -7.04
N ALA I 178 64.31 10.26 -6.86
CA ALA I 178 65.18 11.35 -6.39
C ALA I 178 65.72 11.06 -5.00
N GLY I 179 64.91 10.52 -4.10
CA GLY I 179 65.36 10.23 -2.76
C GLY I 179 64.20 9.93 -1.84
N GLY I 180 64.43 10.13 -0.55
CA GLY I 180 63.42 9.87 0.44
C GLY I 180 63.36 8.39 0.80
N VAL I 181 62.27 8.02 1.46
CA VAL I 181 62.08 6.67 2.00
C VAL I 181 60.63 6.27 1.85
N GLU I 182 60.34 5.01 2.22
CA GLU I 182 58.97 4.52 2.33
C GLU I 182 58.87 3.62 3.53
N ILE I 183 58.00 3.95 4.48
CA ILE I 183 57.90 3.22 5.75
C ILE I 183 56.65 2.36 5.69
N TYR I 184 56.84 1.05 5.85
CA TYR I 184 55.76 0.08 5.91
C TYR I 184 55.59 -0.42 7.34
N ASN I 185 54.38 -0.84 7.68
CA ASN I 185 54.13 -1.41 8.99
C ASN I 185 54.63 -2.86 9.00
N GLY I 186 54.32 -3.60 10.05
CA GLY I 186 54.87 -4.95 10.19
C GLY I 186 54.49 -5.85 9.03
N ASP I 187 53.21 -5.89 8.69
CA ASP I 187 52.73 -6.77 7.63
C ASP I 187 52.74 -6.11 6.26
N ARG I 188 53.14 -4.84 6.17
CA ARG I 188 53.26 -4.09 4.92
C ARG I 188 51.92 -3.77 4.29
N LYS I 189 50.81 -3.93 5.01
CA LYS I 189 49.52 -3.53 4.50
C LYS I 189 49.27 -2.04 4.60
N ILE I 190 50.09 -1.33 5.38
CA ILE I 190 50.00 0.12 5.52
C ILE I 190 51.37 0.70 5.22
N LYS I 191 51.42 1.68 4.32
CA LYS I 191 52.68 2.32 3.97
C LYS I 191 52.51 3.82 3.94
N VAL I 192 53.60 4.51 4.23
CA VAL I 192 53.68 5.96 4.12
C VAL I 192 54.88 6.26 3.21
N SER I 193 54.61 6.93 2.09
CA SER I 193 55.59 7.13 1.04
C SER I 193 56.20 8.52 1.22
N ASN I 194 57.35 8.57 1.89
CA ASN I 194 58.08 9.81 2.12
C ASN I 194 59.20 9.97 1.11
N THR I 195 58.93 9.61 -0.14
CA THR I 195 59.86 9.90 -1.23
C THR I 195 59.76 11.36 -1.62
N LEU I 196 60.86 11.90 -2.16
CA LEU I 196 60.82 13.27 -2.65
C LEU I 196 59.84 13.40 -3.81
N GLU I 197 59.76 12.39 -4.67
CA GLU I 197 58.77 12.39 -5.74
C GLU I 197 57.36 12.58 -5.19
N SER I 198 57.10 12.05 -4.00
CA SER I 198 55.78 12.16 -3.39
C SER I 198 55.62 13.44 -2.58
N ARG I 199 56.66 13.84 -1.84
CA ARG I 199 56.57 15.04 -1.02
C ARG I 199 56.43 16.29 -1.89
N LEU I 200 57.21 16.36 -2.97
CA LEU I 200 57.08 17.50 -3.88
C LEU I 200 55.67 17.60 -4.45
N ASP I 201 55.11 16.47 -4.89
CA ASP I 201 53.76 16.48 -5.42
C ASP I 201 52.76 16.93 -4.36
N LEU I 202 52.89 16.38 -3.15
CA LEU I 202 51.96 16.70 -2.08
C LEU I 202 51.97 18.20 -1.79
N ILE I 203 53.16 18.79 -1.68
CA ILE I 203 53.23 20.21 -1.36
C ILE I 203 52.79 21.06 -2.55
N ALA I 204 53.17 20.67 -3.77
CA ALA I 204 52.91 21.51 -4.94
C ALA I 204 51.41 21.58 -5.25
N GLN I 205 50.70 20.45 -5.13
CA GLN I 205 49.28 20.49 -5.43
C GLN I 205 48.53 21.36 -4.44
N GLN I 206 49.01 21.43 -3.19
CA GLN I 206 48.41 22.34 -2.22
C GLN I 206 48.81 23.78 -2.49
N MET I 207 50.03 24.00 -2.96
CA MET I 207 50.53 25.34 -3.22
C MET I 207 50.03 25.93 -4.53
N MET I 208 49.40 25.13 -5.38
CA MET I 208 49.00 25.60 -6.71
C MET I 208 48.35 26.98 -6.71
N PRO I 209 47.47 27.33 -5.78
CA PRO I 209 46.95 28.71 -5.77
C PRO I 209 48.05 29.77 -5.67
N GLU I 210 49.03 29.54 -4.80
CA GLU I 210 50.12 30.51 -4.64
C GLU I 210 50.99 30.56 -5.90
N VAL I 211 51.26 29.41 -6.50
CA VAL I 211 52.07 29.38 -7.72
C VAL I 211 51.34 30.12 -8.83
N ARG I 212 50.03 29.91 -8.96
CA ARG I 212 49.24 30.61 -9.96
C ARG I 212 49.28 32.11 -9.71
N GLY I 213 49.11 32.53 -8.45
CA GLY I 213 49.11 33.95 -8.14
C GLY I 213 50.46 34.60 -8.40
N ALA I 214 51.55 33.88 -8.14
CA ALA I 214 52.88 34.46 -8.28
C ALA I 214 53.35 34.46 -9.73
N LEU I 215 53.36 33.29 -10.36
CA LEU I 215 53.90 33.19 -11.71
C LEU I 215 53.09 34.02 -12.69
N PHE I 216 51.75 33.93 -12.63
CA PHE I 216 50.88 34.54 -13.62
C PHE I 216 50.05 35.68 -13.03
N GLY I 217 50.54 36.32 -11.97
CA GLY I 217 49.85 37.46 -11.40
C GLY I 217 48.53 37.10 -10.76
N ALA I 218 48.03 37.99 -9.90
CA ALA I 218 46.76 37.76 -9.22
C ALA I 218 45.59 38.12 -10.13
N ASN I 219 44.38 37.87 -9.63
CA ASN I 219 43.16 38.12 -10.38
C ASN I 219 42.53 39.43 -9.93
N ALA I 220 42.21 40.29 -10.90
CA ALA I 220 41.56 41.55 -10.58
C ALA I 220 40.08 41.36 -10.27
N ASN I 221 39.43 40.41 -10.95
CA ASN I 221 37.99 40.21 -10.80
C ASN I 221 37.61 39.62 -9.45
N ARG I 222 38.56 39.07 -8.69
CA ARG I 222 38.26 38.42 -7.42
C ARG I 222 38.28 39.49 -6.34
N LYS I 223 37.09 40.02 -6.02
CA LYS I 223 37.00 41.09 -5.03
C LYS I 223 37.10 40.57 -3.60
N PHE I 224 36.55 39.41 -3.32
CA PHE I 224 36.49 38.86 -1.97
C PHE I 224 37.24 37.53 -1.92
N LEU I 225 38.13 37.39 -0.94
CA LEU I 225 38.88 36.16 -0.75
C LEU I 225 38.19 35.18 0.20
N ASP I 226 37.13 35.60 0.87
CA ASP I 226 36.44 34.75 1.84
C ASP I 226 35.49 33.78 1.13
N TYR J 56 -35.87 37.98 31.21
CA TYR J 56 -34.66 38.40 31.89
C TYR J 56 -34.74 38.08 33.38
N TYR J 57 -35.95 38.21 33.95
CA TYR J 57 -36.13 37.85 35.35
C TYR J 57 -35.87 36.37 35.57
N GLU J 58 -36.46 35.52 34.73
CA GLU J 58 -36.24 34.08 34.86
C GLU J 58 -34.78 33.73 34.63
N LYS J 59 -34.14 34.39 33.66
CA LYS J 59 -32.74 34.10 33.38
C LYS J 59 -31.87 34.41 34.60
N LYS J 60 -32.09 35.56 35.22
CA LYS J 60 -31.29 35.92 36.39
C LYS J 60 -31.59 35.00 37.57
N GLU J 61 -32.86 34.63 37.75
CA GLU J 61 -33.20 33.70 38.83
C GLU J 61 -32.50 32.36 38.63
N LYS J 62 -32.51 31.84 37.40
CA LYS J 62 -31.86 30.58 37.13
C LYS J 62 -30.35 30.69 37.27
N GLN J 63 -29.78 31.83 36.89
CA GLN J 63 -28.34 32.02 37.07
C GLN J 63 -27.96 32.04 38.54
N ILE J 64 -28.78 32.71 39.37
CA ILE J 64 -28.52 32.70 40.80
C ILE J 64 -28.64 31.29 41.37
N GLU J 65 -29.65 30.55 40.93
CA GLU J 65 -29.81 29.18 41.42
C GLU J 65 -28.64 28.31 41.00
N GLN J 66 -28.16 28.48 39.76
CA GLN J 66 -26.99 27.72 39.31
C GLN J 66 -25.75 28.08 40.10
N GLN J 67 -25.58 29.36 40.43
CA GLN J 67 -24.44 29.75 41.25
C GLN J 67 -24.53 29.14 42.64
N LYS J 68 -25.73 29.13 43.23
CA LYS J 68 -25.89 28.49 44.54
C LYS J 68 -25.60 27.00 44.46
N LYS J 69 -26.07 26.35 43.39
CA LYS J 69 -25.79 24.92 43.21
C LYS J 69 -24.29 24.67 43.07
N ILE J 70 -23.60 25.54 42.32
CA ILE J 70 -22.17 25.38 42.14
C ILE J 70 -21.44 25.55 43.47
N GLN J 71 -21.83 26.55 44.27
CA GLN J 71 -21.22 26.74 45.57
C GLN J 71 -21.47 25.55 46.47
N MET J 72 -22.69 25.01 46.47
CA MET J 72 -23.00 23.87 47.31
C MET J 72 -22.22 22.63 46.88
N SER J 73 -22.09 22.42 45.56
CA SER J 73 -21.31 21.29 45.09
C SER J 73 -19.85 21.41 45.47
N ASN J 74 -19.28 22.62 45.34
CA ASN J 74 -17.90 22.83 45.76
C ASN J 74 -17.74 22.58 47.25
N LEU J 75 -18.70 23.03 48.06
CA LEU J 75 -18.63 22.80 49.49
C LEU J 75 -18.69 21.31 49.82
N MET J 76 -19.59 20.58 49.15
CA MET J 76 -19.69 19.15 49.40
C MET J 76 -18.41 18.42 49.01
N ASN J 77 -17.83 18.78 47.87
CA ASN J 77 -16.57 18.16 47.47
C ASN J 77 -15.47 18.46 48.48
N GLN J 78 -15.38 19.71 48.93
CA GLN J 78 -14.36 20.07 49.91
C GLN J 78 -14.57 19.31 51.21
N ALA J 79 -15.83 19.13 51.63
CA ALA J 79 -16.11 18.37 52.83
C ALA J 79 -15.68 16.92 52.70
N ARG J 80 -16.00 16.29 51.56
CA ARG J 80 -15.58 14.91 51.35
C ARG J 80 -14.06 14.81 51.41
N LEU J 81 -13.36 15.70 50.70
CA LEU J 81 -11.91 15.66 50.72
C LEU J 81 -11.36 15.94 52.10
N LYS J 82 -12.04 16.77 52.90
CA LYS J 82 -11.57 17.07 54.24
C LYS J 82 -11.68 15.85 55.15
N VAL J 83 -12.80 15.12 55.08
CA VAL J 83 -12.92 13.91 55.90
C VAL J 83 -11.91 12.86 55.43
N LEU J 84 -11.68 12.76 54.13
CA LEU J 84 -10.66 11.83 53.66
C LEU J 84 -9.28 12.24 54.16
N ARG J 85 -8.98 13.54 54.18
CA ARG J 85 -7.71 14.02 54.71
C ARG J 85 -7.57 13.70 56.18
N ALA J 86 -8.66 13.83 56.94
CA ALA J 86 -8.61 13.46 58.35
C ALA J 86 -8.30 11.98 58.52
N ARG J 87 -8.91 11.14 57.70
CA ARG J 87 -8.62 9.71 57.76
C ARG J 87 -7.16 9.44 57.41
N ASP J 88 -6.64 10.10 56.38
CA ASP J 88 -5.25 9.90 55.99
C ASP J 88 -4.30 10.38 57.09
N ASP J 89 -4.65 11.47 57.76
CA ASP J 89 -3.82 11.95 58.86
C ASP J 89 -3.85 10.97 60.03
N LEU J 90 -5.00 10.34 60.28
CA LEU J 90 -5.05 9.31 61.30
C LEU J 90 -4.15 8.13 60.95
N ILE J 91 -4.17 7.72 59.67
CA ILE J 91 -3.29 6.63 59.23
C ILE J 91 -1.83 7.03 59.41
N THR J 92 -1.49 8.27 59.04
CA THR J 92 -0.11 8.75 59.18
C THR J 92 0.29 8.78 60.65
N ASP J 93 -0.63 9.17 61.53
CA ASP J 93 -0.35 9.16 62.96
C ASP J 93 -0.08 7.74 63.44
N LEU J 94 -0.87 6.78 62.98
CA LEU J 94 -0.64 5.39 63.37
C LEU J 94 0.73 4.92 62.91
N LEU J 95 1.11 5.26 61.68
CA LEU J 95 2.42 4.84 61.20
C LEU J 95 3.56 5.54 61.94
N ASN J 96 3.38 6.81 62.30
CA ASN J 96 4.39 7.49 63.10
C ASN J 96 4.53 6.85 64.47
N GLU J 97 3.41 6.45 65.08
CA GLU J 97 3.48 5.75 66.36
C GLU J 97 4.19 4.41 66.19
N ALA J 98 3.94 3.72 65.09
CA ALA J 98 4.65 2.47 64.83
C ALA J 98 6.14 2.71 64.71
N LYS J 99 6.55 3.77 64.01
CA LYS J 99 7.97 4.11 63.93
C LYS J 99 8.55 4.36 65.32
N GLN J 100 7.88 5.19 66.11
CA GLN J 100 8.38 5.55 67.43
C GLN J 100 8.41 4.36 68.37
N ARG J 101 7.56 3.35 68.13
CA ARG J 101 7.57 2.15 68.94
C ARG J 101 8.61 1.14 68.49
N LEU J 102 8.90 1.09 67.19
CA LEU J 102 10.04 0.31 66.73
C LEU J 102 11.35 0.87 67.27
N SER J 103 11.46 2.20 67.33
CA SER J 103 12.65 2.82 67.90
C SER J 103 12.82 2.48 69.37
N LYS J 104 11.75 2.05 70.05
CA LYS J 104 11.87 1.57 71.42
C LYS J 104 12.12 0.06 71.46
N VAL J 105 11.55 -0.68 70.50
CA VAL J 105 11.81 -2.10 70.41
C VAL J 105 13.30 -2.36 70.21
N VAL J 106 13.96 -1.50 69.43
CA VAL J 106 15.40 -1.70 69.19
C VAL J 106 16.19 -1.67 70.49
N LYS J 107 15.68 -0.99 71.51
CA LYS J 107 16.40 -0.86 72.78
C LYS J 107 16.38 -2.14 73.60
N ASP J 108 15.57 -3.13 73.24
CA ASP J 108 15.62 -4.45 73.87
C ASP J 108 16.76 -5.22 73.23
N THR J 109 17.86 -5.38 73.96
CA THR J 109 19.09 -5.88 73.34
C THR J 109 18.90 -7.28 72.76
N THR J 110 18.22 -8.16 73.49
CA THR J 110 18.02 -9.52 72.99
C THR J 110 17.09 -9.54 71.78
N ARG J 111 15.96 -8.84 71.89
CA ARG J 111 15.03 -8.79 70.76
C ARG J 111 15.67 -8.12 69.56
N TYR J 112 16.41 -7.04 69.79
CA TYR J 112 17.09 -6.39 68.67
C TYR J 112 18.18 -7.26 68.07
N GLN J 113 18.86 -8.06 68.90
CA GLN J 113 19.85 -9.00 68.37
C GLN J 113 19.19 -10.02 67.45
N VAL J 114 18.06 -10.58 67.89
CA VAL J 114 17.35 -11.54 67.05
C VAL J 114 16.89 -10.87 65.76
N LEU J 115 16.35 -9.66 65.87
CA LEU J 115 15.87 -8.95 64.69
C LEU J 115 17.01 -8.65 63.72
N LEU J 116 18.17 -8.26 64.25
CA LEU J 116 19.32 -7.98 63.39
C LEU J 116 19.81 -9.24 62.70
N ASP J 117 19.85 -10.36 63.41
CA ASP J 117 20.20 -11.62 62.76
C ASP J 117 19.26 -11.90 61.61
N GLY J 118 17.95 -11.76 61.86
CA GLY J 118 16.98 -12.01 60.81
C GLY J 118 17.18 -11.09 59.62
N LEU J 119 17.36 -9.80 59.88
CA LEU J 119 17.50 -8.83 58.79
C LEU J 119 18.76 -9.08 57.98
N VAL J 120 19.88 -9.36 58.66
CA VAL J 120 21.14 -9.59 57.96
C VAL J 120 21.03 -10.83 57.08
N LEU J 121 20.50 -11.92 57.64
CA LEU J 121 20.37 -13.14 56.84
C LEU J 121 19.40 -12.92 55.68
N GLN J 122 18.33 -12.15 55.90
CA GLN J 122 17.38 -11.90 54.84
C GLN J 122 18.02 -11.11 53.70
N GLY J 123 18.81 -10.09 54.03
CA GLY J 123 19.53 -9.37 53.00
C GLY J 123 20.50 -10.26 52.26
N LEU J 124 21.21 -11.12 52.99
CA LEU J 124 22.13 -12.05 52.35
C LEU J 124 21.39 -12.93 51.36
N TYR J 125 20.24 -13.45 51.76
CA TYR J 125 19.47 -14.33 50.88
C TYR J 125 18.95 -13.58 49.65
N GLN J 126 18.55 -12.32 49.83
CA GLN J 126 18.09 -11.56 48.67
C GLN J 126 19.21 -11.25 47.71
N LEU J 127 20.42 -11.02 48.22
CA LEU J 127 21.51 -10.54 47.36
C LEU J 127 22.17 -11.69 46.60
N LEU J 128 22.69 -12.68 47.34
CA LEU J 128 23.29 -13.88 46.73
C LEU J 128 24.51 -13.55 45.88
N GLU J 129 25.36 -12.65 46.36
CA GLU J 129 26.63 -12.36 45.71
C GLU J 129 27.77 -13.05 46.45
N PRO J 130 28.90 -13.28 45.78
CA PRO J 130 30.04 -13.89 46.49
C PRO J 130 30.56 -13.06 47.64
N ARG J 131 30.61 -11.74 47.47
CA ARG J 131 31.13 -10.84 48.49
C ARG J 131 30.04 -9.85 48.90
N MET J 132 29.94 -9.59 50.20
CA MET J 132 28.90 -8.73 50.74
C MET J 132 29.52 -7.79 51.76
N ILE J 133 28.91 -6.62 51.89
CA ILE J 133 29.32 -5.61 52.86
C ILE J 133 28.08 -5.15 53.60
N VAL J 134 28.08 -5.28 54.91
CA VAL J 134 26.94 -4.92 55.75
C VAL J 134 27.22 -3.54 56.34
N ARG J 135 26.31 -2.60 56.10
CA ARG J 135 26.39 -1.25 56.62
C ARG J 135 25.35 -1.11 57.72
N CYS J 136 25.77 -0.63 58.88
CA CYS J 136 24.91 -0.56 60.05
C CYS J 136 25.28 0.64 60.89
N ARG J 137 24.38 1.01 61.79
CA ARG J 137 24.66 2.11 62.71
C ARG J 137 25.84 1.76 63.59
N LYS J 138 26.60 2.79 63.99
CA LYS J 138 27.81 2.55 64.76
C LYS J 138 27.49 1.86 66.08
N GLN J 139 26.50 2.37 66.82
CA GLN J 139 26.16 1.77 68.10
C GLN J 139 25.67 0.34 67.95
N ASP J 140 25.22 -0.05 66.77
CA ASP J 140 24.77 -1.40 66.51
C ASP J 140 25.87 -2.31 65.99
N PHE J 141 27.10 -1.82 65.86
CA PHE J 141 28.14 -2.62 65.23
C PHE J 141 28.35 -3.96 65.92
N PRO J 142 28.47 -4.05 67.25
CA PRO J 142 28.63 -5.38 67.86
C PRO J 142 27.54 -6.34 67.47
N LEU J 143 26.28 -6.00 67.74
CA LEU J 143 25.18 -6.89 67.40
C LEU J 143 25.25 -7.31 65.94
N VAL J 144 25.39 -6.34 65.03
CA VAL J 144 25.47 -6.68 63.61
C VAL J 144 26.58 -7.68 63.37
N LYS J 145 27.76 -7.44 63.96
CA LYS J 145 28.86 -8.39 63.80
C LYS J 145 28.39 -9.78 64.21
N ALA J 146 27.82 -9.91 65.40
CA ALA J 146 27.29 -11.20 65.82
C ALA J 146 26.33 -11.74 64.77
N ALA J 147 25.39 -10.92 64.30
CA ALA J 147 24.47 -11.37 63.28
C ALA J 147 25.23 -11.94 62.09
N VAL J 148 26.22 -11.21 61.59
CA VAL J 148 26.98 -11.70 60.45
C VAL J 148 27.62 -13.04 60.79
N GLN J 149 28.22 -13.13 61.97
CA GLN J 149 28.85 -14.38 62.38
C GLN J 149 27.84 -15.52 62.35
N LYS J 150 26.59 -15.23 62.71
CA LYS J 150 25.56 -16.27 62.69
C LYS J 150 25.03 -16.49 61.27
N ALA J 151 25.04 -15.46 60.43
CA ALA J 151 24.46 -15.58 59.11
C ALA J 151 25.37 -16.33 58.15
N ILE J 152 26.68 -16.15 58.27
CA ILE J 152 27.60 -16.75 57.29
C ILE J 152 27.43 -18.27 57.21
N PRO J 153 27.44 -19.01 58.32
CA PRO J 153 27.23 -20.47 58.19
C PRO J 153 25.85 -20.84 57.68
N MET J 154 24.79 -20.31 58.29
CA MET J 154 23.44 -20.62 57.83
C MET J 154 23.32 -20.39 56.33
N TYR J 155 23.75 -19.21 55.86
CA TYR J 155 23.72 -18.94 54.43
C TYR J 155 24.43 -20.04 53.66
N LYS J 156 25.65 -20.39 54.06
CA LYS J 156 26.38 -21.45 53.38
C LYS J 156 25.57 -22.73 53.34
N ILE J 157 24.85 -23.02 54.42
CA ILE J 157 24.03 -24.23 54.46
C ILE J 157 22.84 -24.11 53.52
N ALA J 158 22.23 -22.92 53.47
CA ALA J 158 21.00 -22.77 52.70
C ALA J 158 21.28 -22.73 51.20
N THR J 159 22.36 -22.05 50.80
CA THR J 159 22.65 -21.87 49.38
C THR J 159 23.72 -22.81 48.86
N LYS J 160 24.52 -23.41 49.74
CA LYS J 160 25.67 -24.23 49.36
C LYS J 160 26.77 -23.41 48.70
N LYS J 161 26.72 -22.09 48.82
CA LYS J 161 27.65 -21.19 48.15
C LYS J 161 28.59 -20.57 49.17
N ASP J 162 29.89 -20.62 48.88
CA ASP J 162 30.86 -19.94 49.72
C ASP J 162 30.64 -18.44 49.65
N VAL J 163 30.73 -17.77 50.80
CA VAL J 163 30.40 -16.35 50.89
C VAL J 163 31.39 -15.67 51.82
N ASP J 164 31.72 -14.43 51.50
CA ASP J 164 32.49 -13.54 52.35
C ASP J 164 31.61 -12.35 52.70
N VAL J 165 31.53 -12.02 53.99
CA VAL J 165 30.67 -10.95 54.48
C VAL J 165 31.50 -10.05 55.38
N GLN J 166 31.83 -8.87 54.88
CA GLN J 166 32.51 -7.85 55.67
C GLN J 166 31.49 -6.86 56.22
N ILE J 167 31.93 -6.04 57.16
CA ILE J 167 31.10 -4.99 57.75
C ILE J 167 31.81 -3.67 57.52
N ASP J 168 31.11 -2.74 56.87
CA ASP J 168 31.71 -1.46 56.52
C ASP J 168 31.98 -0.65 57.79
N LEU J 169 33.25 -0.57 58.17
CA LEU J 169 33.66 0.19 59.34
C LEU J 169 34.03 1.63 59.03
N GLU J 170 33.99 2.02 57.75
CA GLU J 170 34.38 3.37 57.35
C GLU J 170 33.19 4.29 57.10
N ALA J 171 32.03 3.73 56.74
CA ALA J 171 30.84 4.53 56.43
C ALA J 171 29.64 3.82 57.06
N TYR J 172 29.17 4.34 58.19
CA TYR J 172 28.04 3.76 58.87
C TYR J 172 26.74 4.43 58.43
N LEU J 173 25.62 3.86 58.85
CA LEU J 173 24.32 4.45 58.59
C LEU J 173 24.13 5.69 59.47
N PRO J 174 23.24 6.60 59.06
CA PRO J 174 22.96 7.76 59.92
C PRO J 174 22.51 7.31 61.30
N GLU J 175 23.01 8.01 62.32
CA GLU J 175 22.71 7.60 63.70
C GLU J 175 21.25 7.74 64.05
N ASP J 176 20.50 8.58 63.34
CA ASP J 176 19.09 8.82 63.64
C ASP J 176 18.17 7.76 63.05
N ILE J 177 18.70 6.83 62.26
CA ILE J 177 17.87 5.75 61.72
C ILE J 177 17.42 4.84 62.85
N ALA J 178 16.22 4.28 62.70
CA ALA J 178 15.67 3.42 63.74
C ALA J 178 16.55 2.19 63.97
N GLY J 179 17.02 1.57 62.90
CA GLY J 179 17.88 0.41 63.02
C GLY J 179 17.95 -0.35 61.72
N GLY J 180 18.40 -1.60 61.83
CA GLY J 180 18.50 -2.46 60.68
C GLY J 180 19.86 -2.40 60.02
N VAL J 181 19.89 -2.82 58.75
CA VAL J 181 21.16 -2.91 58.03
C VAL J 181 20.97 -2.58 56.55
N GLU J 182 22.08 -2.55 55.80
CA GLU J 182 22.04 -2.42 54.35
C GLU J 182 23.16 -3.27 53.77
N ILE J 183 22.80 -4.23 52.92
CA ILE J 183 23.75 -5.21 52.39
C ILE J 183 24.09 -4.81 50.96
N TYR J 184 25.35 -4.48 50.72
CA TYR J 184 25.87 -4.18 49.40
C TYR J 184 26.66 -5.38 48.88
N ASN J 185 26.82 -5.46 47.56
CA ASN J 185 27.66 -6.50 47.00
C ASN J 185 29.12 -6.08 47.13
N GLY J 186 30.00 -6.83 46.48
CA GLY J 186 31.42 -6.47 46.53
C GLY J 186 31.69 -5.10 45.96
N ASP J 187 31.06 -4.79 44.81
CA ASP J 187 31.30 -3.53 44.11
C ASP J 187 30.27 -2.46 44.48
N ARG J 188 29.35 -2.75 45.38
CA ARG J 188 28.38 -1.80 45.92
C ARG J 188 27.38 -1.31 44.89
N LYS J 189 27.28 -1.96 43.72
CA LYS J 189 26.32 -1.53 42.72
C LYS J 189 24.92 -2.09 42.94
N ILE J 190 24.77 -3.08 43.83
CA ILE J 190 23.47 -3.62 44.20
C ILE J 190 23.37 -3.58 45.71
N LYS J 191 22.29 -3.01 46.22
CA LYS J 191 22.10 -2.83 47.65
C LYS J 191 20.73 -3.32 48.06
N VAL J 192 20.65 -3.83 49.28
CA VAL J 192 19.43 -4.33 49.89
C VAL J 192 19.26 -3.57 51.18
N SER J 193 18.24 -2.71 51.25
CA SER J 193 18.00 -1.87 52.40
C SER J 193 17.05 -2.59 53.34
N ASN J 194 17.59 -3.12 54.45
CA ASN J 194 16.80 -3.81 55.44
C ASN J 194 16.84 -2.98 56.72
N THR J 195 16.60 -1.68 56.59
CA THR J 195 16.46 -0.80 57.73
C THR J 195 15.02 -0.85 58.25
N LEU J 196 14.87 -0.65 59.57
CA LEU J 196 13.55 -0.74 60.17
C LEU J 196 12.60 0.28 59.56
N GLU J 197 13.11 1.43 59.13
CA GLU J 197 12.26 2.40 58.44
C GLU J 197 11.70 1.80 57.16
N SER J 198 12.59 1.26 56.32
CA SER J 198 12.15 0.69 55.04
C SER J 198 11.28 -0.53 55.26
N ARG J 199 11.64 -1.41 56.19
CA ARG J 199 10.84 -2.59 56.43
C ARG J 199 9.46 -2.22 56.94
N LEU J 200 9.37 -1.27 57.87
CA LEU J 200 8.08 -0.86 58.38
C LEU J 200 7.22 -0.25 57.27
N ASP J 201 7.81 0.62 56.45
CA ASP J 201 7.04 1.21 55.36
C ASP J 201 6.55 0.14 54.39
N LEU J 202 7.44 -0.79 54.03
CA LEU J 202 7.10 -1.84 53.09
C LEU J 202 5.97 -2.72 53.63
N ILE J 203 6.01 -3.04 54.93
CA ILE J 203 4.95 -3.87 55.51
C ILE J 203 3.66 -3.10 55.60
N ALA J 204 3.71 -1.84 56.04
CA ALA J 204 2.49 -1.06 56.26
C ALA J 204 1.77 -0.78 54.96
N GLN J 205 2.50 -0.50 53.89
CA GLN J 205 1.84 -0.19 52.62
C GLN J 205 1.06 -1.40 52.11
N GLN J 206 1.58 -2.61 52.31
CA GLN J 206 0.83 -3.80 51.94
C GLN J 206 -0.32 -4.06 52.92
N MET J 207 -0.12 -3.73 54.20
CA MET J 207 -1.16 -3.94 55.20
C MET J 207 -2.33 -2.99 55.04
N MET J 208 -2.15 -1.87 54.36
CA MET J 208 -3.17 -0.82 54.33
C MET J 208 -4.60 -1.34 54.25
N PRO J 209 -4.94 -2.34 53.44
CA PRO J 209 -6.33 -2.84 53.48
C PRO J 209 -6.74 -3.36 54.85
N GLU J 210 -5.89 -4.17 55.49
CA GLU J 210 -6.23 -4.69 56.80
C GLU J 210 -6.32 -3.58 57.83
N VAL J 211 -5.40 -2.61 57.78
CA VAL J 211 -5.45 -1.50 58.72
C VAL J 211 -6.72 -0.69 58.53
N ARG J 212 -7.10 -0.43 57.28
CA ARG J 212 -8.35 0.26 57.01
C ARG J 212 -9.53 -0.51 57.59
N GLY J 213 -9.61 -1.80 57.31
CA GLY J 213 -10.73 -2.59 57.81
C GLY J 213 -10.80 -2.58 59.32
N ALA J 214 -9.64 -2.71 59.98
CA ALA J 214 -9.63 -2.79 61.44
C ALA J 214 -9.96 -1.45 62.09
N LEU J 215 -9.33 -0.36 61.62
CA LEU J 215 -9.53 0.92 62.26
C LEU J 215 -10.90 1.50 61.96
N PHE J 216 -11.34 1.44 60.69
CA PHE J 216 -12.56 2.11 60.27
C PHE J 216 -13.66 1.15 59.87
N GLY J 217 -13.57 -0.12 60.27
CA GLY J 217 -14.62 -1.07 60.00
C GLY J 217 -14.73 -1.46 58.54
N ALA J 218 -15.25 -2.64 58.26
CA ALA J 218 -15.38 -3.13 56.90
C ALA J 218 -16.45 -2.35 56.15
N ASN J 219 -16.38 -2.40 54.82
CA ASN J 219 -17.35 -1.74 53.97
C ASN J 219 -18.60 -2.61 53.87
N ALA J 220 -19.73 -2.09 54.35
CA ALA J 220 -20.96 -2.87 54.31
C ALA J 220 -21.43 -3.15 52.89
N ASN J 221 -21.05 -2.32 51.92
CA ASN J 221 -21.48 -2.53 50.55
C ASN J 221 -20.71 -3.66 49.88
N ARG J 222 -19.43 -3.84 50.22
CA ARG J 222 -18.62 -4.87 49.58
C ARG J 222 -19.14 -6.24 49.97
N LYS J 223 -19.81 -6.91 49.03
CA LYS J 223 -20.38 -8.22 49.29
C LYS J 223 -19.44 -9.36 48.92
N PHE J 224 -18.67 -9.21 47.84
CA PHE J 224 -17.76 -10.23 47.36
C PHE J 224 -16.33 -9.71 47.43
N LEU J 225 -15.41 -10.59 47.80
CA LEU J 225 -13.99 -10.25 47.88
C LEU J 225 -13.23 -10.68 46.63
N ASP J 226 -13.92 -11.22 45.63
CA ASP J 226 -13.25 -11.71 44.43
C ASP J 226 -14.05 -11.37 43.17
N ARG K 4 -49.81 38.18 -32.68
CA ARG K 4 -48.69 37.59 -31.96
C ARG K 4 -49.08 36.23 -31.39
N GLY K 5 -50.32 36.11 -30.96
CA GLY K 5 -50.81 34.85 -30.45
C GLY K 5 -50.89 33.79 -31.54
N LYS K 6 -50.91 32.54 -31.10
CA LYS K 6 -50.95 31.42 -32.03
C LYS K 6 -52.38 31.22 -32.54
N LEU K 7 -52.48 30.51 -33.66
CA LEU K 7 -53.73 30.21 -34.32
C LEU K 7 -54.09 28.73 -34.12
N ILE K 8 -55.12 28.27 -34.81
CA ILE K 8 -55.44 26.86 -34.93
C ILE K 8 -55.62 26.55 -36.41
N ALA K 9 -55.15 25.38 -36.83
CA ALA K 9 -55.22 24.98 -38.23
C ALA K 9 -56.02 23.69 -38.36
N VAL K 10 -56.70 23.56 -39.49
CA VAL K 10 -57.59 22.44 -39.75
C VAL K 10 -57.24 21.81 -41.10
N ILE K 11 -57.23 20.48 -41.15
CA ILE K 11 -57.12 19.73 -42.39
C ILE K 11 -58.16 18.63 -42.33
N GLY K 12 -59.29 18.82 -42.98
CA GLY K 12 -60.36 17.87 -42.90
C GLY K 12 -61.38 18.07 -44.00
N ASP K 13 -62.51 17.38 -43.86
CA ASP K 13 -63.58 17.48 -44.83
C ASP K 13 -64.23 18.86 -44.79
N GLU K 14 -64.96 19.18 -45.86
CA GLU K 14 -65.64 20.46 -45.94
C GLU K 14 -66.52 20.69 -44.72
N ASP K 15 -67.17 19.63 -44.22
CA ASP K 15 -68.05 19.78 -43.08
C ASP K 15 -67.27 20.10 -41.81
N THR K 16 -66.17 19.39 -41.56
CA THR K 16 -65.35 19.69 -40.40
C THR K 16 -64.76 21.09 -40.48
N VAL K 17 -64.31 21.48 -41.66
CA VAL K 17 -63.76 22.83 -41.84
C VAL K 17 -64.84 23.87 -41.54
N THR K 18 -66.06 23.66 -42.05
CA THR K 18 -67.14 24.60 -41.78
C THR K 18 -67.43 24.69 -40.29
N GLY K 19 -67.49 23.53 -39.62
CA GLY K 19 -67.75 23.56 -38.18
C GLY K 19 -66.68 24.30 -37.41
N PHE K 20 -65.41 24.07 -37.78
CA PHE K 20 -64.32 24.74 -37.08
C PHE K 20 -64.33 26.24 -37.36
N LEU K 21 -64.61 26.64 -38.59
CA LEU K 21 -64.73 28.06 -38.89
C LEU K 21 -65.86 28.70 -38.08
N LEU K 22 -67.00 28.00 -37.98
CA LEU K 22 -68.05 28.49 -37.09
C LEU K 22 -67.55 28.55 -35.65
N GLY K 23 -66.59 27.70 -35.30
CA GLY K 23 -65.94 27.82 -34.02
C GLY K 23 -65.09 29.07 -33.89
N GLY K 24 -64.64 29.63 -35.01
CA GLY K 24 -63.87 30.86 -34.99
C GLY K 24 -62.37 30.62 -35.04
N ILE K 25 -61.92 29.76 -35.95
CA ILE K 25 -60.53 29.37 -36.00
C ILE K 25 -59.79 29.97 -37.20
N GLY K 26 -60.49 30.27 -38.30
CA GLY K 26 -59.81 30.65 -39.52
C GLY K 26 -59.49 32.13 -39.59
N GLU K 27 -58.44 32.46 -40.33
CA GLU K 27 -58.06 33.84 -40.61
C GLU K 27 -57.15 33.87 -41.82
N LEU K 28 -57.14 35.02 -42.49
CA LEU K 28 -56.25 35.26 -43.62
C LEU K 28 -55.11 36.17 -43.15
N ASN K 29 -53.87 35.74 -43.39
CA ASN K 29 -52.71 36.42 -42.85
C ASN K 29 -52.37 37.64 -43.71
N LYS K 30 -51.20 38.23 -43.47
CA LYS K 30 -50.78 39.39 -44.25
C LYS K 30 -50.72 39.07 -45.73
N ASN K 31 -50.25 37.87 -46.07
CA ASN K 31 -50.22 37.41 -47.45
C ASN K 31 -51.55 36.81 -47.89
N ARG K 32 -52.57 36.87 -47.04
CA ARG K 32 -53.90 36.32 -47.33
C ARG K 32 -53.91 34.79 -47.31
N HIS K 33 -52.83 34.18 -46.82
CA HIS K 33 -52.78 32.73 -46.76
C HIS K 33 -53.79 32.22 -45.74
N PRO K 34 -54.48 31.12 -46.02
CA PRO K 34 -55.44 30.57 -45.07
C PRO K 34 -54.78 29.55 -44.14
N ASN K 35 -55.47 29.28 -43.03
CA ASN K 35 -55.02 28.31 -42.04
C ASN K 35 -55.95 27.10 -42.00
N PHE K 36 -56.53 26.75 -43.15
CA PHE K 36 -57.46 25.64 -43.22
C PHE K 36 -57.42 25.06 -44.63
N LEU K 37 -57.90 23.82 -44.76
CA LEU K 37 -57.98 23.16 -46.05
C LEU K 37 -59.17 22.22 -46.06
N VAL K 38 -59.84 22.13 -47.21
CA VAL K 38 -60.92 21.18 -47.44
C VAL K 38 -60.38 20.10 -48.36
N VAL K 39 -60.39 18.86 -47.89
CA VAL K 39 -59.79 17.74 -48.63
C VAL K 39 -60.90 17.18 -49.52
N GLU K 40 -61.06 17.79 -50.68
CA GLU K 40 -61.97 17.26 -51.68
C GLU K 40 -61.30 16.13 -52.46
N LYS K 41 -62.13 15.33 -53.14
CA LYS K 41 -61.58 14.24 -53.94
C LYS K 41 -60.67 14.74 -55.05
N ASP K 42 -60.84 16.00 -55.48
CA ASP K 42 -59.94 16.60 -56.45
C ASP K 42 -58.55 16.85 -55.88
N THR K 43 -58.37 16.73 -54.57
CA THR K 43 -57.09 16.95 -53.91
C THR K 43 -56.42 15.62 -53.65
N THR K 44 -55.14 15.54 -53.97
CA THR K 44 -54.37 14.30 -53.91
C THR K 44 -53.42 14.33 -52.70
N ILE K 45 -52.70 13.23 -52.51
CA ILE K 45 -51.87 13.07 -51.32
C ILE K 45 -50.77 14.13 -51.29
N ASN K 46 -50.16 14.41 -52.45
CA ASN K 46 -49.06 15.36 -52.48
C ASN K 46 -49.51 16.75 -52.05
N GLU K 47 -50.71 17.17 -52.47
CA GLU K 47 -51.22 18.47 -52.05
C GLU K 47 -51.42 18.52 -50.55
N ILE K 48 -51.97 17.46 -49.96
CA ILE K 48 -52.17 17.43 -48.51
C ILE K 48 -50.83 17.49 -47.80
N GLU K 49 -49.84 16.76 -48.29
CA GLU K 49 -48.52 16.79 -47.66
C GLU K 49 -47.92 18.20 -47.75
N ASP K 50 -48.07 18.85 -48.91
CA ASP K 50 -47.48 20.18 -49.08
C ASP K 50 -48.13 21.20 -48.18
N THR K 51 -49.47 21.23 -48.15
CA THR K 51 -50.15 22.20 -47.29
C THR K 51 -49.87 21.91 -45.82
N PHE K 52 -49.78 20.64 -45.46
CA PHE K 52 -49.44 20.25 -44.10
C PHE K 52 -48.04 20.75 -43.72
N ARG K 53 -47.07 20.58 -44.62
CA ARG K 53 -45.73 21.07 -44.36
C ARG K 53 -45.73 22.58 -44.21
N GLN K 54 -46.50 23.28 -45.05
CA GLN K 54 -46.61 24.73 -44.92
C GLN K 54 -47.15 25.10 -43.55
N PHE K 55 -48.17 24.38 -43.09
CA PHE K 55 -48.72 24.63 -41.76
C PHE K 55 -47.66 24.45 -40.68
N LEU K 56 -46.87 23.37 -40.74
CA LEU K 56 -45.86 23.15 -39.71
C LEU K 56 -44.75 24.19 -39.74
N ASN K 57 -44.25 24.54 -40.92
CA ASN K 57 -43.16 25.50 -40.99
C ASN K 57 -43.59 26.88 -40.51
N ARG K 58 -44.85 27.26 -40.74
CA ARG K 58 -45.34 28.55 -40.25
C ARG K 58 -45.24 28.61 -38.73
N ASP K 59 -44.73 29.73 -38.21
CA ASP K 59 -44.35 29.84 -36.81
C ASP K 59 -45.50 30.25 -35.90
N ASP K 60 -46.63 30.70 -36.45
CA ASP K 60 -47.76 31.16 -35.65
C ASP K 60 -48.91 30.17 -35.65
N ILE K 61 -48.72 28.97 -36.19
CA ILE K 61 -49.84 28.05 -36.37
C ILE K 61 -50.35 27.54 -35.03
N GLY K 62 -49.44 27.05 -34.18
CA GLY K 62 -49.87 26.49 -32.91
C GLY K 62 -50.42 25.08 -33.04
N ILE K 63 -51.73 24.95 -32.95
CA ILE K 63 -52.40 23.65 -33.01
C ILE K 63 -52.67 23.31 -34.47
N ILE K 64 -52.64 22.02 -34.78
CA ILE K 64 -53.04 21.50 -36.09
C ILE K 64 -53.99 20.34 -35.88
N LEU K 65 -55.13 20.37 -36.56
CA LEU K 65 -56.14 19.33 -36.49
C LEU K 65 -56.24 18.61 -37.82
N ILE K 66 -56.19 17.28 -37.77
CA ILE K 66 -56.23 16.44 -38.96
C ILE K 66 -57.21 15.31 -38.71
N ASN K 67 -58.02 15.00 -39.72
CA ASN K 67 -58.92 13.86 -39.62
C ASN K 67 -58.10 12.57 -39.57
N GLN K 68 -58.66 11.55 -38.93
CA GLN K 68 -57.93 10.31 -38.74
C GLN K 68 -57.48 9.72 -40.08
N TYR K 69 -58.40 9.62 -41.04
CA TYR K 69 -58.05 9.02 -42.33
C TYR K 69 -57.06 9.90 -43.09
N ILE K 70 -57.21 11.22 -43.03
CA ILE K 70 -56.23 12.10 -43.66
C ILE K 70 -54.87 11.90 -43.01
N ALA K 71 -54.84 11.84 -41.67
CA ALA K 71 -53.59 11.61 -40.97
C ALA K 71 -52.95 10.30 -41.42
N GLU K 72 -53.75 9.25 -41.62
CA GLU K 72 -53.23 8.01 -42.15
C GLU K 72 -52.65 8.20 -43.55
N MET K 73 -53.31 9.02 -44.36
CA MET K 73 -52.84 9.24 -45.74
C MET K 73 -51.46 9.90 -45.75
N VAL K 74 -51.22 10.87 -44.87
CA VAL K 74 -49.96 11.59 -44.83
C VAL K 74 -49.19 11.16 -43.59
N ARG K 75 -49.40 9.91 -43.16
CA ARG K 75 -48.86 9.45 -41.89
C ARG K 75 -47.34 9.65 -41.81
N HIS K 76 -46.63 9.49 -42.92
CA HIS K 76 -45.18 9.61 -42.87
C HIS K 76 -44.75 11.01 -42.43
N ALA K 77 -45.43 12.03 -42.94
CA ALA K 77 -45.14 13.39 -42.52
C ALA K 77 -45.45 13.59 -41.04
N LEU K 78 -46.54 13.01 -40.57
CA LEU K 78 -46.87 13.12 -39.15
C LEU K 78 -45.77 12.51 -38.29
N ASP K 79 -45.30 11.32 -38.67
CA ASP K 79 -44.27 10.64 -37.89
C ASP K 79 -42.95 11.40 -37.94
N ALA K 80 -42.61 11.97 -39.11
CA ALA K 80 -41.37 12.74 -39.22
C ALA K 80 -41.37 13.92 -38.26
N HIS K 81 -42.49 14.63 -38.17
CA HIS K 81 -42.63 15.73 -37.23
C HIS K 81 -42.51 15.23 -35.80
N GLN K 82 -41.45 15.62 -35.10
CA GLN K 82 -41.18 15.14 -33.76
C GLN K 82 -41.21 16.22 -32.69
N ARG K 83 -40.96 17.49 -33.03
CA ARG K 83 -41.01 18.54 -32.03
C ARG K 83 -42.45 18.75 -31.55
N SER K 84 -42.57 19.30 -30.35
CA SER K 84 -43.83 19.31 -29.62
C SER K 84 -44.71 20.52 -29.93
N ILE K 85 -44.12 21.71 -30.05
CA ILE K 85 -44.89 22.95 -30.06
C ILE K 85 -45.96 22.92 -31.14
N PRO K 86 -45.67 22.48 -32.37
CA PRO K 86 -46.74 22.38 -33.37
C PRO K 86 -47.70 21.24 -33.05
N ALA K 87 -48.51 21.41 -32.00
CA ALA K 87 -49.36 20.33 -31.51
C ALA K 87 -50.27 19.85 -32.63
N VAL K 88 -50.12 18.59 -33.03
CA VAL K 88 -50.96 17.98 -34.04
C VAL K 88 -51.94 17.03 -33.35
N LEU K 89 -53.21 17.15 -33.70
CA LEU K 89 -54.26 16.31 -33.13
C LEU K 89 -54.98 15.57 -34.24
N GLU K 90 -55.26 14.29 -34.01
CA GLU K 90 -56.02 13.46 -34.93
C GLU K 90 -57.45 13.38 -34.42
N ILE K 91 -58.41 13.72 -35.27
CA ILE K 91 -59.79 13.89 -34.86
C ILE K 91 -60.65 12.98 -35.71
N PRO K 92 -61.82 12.57 -35.21
CA PRO K 92 -62.69 11.67 -35.97
C PRO K 92 -63.36 12.35 -37.16
N SER K 93 -64.17 11.59 -37.89
CA SER K 93 -64.95 12.13 -38.99
C SER K 93 -66.18 11.25 -39.18
N LYS K 94 -67.19 11.82 -39.84
CA LYS K 94 -68.34 11.02 -40.24
C LYS K 94 -67.94 9.97 -41.27
N GLU K 95 -66.94 10.27 -42.10
CA GLU K 95 -66.48 9.32 -43.10
C GLU K 95 -65.81 8.12 -42.44
N HIS K 96 -64.88 8.37 -41.51
CA HIS K 96 -64.17 7.31 -40.82
C HIS K 96 -64.21 7.56 -39.32
N PRO K 97 -64.37 6.52 -38.50
CA PRO K 97 -64.33 6.71 -37.06
C PRO K 97 -62.91 6.89 -36.55
N TYR K 98 -62.81 7.43 -35.34
CA TYR K 98 -61.53 7.56 -34.66
C TYR K 98 -61.24 6.30 -33.84
N ASP K 99 -59.99 5.86 -33.89
CA ASP K 99 -59.52 4.72 -33.11
C ASP K 99 -58.27 5.13 -32.34
N ALA K 100 -58.14 4.60 -31.12
CA ALA K 100 -56.99 4.93 -30.30
C ALA K 100 -55.69 4.48 -30.96
N ALA K 101 -55.71 3.31 -31.60
CA ALA K 101 -54.50 2.76 -32.18
C ALA K 101 -53.99 3.64 -33.30
N LYS K 102 -52.69 3.50 -33.59
CA LYS K 102 -52.00 4.21 -34.66
C LYS K 102 -52.35 5.70 -34.67
N ASP K 103 -51.95 6.37 -33.60
CA ASP K 103 -51.93 7.82 -33.51
C ASP K 103 -50.50 8.28 -33.32
N SER K 104 -50.06 9.26 -34.13
CA SER K 104 -48.65 9.63 -34.15
C SER K 104 -48.15 10.04 -32.77
N ILE K 105 -49.02 10.58 -31.92
CA ILE K 105 -48.61 10.98 -30.57
C ILE K 105 -48.56 9.79 -29.63
N LEU K 106 -49.51 8.86 -29.76
CA LEU K 106 -49.58 7.72 -28.86
C LEU K 106 -48.50 6.67 -29.15
N ARG K 107 -47.71 6.86 -30.21
CA ARG K 107 -46.59 5.97 -30.48
C ARG K 107 -45.61 5.93 -29.32
N ARG K 108 -45.59 6.99 -28.50
CA ARG K 108 -44.63 7.12 -27.42
C ARG K 108 -45.01 6.34 -26.17
N ALA K 109 -46.21 5.75 -26.13
CA ALA K 109 -46.72 5.10 -24.93
C ALA K 109 -46.90 3.61 -25.17
N LYS K 110 -46.38 2.80 -24.25
CA LYS K 110 -46.61 1.37 -24.24
C LYS K 110 -47.48 0.92 -23.07
N GLY K 111 -47.69 1.79 -22.07
CA GLY K 111 -48.58 1.48 -20.97
C GLY K 111 -50.05 1.65 -21.29
N MET K 112 -50.38 2.13 -22.49
CA MET K 112 -51.76 2.24 -22.93
C MET K 112 -52.39 0.85 -23.06
N SER L 70 -14.65 -61.27 -15.73
CA SER L 70 -13.66 -61.30 -14.66
C SER L 70 -12.78 -62.54 -14.78
N ALA L 71 -13.38 -63.65 -15.22
CA ALA L 71 -12.61 -64.88 -15.41
C ALA L 71 -11.58 -64.72 -16.52
N GLU L 72 -11.95 -64.05 -17.61
CA GLU L 72 -11.03 -63.88 -18.72
C GLU L 72 -9.83 -63.02 -18.32
N VAL L 73 -10.08 -61.87 -17.71
CA VAL L 73 -8.98 -61.02 -17.28
C VAL L 73 -8.19 -61.69 -16.16
N GLU L 74 -8.85 -62.51 -15.35
CA GLU L 74 -8.11 -63.27 -14.33
C GLU L 74 -7.16 -64.27 -14.98
N GLN L 75 -7.59 -64.94 -16.04
CA GLN L 75 -6.69 -65.84 -16.76
C GLN L 75 -5.55 -65.07 -17.40
N ALA L 76 -5.83 -63.89 -17.94
CA ALA L 76 -4.76 -63.07 -18.50
C ALA L 76 -3.75 -62.67 -17.42
N THR L 77 -4.25 -62.30 -16.24
CA THR L 77 -3.36 -61.97 -15.13
C THR L 77 -2.52 -63.18 -14.73
N ARG L 78 -3.13 -64.36 -14.70
CA ARG L 78 -2.38 -65.57 -14.37
C ARG L 78 -1.27 -65.81 -15.40
N ARG L 79 -1.58 -65.65 -16.68
CA ARG L 79 -0.56 -65.82 -17.71
C ARG L 79 0.57 -64.81 -17.53
N GLN L 80 0.23 -63.56 -17.25
CA GLN L 80 1.26 -62.54 -17.05
C GLN L 80 2.14 -62.88 -15.84
N VAL L 81 1.52 -63.33 -14.76
CA VAL L 81 2.28 -63.64 -13.54
C VAL L 81 3.19 -64.85 -13.77
N GLN L 82 2.69 -65.87 -14.47
CA GLN L 82 3.55 -67.02 -14.76
C GLN L 82 4.70 -66.62 -15.67
N GLY L 83 4.44 -65.76 -16.65
CA GLY L 83 5.54 -65.27 -17.48
C GLY L 83 6.57 -64.51 -16.69
N MET L 84 6.12 -63.64 -15.78
CA MET L 84 7.05 -62.91 -14.93
C MET L 84 7.86 -63.86 -14.05
N GLN L 85 7.20 -64.87 -13.49
CA GLN L 85 7.90 -65.83 -12.64
C GLN L 85 8.97 -66.57 -13.44
N SER L 86 8.63 -67.02 -14.65
CA SER L 86 9.60 -67.73 -15.47
C SER L 86 10.78 -66.84 -15.83
N SER L 87 10.49 -65.59 -16.22
CA SER L 87 11.57 -64.68 -16.58
C SER L 87 12.48 -64.39 -15.40
N GLN L 88 11.89 -64.18 -14.21
CA GLN L 88 12.69 -63.94 -13.02
C GLN L 88 13.54 -65.15 -12.67
N GLN L 89 12.97 -66.35 -12.75
CA GLN L 89 13.73 -67.55 -12.44
C GLN L 89 14.89 -67.72 -13.41
N ARG L 90 14.68 -67.40 -14.68
CA ARG L 90 15.73 -67.62 -15.68
C ARG L 90 16.97 -66.79 -15.35
N ASN L 91 16.80 -65.53 -14.97
CA ASN L 91 17.90 -64.61 -14.77
C ASN L 91 18.00 -64.08 -13.34
N ARG L 92 17.63 -64.89 -12.35
CA ARG L 92 17.73 -64.46 -10.97
C ARG L 92 19.13 -64.70 -10.40
N GLU L 93 19.75 -65.81 -10.78
CA GLU L 93 21.03 -66.19 -10.18
C GLU L 93 22.13 -65.19 -10.53
N ARG L 94 22.21 -64.80 -11.80
CA ARG L 94 23.26 -63.86 -12.19
C ARG L 94 23.04 -62.49 -11.57
N VAL L 95 21.77 -62.07 -11.48
CA VAL L 95 21.45 -60.80 -10.82
C VAL L 95 21.92 -60.84 -9.38
N LEU L 96 21.63 -61.95 -8.69
CA LEU L 96 22.03 -62.07 -7.29
C LEU L 96 23.55 -62.08 -7.15
N THR L 97 24.24 -62.80 -8.04
CA THR L 97 25.70 -62.83 -7.97
C THR L 97 26.29 -61.44 -8.17
N GLN L 98 25.79 -60.71 -9.16
CA GLN L 98 26.29 -59.35 -9.40
C GLN L 98 25.99 -58.45 -8.20
N LEU L 99 24.78 -58.54 -7.66
CA LEU L 99 24.40 -57.70 -6.53
C LEU L 99 25.28 -57.98 -5.32
N LEU L 100 25.53 -59.25 -5.02
CA LEU L 100 26.34 -59.58 -3.85
C LEU L 100 27.81 -59.20 -4.07
N GLY L 101 28.33 -59.43 -5.28
CA GLY L 101 29.69 -59.01 -5.56
C GLY L 101 29.87 -57.52 -5.43
N MET L 102 28.83 -56.76 -5.80
CA MET L 102 28.90 -55.31 -5.70
C MET L 102 28.73 -54.84 -4.27
N VAL L 103 27.94 -55.56 -3.47
CA VAL L 103 27.76 -55.20 -2.07
C VAL L 103 29.04 -55.47 -1.29
N CYS L 104 29.65 -56.64 -1.52
CA CYS L 104 30.86 -56.99 -0.78
C CYS L 104 32.02 -56.08 -1.18
N ASP L 105 32.13 -55.73 -2.46
CA ASP L 105 33.17 -54.83 -2.93
C ASP L 105 32.94 -53.46 -2.32
N VAL L 106 33.88 -53.01 -1.48
CA VAL L 106 33.69 -51.80 -0.70
C VAL L 106 34.42 -50.61 -1.32
N ARG L 107 35.73 -50.74 -1.51
CA ARG L 107 36.55 -49.64 -1.99
C ARG L 107 36.24 -48.36 -1.22
N PRO L 108 36.61 -48.30 0.07
CA PRO L 108 36.37 -47.08 0.83
C PRO L 108 37.16 -45.89 0.27
N GLN L 109 36.53 -44.72 0.30
CA GLN L 109 37.17 -43.52 -0.22
C GLN L 109 36.63 -42.31 0.54
N VAL L 110 37.45 -41.25 0.57
CA VAL L 110 37.11 -40.01 1.26
C VAL L 110 36.31 -39.12 0.32
N HIS L 111 35.68 -38.08 0.87
CA HIS L 111 34.99 -37.12 0.03
C HIS L 111 35.98 -36.42 -0.88
N PRO L 112 35.63 -36.15 -2.14
CA PRO L 112 36.56 -35.40 -3.01
C PRO L 112 36.88 -34.02 -2.48
N ASN L 113 36.01 -33.44 -1.66
CA ASN L 113 36.25 -32.11 -1.10
C ASN L 113 37.23 -32.14 0.06
N TYR L 114 37.67 -33.31 0.50
CA TYR L 114 38.71 -33.39 1.51
C TYR L 114 40.06 -33.01 0.91
N ARG L 115 40.92 -32.43 1.74
CA ARG L 115 42.22 -31.97 1.30
C ARG L 115 43.28 -32.33 2.34
N ILE L 116 44.51 -32.47 1.87
CA ILE L 116 45.64 -32.81 2.72
C ILE L 116 45.37 -34.15 3.40
N GLU M 52 21.64 33.95 -56.69
CA GLU M 52 22.81 33.09 -56.73
C GLU M 52 24.08 33.92 -56.56
N GLN M 53 24.20 34.99 -57.35
CA GLN M 53 25.37 35.84 -57.26
C GLN M 53 25.46 36.52 -55.89
N GLU M 54 24.32 36.95 -55.34
CA GLU M 54 24.33 37.52 -54.01
C GLU M 54 24.79 36.50 -52.99
N PHE M 55 24.36 35.24 -53.13
CA PHE M 55 24.81 34.19 -52.23
C PHE M 55 26.32 33.98 -52.36
N GLN M 56 26.84 34.01 -53.58
CA GLN M 56 28.28 33.84 -53.77
C GLN M 56 29.06 34.98 -53.14
N SER M 57 28.57 36.21 -53.29
CA SER M 57 29.23 37.34 -52.65
C SER M 57 29.20 37.20 -51.13
N LYS M 58 28.06 36.79 -50.58
CA LYS M 58 27.96 36.58 -49.14
C LYS M 58 28.95 35.50 -48.68
N GLN M 59 29.06 34.42 -49.45
CA GLN M 59 30.00 33.35 -49.10
C GLN M 59 31.44 33.85 -49.14
N GLN M 60 31.79 34.62 -50.16
CA GLN M 60 33.14 35.16 -50.24
C GLN M 60 33.44 36.08 -49.06
N ALA M 61 32.48 36.94 -48.71
CA ALA M 61 32.68 37.82 -47.57
C ALA M 61 32.83 37.04 -46.28
N ALA M 62 32.00 36.00 -46.10
CA ALA M 62 32.11 35.18 -44.90
C ALA M 62 33.46 34.48 -44.83
N MET M 63 33.94 33.95 -45.95
CA MET M 63 35.22 33.26 -45.96
C MET M 63 36.36 34.22 -45.63
N GLY M 64 36.33 35.41 -46.24
CA GLY M 64 37.36 36.39 -45.96
C GLY M 64 37.37 36.85 -44.52
N SER M 65 36.18 37.12 -43.97
CA SER M 65 36.08 37.52 -42.57
C SER M 65 36.55 36.40 -41.65
N GLN M 66 36.19 35.15 -41.97
CA GLN M 66 36.62 34.03 -41.15
C GLN M 66 38.14 33.91 -41.15
N GLY M 67 38.77 34.03 -42.33
CA GLY M 67 40.22 33.96 -42.38
C GLY M 67 40.87 35.08 -41.59
N ASN M 68 40.38 36.30 -41.79
CA ASN M 68 40.93 37.44 -41.06
C ASN M 68 40.82 37.24 -39.56
N LEU M 69 39.65 36.81 -39.09
CA LEU M 69 39.45 36.68 -37.65
C LEU M 69 40.18 35.47 -37.07
N SER M 70 40.34 34.39 -37.84
CA SER M 70 41.16 33.29 -37.38
C SER M 70 42.61 33.74 -37.19
N ALA M 71 43.13 34.51 -38.14
CA ALA M 71 44.46 35.06 -37.97
C ALA M 71 44.53 35.98 -36.75
N GLU M 72 43.49 36.81 -36.56
CA GLU M 72 43.47 37.72 -35.43
C GLU M 72 43.50 36.98 -34.10
N VAL M 73 42.67 35.93 -33.98
CA VAL M 73 42.63 35.19 -32.72
C VAL M 73 43.91 34.40 -32.51
N GLU M 74 44.51 33.88 -33.59
CA GLU M 74 45.81 33.23 -33.44
C GLU M 74 46.84 34.21 -32.91
N GLN M 75 46.84 35.44 -33.43
CA GLN M 75 47.77 36.45 -32.94
C GLN M 75 47.49 36.80 -31.48
N ALA M 76 46.20 36.90 -31.12
CA ALA M 76 45.85 37.20 -29.74
C ALA M 76 46.31 36.09 -28.80
N THR M 77 46.12 34.83 -29.21
CA THR M 77 46.59 33.71 -28.40
C THR M 77 48.09 33.74 -28.25
N ARG M 78 48.81 34.01 -29.34
CA ARG M 78 50.27 34.10 -29.24
C ARG M 78 50.69 35.23 -28.31
N ARG M 79 50.01 36.38 -28.38
CA ARG M 79 50.34 37.49 -27.50
C ARG M 79 50.09 37.13 -26.05
N GLN M 80 48.97 36.47 -25.77
CA GLN M 80 48.68 36.05 -24.39
C GLN M 80 49.73 35.07 -23.89
N VAL M 81 50.13 34.11 -24.73
CA VAL M 81 51.13 33.14 -24.31
C VAL M 81 52.47 33.82 -24.05
N GLN M 82 52.86 34.77 -24.91
CA GLN M 82 54.10 35.48 -24.70
C GLN M 82 54.06 36.31 -23.42
N GLY M 83 52.93 36.97 -23.16
CA GLY M 83 52.80 37.71 -21.91
C GLY M 83 52.87 36.80 -20.70
N MET M 84 52.24 35.62 -20.79
CA MET M 84 52.31 34.65 -19.70
C MET M 84 53.74 34.19 -19.48
N GLN M 85 54.48 33.92 -20.56
CA GLN M 85 55.88 33.53 -20.41
C GLN M 85 56.70 34.64 -19.76
N SER M 86 56.50 35.88 -20.20
CA SER M 86 57.23 36.99 -19.60
C SER M 86 56.90 37.16 -18.14
N SER M 87 55.63 36.97 -17.76
CA SER M 87 55.22 37.10 -16.37
C SER M 87 55.75 35.95 -15.51
N GLN M 88 55.85 34.75 -16.08
CA GLN M 88 56.35 33.61 -15.33
C GLN M 88 57.86 33.67 -15.16
N GLN M 89 58.59 34.19 -16.14
CA GLN M 89 60.04 34.25 -16.02
C GLN M 89 60.47 35.12 -14.85
N ARG M 90 59.67 36.12 -14.47
CA ARG M 90 60.05 37.00 -13.38
C ARG M 90 59.91 36.33 -12.02
N ASN M 91 58.94 35.44 -11.86
CA ASN M 91 58.66 34.81 -10.58
C ASN M 91 59.00 33.33 -10.54
N ARG M 92 59.74 32.81 -11.52
CA ARG M 92 60.14 31.41 -11.48
C ARG M 92 61.02 31.14 -10.27
N GLU M 93 62.08 31.95 -10.10
CA GLU M 93 63.05 31.69 -9.04
C GLU M 93 62.41 31.80 -7.66
N ARG M 94 61.60 32.82 -7.43
CA ARG M 94 61.01 33.02 -6.11
C ARG M 94 60.10 31.86 -5.75
N VAL M 95 59.19 31.48 -6.67
CA VAL M 95 58.26 30.40 -6.38
C VAL M 95 59.01 29.08 -6.20
N LEU M 96 60.02 28.84 -7.05
CA LEU M 96 60.79 27.60 -6.91
C LEU M 96 61.52 27.55 -5.57
N THR M 97 62.12 28.67 -5.16
CA THR M 97 62.81 28.70 -3.88
C THR M 97 61.83 28.44 -2.74
N GLN M 98 60.67 29.09 -2.77
CA GLN M 98 59.68 28.88 -1.71
C GLN M 98 59.24 27.42 -1.68
N LEU M 99 58.97 26.84 -2.84
CA LEU M 99 58.49 25.46 -2.92
C LEU M 99 59.54 24.48 -2.40
N LEU M 100 60.80 24.66 -2.81
CA LEU M 100 61.85 23.76 -2.36
C LEU M 100 62.14 23.94 -0.88
N GLY M 101 62.06 25.18 -0.37
CA GLY M 101 62.22 25.38 1.05
C GLY M 101 61.13 24.70 1.85
N MET M 102 59.89 24.77 1.36
CA MET M 102 58.79 24.07 2.03
C MET M 102 58.99 22.57 1.99
N VAL M 103 59.50 22.05 0.88
CA VAL M 103 59.75 20.61 0.77
C VAL M 103 60.84 20.19 1.75
N CYS M 104 61.92 20.95 1.84
CA CYS M 104 63.08 20.54 2.64
C CYS M 104 62.80 20.68 4.13
N ASP M 105 61.89 21.57 4.52
CA ASP M 105 61.56 21.76 5.94
C ASP M 105 60.55 20.69 6.33
N VAL M 106 61.04 19.58 6.88
CA VAL M 106 60.19 18.42 7.10
C VAL M 106 59.30 18.61 8.33
N ARG M 107 59.90 18.87 9.48
CA ARG M 107 59.16 19.06 10.71
C ARG M 107 58.32 17.83 11.01
N PRO M 108 58.94 16.71 11.39
CA PRO M 108 58.15 15.52 11.74
C PRO M 108 57.24 15.79 12.93
N GLN M 109 56.04 15.21 12.88
CA GLN M 109 55.05 15.49 13.90
C GLN M 109 54.10 14.31 14.04
N VAL M 110 53.54 14.15 15.23
CA VAL M 110 52.61 13.07 15.53
C VAL M 110 51.18 13.59 15.37
N HIS M 111 50.26 12.68 15.09
CA HIS M 111 48.87 13.07 14.96
C HIS M 111 48.38 13.65 16.28
N PRO M 112 47.64 14.75 16.27
CA PRO M 112 47.24 15.36 17.54
C PRO M 112 46.41 14.45 18.43
N ASN M 113 45.63 13.54 17.86
CA ASN M 113 44.77 12.67 18.65
C ASN M 113 45.53 11.58 19.38
N TYR M 114 46.81 11.40 19.10
CA TYR M 114 47.57 10.34 19.76
C TYR M 114 47.66 10.61 21.26
N ARG M 115 47.32 9.60 22.06
CA ARG M 115 47.36 9.68 23.51
C ARG M 115 48.11 8.49 24.07
N ILE M 116 49.01 8.76 25.01
CA ILE M 116 49.81 7.70 25.63
C ILE M 116 48.97 6.94 26.63
N LEU N 69 -27.77 25.32 55.27
CA LEU N 69 -27.42 23.94 54.95
C LEU N 69 -25.92 23.77 54.85
N SER N 70 -25.21 24.86 54.54
CA SER N 70 -23.75 24.82 54.55
C SER N 70 -23.21 24.50 55.94
N ALA N 71 -23.76 25.15 56.97
CA ALA N 71 -23.39 24.81 58.34
C ALA N 71 -23.78 23.38 58.65
N GLU N 72 -24.87 22.90 58.08
CA GLU N 72 -25.24 21.50 58.26
C GLU N 72 -24.20 20.57 57.64
N VAL N 73 -23.68 20.94 56.47
CA VAL N 73 -22.63 20.15 55.85
C VAL N 73 -21.38 20.14 56.72
N GLU N 74 -21.02 21.30 57.25
CA GLU N 74 -19.84 21.36 58.13
C GLU N 74 -20.04 20.50 59.37
N GLN N 75 -21.24 20.54 59.97
CA GLN N 75 -21.50 19.73 61.15
C GLN N 75 -21.47 18.25 60.82
N ALA N 76 -21.98 17.86 59.64
CA ALA N 76 -21.89 16.47 59.23
C ALA N 76 -20.44 16.05 59.05
N THR N 77 -19.62 16.93 58.48
CA THR N 77 -18.19 16.62 58.34
C THR N 77 -17.54 16.42 59.70
N ARG N 78 -17.84 17.30 60.65
CA ARG N 78 -17.28 17.16 61.99
C ARG N 78 -17.74 15.87 62.65
N ARG N 79 -19.02 15.52 62.49
CA ARG N 79 -19.54 14.29 63.04
C ARG N 79 -18.81 13.09 62.44
N GLN N 80 -18.59 13.11 61.12
CA GLN N 80 -17.86 12.02 60.48
C GLN N 80 -16.45 11.93 61.03
N VAL N 81 -15.78 13.06 61.22
CA VAL N 81 -14.41 13.03 61.74
C VAL N 81 -14.38 12.45 63.14
N GLN N 82 -15.32 12.85 64.00
CA GLN N 82 -15.38 12.28 65.35
C GLN N 82 -15.64 10.78 65.29
N GLY N 83 -16.53 10.34 64.41
CA GLY N 83 -16.78 8.92 64.28
C GLY N 83 -15.55 8.15 63.86
N MET N 84 -14.80 8.69 62.88
CA MET N 84 -13.56 8.05 62.47
C MET N 84 -12.56 7.99 63.62
N GLN N 85 -12.44 9.07 64.40
CA GLN N 85 -11.50 9.06 65.52
C GLN N 85 -11.88 8.00 66.56
N SER N 86 -13.18 7.89 66.86
CA SER N 86 -13.61 6.91 67.86
C SER N 86 -13.39 5.49 67.35
N SER N 87 -13.80 5.21 66.11
CA SER N 87 -13.61 3.89 65.55
C SER N 87 -12.13 3.53 65.47
N GLN N 88 -11.27 4.52 65.21
CA GLN N 88 -9.83 4.29 65.28
C GLN N 88 -9.43 3.89 66.69
N GLN N 89 -9.61 4.81 67.65
CA GLN N 89 -9.28 4.57 69.05
C GLN N 89 -9.67 3.16 69.49
N ARG N 90 -10.82 2.67 69.02
CA ARG N 90 -11.29 1.37 69.47
C ARG N 90 -10.30 0.25 69.14
N ASN N 91 -9.86 0.18 67.88
CA ASN N 91 -9.05 -0.94 67.41
C ASN N 91 -7.58 -0.60 67.20
N ARG N 92 -7.16 0.62 67.56
CA ARG N 92 -5.79 1.06 67.30
C ARG N 92 -4.78 0.14 67.96
N GLU N 93 -5.03 -0.24 69.22
CA GLU N 93 -4.05 -1.03 69.95
C GLU N 93 -3.82 -2.38 69.29
N ARG N 94 -4.89 -3.08 68.94
CA ARG N 94 -4.72 -4.39 68.30
C ARG N 94 -4.13 -4.25 66.91
N VAL N 95 -4.49 -3.18 66.17
CA VAL N 95 -3.90 -2.97 64.86
C VAL N 95 -2.40 -2.81 64.98
N LEU N 96 -1.96 -1.97 65.92
CA LEU N 96 -0.54 -1.72 66.09
C LEU N 96 0.19 -2.98 66.58
N THR N 97 -0.42 -3.71 67.52
CA THR N 97 0.19 -4.94 67.99
C THR N 97 0.42 -5.91 66.83
N GLN N 98 -0.62 -6.12 66.02
CA GLN N 98 -0.48 -7.08 64.92
C GLN N 98 0.54 -6.60 63.90
N LEU N 99 0.52 -5.30 63.59
CA LEU N 99 1.44 -4.75 62.61
C LEU N 99 2.90 -4.92 63.06
N LEU N 100 3.20 -4.54 64.31
CA LEU N 100 4.57 -4.70 64.78
C LEU N 100 4.94 -6.16 64.96
N GLY N 101 4.00 -7.01 65.36
CA GLY N 101 4.31 -8.43 65.47
C GLY N 101 4.73 -9.02 64.14
N MET N 102 4.04 -8.62 63.06
CA MET N 102 4.41 -9.14 61.75
C MET N 102 5.59 -8.38 61.14
N VAL N 103 5.92 -7.20 61.64
CA VAL N 103 7.15 -6.54 61.24
C VAL N 103 8.35 -7.24 61.84
N CYS N 104 8.28 -7.59 63.13
CA CYS N 104 9.39 -8.27 63.78
C CYS N 104 9.57 -9.69 63.27
N ASP N 105 8.46 -10.37 62.97
CA ASP N 105 8.52 -11.73 62.44
C ASP N 105 9.09 -11.67 61.02
N VAL N 106 10.32 -12.14 60.86
CA VAL N 106 11.07 -11.92 59.63
C VAL N 106 10.84 -13.04 58.64
N ARG N 107 11.19 -14.28 59.03
CA ARG N 107 11.13 -15.42 58.12
C ARG N 107 11.99 -15.17 56.89
N PRO N 108 13.31 -15.14 57.03
CA PRO N 108 14.18 -15.01 55.84
C PRO N 108 14.06 -16.24 54.93
N GLN N 109 14.16 -15.98 53.63
CA GLN N 109 14.04 -17.06 52.65
C GLN N 109 14.59 -16.60 51.32
N VAL N 110 15.24 -17.52 50.60
CA VAL N 110 15.84 -17.23 49.30
C VAL N 110 14.73 -17.12 48.26
N HIS N 111 15.08 -16.61 47.09
CA HIS N 111 14.10 -16.51 46.01
C HIS N 111 13.66 -17.92 45.60
N PRO N 112 12.37 -18.15 45.37
CA PRO N 112 11.94 -19.52 45.01
C PRO N 112 12.62 -20.05 43.76
N ASN N 113 12.98 -19.18 42.82
CA ASN N 113 13.60 -19.61 41.58
C ASN N 113 15.07 -19.98 41.75
N TYR N 114 15.65 -19.75 42.92
CA TYR N 114 17.02 -20.19 43.16
C TYR N 114 17.07 -21.70 43.31
N ARG N 115 17.96 -22.34 42.56
CA ARG N 115 18.10 -23.79 42.56
C ARG N 115 19.56 -24.17 42.63
N ILE N 116 19.86 -25.19 43.43
CA ILE N 116 21.23 -25.67 43.58
C ILE N 116 21.22 -27.19 43.66
N GLY O 11 34.13 12.99 -28.41
CA GLY O 11 35.24 12.08 -28.22
C GLY O 11 35.55 11.81 -26.76
N GLY O 12 34.74 10.96 -26.15
CA GLY O 12 34.95 10.60 -24.75
C GLY O 12 35.91 9.44 -24.59
N LEU O 13 37.02 9.49 -25.31
CA LEU O 13 38.04 8.45 -25.24
C LEU O 13 39.05 8.78 -24.16
N THR O 14 39.57 7.76 -23.51
CA THR O 14 40.62 7.96 -22.53
C THR O 14 41.86 8.53 -23.22
N SER O 15 42.64 9.29 -22.46
CA SER O 15 43.78 10.01 -23.05
C SER O 15 44.66 9.06 -23.85
N GLU O 16 44.97 7.89 -23.30
CA GLU O 16 45.80 6.93 -24.03
C GLU O 16 45.12 6.51 -25.33
N GLN O 17 43.84 6.17 -25.25
CA GLN O 17 43.11 5.77 -26.45
C GLN O 17 43.02 6.93 -27.43
N TYR O 18 42.78 8.14 -26.93
CA TYR O 18 42.68 9.29 -27.82
C TYR O 18 43.98 9.52 -28.58
N HIS O 19 45.11 9.44 -27.89
CA HIS O 19 46.38 9.73 -28.56
C HIS O 19 46.80 8.59 -29.47
N SER O 20 46.48 7.35 -29.10
CA SER O 20 46.70 6.24 -30.03
C SER O 20 45.86 6.42 -31.28
N GLN O 21 44.62 6.88 -31.13
CA GLN O 21 43.78 7.16 -32.30
C GLN O 21 44.37 8.29 -33.15
N VAL O 22 44.94 9.30 -32.50
CA VAL O 22 45.58 10.37 -33.26
C VAL O 22 46.73 9.82 -34.10
N VAL O 23 47.56 8.98 -33.47
CA VAL O 23 48.68 8.38 -34.21
C VAL O 23 48.16 7.54 -35.37
N GLY O 24 47.10 6.77 -35.11
CA GLY O 24 46.51 5.98 -36.18
C GLY O 24 45.98 6.83 -37.32
N LYS O 25 45.34 7.96 -36.99
CA LYS O 25 44.83 8.84 -38.03
C LYS O 25 45.97 9.41 -38.86
N ILE O 26 47.07 9.79 -38.21
CA ILE O 26 48.23 10.29 -38.95
C ILE O 26 48.75 9.20 -39.90
N GLY O 27 48.89 7.98 -39.38
CA GLY O 27 49.37 6.90 -40.23
C GLY O 27 48.43 6.59 -41.37
N TYR O 28 47.12 6.68 -41.12
CA TYR O 28 46.14 6.38 -42.16
C TYR O 28 46.16 7.46 -43.24
N ILE O 29 46.35 8.73 -42.83
CA ILE O 29 46.49 9.80 -43.81
C ILE O 29 47.73 9.56 -44.66
N ALA O 30 48.83 9.15 -44.02
CA ALA O 30 50.04 8.85 -44.78
C ALA O 30 49.80 7.73 -45.78
N ARG O 31 49.15 6.66 -45.34
CA ARG O 31 48.90 5.52 -46.23
C ARG O 31 47.96 5.92 -47.37
N CYS O 32 46.93 6.71 -47.08
CA CYS O 32 46.01 7.15 -48.13
C CYS O 32 46.73 8.01 -49.14
N MET O 33 47.59 8.92 -48.68
CA MET O 33 48.37 9.74 -49.61
C MET O 33 49.27 8.87 -50.46
N GLN O 34 49.93 7.89 -49.86
CA GLN O 34 50.83 7.03 -50.63
C GLN O 34 50.06 6.23 -51.67
N THR O 35 48.87 5.76 -51.32
CA THR O 35 48.09 4.94 -52.25
C THR O 35 47.51 5.77 -53.39
N ILE O 36 46.94 6.94 -53.07
CA ILE O 36 46.32 7.75 -54.10
C ILE O 36 47.36 8.26 -55.09
N ASP O 37 48.49 8.76 -54.58
CA ASP O 37 49.53 9.35 -55.42
C ASP O 37 50.88 8.83 -54.97
N PRO O 38 51.22 7.59 -55.34
CA PRO O 38 52.57 7.10 -55.05
C PRO O 38 53.67 7.88 -55.75
N GLU O 39 53.34 8.62 -56.81
CA GLU O 39 54.32 9.38 -57.59
C GLU O 39 54.57 10.78 -57.02
N ASN O 40 53.84 11.19 -56.00
CA ASN O 40 53.99 12.52 -55.40
C ASN O 40 53.66 13.63 -56.40
N ASN O 41 52.85 13.31 -57.41
CA ASN O 41 52.46 14.32 -58.39
C ASN O 41 51.46 15.32 -57.81
N LEU O 42 50.59 14.88 -56.92
CA LEU O 42 49.59 15.74 -56.29
C LEU O 42 50.29 16.66 -55.28
N LYS O 43 51.07 17.59 -55.82
CA LYS O 43 51.87 18.45 -54.96
C LYS O 43 51.00 19.30 -54.04
N LYS O 44 49.94 19.91 -54.59
CA LYS O 44 49.10 20.79 -53.78
C LYS O 44 48.54 20.07 -52.56
N ILE O 45 47.94 18.90 -52.77
CA ILE O 45 47.33 18.17 -51.67
C ILE O 45 48.39 17.76 -50.65
N ARG O 46 49.55 17.32 -51.12
CA ARG O 46 50.61 16.91 -50.21
C ARG O 46 51.09 18.07 -49.35
N GLU O 47 51.21 19.27 -49.94
CA GLU O 47 51.54 20.43 -49.12
C GLU O 47 50.44 20.72 -48.12
N ASP O 48 49.17 20.58 -48.54
CA ASP O 48 48.06 20.80 -47.62
C ASP O 48 48.16 19.85 -46.43
N TYR O 49 48.70 18.66 -46.64
CA TYR O 49 48.83 17.64 -45.60
C TYR O 49 50.26 17.51 -45.08
N GLN O 50 51.08 18.53 -45.24
CA GLN O 50 52.47 18.44 -44.82
C GLN O 50 52.57 18.21 -43.31
N ASP O 51 51.75 18.91 -42.53
CA ASP O 51 51.86 18.81 -41.08
C ASP O 51 51.57 17.41 -40.57
N VAL O 52 50.87 16.59 -41.34
CA VAL O 52 50.60 15.21 -40.95
C VAL O 52 51.46 14.21 -41.73
N LEU O 53 51.88 14.55 -42.95
CA LEU O 53 52.71 13.66 -43.74
C LEU O 53 54.19 13.76 -43.38
N ILE O 54 54.59 14.76 -42.61
CA ILE O 54 55.99 14.87 -42.21
C ILE O 54 56.37 13.70 -41.30
N TRP O 55 55.44 13.27 -40.46
CA TRP O 55 55.70 12.19 -39.51
C TRP O 55 55.79 10.84 -40.19
N ALA O 56 55.43 10.73 -41.46
CA ALA O 56 55.58 9.50 -42.22
C ALA O 56 56.68 9.57 -43.26
N GLU O 57 56.88 10.73 -43.90
CA GLU O 57 58.00 10.88 -44.80
C GLU O 57 59.32 10.73 -44.06
N LYS O 58 59.42 11.35 -42.89
CA LYS O 58 60.52 11.09 -41.97
C LYS O 58 60.09 9.97 -41.04
N ASN O 59 60.79 8.85 -41.09
CA ASN O 59 60.35 7.64 -40.40
C ASN O 59 60.42 7.83 -38.89
N TYR O 60 59.27 7.87 -38.24
CA TYR O 60 59.16 7.89 -36.79
C TYR O 60 58.51 6.59 -36.32
N ARG O 61 58.98 6.08 -35.19
CA ARG O 61 58.33 4.93 -34.59
C ARG O 61 56.97 5.33 -34.05
N PHE O 62 56.10 4.34 -33.87
CA PHE O 62 54.78 4.61 -33.30
C PHE O 62 54.92 5.33 -31.96
N GLU O 63 55.89 4.94 -31.16
CA GLU O 63 56.06 5.55 -29.85
C GLU O 63 56.50 7.00 -29.96
N GLU O 64 57.39 7.31 -30.91
CA GLU O 64 57.83 8.70 -31.08
C GLU O 64 56.66 9.58 -31.49
N ILE O 65 55.84 9.11 -32.43
CA ILE O 65 54.70 9.90 -32.87
C ILE O 65 53.68 10.03 -31.76
N LEU O 66 53.52 8.98 -30.95
CA LEU O 66 52.60 9.06 -29.81
C LEU O 66 53.07 10.09 -28.80
N GLU O 67 54.38 10.11 -28.51
CA GLU O 67 54.93 11.11 -27.61
C GLU O 67 54.75 12.51 -28.17
N ALA O 68 54.96 12.68 -29.47
CA ALA O 68 54.76 13.98 -30.09
C ALA O 68 53.29 14.42 -29.99
N SER O 69 52.37 13.49 -30.21
CA SER O 69 50.95 13.82 -30.09
C SER O 69 50.59 14.23 -28.67
N LYS O 70 51.11 13.50 -27.67
CA LYS O 70 50.83 13.86 -26.29
C LYS O 70 51.43 15.22 -25.95
N SER O 71 52.65 15.50 -26.43
CA SER O 71 53.33 16.74 -26.12
C SER O 71 52.76 17.93 -26.87
N GLY O 72 51.95 17.71 -27.90
CA GLY O 72 51.38 18.79 -28.68
C GLY O 72 52.09 19.08 -29.98
N LYS O 73 53.26 18.48 -30.23
CA LYS O 73 53.97 18.74 -31.48
C LYS O 73 53.18 18.19 -32.67
N CYS O 74 52.66 16.97 -32.56
CA CYS O 74 51.83 16.41 -33.60
C CYS O 74 50.45 17.07 -33.61
N PRO O 75 49.78 17.13 -34.76
CA PRO O 75 48.36 17.50 -34.76
C PRO O 75 47.56 16.49 -33.95
N ASN O 76 47.00 16.94 -32.83
CA ASN O 76 46.36 16.04 -31.86
C ASN O 76 44.89 16.39 -31.69
N ASP O 77 44.25 16.90 -32.74
CA ASP O 77 42.83 17.20 -32.72
C ASP O 77 42.12 16.12 -33.54
N LEU O 78 41.42 15.21 -32.87
CA LEU O 78 40.79 14.11 -33.58
C LEU O 78 39.69 14.59 -34.52
N ASP O 79 39.04 15.71 -34.20
CA ASP O 79 38.00 16.22 -35.09
C ASP O 79 38.61 16.70 -36.41
N ALA O 80 39.63 17.54 -36.33
CA ALA O 80 40.27 18.03 -37.56
C ALA O 80 40.96 16.89 -38.31
N LEU O 81 41.65 16.02 -37.59
CA LEU O 81 42.31 14.89 -38.24
C LEU O 81 41.29 13.99 -38.90
N SER O 82 40.16 13.75 -38.24
CA SER O 82 39.12 12.92 -38.82
C SER O 82 38.54 13.55 -40.07
N ARG O 83 38.31 14.87 -40.05
CA ARG O 83 37.81 15.55 -41.24
C ARG O 83 38.79 15.42 -42.40
N ARG O 84 40.07 15.71 -42.14
CA ARG O 84 41.07 15.63 -43.21
C ARG O 84 41.21 14.20 -43.72
N SER O 85 41.23 13.23 -42.82
CA SER O 85 41.35 11.84 -43.22
C SER O 85 40.14 11.40 -44.02
N LEU O 86 38.95 11.88 -43.66
CA LEU O 86 37.76 11.54 -44.45
C LEU O 86 37.83 12.15 -45.83
N ILE O 87 38.30 13.39 -45.95
CA ILE O 87 38.45 14.00 -47.26
C ILE O 87 39.37 13.14 -48.13
N LEU O 88 40.53 12.79 -47.57
CA LEU O 88 41.49 12.01 -48.36
C LEU O 88 40.98 10.60 -48.62
N GLN O 89 40.23 10.02 -47.68
CA GLN O 89 39.67 8.69 -47.89
C GLN O 89 38.65 8.69 -49.01
N GLU O 90 37.78 9.70 -49.06
CA GLU O 90 36.82 9.79 -50.15
C GLU O 90 37.53 10.02 -51.48
N LEU O 91 38.57 10.85 -51.49
CA LEU O 91 39.32 11.05 -52.73
C LEU O 91 39.95 9.73 -53.20
N LEU O 92 40.55 8.99 -52.28
CA LEU O 92 41.18 7.72 -52.65
C LEU O 92 40.13 6.70 -53.08
N ARG O 93 38.96 6.72 -52.45
CA ARG O 93 37.87 5.84 -52.88
C ARG O 93 37.44 6.16 -54.30
N LEU O 94 37.33 7.45 -54.62
CA LEU O 94 37.00 7.85 -55.97
C LEU O 94 38.06 7.39 -56.96
N VAL O 95 39.33 7.55 -56.59
CA VAL O 95 40.41 7.15 -57.49
C VAL O 95 40.41 5.65 -57.71
N SER O 96 40.24 4.88 -56.63
CA SER O 96 40.30 3.42 -56.74
C SER O 96 39.11 2.88 -57.51
N SER O 97 37.91 3.38 -57.21
CA SER O 97 36.73 2.97 -57.97
C SER O 97 36.82 3.42 -59.42
N ILE O 98 37.73 4.32 -59.74
CA ILE O 98 38.01 4.75 -61.11
C ILE O 98 39.33 4.18 -61.61
N SER O 99 39.93 3.25 -60.87
CA SER O 99 41.32 2.82 -61.03
C SER O 99 41.75 2.67 -62.48
N PRO O 100 41.08 1.84 -63.29
CA PRO O 100 41.57 1.66 -64.67
C PRO O 100 41.64 2.95 -65.46
N PHE O 101 40.68 3.86 -65.26
CA PHE O 101 40.59 5.09 -66.05
C PHE O 101 41.14 6.25 -65.21
N LYS O 102 42.46 6.40 -65.24
CA LYS O 102 43.12 7.37 -64.39
C LYS O 102 42.58 8.78 -64.64
N MET O 103 42.35 9.51 -63.54
CA MET O 103 41.84 10.87 -63.62
C MET O 103 42.99 11.85 -63.84
N LYS O 104 42.65 13.00 -64.43
CA LYS O 104 43.63 14.04 -64.66
C LYS O 104 43.96 14.77 -63.35
N LEU O 105 45.23 15.17 -63.23
CA LEU O 105 45.68 15.78 -61.98
C LEU O 105 44.91 17.06 -61.67
N ASP O 106 44.65 17.88 -62.68
CA ASP O 106 43.89 19.11 -62.46
C ASP O 106 42.49 18.79 -61.94
N LEU O 107 41.83 17.81 -62.55
CA LEU O 107 40.49 17.44 -62.08
C LEU O 107 40.54 16.78 -60.71
N ILE O 108 41.60 16.01 -60.42
CA ILE O 108 41.75 15.45 -59.08
C ILE O 108 41.84 16.57 -58.05
N GLU O 109 42.64 17.60 -58.36
CA GLU O 109 42.76 18.73 -57.45
C GLU O 109 41.42 19.45 -57.30
N SER O 110 40.68 19.59 -58.40
CA SER O 110 39.36 20.23 -58.30
C SER O 110 38.44 19.43 -57.38
N GLN O 111 38.43 18.10 -57.54
CA GLN O 111 37.59 17.26 -56.68
C GLN O 111 38.03 17.39 -55.23
N TYR O 112 39.34 17.41 -54.97
CA TYR O 112 39.83 17.56 -53.61
C TYR O 112 39.39 18.89 -53.02
N GLU O 113 39.48 19.96 -53.81
CA GLU O 113 39.07 21.27 -53.31
C GLU O 113 37.58 21.28 -52.98
N LYS O 114 36.76 20.69 -53.85
CA LYS O 114 35.33 20.63 -53.57
C LYS O 114 35.04 19.82 -52.32
N MET O 115 35.74 18.70 -52.14
CA MET O 115 35.54 17.89 -50.93
C MET O 115 35.95 18.68 -49.69
N LYS O 116 37.07 19.40 -49.76
CA LYS O 116 37.51 20.21 -48.63
C LYS O 116 36.48 21.28 -48.29
N GLN O 117 35.91 21.92 -49.31
CA GLN O 117 34.92 22.97 -49.06
C GLN O 117 33.68 22.41 -48.38
N HIS O 118 33.27 21.20 -48.74
CA HIS O 118 32.01 20.65 -48.24
C HIS O 118 32.03 20.58 -46.72
N VAL O 119 30.89 20.94 -46.11
CA VAL O 119 30.82 21.02 -44.65
C VAL O 119 30.86 19.63 -44.03
N ASN O 120 30.11 18.68 -44.58
CA ASN O 120 29.99 17.35 -43.98
C ASN O 120 29.93 16.33 -45.12
N LEU O 121 31.05 15.61 -45.33
CA LEU O 121 31.15 14.75 -46.50
C LEU O 121 30.20 13.56 -46.43
N TRP O 122 29.99 12.99 -45.24
CA TRP O 122 29.05 11.87 -45.13
C TRP O 122 27.63 12.29 -45.50
N LYS O 123 27.33 13.58 -45.50
CA LYS O 123 26.08 14.10 -46.03
C LYS O 123 26.20 14.56 -47.47
N SER O 124 27.40 14.52 -48.05
CA SER O 124 27.61 15.03 -49.38
C SER O 124 27.02 14.10 -50.43
N ASP O 125 26.51 14.69 -51.51
CA ASP O 125 26.08 13.87 -52.65
C ASP O 125 27.27 13.14 -53.26
N TYR O 126 28.49 13.65 -53.06
CA TYR O 126 29.68 12.97 -53.53
C TYR O 126 29.82 11.61 -52.85
N HIS O 127 29.57 11.57 -51.54
CA HIS O 127 29.65 10.32 -50.80
C HIS O 127 28.62 9.31 -51.30
N VAL O 128 27.39 9.79 -51.58
CA VAL O 128 26.35 8.89 -52.08
C VAL O 128 26.73 8.35 -53.45
N LYS O 129 27.24 9.23 -54.33
CA LYS O 129 27.65 8.78 -55.66
C LYS O 129 28.77 7.75 -55.57
N LEU O 130 29.74 7.99 -54.68
CA LEU O 130 30.81 7.01 -54.50
C LEU O 130 30.28 5.71 -53.93
N ASN O 131 29.27 5.78 -53.05
CA ASN O 131 28.66 4.56 -52.53
C ASN O 131 28.00 3.76 -53.65
N GLN O 132 27.31 4.44 -54.56
CA GLN O 132 26.70 3.75 -55.69
C GLN O 132 27.76 3.10 -56.58
N LEU O 133 28.79 3.87 -56.94
CA LEU O 133 29.87 3.33 -57.76
C LEU O 133 30.52 2.13 -57.08
N ASN O 134 30.63 2.17 -55.75
CA ASN O 134 31.25 1.08 -55.02
C ASN O 134 30.32 -0.13 -54.96
N GLN O 135 29.01 0.09 -54.88
CA GLN O 135 28.09 -1.03 -55.03
C GLN O 135 28.36 -1.75 -56.34
N LEU O 136 28.40 -0.99 -57.44
CA LEU O 136 28.63 -1.61 -58.74
C LEU O 136 29.97 -2.34 -58.78
N THR O 137 31.04 -1.66 -58.36
CA THR O 137 32.38 -2.25 -58.47
C THR O 137 32.52 -3.47 -57.57
N ASP O 138 31.98 -3.41 -56.35
CA ASP O 138 32.06 -4.55 -55.44
C ASP O 138 31.31 -5.74 -55.99
N TYR O 139 30.12 -5.51 -56.56
CA TYR O 139 29.40 -6.62 -57.20
C TYR O 139 30.22 -7.20 -58.33
N LEU O 140 30.82 -6.35 -59.16
CA LEU O 140 31.56 -6.83 -60.32
C LEU O 140 32.86 -7.52 -59.94
N LYS O 141 33.39 -7.25 -58.75
CA LYS O 141 34.66 -7.84 -58.35
C LYS O 141 34.59 -9.37 -58.40
N ASN O 142 33.50 -9.95 -57.92
CA ASN O 142 33.36 -11.40 -57.85
C ASN O 142 32.35 -11.96 -58.85
N ALA O 143 31.49 -11.13 -59.42
CA ALA O 143 30.40 -11.62 -60.25
C ALA O 143 30.93 -12.45 -61.41
N ALA O 144 30.32 -13.63 -61.61
CA ALA O 144 30.68 -14.50 -62.71
C ALA O 144 30.17 -13.93 -64.03
N PRO O 145 30.71 -14.39 -65.17
CA PRO O 145 30.28 -13.82 -66.46
C PRO O 145 28.92 -14.32 -66.93
N THR O 146 27.87 -13.90 -66.23
CA THR O 146 26.50 -14.08 -66.71
C THR O 146 26.07 -12.85 -67.49
N PRO O 147 25.00 -12.96 -68.28
CA PRO O 147 24.59 -11.80 -69.10
C PRO O 147 24.40 -10.53 -68.29
N LYS O 148 23.76 -10.63 -67.12
CA LYS O 148 23.63 -9.47 -66.27
C LYS O 148 24.99 -8.93 -65.86
N ASN O 149 25.91 -9.84 -65.51
CA ASN O 149 27.23 -9.40 -65.07
C ASN O 149 28.02 -8.76 -66.19
N ASN O 150 27.93 -9.31 -67.41
CA ASN O 150 28.60 -8.68 -68.54
C ASN O 150 28.02 -7.29 -68.82
N PHE O 151 26.70 -7.17 -68.79
CA PHE O 151 26.08 -5.88 -69.03
C PHE O 151 26.49 -4.87 -67.97
N LEU O 152 26.49 -5.29 -66.71
CA LEU O 152 26.90 -4.40 -65.63
C LEU O 152 28.36 -4.02 -65.76
N ARG O 153 29.21 -4.96 -66.17
CA ARG O 153 30.63 -4.65 -66.38
C ARG O 153 30.80 -3.59 -67.46
N ALA O 154 30.09 -3.73 -68.58
CA ALA O 154 30.21 -2.75 -69.64
C ALA O 154 29.73 -1.38 -69.18
N MET O 155 28.56 -1.34 -68.54
CA MET O 155 28.01 -0.07 -68.08
C MET O 155 28.91 0.57 -67.03
N THR O 156 29.48 -0.24 -66.14
CA THR O 156 30.36 0.29 -65.11
C THR O 156 31.65 0.81 -65.70
N SER O 157 32.19 0.14 -66.73
CA SER O 157 33.38 0.66 -67.39
C SER O 157 33.09 2.01 -68.03
N VAL O 158 31.95 2.12 -68.72
CA VAL O 158 31.61 3.40 -69.33
C VAL O 158 31.43 4.47 -68.26
N LEU O 159 30.77 4.12 -67.15
CA LEU O 159 30.57 5.07 -66.07
C LEU O 159 31.89 5.50 -65.44
N GLN O 160 32.82 4.56 -65.26
CA GLN O 160 34.13 4.91 -64.71
C GLN O 160 34.87 5.86 -65.64
N MET O 161 34.83 5.60 -66.95
CA MET O 161 35.47 6.50 -67.91
C MET O 161 34.84 7.89 -67.82
N GLN O 162 33.52 7.96 -67.76
CA GLN O 162 32.85 9.25 -67.71
C GLN O 162 33.20 10.00 -66.43
N ILE O 163 33.24 9.31 -65.30
CA ILE O 163 33.56 9.96 -64.03
C ILE O 163 35.00 10.42 -64.02
N ALA O 164 35.90 9.63 -64.60
CA ALA O 164 37.30 10.06 -64.73
C ALA O 164 37.39 11.31 -65.58
N GLN O 165 36.60 11.38 -66.65
CA GLN O 165 36.63 12.57 -67.51
C GLN O 165 36.07 13.79 -66.80
N TYR O 166 34.98 13.63 -66.05
CA TYR O 166 34.28 14.75 -65.44
C TYR O 166 34.51 14.84 -63.93
N GLY O 167 34.24 13.79 -63.18
CA GLY O 167 34.31 13.83 -61.74
C GLY O 167 32.91 13.80 -61.13
N ILE O 168 32.85 13.37 -59.86
CA ILE O 168 31.55 13.17 -59.22
C ILE O 168 31.01 14.43 -58.57
N THR O 169 31.80 15.51 -58.48
CA THR O 169 31.30 16.73 -57.86
C THR O 169 30.21 17.38 -58.70
N GLU O 170 30.29 17.26 -60.02
CA GLU O 170 29.34 17.89 -60.91
C GLU O 170 28.01 17.15 -60.90
N ASP O 171 26.98 17.82 -61.42
CA ASP O 171 25.65 17.23 -61.58
C ASP O 171 25.44 16.65 -62.98
N ASN O 172 26.50 16.15 -63.61
CA ASN O 172 26.41 15.63 -64.97
C ASN O 172 25.22 14.72 -65.14
N GLU O 173 24.33 15.08 -66.07
CA GLU O 173 23.13 14.28 -66.29
C GLU O 173 23.48 12.90 -66.82
N GLY O 174 24.48 12.81 -67.71
CA GLY O 174 24.87 11.51 -68.21
C GLY O 174 25.30 10.57 -67.11
N ILE O 175 26.14 11.05 -66.19
CA ILE O 175 26.59 10.22 -65.08
C ILE O 175 25.41 9.81 -64.21
N ASN O 176 24.49 10.74 -63.94
CA ASN O 176 23.35 10.42 -63.09
C ASN O 176 22.47 9.34 -63.72
N GLN O 177 22.19 9.48 -65.03
CA GLN O 177 21.36 8.48 -65.69
C GLN O 177 22.06 7.13 -65.75
N LEU O 178 23.37 7.13 -66.00
CA LEU O 178 24.10 5.87 -65.99
C LEU O 178 24.08 5.23 -64.61
N PHE O 179 24.23 6.03 -63.55
CA PHE O 179 24.09 5.54 -62.20
C PHE O 179 22.73 4.87 -62.02
N LYS O 180 21.67 5.58 -62.40
CA LYS O 180 20.32 5.05 -62.21
C LYS O 180 20.17 3.71 -62.92
N LEU O 181 20.54 3.64 -64.19
CA LEU O 181 20.31 2.42 -64.96
C LEU O 181 21.17 1.27 -64.46
N GLY O 182 22.45 1.54 -64.15
CA GLY O 182 23.30 0.49 -63.64
C GLY O 182 22.83 -0.04 -62.31
N LEU O 183 22.41 0.84 -61.40
CA LEU O 183 21.89 0.41 -60.12
C LEU O 183 20.61 -0.40 -60.29
N HIS O 184 19.73 0.02 -61.21
CA HIS O 184 18.51 -0.74 -61.44
C HIS O 184 18.83 -2.13 -61.97
N LEU O 185 19.77 -2.22 -62.91
CA LEU O 185 20.17 -3.53 -63.41
C LEU O 185 20.75 -4.38 -62.30
N LEU O 186 21.58 -3.79 -61.44
CA LEU O 186 22.17 -4.53 -60.33
C LEU O 186 21.10 -5.06 -59.39
N ALA O 187 20.10 -4.23 -59.07
CA ALA O 187 19.05 -4.66 -58.16
C ALA O 187 18.10 -5.66 -58.81
N MET O 188 17.97 -5.61 -60.13
CA MET O 188 17.04 -6.49 -60.82
C MET O 188 17.45 -7.95 -60.64
N ALA O 189 16.45 -8.82 -60.58
CA ALA O 189 16.70 -10.23 -60.32
C ALA O 189 17.54 -10.85 -61.42
N ASN O 190 18.31 -11.87 -61.04
CA ASN O 190 19.18 -12.54 -61.99
C ASN O 190 18.42 -13.44 -62.97
N GLU O 191 17.18 -13.81 -62.63
CA GLU O 191 16.38 -14.64 -63.52
C GLU O 191 15.67 -13.83 -64.61
N LYS O 192 15.63 -12.51 -64.49
CA LYS O 192 14.91 -11.66 -65.43
C LYS O 192 15.81 -11.31 -66.61
N ILE O 193 16.03 -12.32 -67.46
CA ILE O 193 16.86 -12.13 -68.65
C ILE O 193 16.23 -11.09 -69.57
N ASP O 194 14.92 -11.20 -69.79
CA ASP O 194 14.24 -10.28 -70.71
C ASP O 194 14.36 -8.84 -70.24
N GLU O 195 14.12 -8.59 -68.95
CA GLU O 195 14.20 -7.24 -68.43
C GLU O 195 15.63 -6.71 -68.48
N GLN O 196 16.60 -7.55 -68.17
CA GLN O 196 18.00 -7.12 -68.24
C GLN O 196 18.37 -6.70 -69.67
N TYR O 197 17.97 -7.52 -70.65
CA TYR O 197 18.27 -7.18 -72.04
C TYR O 197 17.53 -5.92 -72.47
N HIS O 198 16.29 -5.75 -72.02
CA HIS O 198 15.56 -4.52 -72.34
C HIS O 198 16.27 -3.31 -71.77
N LEU O 199 16.76 -3.41 -70.53
CA LEU O 199 17.49 -2.31 -69.92
C LEU O 199 18.77 -1.99 -70.68
N PHE O 200 19.53 -3.02 -71.05
CA PHE O 200 20.76 -2.78 -71.79
C PHE O 200 20.46 -2.12 -73.14
N LYS O 201 19.43 -2.61 -73.83
CA LYS O 201 19.07 -2.04 -75.12
C LYS O 201 18.65 -0.58 -74.96
N GLY O 202 17.87 -0.28 -73.93
CA GLY O 202 17.49 1.11 -73.69
C GLY O 202 18.70 2.00 -73.45
N TYR O 203 19.64 1.53 -72.63
CA TYR O 203 20.84 2.31 -72.38
C TYR O 203 21.62 2.55 -73.66
N VAL O 204 21.82 1.49 -74.45
CA VAL O 204 22.62 1.62 -75.67
C VAL O 204 21.94 2.59 -76.63
N LYS O 205 20.62 2.49 -76.78
CA LYS O 205 19.91 3.40 -77.66
C LYS O 205 20.04 4.83 -77.17
N ASP O 206 19.94 5.04 -75.86
CA ASP O 206 20.02 6.38 -75.30
C ASP O 206 21.43 6.95 -75.30
N GLN O 207 22.45 6.14 -75.56
CA GLN O 207 23.81 6.66 -75.56
C GLN O 207 24.03 7.53 -76.80
N PRO O 208 24.46 8.78 -76.65
CA PRO O 208 24.68 9.62 -77.84
C PRO O 208 25.66 9.01 -78.84
N GLU O 209 26.72 8.37 -78.36
CA GLU O 209 27.74 7.84 -79.25
C GLU O 209 27.20 6.65 -80.03
N GLU O 210 27.69 6.52 -81.26
CA GLU O 210 27.30 5.39 -82.10
C GLU O 210 27.62 4.06 -81.41
N SER O 211 28.85 3.93 -80.92
CA SER O 211 29.25 2.78 -80.11
C SER O 211 29.63 3.30 -78.72
N PRO O 212 28.90 2.91 -77.67
CA PRO O 212 29.19 3.49 -76.34
C PRO O 212 30.59 3.20 -75.84
N PHE O 213 31.27 2.18 -76.36
CA PHE O 213 32.52 1.69 -75.79
C PHE O 213 33.74 2.29 -76.47
N GLU O 214 33.85 2.12 -77.79
CA GLU O 214 35.00 2.61 -78.54
C GLU O 214 36.31 2.11 -77.93
N GLY O 215 36.35 0.82 -77.63
CA GLY O 215 37.55 0.22 -77.09
C GLY O 215 37.74 0.37 -75.60
N ILE O 216 36.72 0.83 -74.87
CA ILE O 216 36.83 0.92 -73.42
C ILE O 216 37.09 -0.46 -72.82
N LEU O 217 36.33 -1.46 -73.27
CA LEU O 217 36.55 -2.82 -72.85
C LEU O 217 37.60 -3.48 -73.74
N PRO O 218 38.27 -4.52 -73.26
CA PRO O 218 39.14 -5.30 -74.14
C PRO O 218 38.34 -5.91 -75.28
N ALA O 219 39.00 -6.05 -76.44
CA ALA O 219 38.32 -6.57 -77.61
C ALA O 219 37.65 -7.91 -77.31
N GLU O 220 38.31 -8.75 -76.50
CA GLU O 220 37.71 -10.03 -76.13
C GLU O 220 36.43 -9.83 -75.33
N ASP O 221 36.43 -8.86 -74.42
CA ASP O 221 35.22 -8.59 -73.64
C ASP O 221 34.09 -8.09 -74.53
N GLN O 222 34.41 -7.22 -75.50
CA GLN O 222 33.37 -6.75 -76.41
C GLN O 222 32.84 -7.88 -77.28
N LYS O 223 33.72 -8.79 -77.71
CA LYS O 223 33.25 -9.95 -78.47
C LYS O 223 32.40 -10.86 -77.60
N ILE O 224 32.71 -10.97 -76.30
CA ILE O 224 31.86 -11.71 -75.39
C ILE O 224 30.48 -11.07 -75.30
N LEU O 225 30.45 -9.73 -75.26
CA LEU O 225 29.17 -9.02 -75.29
C LEU O 225 28.39 -9.33 -76.57
N VAL O 226 29.09 -9.33 -77.70
CA VAL O 226 28.43 -9.63 -78.98
C VAL O 226 27.87 -11.05 -78.96
N LYS O 227 28.65 -12.01 -78.46
CA LYS O 227 28.19 -13.39 -78.40
C LYS O 227 26.98 -13.50 -77.49
N THR O 228 27.00 -12.84 -76.33
CA THR O 228 25.85 -12.86 -75.43
C THR O 228 24.61 -12.32 -76.13
N MET O 229 24.74 -11.15 -76.76
CA MET O 229 23.59 -10.54 -77.43
C MET O 229 23.03 -11.47 -78.50
N ILE O 230 23.90 -12.02 -79.33
CA ILE O 230 23.43 -12.84 -80.45
C ILE O 230 22.85 -14.17 -79.96
N ASP O 231 23.48 -14.78 -78.96
CA ASP O 231 23.02 -16.08 -78.49
C ASP O 231 21.72 -15.97 -77.70
N TYR O 232 21.46 -14.81 -77.09
CA TYR O 232 20.17 -14.59 -76.45
C TYR O 232 19.17 -13.90 -77.35
N ALA O 233 19.58 -13.51 -78.57
CA ALA O 233 18.64 -13.00 -79.56
C ALA O 233 18.17 -14.07 -80.53
N MET O 234 18.98 -15.10 -80.75
CA MET O 234 18.56 -16.18 -81.65
C MET O 234 17.24 -16.83 -81.22
N PRO O 235 16.95 -17.03 -79.93
CA PRO O 235 15.69 -17.69 -79.57
C PRO O 235 14.46 -16.95 -80.06
N LYS O 236 14.54 -15.63 -80.20
CA LYS O 236 13.37 -14.86 -80.65
C LYS O 236 13.00 -15.19 -82.09
N LEU O 237 13.88 -15.85 -82.84
CA LEU O 237 13.60 -16.21 -84.22
C LEU O 237 12.87 -17.55 -84.30
N SER O 238 12.36 -17.84 -85.50
CA SER O 238 11.60 -19.08 -85.71
C SER O 238 11.93 -19.72 -87.06
N SER O 239 13.12 -19.48 -87.61
CA SER O 239 13.50 -20.07 -88.88
C SER O 239 15.02 -20.17 -88.96
N LYS O 240 15.50 -21.14 -89.74
CA LYS O 240 16.93 -21.29 -89.93
C LYS O 240 17.50 -20.22 -90.85
N VAL O 241 16.71 -19.74 -91.81
CA VAL O 241 17.17 -18.66 -92.69
C VAL O 241 17.36 -17.39 -91.88
N LEU O 242 16.38 -17.06 -91.03
CA LEU O 242 16.50 -15.87 -90.19
C LEU O 242 17.66 -16.00 -89.22
N GLN O 243 17.87 -17.19 -88.66
CA GLN O 243 18.97 -17.40 -87.73
C GLN O 243 20.32 -17.30 -88.44
N ASP O 244 20.42 -17.78 -89.69
CA ASP O 244 21.66 -17.60 -90.44
C ASP O 244 21.89 -16.14 -90.78
N LYS O 245 20.83 -15.40 -91.11
CA LYS O 245 20.97 -13.97 -91.33
C LYS O 245 21.49 -13.27 -90.08
N LEU O 246 20.97 -13.65 -88.91
CA LEU O 246 21.48 -13.10 -87.66
C LEU O 246 22.94 -13.48 -87.45
N SER O 247 23.28 -14.74 -87.70
CA SER O 247 24.66 -15.19 -87.51
C SER O 247 25.61 -14.42 -88.41
N ALA O 248 25.14 -14.02 -89.59
CA ALA O 248 25.97 -13.19 -90.47
C ALA O 248 26.39 -11.90 -89.77
N LEU O 249 25.59 -11.42 -88.82
CA LEU O 249 25.97 -10.25 -88.03
C LEU O 249 27.02 -10.56 -86.98
N SER O 250 27.27 -11.84 -86.69
CA SER O 250 28.22 -12.20 -85.65
C SER O 250 29.63 -11.72 -85.96
N SER O 251 29.93 -11.46 -87.23
CA SER O 251 31.27 -10.99 -87.58
C SER O 251 31.61 -9.65 -86.94
N SER O 252 30.61 -8.83 -86.64
CA SER O 252 30.85 -7.54 -86.01
C SER O 252 31.46 -7.74 -84.63
N ASP O 253 32.52 -7.00 -84.34
CA ASP O 253 33.21 -7.07 -83.05
C ASP O 253 32.89 -5.89 -82.15
N VAL O 254 32.18 -4.88 -82.65
CA VAL O 254 31.86 -3.67 -81.89
C VAL O 254 30.35 -3.57 -81.74
N LEU O 255 29.89 -3.38 -80.51
CA LEU O 255 28.45 -3.26 -80.24
C LEU O 255 27.99 -1.86 -80.65
N THR O 256 28.07 -1.62 -81.96
CA THR O 256 27.59 -0.37 -82.51
C THR O 256 26.07 -0.35 -82.51
N LYS O 257 25.49 0.84 -82.38
CA LYS O 257 24.04 0.96 -82.44
C LYS O 257 23.52 0.41 -83.76
N THR O 258 24.33 0.46 -84.82
CA THR O 258 23.93 -0.15 -86.09
C THR O 258 23.77 -1.65 -85.97
N LEU O 259 24.67 -2.30 -85.21
CA LEU O 259 24.54 -3.74 -85.02
C LEU O 259 23.27 -4.09 -84.26
N LEU O 260 22.96 -3.32 -83.21
CA LEU O 260 21.72 -3.54 -82.48
C LEU O 260 20.52 -3.32 -83.39
N ASP O 261 20.57 -2.29 -84.23
CA ASP O 261 19.48 -2.06 -85.18
C ASP O 261 19.34 -3.22 -86.15
N SER O 262 20.46 -3.79 -86.60
CA SER O 262 20.41 -4.92 -87.50
C SER O 262 19.76 -6.13 -86.83
N ILE O 263 20.14 -6.41 -85.58
CA ILE O 263 19.55 -7.54 -84.87
C ILE O 263 18.05 -7.31 -84.65
N ASP O 264 17.69 -6.08 -84.29
CA ASP O 264 16.27 -5.73 -84.16
C ASP O 264 15.54 -5.92 -85.47
N ARG O 265 16.20 -5.60 -86.59
CA ARG O 265 15.59 -5.81 -87.90
C ARG O 265 15.39 -7.29 -88.19
N ILE O 266 16.35 -8.13 -87.80
CA ILE O 266 16.18 -9.57 -87.97
C ILE O 266 14.97 -10.04 -87.18
N VAL O 267 14.85 -9.59 -85.93
CA VAL O 267 13.71 -9.97 -85.10
C VAL O 267 12.41 -9.50 -85.72
N LYS O 268 12.41 -8.26 -86.24
CA LYS O 268 11.20 -7.71 -86.86
C LYS O 268 10.82 -8.51 -88.09
N GLU O 269 11.80 -8.88 -88.91
CA GLU O 269 11.50 -9.68 -90.10
C GLU O 269 10.94 -11.04 -89.72
N ASN O 270 11.50 -11.66 -88.67
CA ASN O 270 10.94 -12.93 -88.20
C ASN O 270 9.50 -12.75 -87.74
N GLU O 271 9.23 -11.68 -86.99
CA GLU O 271 7.88 -11.43 -86.50
C GLU O 271 6.91 -11.22 -87.66
N LYS O 272 7.32 -10.46 -88.67
CA LYS O 272 6.44 -10.16 -89.79
C LYS O 272 6.21 -11.37 -90.67
N LEU O 273 7.22 -12.23 -90.82
CA LEU O 273 7.13 -13.42 -91.67
C LEU O 273 7.00 -14.70 -90.85
N ASN O 274 6.50 -14.59 -89.63
CA ASN O 274 6.32 -15.75 -88.77
C ASN O 274 5.32 -16.73 -89.40
N ILE P 8 3.78 13.38 45.43
CA ILE P 8 2.59 13.79 44.69
C ILE P 8 2.68 15.28 44.37
N LYS P 9 2.43 15.63 43.11
CA LYS P 9 2.47 17.02 42.70
C LYS P 9 1.26 17.77 43.23
N MET P 10 1.49 19.01 43.65
CA MET P 10 0.44 19.92 44.10
C MET P 10 0.38 21.09 43.14
N GLY P 11 -0.77 21.26 42.49
CA GLY P 11 -0.92 22.34 41.54
C GLY P 11 0.06 22.30 40.38
N GLY P 12 0.64 21.14 40.11
CA GLY P 12 1.62 20.99 39.06
C GLY P 12 3.06 21.21 39.49
N LEU P 13 3.28 21.74 40.70
CA LEU P 13 4.62 21.93 41.22
C LEU P 13 5.01 20.76 42.12
N THR P 14 6.29 20.43 42.11
CA THR P 14 6.79 19.46 43.08
C THR P 14 6.60 20.02 44.49
N SER P 15 6.29 19.13 45.43
CA SER P 15 5.92 19.58 46.77
C SER P 15 6.99 20.48 47.37
N GLU P 16 8.25 20.26 47.04
CA GLU P 16 9.30 21.16 47.51
C GLU P 16 9.08 22.58 46.98
N GLN P 17 8.75 22.70 45.69
CA GLN P 17 8.50 24.02 45.13
C GLN P 17 7.24 24.64 45.73
N TYR P 18 6.21 23.82 45.98
CA TYR P 18 5.00 24.35 46.59
C TYR P 18 5.29 24.92 47.98
N HIS P 19 6.07 24.19 48.78
CA HIS P 19 6.37 24.64 50.12
C HIS P 19 7.39 25.78 50.14
N SER P 20 8.16 25.95 49.07
CA SER P 20 8.93 27.18 48.94
C SER P 20 8.04 28.35 48.56
N GLN P 21 7.09 28.14 47.65
CA GLN P 21 6.18 29.21 47.25
C GLN P 21 5.35 29.69 48.43
N VAL P 22 5.01 28.79 49.34
CA VAL P 22 4.22 29.19 50.51
C VAL P 22 4.98 30.24 51.32
N VAL P 23 6.24 29.95 51.65
CA VAL P 23 7.02 30.91 52.43
C VAL P 23 7.29 32.17 51.62
N GLY P 24 7.47 32.03 50.31
CA GLY P 24 7.61 33.22 49.48
C GLY P 24 6.41 34.13 49.55
N LYS P 25 5.21 33.55 49.46
CA LYS P 25 3.99 34.34 49.58
C LYS P 25 3.87 34.98 50.95
N ILE P 26 4.24 34.25 52.00
CA ILE P 26 4.18 34.82 53.34
C ILE P 26 5.10 36.04 53.42
N GLY P 27 6.33 35.90 52.92
CA GLY P 27 7.26 37.02 52.94
C GLY P 27 6.77 38.20 52.13
N TYR P 28 6.16 37.93 50.97
CA TYR P 28 5.68 39.01 50.13
C TYR P 28 4.49 39.71 50.76
N ILE P 29 3.62 38.98 51.45
CA ILE P 29 2.52 39.61 52.17
C ILE P 29 3.07 40.50 53.28
N ALA P 30 4.07 40.01 54.00
CA ALA P 30 4.70 40.84 55.03
C ALA P 30 5.29 42.11 54.42
N ARG P 31 5.96 41.99 53.28
CA ARG P 31 6.54 43.16 52.63
C ARG P 31 5.46 44.14 52.20
N CYS P 32 4.37 43.64 51.61
CA CYS P 32 3.29 44.52 51.19
C CYS P 32 2.71 45.26 52.38
N MET P 33 2.49 44.57 53.50
CA MET P 33 1.98 45.23 54.70
C MET P 33 2.95 46.28 55.20
N GLN P 34 4.25 45.96 55.25
CA GLN P 34 5.23 46.95 55.67
C GLN P 34 5.24 48.14 54.73
N THR P 35 4.85 47.96 53.47
CA THR P 35 4.90 49.05 52.52
C THR P 35 3.68 49.95 52.63
N ILE P 36 2.47 49.38 52.71
CA ILE P 36 1.27 50.20 52.76
C ILE P 36 0.92 50.67 54.16
N ASP P 37 1.60 50.18 55.18
CA ASP P 37 1.27 50.57 56.55
C ASP P 37 2.45 50.31 57.48
N PRO P 38 3.56 51.02 57.31
CA PRO P 38 4.69 50.84 58.24
C PRO P 38 4.37 51.25 59.66
N GLU P 39 3.35 52.09 59.88
CA GLU P 39 3.00 52.58 61.19
C GLU P 39 1.90 51.75 61.86
N ASN P 40 1.43 50.69 61.23
CA ASN P 40 0.41 49.80 61.80
C ASN P 40 -0.88 50.56 62.11
N ASN P 41 -1.25 51.48 61.23
CA ASN P 41 -2.52 52.19 61.39
C ASN P 41 -3.71 51.29 61.03
N LEU P 42 -3.56 50.46 60.01
CA LEU P 42 -4.65 49.61 59.53
C LEU P 42 -4.73 48.38 60.43
N LYS P 43 -5.47 48.54 61.53
CA LYS P 43 -5.52 47.48 62.54
C LYS P 43 -6.39 46.31 62.09
N LYS P 44 -7.52 46.60 61.44
CA LYS P 44 -8.38 45.51 60.96
C LYS P 44 -7.64 44.64 59.95
N ILE P 45 -6.92 45.26 59.03
CA ILE P 45 -6.15 44.51 58.04
C ILE P 45 -5.09 43.67 58.74
N ARG P 46 -4.37 44.28 59.69
CA ARG P 46 -3.36 43.53 60.43
C ARG P 46 -3.97 42.30 61.10
N GLU P 47 -5.14 42.46 61.72
CA GLU P 47 -5.79 41.33 62.36
C GLU P 47 -6.18 40.27 61.35
N ASP P 48 -6.69 40.70 60.19
CA ASP P 48 -7.15 39.74 59.19
C ASP P 48 -5.98 38.95 58.59
N TYR P 49 -4.79 39.56 58.54
CA TYR P 49 -3.60 38.90 58.02
C TYR P 49 -2.64 38.49 59.12
N GLN P 50 -3.05 38.57 60.38
CA GLN P 50 -2.12 38.33 61.48
C GLN P 50 -1.49 36.95 61.39
N ASP P 51 -2.23 35.95 60.90
CA ASP P 51 -1.72 34.59 60.89
C ASP P 51 -0.50 34.43 59.98
N VAL P 52 -0.29 35.33 59.04
CA VAL P 52 0.86 35.25 58.15
C VAL P 52 1.92 36.25 58.57
N LEU P 53 1.49 37.41 59.10
CA LEU P 53 2.46 38.38 59.59
C LEU P 53 3.09 37.98 60.92
N ILE P 54 2.59 36.95 61.59
CA ILE P 54 3.27 36.47 62.79
C ILE P 54 4.67 35.99 62.45
N TRP P 55 4.83 35.36 61.28
CA TRP P 55 6.12 34.85 60.85
C TRP P 55 7.08 35.94 60.38
N ALA P 56 6.59 37.16 60.20
CA ALA P 56 7.43 38.29 59.79
C ALA P 56 7.74 39.25 60.93
N GLU P 57 6.74 39.60 61.74
CA GLU P 57 7.01 40.42 62.92
C GLU P 57 8.05 39.74 63.81
N LYS P 58 7.84 38.45 64.11
CA LYS P 58 8.85 37.64 64.74
C LYS P 58 9.83 37.16 63.68
N ASN P 59 11.11 37.24 63.99
CA ASN P 59 12.15 36.94 63.00
C ASN P 59 12.38 35.44 62.92
N TYR P 60 12.34 34.91 61.69
CA TYR P 60 12.62 33.50 61.43
C TYR P 60 13.61 33.40 60.28
N ARG P 61 14.08 32.18 60.04
CA ARG P 61 14.87 31.88 58.86
C ARG P 61 13.97 31.37 57.76
N PHE P 62 14.47 31.41 56.52
CA PHE P 62 13.70 30.87 55.40
C PHE P 62 13.41 29.39 55.62
N GLU P 63 14.44 28.63 56.00
CA GLU P 63 14.24 27.19 56.19
C GLU P 63 13.31 26.91 57.36
N GLU P 64 13.32 27.76 58.38
CA GLU P 64 12.40 27.54 59.51
C GLU P 64 10.95 27.69 59.07
N ILE P 65 10.65 28.75 58.32
CA ILE P 65 9.28 28.94 57.83
C ILE P 65 8.93 27.84 56.84
N LEU P 66 9.89 27.41 56.02
CA LEU P 66 9.62 26.32 55.09
C LEU P 66 9.27 25.04 55.83
N GLU P 67 10.02 24.73 56.90
CA GLU P 67 9.72 23.56 57.70
C GLU P 67 8.35 23.68 58.37
N ALA P 68 8.03 24.86 58.89
CA ALA P 68 6.72 25.06 59.50
C ALA P 68 5.61 24.85 58.49
N SER P 69 5.78 25.37 57.28
CA SER P 69 4.79 25.14 56.22
C SER P 69 4.69 23.66 55.87
N LYS P 70 5.84 22.98 55.80
CA LYS P 70 5.84 21.55 55.49
C LYS P 70 5.11 20.76 56.56
N SER P 71 5.20 21.19 57.81
CA SER P 71 4.50 20.56 58.92
C SER P 71 3.08 21.07 59.09
N GLY P 72 2.66 22.05 58.29
CA GLY P 72 1.32 22.59 58.37
C GLY P 72 1.13 23.70 59.39
N LYS P 73 2.18 24.07 60.14
CA LYS P 73 2.04 25.15 61.11
C LYS P 73 1.72 26.47 60.41
N CYS P 74 2.41 26.77 59.32
CA CYS P 74 2.09 27.95 58.54
C CYS P 74 0.78 27.74 57.76
N PRO P 75 0.09 28.82 57.40
CA PRO P 75 -0.96 28.68 56.39
C PRO P 75 -0.33 28.28 55.06
N ASN P 76 -0.57 27.05 54.62
CA ASN P 76 0.13 26.49 53.47
C ASN P 76 -0.82 26.06 52.36
N ASP P 77 -1.98 26.71 52.24
CA ASP P 77 -2.86 26.54 51.10
C ASP P 77 -2.50 27.61 50.09
N LEU P 78 -1.70 27.24 49.09
CA LEU P 78 -1.12 28.25 48.20
C LEU P 78 -2.19 29.01 47.44
N ASP P 79 -3.36 28.41 47.20
CA ASP P 79 -4.42 29.13 46.51
C ASP P 79 -5.02 30.20 47.41
N ALA P 80 -5.32 29.84 48.65
CA ALA P 80 -5.84 30.82 49.60
C ALA P 80 -4.81 31.92 49.85
N LEU P 81 -3.55 31.54 49.99
CA LEU P 81 -2.50 32.54 50.17
C LEU P 81 -2.41 33.44 48.95
N SER P 82 -2.56 32.89 47.75
CA SER P 82 -2.52 33.70 46.54
C SER P 82 -3.65 34.72 46.53
N ARG P 83 -4.85 34.30 46.89
CA ARG P 83 -5.98 35.24 46.95
C ARG P 83 -5.73 36.33 47.99
N ARG P 84 -5.27 35.93 49.18
CA ARG P 84 -5.05 36.89 50.25
C ARG P 84 -3.92 37.86 49.90
N SER P 85 -2.91 37.40 49.18
CA SER P 85 -1.84 38.28 48.74
C SER P 85 -2.29 39.17 47.58
N LEU P 86 -3.16 38.68 46.71
CA LEU P 86 -3.66 39.51 45.62
C LEU P 86 -4.47 40.68 46.16
N ILE P 87 -5.25 40.45 47.21
CA ILE P 87 -5.99 41.56 47.81
C ILE P 87 -5.05 42.66 48.27
N LEU P 88 -4.00 42.30 49.03
CA LEU P 88 -3.04 43.28 49.50
C LEU P 88 -2.31 43.94 48.35
N GLN P 89 -1.95 43.15 47.31
CA GLN P 89 -1.24 43.73 46.19
C GLN P 89 -2.09 44.76 45.47
N GLU P 90 -3.38 44.48 45.28
CA GLU P 90 -4.25 45.45 44.64
C GLU P 90 -4.40 46.71 45.49
N LEU P 91 -4.54 46.54 46.80
CA LEU P 91 -4.63 47.72 47.67
C LEU P 91 -3.35 48.54 47.60
N LEU P 92 -2.20 47.86 47.59
CA LEU P 92 -0.93 48.56 47.49
C LEU P 92 -0.79 49.26 46.14
N ARG P 93 -1.28 48.64 45.08
CA ARG P 93 -1.28 49.30 43.78
C ARG P 93 -2.10 50.58 43.82
N LEU P 94 -3.28 50.54 44.45
CA LEU P 94 -4.08 51.74 44.58
C LEU P 94 -3.35 52.80 45.38
N VAL P 95 -2.71 52.41 46.48
CA VAL P 95 -2.01 53.38 47.32
C VAL P 95 -0.85 54.01 46.55
N SER P 96 -0.10 53.20 45.80
CA SER P 96 1.09 53.70 45.13
C SER P 96 0.74 54.55 43.92
N SER P 97 -0.27 54.16 43.15
CA SER P 97 -0.62 54.91 41.95
C SER P 97 -1.01 56.34 42.29
N ILE P 98 -1.42 56.61 43.52
CA ILE P 98 -1.78 57.95 43.96
C ILE P 98 -0.85 58.38 45.09
N SER P 99 0.40 57.93 45.02
CA SER P 99 1.32 58.10 46.14
C SER P 99 1.40 59.54 46.64
N PRO P 100 1.48 60.57 45.80
CA PRO P 100 1.51 61.94 46.33
C PRO P 100 0.20 62.38 46.97
N PHE P 101 -0.90 61.70 46.66
CA PHE P 101 -2.25 62.11 47.02
C PHE P 101 -2.88 61.07 47.95
N LYS P 102 -2.12 60.65 48.97
CA LYS P 102 -2.58 59.60 49.87
C LYS P 102 -4.00 59.87 50.36
N MET P 103 -4.69 58.79 50.71
CA MET P 103 -6.10 58.82 51.10
C MET P 103 -6.21 58.49 52.59
N LYS P 104 -7.45 58.38 53.06
CA LYS P 104 -7.75 58.25 54.48
C LYS P 104 -7.89 56.78 54.89
N LEU P 105 -7.79 56.55 56.20
CA LEU P 105 -7.80 55.19 56.73
C LEU P 105 -9.13 54.50 56.49
N ASP P 106 -10.25 55.18 56.78
CA ASP P 106 -11.56 54.56 56.62
C ASP P 106 -11.80 54.18 55.17
N LEU P 107 -11.41 55.06 54.24
CA LEU P 107 -11.56 54.74 52.83
C LEU P 107 -10.72 53.53 52.44
N ILE P 108 -9.49 53.46 52.95
CA ILE P 108 -8.64 52.32 52.67
C ILE P 108 -9.29 51.03 53.14
N GLU P 109 -9.83 51.04 54.36
CA GLU P 109 -10.43 49.83 54.92
C GLU P 109 -11.70 49.44 54.16
N SER P 110 -12.49 50.44 53.73
CA SER P 110 -13.66 50.12 52.93
C SER P 110 -13.27 49.50 51.59
N GLN P 111 -12.23 50.04 50.95
CA GLN P 111 -11.73 49.46 49.71
C GLN P 111 -11.26 48.03 49.93
N TYR P 112 -10.54 47.80 51.04
CA TYR P 112 -10.10 46.45 51.37
C TYR P 112 -11.29 45.51 51.54
N GLU P 113 -12.33 45.97 52.23
CA GLU P 113 -13.49 45.12 52.47
C GLU P 113 -14.18 44.77 51.16
N LYS P 114 -14.32 45.76 50.27
CA LYS P 114 -14.94 45.47 48.98
C LYS P 114 -14.08 44.53 48.15
N MET P 115 -12.75 44.67 48.24
CA MET P 115 -11.85 43.70 47.63
C MET P 115 -12.16 42.30 48.12
N LYS P 116 -12.00 42.09 49.43
CA LYS P 116 -12.15 40.78 50.02
C LYS P 116 -13.52 40.18 49.68
N GLN P 117 -14.54 41.03 49.59
CA GLN P 117 -15.86 40.53 49.23
C GLN P 117 -15.93 40.09 47.77
N HIS P 118 -15.06 40.64 46.92
CA HIS P 118 -15.16 40.37 45.49
C HIS P 118 -14.90 38.90 45.20
N VAL P 119 -15.65 38.35 44.25
CA VAL P 119 -15.56 36.92 43.95
C VAL P 119 -14.23 36.61 43.27
N ASN P 120 -13.84 37.43 42.27
CA ASN P 120 -12.62 37.21 41.50
C ASN P 120 -11.95 38.57 41.33
N LEU P 121 -11.06 38.90 42.26
CA LEU P 121 -10.48 40.24 42.29
C LEU P 121 -9.66 40.54 41.05
N TRP P 122 -9.03 39.53 40.46
CA TRP P 122 -8.19 39.78 39.29
C TRP P 122 -9.01 40.30 38.12
N LYS P 123 -10.21 39.77 37.94
CA LYS P 123 -11.09 40.17 36.84
C LYS P 123 -11.99 41.34 37.21
N SER P 124 -11.85 41.89 38.41
CA SER P 124 -12.74 42.95 38.87
C SER P 124 -12.56 44.21 38.03
N ASP P 125 -13.65 44.97 37.88
CA ASP P 125 -13.55 46.28 37.26
C ASP P 125 -12.60 47.18 38.04
N TYR P 126 -12.48 46.95 39.35
CA TYR P 126 -11.47 47.65 40.13
C TYR P 126 -10.09 47.40 39.56
N HIS P 127 -9.78 46.14 39.23
CA HIS P 127 -8.48 45.83 38.67
C HIS P 127 -8.27 46.52 37.33
N VAL P 128 -9.31 46.59 36.50
CA VAL P 128 -9.19 47.24 35.21
C VAL P 128 -8.90 48.73 35.39
N LYS P 129 -9.61 49.37 36.31
CA LYS P 129 -9.37 50.79 36.56
C LYS P 129 -7.95 51.02 37.07
N LEU P 130 -7.48 50.15 37.97
CA LEU P 130 -6.11 50.29 38.44
C LEU P 130 -5.11 50.09 37.31
N ASN P 131 -5.40 49.15 36.40
CA ASN P 131 -4.53 48.95 35.25
C ASN P 131 -4.46 50.20 34.39
N GLN P 132 -5.60 50.85 34.16
CA GLN P 132 -5.61 52.07 33.37
C GLN P 132 -4.82 53.18 34.06
N LEU P 133 -5.01 53.33 35.37
CA LEU P 133 -4.27 54.36 36.10
C LEU P 133 -2.77 54.09 36.06
N ASN P 134 -2.37 52.83 36.24
CA ASN P 134 -0.95 52.48 36.17
C ASN P 134 -0.40 52.68 34.77
N GLN P 135 -1.23 52.44 33.74
CA GLN P 135 -0.82 52.71 32.38
C GLN P 135 -0.48 54.18 32.20
N LEU P 136 -1.39 55.06 32.63
CA LEU P 136 -1.12 56.49 32.52
C LEU P 136 0.13 56.89 33.31
N THR P 137 0.24 56.41 34.55
CA THR P 137 1.38 56.80 35.38
C THR P 137 2.69 56.31 34.80
N ASP P 138 2.72 55.07 34.29
CA ASP P 138 3.92 54.54 33.65
C ASP P 138 4.27 55.34 32.41
N TYR P 139 3.27 55.78 31.65
CA TYR P 139 3.55 56.65 30.51
C TYR P 139 4.20 57.94 30.98
N LEU P 140 3.73 58.50 32.08
CA LEU P 140 4.21 59.80 32.53
C LEU P 140 5.44 59.73 33.41
N LYS P 141 5.96 58.53 33.71
CA LYS P 141 7.11 58.46 34.61
C LYS P 141 8.38 59.00 33.95
N ASN P 142 8.53 58.82 32.64
CA ASN P 142 9.72 59.27 31.92
C ASN P 142 9.34 60.15 30.73
N ALA P 143 8.14 60.71 30.75
CA ALA P 143 7.67 61.54 29.65
C ALA P 143 8.41 62.86 29.61
N ALA P 144 8.64 63.36 28.39
CA ALA P 144 9.27 64.65 28.18
C ALA P 144 8.24 65.73 27.89
N PRO P 145 8.58 67.00 28.13
CA PRO P 145 7.58 68.06 27.93
C PRO P 145 7.05 68.10 26.50
N THR P 146 5.74 68.20 26.38
CA THR P 146 5.02 68.33 25.13
C THR P 146 3.55 68.49 25.48
N PRO P 147 2.74 69.20 24.69
CA PRO P 147 1.36 69.44 25.12
C PRO P 147 0.61 68.16 25.49
N LYS P 148 0.82 67.08 24.74
CA LYS P 148 0.20 65.81 25.10
C LYS P 148 0.60 65.42 26.51
N ASN P 149 1.90 65.40 26.80
CA ASN P 149 2.39 64.93 28.09
C ASN P 149 1.99 65.87 29.21
N ASN P 150 2.03 67.18 28.97
CA ASN P 150 1.64 68.13 30.02
C ASN P 150 0.16 67.99 30.36
N PHE P 151 -0.69 67.94 29.33
CA PHE P 151 -2.12 67.75 29.59
C PHE P 151 -2.37 66.44 30.30
N LEU P 152 -1.68 65.38 29.89
CA LEU P 152 -1.86 64.08 30.54
C LEU P 152 -1.42 64.13 31.99
N ARG P 153 -0.31 64.81 32.28
CA ARG P 153 0.17 64.91 33.65
C ARG P 153 -0.83 65.65 34.53
N ALA P 154 -1.35 66.78 34.05
CA ALA P 154 -2.35 67.51 34.83
C ALA P 154 -3.60 66.67 35.04
N MET P 155 -4.07 66.03 33.97
CA MET P 155 -5.30 65.25 34.05
C MET P 155 -5.13 64.04 34.96
N THR P 156 -3.95 63.42 34.95
CA THR P 156 -3.72 62.28 35.82
C THR P 156 -3.52 62.70 37.27
N SER P 157 -2.95 63.88 37.51
CA SER P 157 -2.89 64.38 38.89
C SER P 157 -4.29 64.60 39.44
N VAL P 158 -5.17 65.24 38.66
CA VAL P 158 -6.53 65.41 39.14
C VAL P 158 -7.25 64.07 39.25
N LEU P 159 -6.95 63.12 38.36
CA LEU P 159 -7.53 61.78 38.47
C LEU P 159 -7.09 61.09 39.74
N GLN P 160 -5.82 61.23 40.11
CA GLN P 160 -5.35 60.67 41.37
C GLN P 160 -6.04 61.34 42.55
N MET P 161 -6.24 62.66 42.48
CA MET P 161 -6.99 63.33 43.53
C MET P 161 -8.38 62.72 43.69
N GLN P 162 -9.10 62.59 42.58
CA GLN P 162 -10.46 62.04 42.65
C GLN P 162 -10.44 60.60 43.13
N ILE P 163 -9.44 59.82 42.72
CA ILE P 163 -9.33 58.44 43.16
C ILE P 163 -9.14 58.37 44.67
N ALA P 164 -8.25 59.21 45.20
CA ALA P 164 -8.04 59.25 46.64
C ALA P 164 -9.30 59.71 47.36
N GLN P 165 -10.03 60.65 46.78
CA GLN P 165 -11.25 61.15 47.42
C GLN P 165 -12.32 60.07 47.49
N TYR P 166 -12.61 59.43 46.36
CA TYR P 166 -13.75 58.52 46.26
C TYR P 166 -13.32 57.06 46.08
N GLY P 167 -12.03 56.79 46.19
CA GLY P 167 -11.61 55.42 46.00
C GLY P 167 -11.87 54.96 44.57
N ILE P 168 -12.01 53.64 44.42
CA ILE P 168 -12.30 53.05 43.11
C ILE P 168 -13.51 52.13 43.12
N THR P 169 -13.92 51.57 44.26
CA THR P 169 -15.11 50.72 44.28
C THR P 169 -16.36 51.48 43.87
N GLU P 170 -16.40 52.78 44.11
CA GLU P 170 -17.52 53.62 43.69
C GLU P 170 -17.25 54.15 42.30
N ASP P 171 -18.11 53.77 41.34
CA ASP P 171 -17.93 54.17 39.94
C ASP P 171 -18.44 55.60 39.75
N ASN P 172 -17.70 56.53 40.35
CA ASN P 172 -18.02 57.94 40.20
C ASN P 172 -17.98 58.34 38.73
N GLU P 173 -18.99 59.10 38.29
CA GLU P 173 -19.05 59.51 36.90
C GLU P 173 -17.86 60.40 36.54
N GLY P 174 -17.44 61.27 37.46
CA GLY P 174 -16.27 62.09 37.20
C GLY P 174 -15.02 61.27 36.99
N ILE P 175 -14.82 60.24 37.81
CA ILE P 175 -13.65 59.38 37.66
C ILE P 175 -13.71 58.62 36.34
N ASN P 176 -14.90 58.15 35.95
CA ASN P 176 -15.02 57.47 34.67
C ASN P 176 -14.69 58.40 33.51
N GLN P 177 -15.18 59.65 33.58
CA GLN P 177 -14.87 60.62 32.55
C GLN P 177 -13.37 60.89 32.48
N LEU P 178 -12.72 61.03 33.65
CA LEU P 178 -11.28 61.26 33.67
C LEU P 178 -10.54 60.07 33.08
N PHE P 179 -10.93 58.85 33.43
CA PHE P 179 -10.30 57.67 32.85
C PHE P 179 -10.43 57.68 31.33
N LYS P 180 -11.65 57.89 30.83
CA LYS P 180 -11.88 57.82 29.40
C LYS P 180 -11.08 58.90 28.67
N LEU P 181 -11.10 60.13 29.19
CA LEU P 181 -10.41 61.21 28.51
C LEU P 181 -8.90 61.04 28.57
N GLY P 182 -8.37 60.60 29.71
CA GLY P 182 -6.94 60.34 29.81
C GLY P 182 -6.49 59.25 28.86
N LEU P 183 -7.25 58.16 28.79
CA LEU P 183 -6.90 57.09 27.87
C LEU P 183 -7.01 57.54 26.42
N HIS P 184 -8.03 58.33 26.09
CA HIS P 184 -8.17 58.84 24.73
C HIS P 184 -6.99 59.73 24.36
N LEU P 185 -6.58 60.61 25.27
CA LEU P 185 -5.41 61.45 25.01
C LEU P 185 -4.15 60.60 24.88
N LEU P 186 -4.02 59.56 25.71
CA LEU P 186 -2.85 58.70 25.63
C LEU P 186 -2.77 57.99 24.29
N ALA P 187 -3.90 57.45 23.81
CA ALA P 187 -3.89 56.69 22.57
C ALA P 187 -3.79 57.57 21.35
N MET P 188 -4.20 58.83 21.45
CA MET P 188 -4.15 59.72 20.30
C MET P 188 -2.71 59.98 19.89
N ALA P 189 -2.48 60.08 18.58
CA ALA P 189 -1.14 60.22 18.06
C ALA P 189 -0.52 61.55 18.49
N ASN P 190 0.81 61.55 18.60
CA ASN P 190 1.52 62.75 19.03
C ASN P 190 1.40 63.89 18.02
N GLU P 191 0.98 63.60 16.79
CA GLU P 191 0.90 64.62 15.75
C GLU P 191 -0.48 65.25 15.66
N LYS P 192 -1.44 64.79 16.47
CA LYS P 192 -2.81 65.30 16.42
C LYS P 192 -2.98 66.43 17.43
N ILE P 193 -2.08 67.43 17.32
CA ILE P 193 -2.00 68.47 18.34
C ILE P 193 -3.34 69.14 18.55
N ASP P 194 -4.04 69.46 17.46
CA ASP P 194 -5.34 70.12 17.59
C ASP P 194 -6.30 69.26 18.40
N GLU P 195 -6.29 67.94 18.18
CA GLU P 195 -7.18 67.06 18.93
C GLU P 195 -6.77 66.98 20.40
N GLN P 196 -5.47 66.99 20.69
CA GLN P 196 -5.03 66.98 22.08
C GLN P 196 -5.53 68.21 22.80
N TYR P 197 -5.36 69.39 22.18
CA TYR P 197 -5.85 70.61 22.81
C TYR P 197 -7.36 70.59 22.93
N HIS P 198 -8.05 70.05 21.92
CA HIS P 198 -9.50 69.95 21.97
C HIS P 198 -9.95 69.14 23.18
N LEU P 199 -9.34 67.97 23.38
CA LEU P 199 -9.74 67.13 24.51
C LEU P 199 -9.38 67.77 25.84
N PHE P 200 -8.20 68.39 25.94
CA PHE P 200 -7.80 69.01 27.21
C PHE P 200 -8.75 70.14 27.58
N LYS P 201 -9.07 71.01 26.61
CA LYS P 201 -9.98 72.11 26.87
C LYS P 201 -11.40 71.62 27.12
N GLY P 202 -11.82 70.56 26.43
CA GLY P 202 -13.13 69.98 26.73
C GLY P 202 -13.20 69.45 28.14
N TYR P 203 -12.13 68.81 28.61
CA TYR P 203 -12.12 68.34 29.99
C TYR P 203 -12.23 69.51 30.96
N VAL P 204 -11.36 70.51 30.81
CA VAL P 204 -11.37 71.62 31.76
C VAL P 204 -12.71 72.35 31.69
N LYS P 205 -13.39 72.28 30.55
CA LYS P 205 -14.74 72.83 30.45
C LYS P 205 -15.74 72.00 31.23
N ASP P 206 -15.70 70.67 31.06
CA ASP P 206 -16.73 69.80 31.62
C ASP P 206 -16.50 69.44 33.07
N GLN P 207 -15.37 69.82 33.65
CA GLN P 207 -15.17 69.62 35.08
C GLN P 207 -16.09 70.57 35.84
N PRO P 208 -16.89 70.07 36.80
CA PRO P 208 -17.77 70.99 37.52
C PRO P 208 -17.02 72.15 38.16
N GLU P 209 -15.82 71.91 38.68
CA GLU P 209 -15.03 72.96 39.29
C GLU P 209 -14.56 73.93 38.21
N GLU P 210 -14.70 75.24 38.49
CA GLU P 210 -14.34 76.26 37.51
C GLU P 210 -12.84 76.32 37.27
N SER P 211 -12.03 76.06 38.30
CA SER P 211 -10.58 76.08 38.20
C SER P 211 -10.06 74.74 38.74
N PRO P 212 -10.09 73.69 37.92
CA PRO P 212 -9.79 72.34 38.45
C PRO P 212 -8.41 72.21 39.08
N PHE P 213 -7.39 72.88 38.54
CA PHE P 213 -6.01 72.63 38.90
C PHE P 213 -5.47 73.63 39.93
N GLU P 214 -6.33 74.21 40.77
CA GLU P 214 -5.86 75.21 41.71
C GLU P 214 -4.84 74.64 42.68
N GLY P 215 -5.17 73.51 43.31
CA GLY P 215 -4.29 72.90 44.29
C GLY P 215 -3.75 71.55 43.87
N ILE P 216 -4.14 71.09 42.68
CA ILE P 216 -3.74 69.76 42.23
C ILE P 216 -2.31 69.76 41.71
N LEU P 217 -1.82 70.89 41.20
CA LEU P 217 -0.54 70.94 40.52
C LEU P 217 0.36 72.00 41.14
N PRO P 218 1.68 71.84 41.05
CA PRO P 218 2.57 72.90 41.51
C PRO P 218 2.45 74.14 40.65
N ALA P 219 2.80 75.29 41.25
CA ALA P 219 2.57 76.56 40.59
C ALA P 219 3.30 76.64 39.25
N GLU P 220 4.54 76.14 39.20
CA GLU P 220 5.31 76.22 37.96
C GLU P 220 4.61 75.51 36.82
N ASP P 221 4.06 74.32 37.08
CA ASP P 221 3.37 73.59 36.02
C ASP P 221 2.06 74.28 35.64
N GLN P 222 1.38 74.91 36.59
CA GLN P 222 0.18 75.67 36.24
C GLN P 222 0.52 76.83 35.31
N LYS P 223 1.59 77.56 35.63
CA LYS P 223 2.01 78.64 34.75
C LYS P 223 2.44 78.12 33.40
N ILE P 224 3.08 76.95 33.37
CA ILE P 224 3.51 76.37 32.09
C ILE P 224 2.31 75.96 31.26
N LEU P 225 1.25 75.45 31.90
CA LEU P 225 0.03 75.11 31.18
C LEU P 225 -0.63 76.36 30.62
N VAL P 226 -0.70 77.42 31.41
CA VAL P 226 -1.26 78.67 30.92
C VAL P 226 -0.44 79.19 29.75
N LYS P 227 0.89 79.11 29.87
CA LYS P 227 1.77 79.53 28.78
C LYS P 227 1.54 78.68 27.53
N THR P 228 1.33 77.38 27.71
CA THR P 228 1.07 76.50 26.57
C THR P 228 -0.20 76.92 25.85
N MET P 229 -1.27 77.17 26.59
CA MET P 229 -2.51 77.60 25.95
C MET P 229 -2.33 78.94 25.26
N ILE P 230 -1.62 79.88 25.91
CA ILE P 230 -1.40 81.19 25.30
C ILE P 230 -0.58 81.05 24.02
N ASP P 231 0.45 80.21 24.04
CA ASP P 231 1.27 80.00 22.86
C ASP P 231 0.45 79.39 21.73
N TYR P 232 -0.42 78.44 22.05
CA TYR P 232 -1.28 77.88 21.01
C TYR P 232 -2.20 78.94 20.43
N ALA P 233 -2.71 79.84 21.27
CA ALA P 233 -3.56 80.92 20.78
C ALA P 233 -2.77 81.99 20.02
N MET P 234 -1.46 82.06 20.24
CA MET P 234 -0.67 83.14 19.64
C MET P 234 -0.68 83.14 18.12
N PRO P 235 -0.40 82.03 17.44
CA PRO P 235 -0.31 82.09 15.98
C PRO P 235 -1.61 82.53 15.33
N LYS P 236 -1.48 83.26 14.21
CA LYS P 236 -2.62 83.74 13.45
C LYS P 236 -3.45 84.72 14.28
N LEU P 237 -2.78 85.75 14.79
CA LEU P 237 -3.42 86.85 15.50
C LEU P 237 -3.28 88.11 14.64
N SER P 238 -4.42 88.73 14.31
CA SER P 238 -4.43 89.81 13.34
C SER P 238 -3.80 91.09 13.88
N SER P 239 -3.69 91.24 15.20
CA SER P 239 -3.20 92.49 15.79
C SER P 239 -2.18 92.20 16.87
N LYS P 240 -1.12 93.02 16.91
CA LYS P 240 -0.19 92.96 18.02
C LYS P 240 -0.86 93.28 19.34
N VAL P 241 -1.92 94.11 19.30
CA VAL P 241 -2.66 94.44 20.51
C VAL P 241 -3.30 93.19 21.10
N LEU P 242 -3.83 92.31 20.25
CA LEU P 242 -4.41 91.07 20.74
C LEU P 242 -3.34 90.15 21.31
N GLN P 243 -2.14 90.16 20.72
CA GLN P 243 -1.04 89.39 21.31
C GLN P 243 -0.66 89.93 22.68
N ASP P 244 -0.67 91.25 22.84
CA ASP P 244 -0.40 91.83 24.15
C ASP P 244 -1.52 91.48 25.15
N LYS P 245 -2.76 91.42 24.67
CA LYS P 245 -3.85 90.97 25.53
C LYS P 245 -3.68 89.51 25.94
N LEU P 246 -3.19 88.68 25.03
CA LEU P 246 -2.85 87.30 25.39
C LEU P 246 -1.77 87.28 26.46
N SER P 247 -0.75 88.12 26.31
CA SER P 247 0.29 88.21 27.33
C SER P 247 -0.30 88.63 28.68
N ALA P 248 -1.22 89.61 28.66
CA ALA P 248 -1.87 90.04 29.89
C ALA P 248 -2.64 88.90 30.53
N LEU P 249 -3.37 88.12 29.73
CA LEU P 249 -4.03 86.92 30.24
C LEU P 249 -3.03 85.94 30.80
N SER P 250 -1.80 85.94 30.26
CA SER P 250 -0.77 85.04 30.74
C SER P 250 -0.44 85.25 32.21
N SER P 251 -0.81 86.41 32.77
CA SER P 251 -0.59 86.66 34.19
C SER P 251 -1.41 85.74 35.09
N SER P 252 -2.39 85.03 34.53
CA SER P 252 -3.18 84.11 35.33
C SER P 252 -2.29 83.05 35.98
N ASP P 253 -2.57 82.76 37.25
CA ASP P 253 -1.74 81.80 37.98
C ASP P 253 -1.98 80.37 37.51
N VAL P 254 -3.20 80.05 37.09
CA VAL P 254 -3.55 78.69 36.71
C VAL P 254 -4.65 78.75 35.64
N LEU P 255 -4.79 77.65 34.91
CA LEU P 255 -5.84 77.56 33.90
C LEU P 255 -7.21 77.60 34.59
N THR P 256 -8.20 78.11 33.86
CA THR P 256 -9.53 78.28 34.42
C THR P 256 -10.53 78.32 33.27
N LYS P 257 -11.78 77.98 33.57
CA LYS P 257 -12.83 78.02 32.56
C LYS P 257 -12.96 79.41 31.96
N THR P 258 -12.99 80.43 32.83
CA THR P 258 -13.09 81.80 32.33
C THR P 258 -11.87 82.19 31.50
N LEU P 259 -10.70 81.66 31.84
CA LEU P 259 -9.52 81.93 31.02
C LEU P 259 -9.69 81.36 29.62
N LEU P 260 -10.20 80.13 29.51
CA LEU P 260 -10.47 79.55 28.20
C LEU P 260 -11.53 80.34 27.46
N ASP P 261 -12.54 80.84 28.18
CA ASP P 261 -13.56 81.66 27.53
C ASP P 261 -12.97 82.96 27.01
N SER P 262 -12.03 83.56 27.74
CA SER P 262 -11.33 84.74 27.24
C SER P 262 -10.52 84.39 25.99
N ILE P 263 -9.85 83.25 26.00
CA ILE P 263 -9.13 82.80 24.81
C ILE P 263 -10.08 82.67 23.63
N ASP P 264 -11.27 82.09 23.85
CA ASP P 264 -12.24 81.95 22.78
C ASP P 264 -12.75 83.31 22.32
N ARG P 265 -12.90 84.25 23.23
CA ARG P 265 -13.30 85.61 22.87
C ARG P 265 -12.28 86.25 21.94
N ILE P 266 -11.00 86.14 22.30
CA ILE P 266 -9.95 86.68 21.44
C ILE P 266 -9.93 85.94 20.11
N VAL P 267 -10.19 84.63 20.13
CA VAL P 267 -10.20 83.84 18.90
C VAL P 267 -11.30 84.34 17.97
N LYS P 268 -12.49 84.62 18.52
CA LYS P 268 -13.58 85.14 17.70
C LYS P 268 -13.27 86.55 17.19
N GLU P 269 -12.63 87.37 18.02
CA GLU P 269 -12.19 88.69 17.56
C GLU P 269 -11.27 88.55 16.35
N ASN P 270 -10.32 87.61 16.42
CA ASN P 270 -9.43 87.40 15.29
C ASN P 270 -10.18 86.79 14.10
N GLU P 271 -11.17 85.95 14.36
CA GLU P 271 -12.00 85.41 13.28
C GLU P 271 -12.64 86.54 12.49
N LYS P 272 -13.22 87.52 13.18
CA LYS P 272 -13.74 88.69 12.47
C LYS P 272 -12.63 89.48 11.80
N LEU P 273 -11.50 89.65 12.49
CA LEU P 273 -10.43 90.50 11.96
C LEU P 273 -9.67 89.83 10.83
N ASN P 274 -9.40 88.53 10.94
CA ASN P 274 -8.65 87.81 9.90
C ASN P 274 -9.44 87.79 8.59
N GLY Q 12 -5.82 -42.81 1.71
CA GLY Q 12 -6.68 -42.67 2.88
C GLY Q 12 -6.01 -43.16 4.16
N LEU Q 13 -5.70 -44.45 4.19
CA LEU Q 13 -5.03 -45.07 5.33
C LEU Q 13 -3.58 -45.38 4.99
N THR Q 14 -2.69 -45.07 5.92
CA THR Q 14 -1.30 -45.45 5.76
C THR Q 14 -1.18 -46.98 5.79
N SER Q 15 -0.10 -47.48 5.16
CA SER Q 15 0.03 -48.92 4.97
C SER Q 15 -0.03 -49.66 6.30
N GLU Q 16 0.69 -49.17 7.31
CA GLU Q 16 0.65 -49.82 8.61
C GLU Q 16 -0.76 -49.83 9.17
N GLN Q 17 -1.45 -48.68 9.11
CA GLN Q 17 -2.81 -48.63 9.60
C GLN Q 17 -3.77 -49.44 8.72
N TYR Q 18 -3.52 -49.49 7.41
CA TYR Q 18 -4.39 -50.29 6.54
C TYR Q 18 -4.31 -51.76 6.93
N HIS Q 19 -3.09 -52.27 7.16
CA HIS Q 19 -2.97 -53.67 7.52
C HIS Q 19 -3.44 -53.93 8.94
N SER Q 20 -3.29 -52.96 9.84
CA SER Q 20 -3.91 -53.09 11.15
C SER Q 20 -5.42 -53.18 11.04
N GLN Q 21 -6.01 -52.39 10.13
CA GLN Q 21 -7.45 -52.49 9.88
C GLN Q 21 -7.82 -53.86 9.35
N VAL Q 22 -6.99 -54.41 8.46
CA VAL Q 22 -7.26 -55.74 7.92
C VAL Q 22 -7.28 -56.76 9.05
N VAL Q 23 -6.28 -56.72 9.93
CA VAL Q 23 -6.22 -57.67 11.04
C VAL Q 23 -7.43 -57.49 11.95
N GLY Q 24 -7.76 -56.24 12.27
CA GLY Q 24 -8.90 -56.00 13.14
C GLY Q 24 -10.20 -56.48 12.53
N LYS Q 25 -10.35 -56.32 11.21
CA LYS Q 25 -11.57 -56.75 10.55
C LYS Q 25 -11.67 -58.28 10.50
N ILE Q 26 -10.54 -58.96 10.31
CA ILE Q 26 -10.55 -60.42 10.39
C ILE Q 26 -10.99 -60.85 11.79
N GLY Q 27 -10.42 -60.22 12.81
CA GLY Q 27 -10.81 -60.55 14.17
C GLY Q 27 -12.28 -60.26 14.44
N TYR Q 28 -12.78 -59.15 13.90
CA TYR Q 28 -14.19 -58.80 14.10
C TYR Q 28 -15.11 -59.78 13.40
N ILE Q 29 -14.75 -60.23 12.20
CA ILE Q 29 -15.55 -61.23 11.52
C ILE Q 29 -15.56 -62.53 12.33
N ALA Q 30 -14.39 -62.90 12.89
CA ALA Q 30 -14.35 -64.09 13.72
C ALA Q 30 -15.26 -63.96 14.94
N ARG Q 31 -15.23 -62.80 15.60
CA ARG Q 31 -16.09 -62.57 16.76
C ARG Q 31 -17.56 -62.61 16.37
N CYS Q 32 -17.92 -61.99 15.23
CA CYS Q 32 -19.30 -62.01 14.78
C CYS Q 32 -19.76 -63.42 14.51
N MET Q 33 -18.92 -64.23 13.86
CA MET Q 33 -19.30 -65.62 13.60
C MET Q 33 -19.49 -66.37 14.90
N GLN Q 34 -18.57 -66.18 15.86
CA GLN Q 34 -18.71 -66.86 17.14
C GLN Q 34 -20.00 -66.47 17.84
N THR Q 35 -20.38 -65.20 17.76
CA THR Q 35 -21.59 -64.74 18.46
C THR Q 35 -22.86 -65.23 17.77
N ILE Q 36 -22.89 -65.22 16.44
CA ILE Q 36 -24.12 -65.58 15.73
C ILE Q 36 -24.34 -67.09 15.71
N ASP Q 37 -23.27 -67.88 15.72
CA ASP Q 37 -23.38 -69.33 15.59
C ASP Q 37 -22.33 -70.00 16.47
N PRO Q 38 -22.52 -69.94 17.79
CA PRO Q 38 -21.58 -70.62 18.69
C PRO Q 38 -21.56 -72.13 18.53
N GLU Q 39 -22.64 -72.72 18.03
CA GLU Q 39 -22.77 -74.17 17.93
C GLU Q 39 -22.29 -74.72 16.59
N ASN Q 40 -21.77 -73.87 15.71
CA ASN Q 40 -21.27 -74.30 14.40
C ASN Q 40 -22.39 -74.99 13.61
N ASN Q 41 -23.56 -74.35 13.55
CA ASN Q 41 -24.68 -74.87 12.79
C ASN Q 41 -24.86 -74.19 11.44
N LEU Q 42 -24.36 -72.96 11.29
CA LEU Q 42 -24.49 -72.21 10.03
C LEU Q 42 -23.34 -72.61 9.11
N LYS Q 43 -23.45 -73.82 8.55
CA LYS Q 43 -22.36 -74.38 7.77
C LYS Q 43 -22.11 -73.57 6.50
N LYS Q 44 -23.17 -73.12 5.82
CA LYS Q 44 -22.98 -72.35 4.60
C LYS Q 44 -22.21 -71.06 4.87
N ILE Q 45 -22.63 -70.32 5.90
CA ILE Q 45 -21.98 -69.05 6.21
C ILE Q 45 -20.52 -69.27 6.60
N ARG Q 46 -20.27 -70.24 7.48
CA ARG Q 46 -18.91 -70.50 7.90
C ARG Q 46 -18.05 -70.97 6.73
N GLU Q 47 -18.63 -71.69 5.78
CA GLU Q 47 -17.90 -72.05 4.57
C GLU Q 47 -17.56 -70.81 3.75
N ASP Q 48 -18.50 -69.88 3.61
CA ASP Q 48 -18.23 -68.66 2.86
C ASP Q 48 -17.18 -67.81 3.53
N TYR Q 49 -17.09 -67.86 4.86
CA TYR Q 49 -16.12 -67.09 5.62
C TYR Q 49 -14.93 -67.92 6.06
N GLN Q 50 -14.68 -69.05 5.38
CA GLN Q 50 -13.60 -69.93 5.79
C GLN Q 50 -12.25 -69.25 5.68
N ASP Q 51 -12.02 -68.50 4.60
CA ASP Q 51 -10.71 -67.90 4.37
C ASP Q 51 -10.32 -66.89 5.43
N VAL Q 52 -11.30 -66.23 6.06
CA VAL Q 52 -10.99 -65.30 7.15
C VAL Q 52 -11.13 -65.95 8.53
N LEU Q 53 -11.94 -66.99 8.66
CA LEU Q 53 -12.05 -67.71 9.92
C LEU Q 53 -10.89 -68.66 10.16
N ILE Q 54 -10.11 -68.99 9.13
CA ILE Q 54 -8.95 -69.85 9.32
C ILE Q 54 -7.92 -69.16 10.22
N TRP Q 55 -7.79 -67.84 10.09
CA TRP Q 55 -6.83 -67.11 10.90
C TRP Q 55 -7.30 -66.90 12.33
N ALA Q 56 -8.59 -67.09 12.60
CA ALA Q 56 -9.10 -67.06 13.96
C ALA Q 56 -9.13 -68.44 14.61
N GLU Q 57 -9.31 -69.50 13.82
CA GLU Q 57 -9.29 -70.84 14.37
C GLU Q 57 -7.96 -71.12 15.05
N LYS Q 58 -6.86 -70.89 14.34
CA LYS Q 58 -5.53 -71.02 14.92
C LYS Q 58 -5.20 -69.76 15.71
N ASN Q 59 -4.38 -69.93 16.75
CA ASN Q 59 -4.08 -68.84 17.68
C ASN Q 59 -2.91 -68.01 17.16
N TYR Q 60 -3.14 -67.35 16.03
CA TYR Q 60 -2.20 -66.36 15.56
C TYR Q 60 -2.21 -65.14 16.48
N ARG Q 61 -1.01 -64.64 16.79
CA ARG Q 61 -0.91 -63.37 17.49
C ARG Q 61 -1.13 -62.22 16.51
N PHE Q 62 -1.49 -61.06 17.07
CA PHE Q 62 -1.74 -59.90 16.21
C PHE Q 62 -0.56 -59.64 15.29
N GLU Q 63 0.66 -59.77 15.80
CA GLU Q 63 1.83 -59.48 14.98
C GLU Q 63 1.95 -60.45 13.82
N GLU Q 64 1.72 -61.74 14.08
CA GLU Q 64 1.85 -62.74 13.02
C GLU Q 64 0.79 -62.57 11.95
N ILE Q 65 -0.46 -62.34 12.36
CA ILE Q 65 -1.52 -62.14 11.37
C ILE Q 65 -1.32 -60.83 10.62
N LEU Q 66 -0.78 -59.81 11.27
CA LEU Q 66 -0.45 -58.57 10.57
C LEU Q 66 0.64 -58.81 9.53
N GLU Q 67 1.66 -59.60 9.88
CA GLU Q 67 2.68 -59.95 8.90
C GLU Q 67 2.07 -60.71 7.73
N ALA Q 68 1.15 -61.63 8.01
CA ALA Q 68 0.48 -62.36 6.94
C ALA Q 68 -0.30 -61.42 6.04
N SER Q 69 -1.01 -60.45 6.64
CA SER Q 69 -1.76 -59.48 5.85
C SER Q 69 -0.84 -58.64 4.97
N LYS Q 70 0.29 -58.21 5.52
CA LYS Q 70 1.25 -57.45 4.73
C LYS Q 70 1.80 -58.28 3.57
N SER Q 71 2.10 -59.55 3.83
CA SER Q 71 2.60 -60.42 2.77
C SER Q 71 1.52 -60.76 1.74
N GLY Q 72 0.25 -60.51 2.06
CA GLY Q 72 -0.84 -60.88 1.19
C GLY Q 72 -1.35 -62.29 1.35
N LYS Q 73 -0.76 -63.08 2.26
CA LYS Q 73 -1.20 -64.46 2.44
C LYS Q 73 -2.65 -64.52 2.90
N CYS Q 74 -3.03 -63.64 3.87
CA CYS Q 74 -4.41 -63.61 4.33
C CYS Q 74 -5.21 -62.58 3.54
N PRO Q 75 -6.53 -62.74 3.45
CA PRO Q 75 -7.34 -61.72 2.77
C PRO Q 75 -7.07 -60.34 3.32
N ASN Q 76 -6.70 -59.40 2.44
CA ASN Q 76 -6.35 -58.05 2.87
C ASN Q 76 -6.97 -56.97 2.00
N ASP Q 77 -7.96 -57.31 1.17
CA ASP Q 77 -8.71 -56.32 0.42
C ASP Q 77 -9.70 -55.67 1.37
N LEU Q 78 -9.32 -54.53 1.95
CA LEU Q 78 -10.11 -53.95 3.03
C LEU Q 78 -11.53 -53.63 2.60
N ASP Q 79 -11.73 -53.34 1.31
CA ASP Q 79 -13.10 -53.11 0.83
C ASP Q 79 -13.90 -54.39 0.81
N ALA Q 80 -13.31 -55.48 0.30
CA ALA Q 80 -13.99 -56.77 0.32
C ALA Q 80 -14.24 -57.23 1.75
N LEU Q 81 -13.24 -57.07 2.63
CA LEU Q 81 -13.43 -57.43 4.02
C LEU Q 81 -14.54 -56.59 4.65
N SER Q 82 -14.61 -55.30 4.32
CA SER Q 82 -15.67 -54.48 4.86
C SER Q 82 -17.03 -54.95 4.38
N ARG Q 83 -17.15 -55.28 3.10
CA ARG Q 83 -18.43 -55.77 2.58
C ARG Q 83 -18.86 -57.04 3.28
N ARG Q 84 -17.93 -58.00 3.40
CA ARG Q 84 -18.26 -59.28 4.02
C ARG Q 84 -18.57 -59.11 5.51
N SER Q 85 -17.81 -58.26 6.20
CA SER Q 85 -18.06 -58.00 7.60
C SER Q 85 -19.42 -57.36 7.81
N LEU Q 86 -19.81 -56.44 6.93
CA LEU Q 86 -21.13 -55.84 7.03
C LEU Q 86 -22.22 -56.86 6.77
N ILE Q 87 -22.00 -57.74 5.79
CA ILE Q 87 -23.00 -58.78 5.51
C ILE Q 87 -23.21 -59.64 6.74
N LEU Q 88 -22.13 -59.97 7.45
CA LEU Q 88 -22.26 -60.77 8.67
C LEU Q 88 -22.85 -59.95 9.80
N GLN Q 89 -22.49 -58.68 9.89
CA GLN Q 89 -22.90 -57.85 11.02
C GLN Q 89 -24.38 -57.54 10.98
N GLU Q 90 -24.94 -57.28 9.78
CA GLU Q 90 -26.37 -57.05 9.69
C GLU Q 90 -27.15 -58.29 10.07
N LEU Q 91 -26.67 -59.47 9.66
CA LEU Q 91 -27.31 -60.71 10.08
C LEU Q 91 -27.24 -60.88 11.60
N LEU Q 92 -26.07 -60.57 12.19
CA LEU Q 92 -25.96 -60.67 13.64
C LEU Q 92 -26.90 -59.70 14.34
N ARG Q 93 -27.05 -58.49 13.80
CA ARG Q 93 -27.99 -57.53 14.37
C ARG Q 93 -29.42 -58.06 14.28
N LEU Q 94 -29.75 -58.67 13.14
CA LEU Q 94 -31.09 -59.26 13.00
C LEU Q 94 -31.32 -60.35 14.04
N VAL Q 95 -30.32 -61.22 14.24
CA VAL Q 95 -30.47 -62.30 15.20
C VAL Q 95 -30.55 -61.76 16.61
N SER Q 96 -29.82 -60.69 16.92
CA SER Q 96 -29.80 -60.17 18.29
C SER Q 96 -31.06 -59.37 18.61
N SER Q 97 -31.61 -58.65 17.63
CA SER Q 97 -32.78 -57.84 17.88
C SER Q 97 -34.00 -58.67 18.25
N ILE Q 98 -33.95 -59.98 17.98
CA ILE Q 98 -35.04 -60.89 18.33
C ILE Q 98 -34.50 -61.95 19.28
N SER Q 99 -33.54 -61.56 20.12
CA SER Q 99 -32.77 -62.49 20.95
C SER Q 99 -33.64 -63.58 21.57
N PRO Q 100 -34.68 -63.23 22.35
CA PRO Q 100 -35.48 -64.30 22.96
C PRO Q 100 -36.13 -65.24 21.97
N PHE Q 101 -36.52 -64.75 20.79
CA PHE Q 101 -37.14 -65.58 19.76
C PHE Q 101 -36.06 -66.02 18.79
N LYS Q 102 -35.68 -67.29 18.88
CA LYS Q 102 -34.67 -67.82 17.97
C LYS Q 102 -35.24 -67.97 16.57
N MET Q 103 -34.35 -67.95 15.59
CA MET Q 103 -34.71 -68.05 14.18
C MET Q 103 -34.17 -69.36 13.60
N LYS Q 104 -34.97 -70.01 12.76
CA LYS Q 104 -34.58 -71.28 12.19
C LYS Q 104 -33.30 -71.16 11.38
N LEU Q 105 -32.52 -72.23 11.36
CA LEU Q 105 -31.27 -72.22 10.58
C LEU Q 105 -31.56 -71.95 9.12
N ASP Q 106 -32.62 -72.55 8.58
CA ASP Q 106 -32.96 -72.32 7.18
C ASP Q 106 -33.26 -70.84 6.94
N LEU Q 107 -34.01 -70.21 7.84
CA LEU Q 107 -34.32 -68.79 7.70
C LEU Q 107 -33.05 -67.96 7.79
N ILE Q 108 -32.17 -68.27 8.73
CA ILE Q 108 -30.94 -67.51 8.89
C ILE Q 108 -30.10 -67.60 7.62
N GLU Q 109 -29.96 -68.81 7.08
CA GLU Q 109 -29.15 -69.00 5.87
C GLU Q 109 -29.77 -68.28 4.67
N SER Q 110 -31.10 -68.36 4.54
CA SER Q 110 -31.75 -67.68 3.42
C SER Q 110 -31.56 -66.17 3.52
N GLN Q 111 -31.71 -65.61 4.72
CA GLN Q 111 -31.52 -64.17 4.87
C GLN Q 111 -30.07 -63.78 4.68
N TYR Q 112 -29.13 -64.64 5.08
CA TYR Q 112 -27.73 -64.37 4.80
C TYR Q 112 -27.49 -64.29 3.30
N GLU Q 113 -28.08 -65.23 2.55
CA GLU Q 113 -27.94 -65.20 1.10
C GLU Q 113 -28.56 -63.94 0.52
N LYS Q 114 -29.72 -63.54 1.03
CA LYS Q 114 -30.37 -62.33 0.55
C LYS Q 114 -29.51 -61.09 0.81
N MET Q 115 -28.93 -61.00 2.01
CA MET Q 115 -28.07 -59.87 2.33
C MET Q 115 -26.83 -59.86 1.45
N LYS Q 116 -26.22 -61.03 1.24
CA LYS Q 116 -25.05 -61.12 0.38
C LYS Q 116 -25.40 -60.69 -1.05
N GLN Q 117 -26.58 -61.06 -1.52
CA GLN Q 117 -26.99 -60.69 -2.87
C GLN Q 117 -27.22 -59.19 -3.00
N HIS Q 118 -27.59 -58.52 -1.91
CA HIS Q 118 -27.96 -57.11 -1.98
C HIS Q 118 -26.80 -56.27 -2.48
N VAL Q 119 -27.13 -55.22 -3.24
CA VAL Q 119 -26.10 -54.40 -3.86
C VAL Q 119 -25.37 -53.57 -2.80
N ASN Q 120 -26.13 -52.97 -1.88
CA ASN Q 120 -25.55 -52.05 -0.89
C ASN Q 120 -26.39 -52.15 0.37
N LEU Q 121 -25.85 -52.78 1.42
CA LEU Q 121 -26.61 -52.96 2.65
C LEU Q 121 -26.91 -51.64 3.34
N TRP Q 122 -25.92 -50.75 3.43
CA TRP Q 122 -26.11 -49.52 4.19
C TRP Q 122 -27.18 -48.62 3.61
N LYS Q 123 -27.78 -48.96 2.47
CA LYS Q 123 -28.94 -48.26 1.94
C LYS Q 123 -30.11 -49.21 1.69
N SER Q 124 -30.04 -50.43 2.22
CA SER Q 124 -31.04 -51.45 1.97
C SER Q 124 -32.26 -51.22 2.84
N ASP Q 125 -33.39 -51.81 2.40
CA ASP Q 125 -34.58 -51.79 3.24
C ASP Q 125 -34.42 -52.69 4.45
N TYR Q 126 -33.62 -53.76 4.32
CA TYR Q 126 -33.35 -54.61 5.48
C TYR Q 126 -32.66 -53.80 6.58
N HIS Q 127 -31.68 -52.98 6.18
CA HIS Q 127 -30.97 -52.16 7.16
C HIS Q 127 -31.90 -51.19 7.85
N VAL Q 128 -32.82 -50.57 7.09
CA VAL Q 128 -33.76 -49.62 7.69
C VAL Q 128 -34.70 -50.34 8.66
N LYS Q 129 -35.20 -51.52 8.27
CA LYS Q 129 -36.08 -52.27 9.15
C LYS Q 129 -35.36 -52.65 10.43
N LEU Q 130 -34.10 -53.07 10.31
CA LEU Q 130 -33.32 -53.38 11.50
C LEU Q 130 -33.11 -52.14 12.36
N ASN Q 131 -32.89 -50.99 11.74
CA ASN Q 131 -32.74 -49.75 12.50
C ASN Q 131 -34.01 -49.44 13.29
N GLN Q 132 -35.17 -49.61 12.67
CA GLN Q 132 -36.43 -49.35 13.37
C GLN Q 132 -36.62 -50.33 14.53
N LEU Q 133 -36.40 -51.61 14.27
CA LEU Q 133 -36.53 -52.60 15.34
C LEU Q 133 -35.56 -52.32 16.47
N ASN Q 134 -34.36 -51.82 16.14
CA ASN Q 134 -33.39 -51.51 17.17
C ASN Q 134 -33.79 -50.26 17.93
N GLN Q 135 -34.40 -49.28 17.27
CA GLN Q 135 -34.99 -48.16 17.99
C GLN Q 135 -35.94 -48.67 19.05
N LEU Q 136 -36.87 -49.52 18.65
CA LEU Q 136 -37.87 -50.03 19.59
C LEU Q 136 -37.22 -50.81 20.72
N THR Q 137 -36.30 -51.72 20.38
CA THR Q 137 -35.66 -52.55 21.40
C THR Q 137 -34.86 -51.71 22.38
N ASP Q 138 -34.09 -50.74 21.87
CA ASP Q 138 -33.31 -49.88 22.74
C ASP Q 138 -34.20 -49.07 23.67
N TYR Q 139 -35.30 -48.52 23.13
CA TYR Q 139 -36.19 -47.75 23.98
C TYR Q 139 -36.77 -48.62 25.09
N LEU Q 140 -37.20 -49.83 24.74
CA LEU Q 140 -37.78 -50.72 25.73
C LEU Q 140 -36.77 -51.31 26.68
N LYS Q 141 -35.47 -51.16 26.40
CA LYS Q 141 -34.45 -51.73 27.27
C LYS Q 141 -34.31 -50.96 28.58
N ASN Q 142 -34.77 -49.71 28.63
CA ASN Q 142 -34.63 -48.88 29.82
C ASN Q 142 -35.90 -48.14 30.21
N ALA Q 143 -36.92 -48.09 29.37
CA ALA Q 143 -38.12 -47.34 29.68
C ALA Q 143 -38.87 -47.96 30.85
N ALA Q 144 -39.40 -47.11 31.72
CA ALA Q 144 -40.11 -47.57 32.91
C ALA Q 144 -41.51 -48.04 32.54
N PRO Q 145 -42.11 -48.90 33.37
CA PRO Q 145 -43.46 -49.41 33.06
C PRO Q 145 -44.50 -48.30 33.09
N THR Q 146 -45.11 -48.04 31.93
CA THR Q 146 -46.23 -47.13 31.81
C THR Q 146 -47.15 -47.67 30.72
N PRO Q 147 -48.35 -47.12 30.55
CA PRO Q 147 -49.24 -47.63 29.49
C PRO Q 147 -48.57 -47.62 28.12
N LYS Q 148 -47.92 -46.51 27.76
CA LYS Q 148 -47.23 -46.45 26.48
C LYS Q 148 -46.14 -47.49 26.41
N ASN Q 149 -45.37 -47.65 27.48
CA ASN Q 149 -44.24 -48.58 27.44
C ASN Q 149 -44.72 -50.03 27.42
N ASN Q 150 -45.79 -50.34 28.16
CA ASN Q 150 -46.35 -51.68 28.09
C ASN Q 150 -46.89 -51.99 26.70
N PHE Q 151 -47.61 -51.03 26.10
CA PHE Q 151 -48.10 -51.24 24.74
C PHE Q 151 -46.95 -51.45 23.78
N LEU Q 152 -45.91 -50.62 23.89
CA LEU Q 152 -44.76 -50.74 23.00
C LEU Q 152 -44.05 -52.08 23.19
N ARG Q 153 -43.89 -52.51 24.44
CA ARG Q 153 -43.22 -53.79 24.67
C ARG Q 153 -44.03 -54.94 24.08
N ALA Q 154 -45.36 -54.92 24.25
CA ALA Q 154 -46.19 -55.98 23.68
C ALA Q 154 -46.07 -55.99 22.17
N MET Q 155 -46.25 -54.83 21.53
CA MET Q 155 -46.19 -54.76 20.08
C MET Q 155 -44.81 -55.16 19.56
N THR Q 156 -43.75 -54.74 20.24
CA THR Q 156 -42.40 -55.05 19.81
C THR Q 156 -42.08 -56.53 20.00
N SER Q 157 -42.59 -57.15 21.06
CA SER Q 157 -42.39 -58.59 21.22
C SER Q 157 -43.09 -59.36 20.11
N VAL Q 158 -44.32 -58.95 19.77
CA VAL Q 158 -45.01 -59.59 18.65
C VAL Q 158 -44.24 -59.35 17.35
N LEU Q 159 -43.69 -58.15 17.19
CA LEU Q 159 -42.90 -57.85 16.00
C LEU Q 159 -41.66 -58.73 15.93
N GLN Q 160 -40.98 -58.93 17.05
CA GLN Q 160 -39.81 -59.80 17.07
C GLN Q 160 -40.20 -61.23 16.74
N MET Q 161 -41.33 -61.70 17.26
CA MET Q 161 -41.79 -63.04 16.92
C MET Q 161 -42.06 -63.17 15.42
N GLN Q 162 -42.73 -62.17 14.85
CA GLN Q 162 -43.00 -62.21 13.41
C GLN Q 162 -41.72 -62.16 12.60
N ILE Q 163 -40.75 -61.36 13.04
CA ILE Q 163 -39.47 -61.28 12.34
C ILE Q 163 -38.77 -62.63 12.37
N ALA Q 164 -38.77 -63.27 13.54
CA ALA Q 164 -38.11 -64.56 13.67
C ALA Q 164 -38.81 -65.63 12.84
N GLN Q 165 -40.13 -65.55 12.71
CA GLN Q 165 -40.87 -66.59 12.01
C GLN Q 165 -40.95 -66.35 10.51
N TYR Q 166 -40.73 -65.11 10.06
CA TYR Q 166 -40.70 -64.80 8.64
C TYR Q 166 -39.34 -64.28 8.16
N GLY Q 167 -38.79 -63.28 8.83
CA GLY Q 167 -37.59 -62.62 8.39
C GLY Q 167 -37.86 -61.23 7.85
N ILE Q 168 -36.79 -60.46 7.70
CA ILE Q 168 -36.92 -59.07 7.25
C ILE Q 168 -36.76 -58.92 5.74
N THR Q 169 -36.42 -59.98 5.02
CA THR Q 169 -36.13 -59.90 3.59
C THR Q 169 -37.37 -60.24 2.77
N GLU Q 170 -38.42 -59.46 3.00
CA GLU Q 170 -39.66 -59.59 2.23
C GLU Q 170 -40.57 -58.42 2.60
N ASP Q 171 -41.78 -58.44 2.05
CA ASP Q 171 -42.76 -57.35 2.20
C ASP Q 171 -43.94 -57.77 3.06
N ASN Q 172 -43.70 -58.51 4.14
CA ASN Q 172 -44.78 -58.97 4.99
C ASN Q 172 -45.62 -57.78 5.46
N GLU Q 173 -46.93 -57.85 5.24
CA GLU Q 173 -47.81 -56.76 5.63
C GLU Q 173 -47.93 -56.68 7.15
N GLY Q 174 -47.93 -57.82 7.83
CA GLY Q 174 -48.02 -57.80 9.28
C GLY Q 174 -46.83 -57.11 9.93
N ILE Q 175 -45.63 -57.47 9.49
CA ILE Q 175 -44.42 -56.86 10.04
C ILE Q 175 -44.38 -55.38 9.70
N ASN Q 176 -44.77 -55.00 8.49
CA ASN Q 176 -44.79 -53.59 8.13
C ASN Q 176 -45.77 -52.82 8.99
N GLN Q 177 -46.96 -53.38 9.23
CA GLN Q 177 -47.94 -52.73 10.07
C GLN Q 177 -47.41 -52.58 11.50
N LEU Q 178 -46.77 -53.62 12.02
CA LEU Q 178 -46.23 -53.53 13.37
C LEU Q 178 -45.13 -52.49 13.46
N PHE Q 179 -44.25 -52.43 12.46
CA PHE Q 179 -43.23 -51.39 12.45
C PHE Q 179 -43.86 -50.01 12.45
N LYS Q 180 -44.82 -49.78 11.56
CA LYS Q 180 -45.44 -48.46 11.46
C LYS Q 180 -46.09 -48.08 12.78
N LEU Q 181 -46.90 -48.98 13.35
CA LEU Q 181 -47.62 -48.64 14.57
C LEU Q 181 -46.67 -48.47 15.75
N GLY Q 182 -45.66 -49.33 15.86
CA GLY Q 182 -44.72 -49.20 16.95
C GLY Q 182 -43.96 -47.89 16.90
N LEU Q 183 -43.48 -47.52 15.71
CA LEU Q 183 -42.77 -46.26 15.58
C LEU Q 183 -43.68 -45.08 15.84
N HIS Q 184 -44.93 -45.14 15.37
CA HIS Q 184 -45.85 -44.04 15.61
C HIS Q 184 -46.13 -43.88 17.10
N LEU Q 185 -46.34 -44.99 17.81
CA LEU Q 185 -46.57 -44.92 19.25
C LEU Q 185 -45.32 -44.42 19.97
N LEU Q 186 -44.14 -44.86 19.54
CA LEU Q 186 -42.90 -44.40 20.16
C LEU Q 186 -42.75 -42.89 19.99
N ALA Q 187 -43.01 -42.38 18.79
CA ALA Q 187 -42.89 -40.94 18.57
C ALA Q 187 -44.01 -40.17 19.25
N MET Q 188 -45.13 -40.83 19.54
CA MET Q 188 -46.26 -40.13 20.13
C MET Q 188 -45.93 -39.70 21.55
N ALA Q 189 -46.41 -38.51 21.93
CA ALA Q 189 -46.04 -37.92 23.20
C ALA Q 189 -46.41 -38.82 24.36
N ASN Q 190 -45.66 -38.68 25.46
CA ASN Q 190 -45.93 -39.51 26.64
C ASN Q 190 -47.29 -39.22 27.24
N GLU Q 191 -47.69 -37.96 27.32
CA GLU Q 191 -48.91 -37.58 28.01
C GLU Q 191 -50.18 -37.90 27.23
N LYS Q 192 -50.08 -38.14 25.92
CA LYS Q 192 -51.27 -38.42 25.10
C LYS Q 192 -51.75 -39.83 25.39
N ILE Q 193 -52.36 -39.98 26.58
CA ILE Q 193 -52.82 -41.30 27.01
C ILE Q 193 -53.91 -41.81 26.07
N ASP Q 194 -54.86 -40.95 25.71
CA ASP Q 194 -55.98 -41.40 24.87
C ASP Q 194 -55.48 -41.89 23.53
N GLU Q 195 -54.56 -41.14 22.90
CA GLU Q 195 -54.06 -41.54 21.59
C GLU Q 195 -53.30 -42.86 21.68
N GLN Q 196 -52.49 -43.03 22.71
CA GLN Q 196 -51.76 -44.29 22.88
C GLN Q 196 -52.72 -45.45 23.03
N TYR Q 197 -53.72 -45.29 23.91
CA TYR Q 197 -54.65 -46.39 24.14
C TYR Q 197 -55.44 -46.73 22.89
N HIS Q 198 -55.87 -45.71 22.13
CA HIS Q 198 -56.63 -45.99 20.92
C HIS Q 198 -55.75 -46.57 19.82
N LEU Q 199 -54.47 -46.19 19.75
CA LEU Q 199 -53.56 -46.81 18.82
C LEU Q 199 -53.40 -48.29 19.13
N PHE Q 200 -53.18 -48.61 20.40
CA PHE Q 200 -53.04 -50.00 20.80
C PHE Q 200 -54.33 -50.78 20.53
N LYS Q 201 -55.48 -50.16 20.81
CA LYS Q 201 -56.76 -50.80 20.57
C LYS Q 201 -56.96 -51.07 19.08
N GLY Q 202 -56.59 -50.11 18.23
CA GLY Q 202 -56.69 -50.33 16.80
C GLY Q 202 -55.80 -51.45 16.33
N TYR Q 203 -54.57 -51.52 16.85
CA TYR Q 203 -53.70 -52.62 16.49
C TYR Q 203 -54.31 -53.95 16.88
N VAL Q 204 -54.83 -54.03 18.12
CA VAL Q 204 -55.41 -55.28 18.59
C VAL Q 204 -56.60 -55.67 17.73
N LYS Q 205 -57.46 -54.70 17.40
CA LYS Q 205 -58.63 -54.98 16.58
C LYS Q 205 -58.25 -55.38 15.15
N ASP Q 206 -57.10 -54.94 14.66
CA ASP Q 206 -56.67 -55.25 13.30
C ASP Q 206 -55.80 -56.50 13.20
N GLN Q 207 -55.38 -57.08 14.31
CA GLN Q 207 -54.62 -58.32 14.24
C GLN Q 207 -55.56 -59.47 13.86
N PRO Q 208 -55.19 -60.29 12.87
CA PRO Q 208 -56.09 -61.39 12.49
C PRO Q 208 -56.42 -62.33 13.64
N GLU Q 209 -55.45 -62.61 14.51
CA GLU Q 209 -55.68 -63.54 15.62
C GLU Q 209 -56.60 -62.92 16.67
N GLU Q 210 -57.32 -63.79 17.37
CA GLU Q 210 -58.18 -63.36 18.46
C GLU Q 210 -57.39 -63.00 19.71
N SER Q 211 -56.24 -63.64 19.92
CA SER Q 211 -55.38 -63.42 21.08
C SER Q 211 -53.98 -63.06 20.57
N PRO Q 212 -53.76 -61.79 20.19
CA PRO Q 212 -52.47 -61.44 19.58
C PRO Q 212 -51.26 -61.77 20.45
N PHE Q 213 -51.36 -61.55 21.76
CA PHE Q 213 -50.20 -61.67 22.64
C PHE Q 213 -50.13 -63.01 23.37
N GLU Q 214 -51.07 -63.92 23.11
CA GLU Q 214 -51.04 -65.21 23.77
C GLU Q 214 -49.78 -65.97 23.37
N GLY Q 215 -49.08 -66.50 24.38
CA GLY Q 215 -47.87 -67.26 24.16
C GLY Q 215 -46.64 -66.45 23.82
N ILE Q 216 -46.81 -65.20 23.39
CA ILE Q 216 -45.66 -64.36 23.06
C ILE Q 216 -45.12 -63.67 24.30
N LEU Q 217 -45.99 -63.01 25.05
CA LEU Q 217 -45.63 -62.39 26.32
C LEU Q 217 -45.88 -63.36 27.46
N PRO Q 218 -45.15 -63.21 28.57
CA PRO Q 218 -45.41 -64.06 29.73
C PRO Q 218 -46.78 -63.78 30.33
N ALA Q 219 -47.35 -64.79 30.98
CA ALA Q 219 -48.69 -64.66 31.53
C ALA Q 219 -48.78 -63.45 32.46
N GLU Q 220 -47.73 -63.17 33.21
CA GLU Q 220 -47.76 -62.01 34.11
C GLU Q 220 -47.84 -60.71 33.32
N ASP Q 221 -47.07 -60.59 32.24
CA ASP Q 221 -47.16 -59.38 31.42
C ASP Q 221 -48.51 -59.29 30.74
N GLN Q 222 -49.09 -60.44 30.36
CA GLN Q 222 -50.48 -60.45 29.92
C GLN Q 222 -51.40 -59.84 30.97
N LYS Q 223 -51.23 -60.25 32.23
CA LYS Q 223 -52.09 -59.73 33.29
C LYS Q 223 -51.91 -58.24 33.45
N ILE Q 224 -50.66 -57.76 33.39
CA ILE Q 224 -50.41 -56.32 33.51
C ILE Q 224 -51.06 -55.57 32.35
N LEU Q 225 -51.00 -56.14 31.14
CA LEU Q 225 -51.60 -55.46 29.99
C LEU Q 225 -53.12 -55.36 30.12
N VAL Q 226 -53.77 -56.46 30.51
CA VAL Q 226 -55.21 -56.41 30.70
C VAL Q 226 -55.56 -55.47 31.86
N LYS Q 227 -54.72 -55.45 32.89
CA LYS Q 227 -54.95 -54.52 34.01
C LYS Q 227 -54.86 -53.08 33.53
N THR Q 228 -53.91 -52.79 32.65
CA THR Q 228 -53.80 -51.43 32.10
C THR Q 228 -55.04 -51.05 31.30
N MET Q 229 -55.51 -51.97 30.45
CA MET Q 229 -56.73 -51.70 29.70
C MET Q 229 -57.92 -51.46 30.64
N ILE Q 230 -58.02 -52.27 31.69
CA ILE Q 230 -59.11 -52.10 32.65
C ILE Q 230 -58.97 -50.78 33.40
N ASP Q 231 -57.73 -50.37 33.70
CA ASP Q 231 -57.52 -49.10 34.39
C ASP Q 231 -58.01 -47.94 33.53
N TYR Q 232 -57.74 -47.99 32.23
CA TYR Q 232 -58.25 -46.93 31.36
C TYR Q 232 -59.76 -47.03 31.16
N ALA Q 233 -60.33 -48.25 31.23
CA ALA Q 233 -61.77 -48.40 31.02
C ALA Q 233 -62.57 -47.96 32.23
N MET Q 234 -62.05 -48.20 33.44
CA MET Q 234 -62.86 -48.02 34.65
C MET Q 234 -63.36 -46.61 34.84
N PRO Q 235 -62.52 -45.56 34.79
CA PRO Q 235 -62.99 -44.23 35.22
C PRO Q 235 -64.17 -43.71 34.42
N LYS Q 236 -64.47 -44.27 33.26
CA LYS Q 236 -65.60 -43.82 32.45
C LYS Q 236 -66.91 -44.50 32.82
N LEU Q 237 -66.87 -45.55 33.66
CA LEU Q 237 -68.08 -46.27 34.01
C LEU Q 237 -68.86 -45.52 35.11
N SER Q 238 -70.17 -45.76 35.13
CA SER Q 238 -71.05 -45.18 36.12
C SER Q 238 -71.90 -46.22 36.85
N SER Q 239 -72.33 -47.27 36.16
CA SER Q 239 -73.15 -48.30 36.78
C SER Q 239 -72.27 -49.24 37.60
N LYS Q 240 -72.65 -49.46 38.86
CA LYS Q 240 -71.86 -50.34 39.72
C LYS Q 240 -71.92 -51.78 39.28
N VAL Q 241 -73.03 -52.22 38.69
CA VAL Q 241 -73.13 -53.59 38.21
C VAL Q 241 -72.17 -53.81 37.05
N LEU Q 242 -72.17 -52.91 36.07
CA LEU Q 242 -71.23 -53.01 34.97
C LEU Q 242 -69.79 -52.81 35.45
N GLN Q 243 -69.60 -52.01 36.51
CA GLN Q 243 -68.28 -51.86 37.09
C GLN Q 243 -67.79 -53.17 37.69
N ASP Q 244 -68.69 -53.91 38.35
CA ASP Q 244 -68.33 -55.22 38.87
C ASP Q 244 -68.05 -56.20 37.74
N LYS Q 245 -68.82 -56.10 36.65
CA LYS Q 245 -68.52 -56.92 35.47
C LYS Q 245 -67.12 -56.61 34.93
N LEU Q 246 -66.76 -55.32 34.87
CA LEU Q 246 -65.42 -54.94 34.43
C LEU Q 246 -64.36 -55.49 35.37
N SER Q 247 -64.62 -55.43 36.68
CA SER Q 247 -63.68 -55.99 37.64
C SER Q 247 -63.49 -57.49 37.42
N ALA Q 248 -64.59 -58.20 37.15
CA ALA Q 248 -64.49 -59.62 36.85
C ALA Q 248 -63.66 -59.85 35.60
N LEU Q 249 -63.93 -59.07 34.55
CA LEU Q 249 -63.13 -59.18 33.32
C LEU Q 249 -61.65 -58.94 33.59
N SER Q 250 -61.35 -58.05 34.54
CA SER Q 250 -59.96 -57.77 34.88
C SER Q 250 -59.24 -58.99 35.46
N SER Q 251 -59.98 -60.01 35.88
CA SER Q 251 -59.37 -61.23 36.38
C SER Q 251 -58.79 -62.10 35.27
N SER Q 252 -59.05 -61.77 34.01
CA SER Q 252 -58.53 -62.58 32.91
C SER Q 252 -57.01 -62.55 32.90
N ASP Q 253 -56.40 -63.69 32.60
CA ASP Q 253 -54.96 -63.82 32.55
C ASP Q 253 -54.38 -63.63 31.15
N VAL Q 254 -55.23 -63.44 30.14
CA VAL Q 254 -54.79 -63.28 28.76
C VAL Q 254 -55.62 -62.18 28.10
N LEU Q 255 -54.96 -61.36 27.30
CA LEU Q 255 -55.67 -60.37 26.50
C LEU Q 255 -56.24 -61.02 25.24
N THR Q 256 -57.48 -60.66 24.92
CA THR Q 256 -58.15 -61.17 23.74
C THR Q 256 -58.89 -60.05 23.05
N LYS Q 257 -59.05 -60.19 21.73
CA LYS Q 257 -59.84 -59.21 20.98
C LYS Q 257 -61.26 -59.16 21.49
N THR Q 258 -61.86 -60.32 21.76
CA THR Q 258 -63.22 -60.36 22.27
C THR Q 258 -63.31 -59.78 23.68
N LEU Q 259 -62.28 -59.96 24.50
CA LEU Q 259 -62.28 -59.34 25.82
C LEU Q 259 -62.25 -57.81 25.70
N LEU Q 260 -61.43 -57.29 24.79
CA LEU Q 260 -61.43 -55.84 24.56
C LEU Q 260 -62.79 -55.38 24.05
N ASP Q 261 -63.41 -56.17 23.18
CA ASP Q 261 -64.73 -55.80 22.68
C ASP Q 261 -65.76 -55.80 23.80
N SER Q 262 -65.66 -56.75 24.73
CA SER Q 262 -66.57 -56.78 25.88
C SER Q 262 -66.35 -55.55 26.76
N ILE Q 263 -65.10 -55.16 27.00
CA ILE Q 263 -64.84 -53.96 27.78
C ILE Q 263 -65.41 -52.73 27.07
N ASP Q 264 -65.22 -52.66 25.75
CA ASP Q 264 -65.76 -51.55 24.98
C ASP Q 264 -67.27 -51.51 25.07
N ARG Q 265 -67.92 -52.67 24.98
CA ARG Q 265 -69.37 -52.72 25.10
C ARG Q 265 -69.82 -52.30 26.50
N ILE Q 266 -69.07 -52.69 27.53
CA ILE Q 266 -69.41 -52.28 28.89
C ILE Q 266 -69.38 -50.76 29.01
N VAL Q 267 -68.29 -50.15 28.54
CA VAL Q 267 -68.21 -48.70 28.65
C VAL Q 267 -69.28 -48.04 27.77
N LYS Q 268 -69.65 -48.67 26.65
CA LYS Q 268 -70.66 -48.06 25.78
C LYS Q 268 -72.06 -48.15 26.39
N GLU Q 269 -72.42 -49.26 27.02
CA GLU Q 269 -73.69 -49.28 27.74
C GLU Q 269 -73.68 -48.30 28.91
N ASN Q 270 -72.53 -48.16 29.58
CA ASN Q 270 -72.46 -47.15 30.63
C ASN Q 270 -72.70 -45.75 30.06
N GLU Q 271 -72.12 -45.47 28.89
CA GLU Q 271 -72.35 -44.18 28.24
C GLU Q 271 -73.83 -43.99 27.90
N LYS Q 272 -74.46 -45.03 27.35
CA LYS Q 272 -75.87 -44.91 27.00
C LYS Q 272 -76.75 -44.73 28.23
N LEU Q 273 -76.41 -45.40 29.33
CA LEU Q 273 -77.17 -45.24 30.57
C LEU Q 273 -77.03 -43.83 31.13
N ASN Q 274 -75.93 -43.15 30.82
CA ASN Q 274 -75.69 -41.80 31.33
C ASN Q 274 -76.78 -40.85 30.84
PB ADP R . 3.76 -11.17 -25.67
O1B ADP R . 5.13 -11.00 -26.26
O2B ADP R . 2.96 -9.88 -25.62
O3B ADP R . 3.71 -11.97 -24.39
PA ADP R . 3.46 -12.09 -28.26
O1A ADP R . 4.34 -13.30 -28.48
O2A ADP R . 3.98 -10.72 -28.55
O3A ADP R . 2.97 -12.07 -26.73
O5' ADP R . 2.11 -12.34 -29.10
C5' ADP R . 0.85 -12.49 -28.46
C4' ADP R . -0.23 -12.74 -29.50
O4' ADP R . -0.55 -11.51 -30.16
C3' ADP R . 0.17 -13.73 -30.57
O3' ADP R . -0.51 -14.97 -30.40
C2' ADP R . -0.23 -13.10 -31.89
O2' ADP R . -1.24 -13.89 -32.53
C1' ADP R . -0.78 -11.73 -31.55
N9 ADP R . -0.10 -10.68 -32.33
C8 ADP R . 0.79 -9.80 -31.84
N7 ADP R . 1.23 -8.96 -32.82
C5 ADP R . 0.60 -9.31 -33.95
C6 ADP R . 0.59 -8.84 -35.35
N6 ADP R . 1.37 -7.80 -35.75
N1 ADP R . -0.21 -9.49 -36.22
C2 ADP R . -0.98 -10.52 -35.85
N3 ADP R . -1.02 -10.99 -34.59
C4 ADP R . -0.27 -10.44 -33.62
#